data_5BSE
#
_entry.id   5BSE
#
_cell.length_a   86.800
_cell.length_b   100.600
_cell.length_c   101.200
_cell.angle_alpha   67.900
_cell.angle_beta   85.300
_cell.angle_gamma   89.300
#
_symmetry.space_group_name_H-M   'P 1'
#
loop_
_entity.id
_entity.type
_entity.pdbx_description
1 polymer 'Pyrroline-5-carboxylate reductase'
2 non-polymer '3[N-MORPHOLINO]PROPANE SULFONIC ACID'
3 non-polymer 'CHLORIDE ION'
4 water water
#
_entity_poly.entity_id   1
_entity_poly.type   'polypeptide(L)'
_entity_poly.pdbx_seq_one_letter_code
;SNAMEIIPIPADSYTLGFIGAGKMAESIAKGAVRSGVLSPSRIKTAIHSNPARRTAFESIGITVLSSNDDVVRDSNVVVF
SVKPQLLKDVVLKLKPLLTKDKLLVSVAAGIKMKDLQEWAGHERFIRVMPNTAATVGEAASVMSLGGAATEEDANLISQL
FGSIGKIWKADDKYFDAITGLSGSGPAYIYLAIEALADGGVAAGLPRDLALSLASQTVLGAASMATQSGKHPGQLKDDVT
SPGGTTIAGVHELEKAGFRGILMNAVVAAAKRSQELS
;
_entity_poly.pdbx_strand_id   A,B,C,D,E,F,G,H,I,J
#
# COMPACT_ATOMS: atom_id res chain seq x y z
N ILE A 6 -59.15 -16.89 -3.08
CA ILE A 6 -58.35 -16.09 -2.08
C ILE A 6 -59.27 -15.34 -1.09
N ILE A 7 -59.65 -16.05 -0.02
CA ILE A 7 -60.48 -15.47 1.05
C ILE A 7 -59.51 -14.65 1.95
N PRO A 8 -59.93 -13.48 2.45
CA PRO A 8 -59.07 -12.78 3.39
C PRO A 8 -58.71 -13.64 4.60
N ILE A 9 -57.48 -13.48 5.11
CA ILE A 9 -57.12 -14.21 6.29
C ILE A 9 -57.77 -13.47 7.49
N PRO A 10 -58.43 -14.17 8.43
CA PRO A 10 -59.06 -13.41 9.55
C PRO A 10 -58.06 -12.76 10.47
N ALA A 11 -58.04 -11.45 10.45
CA ALA A 11 -56.90 -10.66 10.98
C ALA A 11 -56.65 -10.90 12.44
N ASP A 12 -57.70 -11.22 13.20
CA ASP A 12 -57.55 -11.32 14.66
C ASP A 12 -57.54 -12.74 15.18
N SER A 13 -57.84 -13.69 14.32
CA SER A 13 -58.02 -15.04 14.76
C SER A 13 -57.27 -16.08 13.94
N TYR A 14 -56.45 -15.63 13.00
CA TYR A 14 -55.82 -16.57 12.10
C TYR A 14 -54.92 -17.47 12.88
N THR A 15 -54.65 -18.61 12.31
CA THR A 15 -53.65 -19.54 12.84
C THR A 15 -52.41 -19.56 11.93
N LEU A 16 -51.24 -19.72 12.61
CA LEU A 16 -49.97 -19.62 11.96
C LEU A 16 -49.27 -21.00 12.09
N GLY A 17 -48.73 -21.49 10.99
CA GLY A 17 -47.95 -22.71 10.99
C GLY A 17 -46.55 -22.54 10.47
N PHE A 18 -45.60 -23.07 11.22
CA PHE A 18 -44.23 -23.05 10.83
C PHE A 18 -43.81 -24.38 10.27
N ILE A 19 -43.35 -24.35 9.02
CA ILE A 19 -42.74 -25.48 8.40
C ILE A 19 -41.27 -25.27 8.38
N GLY A 20 -40.61 -25.99 9.24
CA GLY A 20 -39.24 -25.63 9.65
C GLY A 20 -39.34 -25.02 11.04
N ALA A 21 -38.65 -25.65 11.98
CA ALA A 21 -38.76 -25.22 13.36
C ALA A 21 -37.47 -24.67 13.89
N GLY A 22 -36.76 -23.99 13.01
CA GLY A 22 -35.44 -23.45 13.39
C GLY A 22 -35.54 -22.16 14.20
N LYS A 23 -34.40 -21.50 14.30
CA LYS A 23 -34.31 -20.33 15.18
C LYS A 23 -35.16 -19.18 14.72
N MET A 24 -35.23 -18.99 13.40
CA MET A 24 -36.04 -17.90 12.93
C MET A 24 -37.51 -18.14 13.23
N ALA A 25 -37.96 -19.34 13.01
CA ALA A 25 -39.33 -19.63 13.38
C ALA A 25 -39.57 -19.35 14.83
N GLU A 26 -38.67 -19.79 15.66
CA GLU A 26 -38.81 -19.56 17.14
C GLU A 26 -38.88 -18.09 17.41
N SER A 27 -38.01 -17.31 16.78
CA SER A 27 -38.01 -15.87 17.05
C SER A 27 -39.29 -15.19 16.62
N ILE A 28 -39.85 -15.63 15.48
CA ILE A 28 -41.09 -15.10 15.03
C ILE A 28 -42.23 -15.48 15.99
N ALA A 29 -42.27 -16.71 16.35
CA ALA A 29 -43.26 -17.19 17.31
C ALA A 29 -43.19 -16.44 18.65
N LYS A 30 -41.98 -16.30 19.18
CA LYS A 30 -41.83 -15.60 20.46
C LYS A 30 -42.21 -14.17 20.38
N GLY A 31 -41.79 -13.54 19.29
CA GLY A 31 -42.14 -12.17 19.09
C GLY A 31 -43.62 -11.95 18.96
N ALA A 32 -44.27 -12.81 18.19
CA ALA A 32 -45.70 -12.60 17.94
C ALA A 32 -46.50 -12.84 19.21
N VAL A 33 -46.09 -13.81 19.98
CA VAL A 33 -46.72 -14.08 21.28
C VAL A 33 -46.47 -12.90 22.22
N ARG A 34 -45.20 -12.53 22.39
CA ARG A 34 -44.85 -11.45 23.31
C ARG A 34 -45.56 -10.17 23.00
N SER A 35 -45.78 -9.86 21.73
CA SER A 35 -46.44 -8.64 21.33
C SER A 35 -47.97 -8.71 21.31
N GLY A 36 -48.48 -9.89 21.59
CA GLY A 36 -49.90 -10.08 21.53
C GLY A 36 -50.50 -10.22 20.15
N VAL A 37 -49.67 -10.24 19.10
CA VAL A 37 -50.19 -10.46 17.76
C VAL A 37 -50.87 -11.85 17.66
N LEU A 38 -50.21 -12.86 18.24
CA LEU A 38 -50.70 -14.23 18.31
C LEU A 38 -50.69 -14.75 19.74
N SER A 39 -51.51 -15.71 20.04
CA SER A 39 -51.34 -16.51 21.29
C SER A 39 -50.67 -17.82 20.90
N PRO A 40 -50.01 -18.51 21.85
CA PRO A 40 -49.40 -19.81 21.50
C PRO A 40 -50.38 -20.85 20.97
N SER A 41 -51.66 -20.80 21.39
CA SER A 41 -52.63 -21.75 20.92
C SER A 41 -52.94 -21.58 19.42
N ARG A 42 -52.56 -20.43 18.85
CA ARG A 42 -52.78 -20.18 17.44
C ARG A 42 -51.58 -20.49 16.53
N ILE A 43 -50.53 -21.07 17.12
CA ILE A 43 -49.30 -21.37 16.38
C ILE A 43 -49.12 -22.88 16.46
N LYS A 44 -48.68 -23.45 15.34
CA LYS A 44 -48.24 -24.86 15.29
C LYS A 44 -46.95 -25.00 14.54
N THR A 45 -46.20 -26.03 14.86
CA THR A 45 -45.05 -26.40 14.06
C THR A 45 -44.93 -27.92 14.03
N ALA A 46 -44.01 -28.41 13.26
CA ALA A 46 -43.79 -29.88 13.19
C ALA A 46 -42.31 -30.05 13.19
N ILE A 47 -41.76 -31.16 13.67
CA ILE A 47 -40.33 -31.35 13.44
C ILE A 47 -40.07 -31.86 12.02
N HIS A 48 -39.31 -31.09 11.25
CA HIS A 48 -39.04 -31.47 9.86
C HIS A 48 -37.73 -32.24 9.64
N SER A 49 -36.63 -31.71 10.13
CA SER A 49 -35.36 -32.40 10.03
C SER A 49 -34.62 -32.43 11.34
N ASN A 50 -35.19 -31.81 12.36
CA ASN A 50 -34.44 -31.53 13.60
C ASN A 50 -35.27 -31.68 14.89
N PRO A 51 -35.31 -32.87 15.49
CA PRO A 51 -36.18 -33.04 16.67
C PRO A 51 -35.70 -32.27 17.89
N ALA A 52 -34.46 -31.84 17.85
CA ALA A 52 -33.84 -31.03 19.00
C ALA A 52 -34.50 -29.64 19.24
N ARG A 53 -35.29 -29.29 18.24
CA ARG A 53 -36.07 -28.03 18.22
C ARG A 53 -37.38 -28.07 18.97
N ARG A 54 -37.82 -29.26 19.40
CA ARG A 54 -39.09 -29.32 20.08
C ARG A 54 -39.24 -28.40 21.27
N THR A 55 -38.23 -28.37 22.13
CA THR A 55 -38.34 -27.61 23.38
C THR A 55 -38.55 -26.12 23.13
N ALA A 56 -37.85 -25.63 22.10
CA ALA A 56 -37.98 -24.18 21.79
C ALA A 56 -39.42 -23.76 21.63
N PHE A 57 -40.26 -24.68 21.11
CA PHE A 57 -41.66 -24.42 20.88
C PHE A 57 -42.53 -24.81 22.04
N GLU A 58 -42.30 -26.02 22.56
CA GLU A 58 -43.15 -26.50 23.64
C GLU A 58 -42.97 -25.67 24.88
N SER A 59 -41.75 -25.14 25.08
CA SER A 59 -41.48 -24.33 26.25
C SER A 59 -42.21 -23.01 26.22
N ILE A 60 -42.73 -22.60 25.09
CA ILE A 60 -43.50 -21.35 25.06
C ILE A 60 -44.95 -21.60 24.74
N GLY A 61 -45.34 -22.86 24.91
CA GLY A 61 -46.78 -23.17 24.91
C GLY A 61 -47.30 -23.56 23.57
N ILE A 62 -46.40 -23.78 22.62
CA ILE A 62 -46.83 -24.09 21.24
C ILE A 62 -46.80 -25.58 20.98
N THR A 63 -47.86 -26.04 20.40
CA THR A 63 -47.99 -27.42 20.02
C THR A 63 -47.18 -27.83 18.83
N VAL A 64 -46.48 -28.95 19.00
CA VAL A 64 -45.68 -29.53 17.94
C VAL A 64 -46.52 -30.67 17.40
N LEU A 65 -46.88 -30.59 16.13
CA LEU A 65 -47.57 -31.69 15.47
C LEU A 65 -46.60 -32.64 14.81
N SER A 66 -47.17 -33.81 14.43
CA SER A 66 -46.33 -34.95 14.00
C SER A 66 -46.01 -34.91 12.52
N SER A 67 -46.73 -34.05 11.77
CA SER A 67 -46.36 -33.87 10.35
C SER A 67 -46.48 -32.38 9.87
N ASN A 68 -45.73 -32.09 8.81
CA ASN A 68 -45.89 -30.85 8.05
C ASN A 68 -47.30 -30.76 7.51
N ASP A 69 -47.86 -31.90 7.08
CA ASP A 69 -49.21 -31.89 6.53
C ASP A 69 -50.24 -31.31 7.50
N ASP A 70 -50.15 -31.76 8.74
CA ASP A 70 -51.11 -31.33 9.76
C ASP A 70 -50.92 -29.87 10.13
N VAL A 71 -49.66 -29.42 10.10
CA VAL A 71 -49.41 -28.00 10.34
C VAL A 71 -50.12 -27.20 9.25
N VAL A 72 -49.96 -27.61 7.98
CA VAL A 72 -50.59 -26.90 6.92
C VAL A 72 -52.10 -26.92 7.04
N ARG A 73 -52.68 -28.10 7.22
CA ARG A 73 -54.16 -28.17 7.33
C ARG A 73 -54.74 -27.27 8.38
N ASP A 74 -54.06 -27.18 9.54
CA ASP A 74 -54.54 -26.39 10.67
C ASP A 74 -54.18 -24.90 10.63
N SER A 75 -53.50 -24.47 9.59
CA SER A 75 -53.01 -23.08 9.51
C SER A 75 -53.63 -22.29 8.36
N ASN A 76 -53.93 -21.03 8.65
CA ASN A 76 -54.29 -20.02 7.64
C ASN A 76 -53.09 -19.39 6.99
N VAL A 77 -51.98 -19.31 7.74
CA VAL A 77 -50.77 -18.66 7.27
C VAL A 77 -49.68 -19.65 7.53
N VAL A 78 -48.90 -19.93 6.51
CA VAL A 78 -47.85 -20.93 6.62
C VAL A 78 -46.51 -20.28 6.35
N VAL A 79 -45.60 -20.39 7.30
CA VAL A 79 -44.27 -19.85 7.18
C VAL A 79 -43.29 -20.94 6.97
N PHE A 80 -42.62 -20.89 5.83
CA PHE A 80 -41.57 -21.83 5.52
C PHE A 80 -40.17 -21.30 5.87
N SER A 81 -39.46 -22.02 6.74
CA SER A 81 -38.17 -21.57 7.18
C SER A 81 -37.15 -22.71 7.16
N VAL A 82 -37.44 -23.70 6.39
CA VAL A 82 -36.47 -24.79 6.25
C VAL A 82 -35.27 -24.27 5.48
N LYS A 83 -34.20 -25.00 5.60
CA LYS A 83 -33.01 -24.59 4.92
C LYS A 83 -33.36 -24.40 3.49
N PRO A 84 -32.78 -23.40 2.84
CA PRO A 84 -33.17 -23.12 1.48
C PRO A 84 -33.14 -24.30 0.55
N GLN A 85 -32.05 -25.09 0.68
CA GLN A 85 -31.77 -26.22 -0.23
C GLN A 85 -32.85 -27.28 -0.11
N LEU A 86 -33.58 -27.25 0.98
CA LEU A 86 -34.64 -28.26 1.22
C LEU A 86 -36.04 -27.77 0.88
N LEU A 87 -36.18 -26.48 0.61
CA LEU A 87 -37.50 -25.89 0.50
C LEU A 87 -38.32 -26.43 -0.67
N LYS A 88 -37.68 -26.56 -1.81
CA LYS A 88 -38.43 -26.99 -2.98
C LYS A 88 -39.18 -28.31 -2.78
N ASP A 89 -38.47 -29.29 -2.23
CA ASP A 89 -39.06 -30.62 -2.04
C ASP A 89 -40.14 -30.59 -0.99
N VAL A 90 -39.93 -29.75 0.02
CA VAL A 90 -40.91 -29.62 1.06
C VAL A 90 -42.20 -29.05 0.48
N VAL A 91 -42.07 -28.00 -0.32
CA VAL A 91 -43.24 -27.36 -0.88
C VAL A 91 -43.95 -28.35 -1.85
N LEU A 92 -43.18 -29.05 -2.66
CA LEU A 92 -43.74 -29.99 -3.63
C LEU A 92 -44.53 -31.08 -2.90
N LYS A 93 -43.95 -31.61 -1.81
CA LYS A 93 -44.68 -32.62 -1.01
C LYS A 93 -45.96 -32.09 -0.44
N LEU A 94 -45.98 -30.81 -0.05
CA LEU A 94 -47.19 -30.24 0.60
C LEU A 94 -48.18 -29.69 -0.37
N LYS A 95 -47.82 -29.70 -1.63
CA LYS A 95 -48.58 -28.93 -2.62
C LYS A 95 -50.10 -29.11 -2.63
N PRO A 96 -50.59 -30.37 -2.55
CA PRO A 96 -52.03 -30.59 -2.61
C PRO A 96 -52.77 -29.87 -1.49
N LEU A 97 -52.06 -29.63 -0.38
CA LEU A 97 -52.63 -28.96 0.78
C LEU A 97 -52.49 -27.40 0.75
N LEU A 98 -51.71 -26.89 -0.20
CA LEU A 98 -51.44 -25.44 -0.28
C LEU A 98 -52.51 -24.76 -1.11
N THR A 99 -53.72 -24.81 -0.58
CA THR A 99 -54.85 -24.20 -1.25
C THR A 99 -54.80 -22.70 -1.15
N LYS A 100 -55.47 -22.02 -2.09
CA LYS A 100 -55.30 -20.57 -2.26
C LYS A 100 -55.86 -19.74 -1.13
N ASP A 101 -56.59 -20.37 -0.23
CA ASP A 101 -57.11 -19.74 0.96
C ASP A 101 -56.06 -19.61 2.06
N LYS A 102 -54.88 -20.18 1.85
CA LYS A 102 -53.82 -20.11 2.83
C LYS A 102 -52.71 -19.22 2.28
N LEU A 103 -52.34 -18.25 3.09
CA LEU A 103 -51.25 -17.33 2.72
C LEU A 103 -49.94 -17.99 3.04
N LEU A 104 -49.05 -18.08 2.06
CA LEU A 104 -47.75 -18.69 2.22
C LEU A 104 -46.69 -17.61 2.36
N VAL A 105 -45.71 -17.93 3.20
CA VAL A 105 -44.61 -17.01 3.47
C VAL A 105 -43.35 -17.80 3.45
N SER A 106 -42.32 -17.27 2.79
CA SER A 106 -41.01 -17.88 2.89
C SER A 106 -40.04 -16.93 3.53
N VAL A 107 -39.22 -17.43 4.48
CA VAL A 107 -38.10 -16.66 4.98
C VAL A 107 -36.82 -17.24 4.48
N ALA A 108 -36.88 -18.19 3.54
CA ALA A 108 -35.61 -18.83 3.04
C ALA A 108 -34.73 -17.87 2.34
N ALA A 109 -33.45 -17.83 2.72
CA ALA A 109 -32.52 -16.93 2.08
C ALA A 109 -32.30 -17.37 0.65
N GLY A 110 -32.33 -16.41 -0.23
CA GLY A 110 -31.91 -16.62 -1.61
C GLY A 110 -32.94 -17.33 -2.51
N ILE A 111 -34.14 -17.64 -2.04
CA ILE A 111 -35.15 -18.27 -2.88
C ILE A 111 -36.12 -17.21 -3.38
N LYS A 112 -36.13 -17.00 -4.71
CA LYS A 112 -36.87 -15.95 -5.32
C LYS A 112 -38.36 -16.25 -5.41
N MET A 113 -39.13 -15.18 -5.48
CA MET A 113 -40.56 -15.26 -5.54
C MET A 113 -41.02 -16.10 -6.74
N LYS A 114 -40.35 -15.93 -7.85
CA LYS A 114 -40.76 -16.66 -9.05
C LYS A 114 -40.76 -18.17 -8.81
N ASP A 115 -39.73 -18.64 -8.12
CA ASP A 115 -39.64 -20.04 -7.76
C ASP A 115 -40.64 -20.50 -6.72
N LEU A 116 -40.80 -19.69 -5.66
CA LEU A 116 -41.80 -20.02 -4.64
C LEU A 116 -43.17 -20.27 -5.28
N GLN A 117 -43.58 -19.32 -6.12
CA GLN A 117 -44.88 -19.40 -6.75
C GLN A 117 -45.01 -20.65 -7.66
N GLU A 118 -43.96 -20.98 -8.39
CA GLU A 118 -43.98 -22.17 -9.27
C GLU A 118 -44.10 -23.41 -8.47
N TRP A 119 -43.36 -23.49 -7.38
CA TRP A 119 -43.43 -24.68 -6.56
C TRP A 119 -44.79 -24.87 -5.92
N ALA A 120 -45.36 -23.79 -5.42
CA ALA A 120 -46.63 -23.92 -4.69
C ALA A 120 -47.79 -24.09 -5.65
N GLY A 121 -47.59 -23.63 -6.86
CA GLY A 121 -48.66 -23.59 -7.86
C GLY A 121 -49.66 -22.44 -7.73
N HIS A 122 -49.37 -21.42 -6.93
CA HIS A 122 -50.22 -20.26 -6.91
C HIS A 122 -49.33 -19.10 -6.41
N GLU A 123 -49.89 -17.92 -6.42
CA GLU A 123 -49.12 -16.68 -6.19
C GLU A 123 -49.44 -15.95 -4.89
N ARG A 124 -50.15 -16.62 -4.01
CA ARG A 124 -50.53 -16.04 -2.73
C ARG A 124 -49.42 -16.34 -1.74
N PHE A 125 -48.33 -15.62 -2.00
CA PHE A 125 -47.05 -15.95 -1.36
C PHE A 125 -46.38 -14.61 -1.05
N ILE A 126 -45.75 -14.55 0.10
CA ILE A 126 -44.92 -13.41 0.54
C ILE A 126 -43.58 -13.95 0.87
N ARG A 127 -42.55 -13.26 0.42
CA ARG A 127 -41.18 -13.54 0.80
C ARG A 127 -40.71 -12.50 1.80
N VAL A 128 -40.10 -12.97 2.87
CA VAL A 128 -39.46 -12.10 3.81
C VAL A 128 -38.03 -12.48 4.00
N MET A 129 -37.16 -11.48 4.10
N MET A 129 -37.18 -11.48 4.10
CA MET A 129 -35.76 -11.73 4.45
CA MET A 129 -35.81 -11.73 4.46
C MET A 129 -35.49 -11.00 5.76
C MET A 129 -35.50 -10.99 5.75
N PRO A 130 -35.55 -11.71 6.86
CA PRO A 130 -35.27 -11.14 8.18
C PRO A 130 -33.76 -11.27 8.40
N ASN A 131 -33.26 -10.79 9.52
CA ASN A 131 -31.88 -11.07 9.83
C ASN A 131 -31.73 -11.54 11.22
N THR A 132 -30.49 -11.76 11.63
CA THR A 132 -30.20 -12.52 12.85
C THR A 132 -30.74 -11.82 14.13
N ALA A 133 -31.01 -10.50 14.07
CA ALA A 133 -31.36 -9.79 15.27
C ALA A 133 -32.83 -9.99 15.63
N ALA A 134 -33.53 -10.78 14.83
CA ALA A 134 -34.90 -11.26 15.22
C ALA A 134 -34.88 -11.81 16.61
N THR A 135 -33.78 -12.45 16.99
CA THR A 135 -33.66 -13.08 18.33
C THR A 135 -33.91 -12.06 19.44
N VAL A 136 -33.57 -10.78 19.24
CA VAL A 136 -33.74 -9.75 20.26
C VAL A 136 -34.76 -8.73 19.84
N GLY A 137 -35.61 -9.09 18.88
CA GLY A 137 -36.62 -8.17 18.42
C GLY A 137 -36.16 -6.92 17.73
N GLU A 138 -34.96 -7.01 17.12
CA GLU A 138 -34.43 -5.93 16.35
C GLU A 138 -34.01 -6.35 14.97
N ALA A 139 -34.74 -7.31 14.39
CA ALA A 139 -34.50 -7.61 12.98
C ALA A 139 -34.68 -6.41 12.08
N ALA A 140 -33.92 -6.43 10.99
CA ALA A 140 -34.16 -5.59 9.85
C ALA A 140 -34.70 -6.58 8.85
N SER A 141 -35.96 -6.45 8.47
CA SER A 141 -36.59 -7.41 7.54
C SER A 141 -37.13 -6.69 6.34
N VAL A 142 -37.21 -7.40 5.22
CA VAL A 142 -37.78 -6.82 4.03
C VAL A 142 -38.70 -7.86 3.44
N MET A 143 -39.86 -7.41 3.00
CA MET A 143 -40.82 -8.33 2.37
C MET A 143 -41.11 -7.96 0.92
N SER A 144 -41.36 -9.01 0.12
CA SER A 144 -41.75 -8.85 -1.26
C SER A 144 -43.03 -9.67 -1.47
N LEU A 145 -43.87 -9.17 -2.31
CA LEU A 145 -45.19 -9.80 -2.48
C LEU A 145 -45.32 -10.57 -3.76
N GLY A 146 -45.92 -11.74 -3.64
CA GLY A 146 -46.23 -12.55 -4.83
C GLY A 146 -47.39 -11.89 -5.55
N GLY A 147 -47.68 -12.44 -6.72
CA GLY A 147 -48.69 -11.82 -7.59
C GLY A 147 -50.10 -11.80 -7.06
N ALA A 148 -50.44 -12.68 -6.11
CA ALA A 148 -51.81 -12.75 -5.57
C ALA A 148 -51.91 -12.38 -4.09
N ALA A 149 -50.76 -11.97 -3.50
CA ALA A 149 -50.79 -11.53 -2.12
C ALA A 149 -51.52 -10.19 -2.07
N THR A 150 -52.48 -10.08 -1.16
CA THR A 150 -53.28 -8.86 -1.10
C THR A 150 -52.64 -7.84 -0.19
N GLU A 151 -53.17 -6.63 -0.20
CA GLU A 151 -52.70 -5.61 0.68
C GLU A 151 -52.97 -6.01 2.13
N GLU A 152 -54.07 -6.71 2.36
CA GLU A 152 -54.37 -7.16 3.72
C GLU A 152 -53.40 -8.29 4.13
N ASP A 153 -53.03 -9.14 3.18
CA ASP A 153 -51.97 -10.17 3.46
C ASP A 153 -50.65 -9.46 3.88
N ALA A 154 -50.29 -8.44 3.14
CA ALA A 154 -49.10 -7.69 3.40
C ALA A 154 -49.18 -7.10 4.79
N ASN A 155 -50.32 -6.49 5.13
CA ASN A 155 -50.43 -5.90 6.43
C ASN A 155 -50.35 -6.90 7.56
N LEU A 156 -50.92 -8.08 7.35
CA LEU A 156 -50.85 -9.15 8.30
C LEU A 156 -49.34 -9.49 8.55
N ILE A 157 -48.60 -9.60 7.45
CA ILE A 157 -47.19 -10.07 7.55
C ILE A 157 -46.35 -8.89 8.09
N SER A 158 -46.73 -7.62 7.79
CA SER A 158 -46.08 -6.46 8.44
C SER A 158 -46.26 -6.47 9.92
N GLN A 159 -47.48 -6.75 10.37
CA GLN A 159 -47.71 -6.81 11.79
C GLN A 159 -46.92 -7.96 12.42
N LEU A 160 -46.91 -9.13 11.77
CA LEU A 160 -46.24 -10.27 12.27
C LEU A 160 -44.72 -9.99 12.41
N PHE A 161 -44.09 -9.56 11.34
CA PHE A 161 -42.67 -9.28 11.40
C PHE A 161 -42.29 -7.99 12.10
N GLY A 162 -43.26 -7.08 12.31
CA GLY A 162 -43.02 -5.96 13.17
C GLY A 162 -42.85 -6.37 14.58
N SER A 163 -43.26 -7.57 14.92
CA SER A 163 -43.07 -8.08 16.28
CA SER A 163 -43.08 -8.11 16.26
C SER A 163 -41.66 -8.54 16.59
N ILE A 164 -40.78 -8.64 15.57
CA ILE A 164 -39.41 -9.08 15.74
C ILE A 164 -38.39 -8.03 15.26
N GLY A 165 -38.88 -6.85 14.94
CA GLY A 165 -38.06 -5.76 14.45
C GLY A 165 -38.78 -4.86 13.57
N LYS A 166 -38.07 -4.28 12.61
CA LYS A 166 -38.62 -3.41 11.62
C LYS A 166 -38.79 -4.17 10.33
N ILE A 167 -39.79 -3.76 9.57
CA ILE A 167 -40.04 -4.44 8.29
C ILE A 167 -40.40 -3.47 7.25
N TRP A 168 -39.73 -3.58 6.09
CA TRP A 168 -39.93 -2.69 4.98
C TRP A 168 -40.29 -3.53 3.77
N LYS A 169 -40.82 -2.89 2.75
CA LYS A 169 -41.25 -3.60 1.54
C LYS A 169 -40.28 -3.30 0.46
N ALA A 170 -39.92 -4.29 -0.32
CA ALA A 170 -39.08 -4.04 -1.48
C ALA A 170 -39.34 -5.08 -2.53
N ASP A 171 -39.03 -4.69 -3.76
CA ASP A 171 -39.18 -5.55 -4.90
C ASP A 171 -38.20 -6.72 -4.78
N ASP A 172 -38.65 -7.83 -5.30
CA ASP A 172 -37.87 -9.06 -5.12
C ASP A 172 -36.48 -8.91 -5.73
N LYS A 173 -36.34 -8.06 -6.75
CA LYS A 173 -35.08 -7.96 -7.44
C LYS A 173 -33.93 -7.33 -6.54
N TYR A 174 -34.33 -6.73 -5.46
CA TYR A 174 -33.38 -6.09 -4.49
C TYR A 174 -32.83 -7.09 -3.52
N PHE A 175 -33.32 -8.30 -3.49
CA PHE A 175 -33.05 -9.12 -2.32
C PHE A 175 -31.58 -9.63 -2.26
N ASP A 176 -30.88 -9.75 -3.37
CA ASP A 176 -29.39 -9.99 -3.26
C ASP A 176 -28.64 -8.91 -2.57
N ALA A 177 -28.91 -7.68 -2.88
CA ALA A 177 -28.28 -6.56 -2.26
C ALA A 177 -28.71 -6.44 -0.80
N ILE A 178 -30.01 -6.67 -0.51
CA ILE A 178 -30.46 -6.67 0.83
C ILE A 178 -29.71 -7.71 1.64
N THR A 179 -29.51 -8.86 1.06
CA THR A 179 -28.81 -9.96 1.74
C THR A 179 -27.38 -9.51 2.15
N GLY A 180 -26.72 -8.80 1.24
CA GLY A 180 -25.39 -8.29 1.55
C GLY A 180 -25.28 -7.22 2.59
N LEU A 181 -26.40 -6.48 2.79
CA LEU A 181 -26.46 -5.40 3.73
C LEU A 181 -27.08 -5.81 5.03
N SER A 182 -28.39 -6.08 5.05
CA SER A 182 -29.03 -6.45 6.32
C SER A 182 -28.86 -7.88 6.72
N GLY A 183 -28.74 -8.78 5.78
CA GLY A 183 -28.53 -10.17 6.11
C GLY A 183 -27.19 -10.44 6.64
N SER A 184 -26.15 -9.95 5.92
CA SER A 184 -24.80 -10.18 6.29
C SER A 184 -24.15 -9.14 7.20
N GLY A 185 -24.71 -7.89 7.21
CA GLY A 185 -24.16 -6.79 7.93
C GLY A 185 -23.92 -7.03 9.38
N PRO A 186 -24.76 -7.83 10.04
CA PRO A 186 -24.51 -7.98 11.46
C PRO A 186 -23.12 -8.50 11.72
N ALA A 187 -22.58 -9.38 10.86
CA ALA A 187 -21.22 -9.86 11.05
C ALA A 187 -20.19 -8.74 10.99
N TYR A 188 -20.44 -7.81 10.09
CA TYR A 188 -19.51 -6.66 9.93
C TYR A 188 -19.46 -5.90 11.23
N ILE A 189 -20.63 -5.76 11.89
CA ILE A 189 -20.68 -5.03 13.12
C ILE A 189 -20.14 -5.81 14.31
N TYR A 190 -20.26 -7.16 14.30
CA TYR A 190 -19.60 -7.93 15.29
C TYR A 190 -18.12 -7.78 15.24
N LEU A 191 -17.59 -7.79 14.03
CA LEU A 191 -16.15 -7.44 13.86
C LEU A 191 -15.84 -6.07 14.41
N ALA A 192 -16.68 -5.08 14.08
CA ALA A 192 -16.47 -3.74 14.55
C ALA A 192 -16.43 -3.65 16.06
N ILE A 193 -17.37 -4.31 16.72
CA ILE A 193 -17.50 -4.26 18.14
C ILE A 193 -16.25 -4.91 18.76
N GLU A 194 -15.81 -6.04 18.23
CA GLU A 194 -14.61 -6.67 18.76
C GLU A 194 -13.39 -5.73 18.53
N ALA A 195 -13.30 -5.16 17.35
CA ALA A 195 -12.18 -4.26 17.08
C ALA A 195 -12.19 -3.03 17.96
N LEU A 196 -13.35 -2.45 18.24
CA LEU A 196 -13.43 -1.31 19.14
C LEU A 196 -13.03 -1.66 20.52
N ALA A 197 -13.42 -2.83 20.98
CA ALA A 197 -12.99 -3.31 22.30
C ALA A 197 -11.49 -3.54 22.33
N ASP A 198 -10.97 -4.15 21.29
CA ASP A 198 -9.52 -4.35 21.16
C ASP A 198 -8.77 -3.02 21.19
N GLY A 199 -9.36 -2.00 20.52
CA GLY A 199 -8.82 -0.69 20.50
C GLY A 199 -8.83 -0.08 21.88
N GLY A 200 -9.91 -0.25 22.61
CA GLY A 200 -9.97 0.27 23.98
C GLY A 200 -8.90 -0.38 24.84
N VAL A 201 -8.75 -1.68 24.73
CA VAL A 201 -7.63 -2.39 25.45
C VAL A 201 -6.29 -1.88 25.03
N ALA A 202 -6.11 -1.67 23.73
CA ALA A 202 -4.83 -1.16 23.24
C ALA A 202 -4.56 0.19 23.89
N ALA A 203 -5.59 0.99 24.10
CA ALA A 203 -5.49 2.29 24.75
C ALA A 203 -5.47 2.24 26.24
N GLY A 204 -5.45 1.08 26.82
CA GLY A 204 -5.30 0.93 28.25
C GLY A 204 -6.52 0.58 29.05
N LEU A 205 -7.64 0.31 28.43
CA LEU A 205 -8.83 -0.05 29.14
C LEU A 205 -8.90 -1.51 29.51
N PRO A 206 -9.52 -1.82 30.66
CA PRO A 206 -9.83 -3.21 30.98
C PRO A 206 -10.75 -3.80 29.91
N ARG A 207 -10.62 -5.06 29.67
CA ARG A 207 -11.34 -5.76 28.60
C ARG A 207 -12.81 -5.78 28.80
N ASP A 208 -13.29 -6.08 30.04
N ASP A 208 -13.28 -6.06 30.05
CA ASP A 208 -14.76 -6.14 30.20
CA ASP A 208 -14.73 -6.10 30.25
C ASP A 208 -15.38 -4.78 29.96
C ASP A 208 -15.37 -4.77 29.98
N LEU A 209 -14.77 -3.71 30.50
CA LEU A 209 -15.29 -2.35 30.28
C LEU A 209 -15.21 -2.02 28.76
N ALA A 210 -14.08 -2.37 28.13
CA ALA A 210 -13.91 -2.06 26.71
C ALA A 210 -15.02 -2.67 25.90
N LEU A 211 -15.30 -3.94 26.12
CA LEU A 211 -16.34 -4.62 25.38
C LEU A 211 -17.70 -4.08 25.70
N SER A 212 -17.99 -3.82 26.99
CA SER A 212 -19.27 -3.17 27.37
C SER A 212 -19.48 -1.87 26.72
N LEU A 213 -18.42 -1.04 26.72
CA LEU A 213 -18.52 0.27 26.10
C LEU A 213 -18.70 0.14 24.57
N ALA A 214 -17.89 -0.73 23.99
CA ALA A 214 -17.98 -0.91 22.53
C ALA A 214 -19.40 -1.30 22.08
N SER A 215 -19.99 -2.30 22.74
CA SER A 215 -21.36 -2.71 22.34
C SER A 215 -22.35 -1.62 22.53
N GLN A 216 -22.31 -0.95 23.68
CA GLN A 216 -23.23 0.06 23.96
C GLN A 216 -23.07 1.33 23.15
N THR A 217 -21.82 1.64 22.79
CA THR A 217 -21.54 2.75 21.91
C THR A 217 -22.18 2.50 20.57
N VAL A 218 -21.98 1.32 20.02
CA VAL A 218 -22.57 0.99 18.74
C VAL A 218 -24.15 1.05 18.82
N LEU A 219 -24.69 0.49 19.89
CA LEU A 219 -26.15 0.47 20.08
C LEU A 219 -26.68 1.91 20.13
N GLY A 220 -25.99 2.74 20.90
CA GLY A 220 -26.41 4.10 21.06
C GLY A 220 -26.32 4.91 19.81
N ALA A 221 -25.23 4.75 19.09
CA ALA A 221 -25.11 5.48 17.84
C ALA A 221 -26.12 5.07 16.82
N ALA A 222 -26.39 3.77 16.74
CA ALA A 222 -27.42 3.28 15.83
C ALA A 222 -28.83 3.76 16.23
N SER A 223 -29.05 3.86 17.52
CA SER A 223 -30.30 4.41 18.01
C SER A 223 -30.49 5.81 17.69
N MET A 224 -29.41 6.55 17.75
CA MET A 224 -29.45 7.94 17.33
C MET A 224 -29.78 8.02 15.84
N ALA A 225 -29.13 7.18 15.05
CA ALA A 225 -29.38 7.14 13.62
C ALA A 225 -30.84 6.77 13.31
N THR A 226 -31.38 5.86 14.06
CA THR A 226 -32.74 5.37 13.78
C THR A 226 -33.75 6.40 14.24
N GLN A 227 -33.50 7.12 15.32
CA GLN A 227 -34.50 8.08 15.89
C GLN A 227 -34.38 9.50 15.56
N SER A 228 -33.24 9.98 15.17
CA SER A 228 -32.99 11.38 15.13
C SER A 228 -33.61 12.09 13.94
N GLY A 229 -33.89 11.36 12.90
CA GLY A 229 -34.28 11.97 11.65
C GLY A 229 -33.12 12.66 10.93
N LYS A 230 -31.87 12.45 11.38
CA LYS A 230 -30.76 13.21 10.78
C LYS A 230 -29.95 12.29 9.85
N HIS A 231 -29.31 12.89 8.89
CA HIS A 231 -28.41 12.14 8.01
C HIS A 231 -27.24 11.73 8.91
N PRO A 232 -26.62 10.60 8.61
CA PRO A 232 -25.43 10.22 9.41
C PRO A 232 -24.28 11.19 9.36
N GLY A 233 -24.10 11.88 8.26
CA GLY A 233 -23.12 12.93 8.22
C GLY A 233 -23.35 14.07 9.18
N GLN A 234 -24.64 14.42 9.37
N GLN A 234 -24.64 14.43 9.37
CA GLN A 234 -24.96 15.44 10.32
CA GLN A 234 -25.02 15.45 10.33
C GLN A 234 -24.72 14.98 11.74
C GLN A 234 -24.74 14.98 11.74
N LEU A 235 -25.05 13.71 12.01
CA LEU A 235 -24.76 13.13 13.31
C LEU A 235 -23.27 13.13 13.59
N LYS A 236 -22.49 12.81 12.58
CA LYS A 236 -21.05 12.90 12.76
C LYS A 236 -20.61 14.33 13.05
N ASP A 237 -21.18 15.27 12.29
CA ASP A 237 -20.83 16.67 12.49
C ASP A 237 -21.17 17.10 13.92
N ASP A 238 -22.26 16.61 14.42
CA ASP A 238 -22.69 16.95 15.77
C ASP A 238 -21.74 16.52 16.86
N VAL A 239 -20.95 15.49 16.63
CA VAL A 239 -20.05 15.01 17.68
C VAL A 239 -18.57 15.30 17.42
N THR A 240 -18.21 15.91 16.34
CA THR A 240 -16.82 16.22 16.07
C THR A 240 -16.44 17.65 16.46
N SER A 241 -16.10 17.82 17.73
N SER A 241 -16.13 17.82 17.74
CA SER A 241 -15.61 19.11 18.21
CA SER A 241 -15.68 19.13 18.22
C SER A 241 -14.33 19.54 17.54
C SER A 241 -14.34 19.54 17.57
N PRO A 242 -14.11 20.85 17.43
CA PRO A 242 -12.89 21.37 16.75
C PRO A 242 -11.61 20.86 17.34
N GLY A 243 -10.78 20.25 16.49
CA GLY A 243 -9.52 19.63 16.89
C GLY A 243 -9.57 18.64 18.04
N GLY A 244 -10.75 18.05 18.25
CA GLY A 244 -10.98 17.22 19.39
C GLY A 244 -10.70 15.73 19.15
N THR A 245 -11.10 14.95 20.14
CA THR A 245 -10.74 13.53 20.11
C THR A 245 -11.47 12.82 18.97
N THR A 246 -12.70 13.21 18.78
CA THR A 246 -13.57 12.47 17.80
C THR A 246 -13.04 12.65 16.43
N ILE A 247 -12.71 13.87 16.06
CA ILE A 247 -12.22 14.09 14.73
C ILE A 247 -10.88 13.44 14.53
N ALA A 248 -10.08 13.38 15.56
CA ALA A 248 -8.79 12.63 15.46
C ALA A 248 -9.00 11.13 15.09
N GLY A 249 -9.98 10.55 15.74
CA GLY A 249 -10.40 9.18 15.40
C GLY A 249 -10.96 9.00 14.01
N VAL A 250 -11.85 9.91 13.62
CA VAL A 250 -12.45 9.92 12.31
C VAL A 250 -11.42 10.10 11.23
N HIS A 251 -10.46 10.97 11.48
CA HIS A 251 -9.37 11.14 10.53
C HIS A 251 -8.66 9.82 10.29
N GLU A 252 -8.41 9.04 11.33
CA GLU A 252 -7.77 7.74 11.12
C GLU A 252 -8.61 6.81 10.27
N LEU A 253 -9.91 6.80 10.48
CA LEU A 253 -10.78 6.02 9.67
C LEU A 253 -10.66 6.42 8.19
N GLU A 254 -10.66 7.73 7.94
CA GLU A 254 -10.64 8.26 6.58
C GLU A 254 -9.33 8.00 5.92
N LYS A 255 -8.27 8.13 6.67
CA LYS A 255 -6.95 7.82 6.10
C LYS A 255 -6.89 6.44 5.54
N ALA A 256 -7.56 5.50 6.20
CA ALA A 256 -7.53 4.08 5.87
C ALA A 256 -8.58 3.69 4.88
N GLY A 257 -9.45 4.59 4.46
CA GLY A 257 -10.52 4.24 3.53
C GLY A 257 -11.64 3.35 4.15
N PHE A 258 -11.89 3.57 5.40
CA PHE A 258 -12.92 2.80 6.19
C PHE A 258 -14.24 2.69 5.51
N ARG A 259 -14.72 3.83 5.01
CA ARG A 259 -16.00 3.77 4.29
C ARG A 259 -15.99 2.90 3.13
N GLY A 260 -14.94 2.97 2.29
CA GLY A 260 -14.86 2.15 1.16
C GLY A 260 -14.79 0.64 1.45
N ILE A 261 -14.14 0.33 2.56
CA ILE A 261 -14.02 -1.07 3.03
C ILE A 261 -15.39 -1.66 3.33
N LEU A 262 -16.21 -0.89 3.96
CA LEU A 262 -17.56 -1.33 4.25
C LEU A 262 -18.41 -1.42 2.99
N MET A 263 -18.28 -0.48 2.08
CA MET A 263 -18.89 -0.61 0.81
C MET A 263 -18.51 -1.86 0.09
N ASN A 264 -17.22 -2.16 0.10
CA ASN A 264 -16.68 -3.37 -0.53
C ASN A 264 -17.29 -4.67 0.05
N ALA A 265 -17.48 -4.67 1.35
CA ALA A 265 -18.07 -5.83 2.00
C ALA A 265 -19.52 -6.04 1.56
N VAL A 266 -20.30 -4.97 1.54
CA VAL A 266 -21.65 -5.10 1.06
C VAL A 266 -21.69 -5.58 -0.35
N VAL A 267 -20.90 -4.97 -1.23
CA VAL A 267 -20.90 -5.37 -2.63
C VAL A 267 -20.49 -6.82 -2.84
N ALA A 268 -19.43 -7.25 -2.12
CA ALA A 268 -18.98 -8.61 -2.18
C ALA A 268 -20.01 -9.61 -1.71
N ALA A 269 -20.66 -9.27 -0.61
CA ALA A 269 -21.71 -10.13 -0.10
C ALA A 269 -22.89 -10.22 -1.07
N ALA A 270 -23.29 -9.09 -1.61
CA ALA A 270 -24.39 -9.05 -2.61
C ALA A 270 -24.04 -9.86 -3.88
N LYS A 271 -22.81 -9.74 -4.32
N LYS A 271 -22.81 -9.74 -4.32
CA LYS A 271 -22.34 -10.53 -5.46
CA LYS A 271 -22.35 -10.53 -5.45
C LYS A 271 -22.37 -12.02 -5.17
C LYS A 271 -22.36 -12.02 -5.16
N ARG A 272 -21.92 -12.41 -3.99
N ARG A 272 -21.93 -12.42 -3.98
CA ARG A 272 -21.97 -13.78 -3.58
CA ARG A 272 -21.96 -13.80 -3.57
C ARG A 272 -23.41 -14.29 -3.52
C ARG A 272 -23.41 -14.29 -3.52
N SER A 273 -24.30 -13.44 -3.03
CA SER A 273 -25.72 -13.81 -3.00
C SER A 273 -26.19 -14.13 -4.40
N GLN A 274 -25.81 -13.30 -5.35
CA GLN A 274 -26.28 -13.52 -6.72
C GLN A 274 -25.67 -14.82 -7.25
N GLU A 275 -24.42 -15.08 -6.92
CA GLU A 275 -23.74 -16.27 -7.43
C GLU A 275 -24.36 -17.51 -6.87
N LEU A 276 -24.90 -17.43 -5.67
CA LEU A 276 -25.46 -18.60 -5.00
C LEU A 276 -26.90 -18.85 -5.47
N SER A 277 -27.40 -17.89 -6.22
CA SER A 277 -28.47 -17.96 -7.27
C SER A 277 -29.41 -16.88 -6.91
N ILE B 6 -19.10 16.04 55.39
CA ILE B 6 -19.80 15.23 54.34
C ILE B 6 -20.96 14.44 54.97
N ILE B 7 -22.12 15.09 55.00
CA ILE B 7 -23.36 14.43 55.43
C ILE B 7 -23.85 13.58 54.23
N PRO B 8 -24.35 12.32 54.46
CA PRO B 8 -24.98 11.62 53.32
C PRO B 8 -26.04 12.47 52.62
N ILE B 9 -26.13 12.36 51.30
CA ILE B 9 -27.20 13.07 50.56
C ILE B 9 -28.47 12.29 50.83
N PRO B 10 -29.56 12.96 51.28
CA PRO B 10 -30.78 12.15 51.50
C PRO B 10 -31.29 11.50 50.21
N ALA B 11 -31.19 10.19 50.15
CA ALA B 11 -31.46 9.43 48.95
C ALA B 11 -32.83 9.68 48.34
N ASP B 12 -33.84 9.92 49.18
CA ASP B 12 -35.25 9.99 48.69
C ASP B 12 -35.75 11.39 48.51
N SER B 13 -35.00 12.37 49.00
CA SER B 13 -35.48 13.74 49.03
C SER B 13 -34.50 14.77 48.60
N TYR B 14 -33.34 14.35 48.08
CA TYR B 14 -32.41 15.33 47.68
C TYR B 14 -32.96 16.20 46.56
N THR B 15 -32.41 17.41 46.52
CA THR B 15 -32.68 18.34 45.43
C THR B 15 -31.47 18.47 44.50
N LEU B 16 -31.77 18.61 43.23
CA LEU B 16 -30.80 18.48 42.17
C LEU B 16 -30.75 19.80 41.44
N GLY B 17 -29.53 20.31 41.20
CA GLY B 17 -29.34 21.55 40.46
C GLY B 17 -28.46 21.36 39.25
N PHE B 18 -28.88 21.92 38.13
CA PHE B 18 -28.10 21.87 36.91
C PHE B 18 -27.49 23.24 36.63
N ILE B 19 -26.18 23.27 36.57
CA ILE B 19 -25.45 24.44 36.18
C ILE B 19 -24.96 24.16 34.75
N GLY B 20 -25.58 24.84 33.82
CA GLY B 20 -25.52 24.49 32.41
C GLY B 20 -26.85 23.83 32.10
N ALA B 21 -27.57 24.40 31.13
CA ALA B 21 -28.92 23.97 30.80
C ALA B 21 -28.98 23.46 29.38
N GLY B 22 -27.90 22.86 28.92
CA GLY B 22 -27.81 22.36 27.56
C GLY B 22 -28.51 21.03 27.38
N LYS B 23 -28.16 20.36 26.27
CA LYS B 23 -28.89 19.15 25.87
C LYS B 23 -28.63 18.00 26.82
N MET B 24 -27.38 17.85 27.29
CA MET B 24 -27.08 16.79 28.22
C MET B 24 -27.90 17.00 29.53
N ALA B 25 -27.89 18.23 30.07
CA ALA B 25 -28.66 18.48 31.28
C ALA B 25 -30.11 18.15 31.10
N GLU B 26 -30.64 18.56 29.99
CA GLU B 26 -32.06 18.34 29.68
C GLU B 26 -32.34 16.83 29.59
N SER B 27 -31.41 16.09 28.95
CA SER B 27 -31.61 14.64 28.85
C SER B 27 -31.59 13.98 30.22
N ILE B 28 -30.70 14.46 31.07
CA ILE B 28 -30.63 13.86 32.41
C ILE B 28 -31.96 14.17 33.19
N ALA B 29 -32.31 15.44 33.18
CA ALA B 29 -33.51 15.88 33.89
C ALA B 29 -34.73 15.17 33.41
N LYS B 30 -34.88 15.08 32.09
CA LYS B 30 -36.06 14.43 31.51
C LYS B 30 -36.10 12.98 31.85
N GLY B 31 -34.97 12.35 31.71
CA GLY B 31 -34.86 10.97 32.07
C GLY B 31 -35.21 10.69 33.52
N ALA B 32 -34.65 11.50 34.41
CA ALA B 32 -34.87 11.28 35.85
C ALA B 32 -36.38 11.48 36.20
N VAL B 33 -36.97 12.46 35.61
CA VAL B 33 -38.37 12.75 35.90
C VAL B 33 -39.23 11.64 35.29
N ARG B 34 -39.02 11.36 34.02
CA ARG B 34 -39.79 10.30 33.34
C ARG B 34 -39.65 8.92 34.02
N SER B 35 -38.49 8.61 34.54
CA SER B 35 -38.26 7.32 35.21
C SER B 35 -38.76 7.31 36.67
N GLY B 36 -39.25 8.43 37.15
CA GLY B 36 -39.64 8.54 38.57
C GLY B 36 -38.52 8.67 39.59
N VAL B 37 -37.29 8.86 39.15
CA VAL B 37 -36.20 9.10 40.12
C VAL B 37 -36.53 10.33 40.99
N LEU B 38 -36.92 11.41 40.34
CA LEU B 38 -37.03 12.77 40.91
C LEU B 38 -38.37 13.30 40.45
N SER B 39 -39.06 14.10 41.27
CA SER B 39 -40.15 14.96 40.82
C SER B 39 -39.52 16.28 40.30
N PRO B 40 -40.16 16.91 39.32
CA PRO B 40 -39.57 18.16 38.76
C PRO B 40 -39.38 19.19 39.82
N SER B 41 -40.18 19.13 40.90
CA SER B 41 -40.08 20.12 41.96
C SER B 41 -38.78 20.07 42.68
N ARG B 42 -38.13 18.94 42.59
CA ARG B 42 -36.82 18.78 43.26
C ARG B 42 -35.67 19.20 42.38
N ILE B 43 -35.94 19.74 41.19
CA ILE B 43 -34.84 20.03 40.21
C ILE B 43 -34.88 21.50 39.96
N LYS B 44 -33.74 22.12 39.91
CA LYS B 44 -33.59 23.53 39.53
C LYS B 44 -32.48 23.67 38.48
N THR B 45 -32.62 24.66 37.61
CA THR B 45 -31.53 25.06 36.73
C THR B 45 -31.53 26.57 36.61
N ALA B 46 -30.46 27.13 36.09
CA ALA B 46 -30.39 28.57 35.88
C ALA B 46 -30.03 28.79 34.46
N ILE B 47 -30.69 29.77 33.89
CA ILE B 47 -30.57 30.04 32.50
C ILE B 47 -30.56 31.54 32.47
N HIS B 48 -29.55 32.12 31.85
CA HIS B 48 -29.44 33.55 31.72
C HIS B 48 -29.68 33.82 30.25
N SER B 49 -30.77 34.53 29.98
CA SER B 49 -31.03 35.05 28.65
C SER B 49 -31.08 33.96 27.55
N ASN B 50 -31.84 32.91 27.77
CA ASN B 50 -32.09 31.95 26.72
C ASN B 50 -33.50 31.43 26.85
N PRO B 51 -34.47 32.18 26.31
CA PRO B 51 -35.86 31.74 26.54
C PRO B 51 -36.20 30.37 25.94
N ALA B 52 -35.43 29.96 24.93
CA ALA B 52 -35.58 28.62 24.33
C ALA B 52 -35.22 27.50 25.30
N ARG B 53 -34.08 27.65 25.99
CA ARG B 53 -33.65 26.67 26.99
C ARG B 53 -34.55 26.79 28.19
N ARG B 54 -34.93 27.99 28.54
CA ARG B 54 -35.88 28.16 29.64
C ARG B 54 -37.13 27.33 29.40
N THR B 55 -37.63 27.39 28.18
CA THR B 55 -38.87 26.70 27.83
C THR B 55 -38.71 25.21 27.96
N ALA B 56 -37.58 24.71 27.47
CA ALA B 56 -37.27 23.28 27.56
C ALA B 56 -37.44 22.76 29.01
N PHE B 57 -36.91 23.50 30.00
CA PHE B 57 -36.96 23.05 31.40
C PHE B 57 -38.30 23.30 32.04
N GLU B 58 -38.82 24.48 31.80
CA GLU B 58 -40.17 24.80 32.29
C GLU B 58 -41.21 23.84 31.76
N SER B 59 -41.07 23.41 30.51
CA SER B 59 -42.10 22.54 29.92
C SER B 59 -42.13 21.16 30.55
N ILE B 60 -41.12 20.80 31.31
CA ILE B 60 -41.17 19.53 32.02
C ILE B 60 -41.39 19.73 33.51
N GLY B 61 -41.71 20.96 33.88
CA GLY B 61 -42.12 21.27 35.24
C GLY B 61 -41.01 21.74 36.14
N ILE B 62 -39.87 22.06 35.55
CA ILE B 62 -38.73 22.44 36.33
C ILE B 62 -38.60 23.93 36.47
N THR B 63 -38.32 24.37 37.68
CA THR B 63 -38.09 25.79 37.96
C THR B 63 -36.73 26.29 37.51
N VAL B 64 -36.76 27.37 36.76
CA VAL B 64 -35.57 28.00 36.24
C VAL B 64 -35.34 29.25 37.08
N LEU B 65 -34.21 29.28 37.76
CA LEU B 65 -33.83 30.39 38.58
C LEU B 65 -32.97 31.34 37.78
N SER B 66 -32.76 32.52 38.32
CA SER B 66 -32.07 33.55 37.59
C SER B 66 -30.55 33.47 37.77
N SER B 67 -30.07 32.78 38.79
CA SER B 67 -28.63 32.69 39.03
C SER B 67 -28.13 31.31 39.40
N ASN B 68 -26.91 31.05 38.99
CA ASN B 68 -26.20 29.83 39.37
C ASN B 68 -26.11 29.72 40.89
N ASP B 69 -25.89 30.87 41.54
CA ASP B 69 -25.76 30.91 42.98
C ASP B 69 -26.99 30.29 43.66
N ASP B 70 -28.17 30.69 43.23
CA ASP B 70 -29.39 30.21 43.85
C ASP B 70 -29.64 28.73 43.57
N VAL B 71 -29.32 28.30 42.36
CA VAL B 71 -29.39 26.87 42.04
C VAL B 71 -28.53 26.08 43.02
N VAL B 72 -27.29 26.51 43.22
CA VAL B 72 -26.39 25.81 44.15
C VAL B 72 -26.92 25.84 45.60
N ARG B 73 -27.29 27.02 46.08
CA ARG B 73 -27.84 27.10 47.44
C ARG B 73 -28.98 26.15 47.69
N ASP B 74 -29.90 26.06 46.73
CA ASP B 74 -31.08 25.19 46.88
C ASP B 74 -30.87 23.71 46.59
N SER B 75 -29.66 23.32 46.18
CA SER B 75 -29.43 21.96 45.71
C SER B 75 -28.45 21.18 46.63
N ASN B 76 -28.80 19.92 46.89
CA ASN B 76 -27.93 18.97 47.54
C ASN B 76 -26.89 18.38 46.52
N VAL B 77 -27.32 18.23 45.29
CA VAL B 77 -26.50 17.61 44.23
C VAL B 77 -26.49 18.57 43.10
N VAL B 78 -25.31 18.89 42.61
CA VAL B 78 -25.14 19.87 41.59
C VAL B 78 -24.44 19.22 40.40
N VAL B 79 -25.07 19.32 39.22
CA VAL B 79 -24.51 18.80 38.02
C VAL B 79 -24.05 19.91 37.15
N PHE B 80 -22.75 19.87 36.81
CA PHE B 80 -22.16 20.85 35.93
C PHE B 80 -22.07 20.31 34.53
N SER B 81 -22.70 21.01 33.61
CA SER B 81 -22.64 20.59 32.23
C SER B 81 -22.36 21.74 31.30
N VAL B 82 -21.70 22.76 31.82
CA VAL B 82 -21.27 23.82 30.94
C VAL B 82 -20.15 23.29 30.01
N LYS B 83 -19.91 24.03 28.96
CA LYS B 83 -18.82 23.68 28.05
C LYS B 83 -17.51 23.57 28.88
N PRO B 84 -16.66 22.57 28.58
CA PRO B 84 -15.49 22.32 29.41
C PRO B 84 -14.61 23.55 29.62
N GLN B 85 -14.50 24.37 28.58
CA GLN B 85 -13.64 25.58 28.59
C GLN B 85 -14.16 26.64 29.55
N LEU B 86 -15.44 26.56 29.92
CA LEU B 86 -16.06 27.51 30.80
C LEU B 86 -16.15 27.02 32.25
N LEU B 87 -15.87 25.74 32.46
CA LEU B 87 -16.19 25.13 33.72
C LEU B 87 -15.35 25.71 34.84
N LYS B 88 -14.05 25.86 34.60
CA LYS B 88 -13.19 26.35 35.68
C LYS B 88 -13.70 27.65 36.30
N ASP B 89 -14.00 28.62 35.44
CA ASP B 89 -14.43 29.94 35.95
C ASP B 89 -15.77 29.87 36.64
N VAL B 90 -16.64 29.01 36.11
CA VAL B 90 -17.97 28.81 36.73
C VAL B 90 -17.82 28.23 38.13
N VAL B 91 -16.95 27.23 38.27
CA VAL B 91 -16.76 26.62 39.56
C VAL B 91 -16.08 27.66 40.56
N LEU B 92 -15.05 28.34 40.08
CA LEU B 92 -14.36 29.33 40.92
C LEU B 92 -15.33 30.39 41.41
N LYS B 93 -16.19 30.90 40.53
CA LYS B 93 -17.21 31.89 40.98
C LYS B 93 -18.14 31.33 42.04
N LEU B 94 -18.50 30.04 41.93
CA LEU B 94 -19.44 29.44 42.85
C LEU B 94 -18.80 28.95 44.12
N LYS B 95 -17.48 28.95 44.15
CA LYS B 95 -16.78 28.21 45.16
C LYS B 95 -17.25 28.40 46.62
N PRO B 96 -17.49 29.64 47.06
CA PRO B 96 -17.94 29.84 48.45
C PRO B 96 -19.22 29.08 48.80
N LEU B 97 -20.05 28.83 47.78
CA LEU B 97 -21.30 28.10 47.97
C LEU B 97 -21.15 26.58 47.89
N LEU B 98 -20.00 26.11 47.41
CA LEU B 98 -19.76 24.67 47.19
C LEU B 98 -19.28 24.03 48.45
N THR B 99 -20.17 24.04 49.44
CA THR B 99 -19.87 23.41 50.72
C THR B 99 -19.86 21.89 50.62
N LYS B 100 -19.17 21.25 51.54
CA LYS B 100 -18.89 19.80 51.47
C LYS B 100 -20.07 18.90 51.68
N ASP B 101 -21.17 19.49 52.08
CA ASP B 101 -22.42 18.75 52.20
C ASP B 101 -23.14 18.61 50.83
N LYS B 102 -22.61 19.21 49.75
CA LYS B 102 -23.25 19.15 48.44
C LYS B 102 -22.37 18.30 47.53
N LEU B 103 -23.00 17.30 46.95
CA LEU B 103 -22.28 16.41 46.00
C LEU B 103 -22.23 17.15 44.65
N LEU B 104 -21.01 17.25 44.12
CA LEU B 104 -20.81 17.89 42.86
C LEU B 104 -20.56 16.81 41.77
N VAL B 105 -21.08 17.07 40.60
CA VAL B 105 -20.93 16.12 39.46
C VAL B 105 -20.55 16.93 38.28
N SER B 106 -19.59 16.44 37.54
CA SER B 106 -19.23 17.07 36.27
C SER B 106 -19.44 16.08 35.15
N VAL B 107 -20.09 16.54 34.10
CA VAL B 107 -20.17 15.77 32.88
C VAL B 107 -19.26 16.34 31.84
N ALA B 108 -18.38 17.26 32.21
CA ALA B 108 -17.53 17.90 31.19
C ALA B 108 -16.51 16.97 30.61
N ALA B 109 -16.41 16.95 29.28
CA ALA B 109 -15.45 16.11 28.60
C ALA B 109 -14.04 16.63 28.88
N GLY B 110 -13.16 15.71 29.22
CA GLY B 110 -11.74 16.01 29.27
C GLY B 110 -11.30 16.74 30.51
N ILE B 111 -12.18 17.01 31.47
CA ILE B 111 -11.75 17.67 32.69
C ILE B 111 -11.54 16.62 33.79
N LYS B 112 -10.30 16.42 34.21
CA LYS B 112 -10.00 15.36 35.16
C LYS B 112 -10.35 15.68 36.59
N MET B 113 -10.52 14.65 37.39
CA MET B 113 -10.96 14.76 38.75
C MET B 113 -10.03 15.63 39.58
N LYS B 114 -8.72 15.48 39.32
CA LYS B 114 -7.75 16.30 40.08
C LYS B 114 -8.04 17.77 39.95
N ASP B 115 -8.33 18.21 38.72
CA ASP B 115 -8.76 19.61 38.49
C ASP B 115 -10.09 20.02 39.06
N LEU B 116 -11.11 19.18 38.88
CA LEU B 116 -12.40 19.48 39.52
C LEU B 116 -12.22 19.75 41.00
N GLN B 117 -11.47 18.87 41.67
CA GLN B 117 -11.33 18.95 43.12
C GLN B 117 -10.53 20.24 43.53
N GLU B 118 -9.51 20.58 42.75
CA GLU B 118 -8.70 21.80 42.97
C GLU B 118 -9.56 23.04 42.81
N TRP B 119 -10.41 23.08 41.76
CA TRP B 119 -11.29 24.21 41.58
C TRP B 119 -12.32 24.34 42.67
N ALA B 120 -12.96 23.23 43.03
CA ALA B 120 -14.05 23.29 44.03
C ALA B 120 -13.52 23.48 45.44
N GLY B 121 -12.26 23.08 45.65
CA GLY B 121 -11.64 23.11 46.97
C GLY B 121 -12.03 21.94 47.85
N HIS B 122 -12.70 20.93 47.32
CA HIS B 122 -12.96 19.74 48.12
C HIS B 122 -13.12 18.54 47.15
N GLU B 123 -13.29 17.34 47.70
CA GLU B 123 -13.18 16.12 46.94
C GLU B 123 -14.48 15.36 46.81
N ARG B 124 -15.56 16.01 47.15
CA ARG B 124 -16.88 15.39 47.10
C ARG B 124 -17.41 15.67 45.72
N PHE B 125 -16.81 14.96 44.79
CA PHE B 125 -17.05 15.25 43.37
C PHE B 125 -17.12 13.89 42.69
N ILE B 126 -18.00 13.79 41.69
CA ILE B 126 -18.08 12.64 40.78
C ILE B 126 -18.04 13.14 39.39
N ARG B 127 -17.22 12.44 38.57
CA ARG B 127 -17.04 12.79 37.13
C ARG B 127 -17.77 11.75 36.36
N VAL B 128 -18.63 12.21 35.47
CA VAL B 128 -19.29 11.27 34.52
C VAL B 128 -18.92 11.68 33.14
N MET B 129 -18.67 10.69 32.31
N MET B 129 -18.67 10.69 32.31
CA MET B 129 -18.52 10.95 30.91
CA MET B 129 -18.54 10.95 30.93
C MET B 129 -19.60 10.20 30.19
C MET B 129 -19.61 10.19 30.19
N PRO B 130 -20.66 10.89 29.77
CA PRO B 130 -21.75 10.25 29.02
C PRO B 130 -21.33 10.38 27.55
N ASN B 131 -22.12 9.91 26.66
CA ASN B 131 -21.87 10.16 25.29
C ASN B 131 -23.14 10.65 24.65
N THR B 132 -23.05 10.86 23.34
CA THR B 132 -24.11 11.59 22.62
C THR B 132 -25.45 10.87 22.66
N ALA B 133 -25.48 9.54 22.90
CA ALA B 133 -26.66 8.79 22.82
C ALA B 133 -27.61 8.98 24.06
N ALA B 134 -27.18 9.77 25.00
CA ALA B 134 -28.05 10.21 26.15
C ALA B 134 -29.36 10.73 25.58
N THR B 135 -29.33 11.35 24.40
CA THR B 135 -30.53 11.92 23.80
C THR B 135 -31.62 10.89 23.57
N VAL B 136 -31.25 9.62 23.31
CA VAL B 136 -32.20 8.57 23.11
C VAL B 136 -32.19 7.51 24.19
N GLY B 137 -31.63 7.82 25.32
CA GLY B 137 -31.60 6.95 26.45
C GLY B 137 -30.69 5.73 26.30
N GLU B 138 -29.68 5.90 25.45
CA GLU B 138 -28.72 4.79 25.18
C GLU B 138 -27.32 5.25 25.32
N ALA B 139 -27.07 6.19 26.19
CA ALA B 139 -25.71 6.57 26.50
C ALA B 139 -24.91 5.37 26.96
N ALA B 140 -23.63 5.43 26.64
CA ALA B 140 -22.60 4.67 27.34
C ALA B 140 -21.88 5.65 28.23
N SER B 141 -22.01 5.51 29.55
CA SER B 141 -21.44 6.48 30.50
C SER B 141 -20.51 5.79 31.46
N VAL B 142 -19.50 6.50 31.91
CA VAL B 142 -18.62 5.98 32.90
C VAL B 142 -18.46 7.01 33.98
N MET B 143 -18.40 6.55 35.19
CA MET B 143 -18.25 7.49 36.31
C MET B 143 -17.00 7.20 37.10
N SER B 144 -16.40 8.28 37.61
CA SER B 144 -15.21 8.14 38.48
C SER B 144 -15.48 8.94 39.75
N LEU B 145 -14.98 8.47 40.85
CA LEU B 145 -15.24 9.11 42.15
C LEU B 145 -14.05 9.95 42.64
N GLY B 146 -14.35 11.15 43.09
CA GLY B 146 -13.40 11.98 43.79
C GLY B 146 -13.10 11.36 45.16
N GLY B 147 -12.09 11.91 45.82
CA GLY B 147 -11.54 11.31 47.04
C GLY B 147 -12.49 11.30 48.23
N ALA B 148 -13.51 12.17 48.22
CA ALA B 148 -14.53 12.15 49.28
C ALA B 148 -15.91 11.70 48.86
N ALA B 149 -16.05 11.27 47.60
CA ALA B 149 -17.37 10.76 47.15
C ALA B 149 -17.60 9.36 47.76
N THR B 150 -18.73 9.17 48.34
CA THR B 150 -18.99 7.92 49.04
C THR B 150 -19.60 6.89 48.12
N GLU B 151 -19.73 5.67 48.59
CA GLU B 151 -20.50 4.65 47.84
C GLU B 151 -21.96 5.08 47.65
N GLU B 152 -22.52 5.74 48.64
CA GLU B 152 -23.91 6.18 48.53
C GLU B 152 -24.07 7.31 47.53
N ASP B 153 -23.08 8.19 47.46
CA ASP B 153 -23.04 9.23 46.43
C ASP B 153 -23.05 8.55 45.04
N ALA B 154 -22.20 7.55 44.89
CA ALA B 154 -22.05 6.83 43.62
C ALA B 154 -23.37 6.17 43.25
N ASN B 155 -24.06 5.59 44.22
CA ASN B 155 -25.33 4.94 43.91
C ASN B 155 -26.40 5.92 43.50
N LEU B 156 -26.37 7.09 44.14
CA LEU B 156 -27.26 8.16 43.79
C LEU B 156 -27.04 8.58 42.31
N ILE B 157 -25.78 8.73 41.94
CA ILE B 157 -25.45 9.11 40.59
C ILE B 157 -25.75 7.93 39.57
N SER B 158 -25.52 6.70 39.97
CA SER B 158 -25.80 5.56 39.08
C SER B 158 -27.25 5.58 38.73
N GLN B 159 -28.08 5.87 39.73
CA GLN B 159 -29.52 5.83 39.53
C GLN B 159 -29.97 6.98 38.62
N LEU B 160 -29.30 8.10 38.78
CA LEU B 160 -29.53 9.24 37.89
C LEU B 160 -29.03 9.03 36.41
N PHE B 161 -27.79 8.58 36.17
CA PHE B 161 -27.33 8.32 34.84
C PHE B 161 -27.83 6.98 34.19
N GLY B 162 -28.26 6.03 35.02
CA GLY B 162 -29.05 4.90 34.49
C GLY B 162 -30.31 5.31 33.71
N SER B 163 -30.82 6.49 34.00
N SER B 163 -30.83 6.50 33.99
CA SER B 163 -31.96 7.02 33.33
CA SER B 163 -31.98 6.99 33.24
C SER B 163 -31.76 7.41 31.80
C SER B 163 -31.75 7.35 31.76
N ILE B 164 -30.48 7.62 31.39
CA ILE B 164 -30.09 8.07 30.04
C ILE B 164 -29.30 6.95 29.27
N GLY B 165 -29.12 5.82 29.86
CA GLY B 165 -28.33 4.73 29.23
C GLY B 165 -27.81 3.76 30.22
N LYS B 166 -26.60 3.26 29.95
CA LYS B 166 -25.93 2.39 30.85
C LYS B 166 -24.75 3.12 31.44
N ILE B 167 -24.40 2.75 32.65
CA ILE B 167 -23.35 3.44 33.35
C ILE B 167 -22.47 2.43 34.04
N TRP B 168 -21.16 2.62 33.87
CA TRP B 168 -20.15 1.79 34.47
C TRP B 168 -19.21 2.67 35.27
N LYS B 169 -18.49 2.06 36.19
CA LYS B 169 -17.54 2.78 37.04
C LYS B 169 -16.16 2.50 36.56
N ALA B 170 -15.31 3.52 36.59
CA ALA B 170 -13.91 3.32 36.24
C ALA B 170 -13.07 4.36 36.85
N ASP B 171 -11.81 4.02 37.09
CA ASP B 171 -10.86 4.91 37.61
C ASP B 171 -10.69 6.06 36.65
N ASP B 172 -10.48 7.23 37.19
CA ASP B 172 -10.28 8.44 36.39
C ASP B 172 -9.13 8.26 35.35
N LYS B 173 -8.12 7.42 35.62
CA LYS B 173 -7.01 7.32 34.72
C LYS B 173 -7.36 6.65 33.38
N TYR B 174 -8.49 6.00 33.34
CA TYR B 174 -9.01 5.36 32.09
C TYR B 174 -9.72 6.34 31.20
N PHE B 175 -9.96 7.56 31.65
CA PHE B 175 -10.94 8.37 30.95
C PHE B 175 -10.51 8.88 29.61
N ASP B 176 -9.20 9.08 29.38
CA ASP B 176 -8.74 9.35 28.01
C ASP B 176 -9.09 8.27 27.04
N ALA B 177 -8.86 7.04 27.43
CA ALA B 177 -9.19 5.91 26.58
C ALA B 177 -10.70 5.78 26.40
N ILE B 178 -11.47 5.97 27.50
CA ILE B 178 -12.89 5.91 27.40
C ILE B 178 -13.36 6.95 26.40
N THR B 179 -12.77 8.16 26.47
CA THR B 179 -13.17 9.19 25.56
C THR B 179 -13.00 8.76 24.12
N GLY B 180 -11.91 8.05 23.87
CA GLY B 180 -11.59 7.59 22.49
C GLY B 180 -12.57 6.53 21.99
N LEU B 181 -13.13 5.76 22.92
CA LEU B 181 -13.99 4.64 22.60
C LEU B 181 -15.46 5.08 22.69
N SER B 182 -16.01 5.30 23.88
CA SER B 182 -17.43 5.63 23.98
C SER B 182 -17.79 7.07 23.71
N GLY B 183 -16.85 7.99 23.99
CA GLY B 183 -17.11 9.37 23.71
C GLY B 183 -17.08 9.65 22.24
N SER B 184 -16.02 9.22 21.58
CA SER B 184 -15.83 9.38 20.16
C SER B 184 -16.43 8.34 19.24
N GLY B 185 -16.61 7.12 19.75
CA GLY B 185 -17.06 6.03 18.95
C GLY B 185 -18.31 6.24 18.17
N PRO B 186 -19.22 7.03 18.69
CA PRO B 186 -20.43 7.19 17.88
C PRO B 186 -20.15 7.70 16.50
N ALA B 187 -19.19 8.60 16.36
CA ALA B 187 -18.86 9.08 15.06
C ALA B 187 -18.40 8.00 14.12
N TYR B 188 -17.64 7.03 14.68
CA TYR B 188 -17.13 5.93 13.86
C TYR B 188 -18.26 5.10 13.30
N ILE B 189 -19.30 4.94 14.13
CA ILE B 189 -20.48 4.24 13.71
C ILE B 189 -21.39 5.02 12.80
N TYR B 190 -21.42 6.35 12.93
CA TYR B 190 -22.07 7.14 11.93
C TYR B 190 -21.45 7.00 10.57
N LEU B 191 -20.13 7.02 10.50
CA LEU B 191 -19.42 6.73 9.27
C LEU B 191 -19.81 5.35 8.77
N ALA B 192 -19.81 4.37 9.64
CA ALA B 192 -20.13 2.99 9.25
C ALA B 192 -21.52 2.87 8.69
N ILE B 193 -22.48 3.56 9.30
CA ILE B 193 -23.85 3.50 8.79
C ILE B 193 -24.02 4.15 7.42
N GLU B 194 -23.32 5.25 7.24
CA GLU B 194 -23.36 5.88 5.96
C GLU B 194 -22.70 5.00 4.91
N ALA B 195 -21.59 4.44 5.26
CA ALA B 195 -20.84 3.58 4.35
C ALA B 195 -21.61 2.33 3.95
N LEU B 196 -22.29 1.74 4.91
CA LEU B 196 -23.12 0.54 4.66
C LEU B 196 -24.28 0.95 3.73
N ALA B 197 -24.89 2.10 3.98
CA ALA B 197 -25.95 2.60 3.08
C ALA B 197 -25.42 2.82 1.71
N ASP B 198 -24.27 3.48 1.60
CA ASP B 198 -23.62 3.69 0.31
C ASP B 198 -23.33 2.37 -0.41
N GLY B 199 -22.88 1.38 0.36
CA GLY B 199 -22.66 0.06 -0.14
C GLY B 199 -23.90 -0.57 -0.72
N GLY B 200 -24.97 -0.42 0.02
CA GLY B 200 -26.27 -0.93 -0.45
C GLY B 200 -26.70 -0.28 -1.75
N VAL B 201 -26.55 1.04 -1.84
CA VAL B 201 -26.82 1.76 -3.06
C VAL B 201 -25.90 1.30 -4.19
N ALA B 202 -24.64 1.07 -3.88
CA ALA B 202 -23.70 0.63 -4.89
C ALA B 202 -24.12 -0.75 -5.44
N ALA B 203 -24.75 -1.56 -4.58
CA ALA B 203 -25.27 -2.88 -4.94
C ALA B 203 -26.67 -2.80 -5.52
N GLY B 204 -27.23 -1.63 -5.73
CA GLY B 204 -28.50 -1.44 -6.40
C GLY B 204 -29.71 -1.15 -5.56
N LEU B 205 -29.55 -0.94 -4.27
CA LEU B 205 -30.67 -0.63 -3.40
C LEU B 205 -31.07 0.80 -3.47
N PRO B 206 -32.37 1.08 -3.37
CA PRO B 206 -32.80 2.48 -3.15
C PRO B 206 -32.19 3.08 -1.88
N ARG B 207 -31.86 4.32 -1.94
CA ARG B 207 -31.25 5.02 -0.81
C ARG B 207 -31.98 4.97 0.47
N ASP B 208 -33.30 5.24 0.45
N ASP B 208 -33.31 5.23 0.45
CA ASP B 208 -34.01 5.26 1.72
CA ASP B 208 -34.03 5.22 1.71
C ASP B 208 -34.00 3.90 2.39
C ASP B 208 -34.00 3.89 2.38
N LEU B 209 -34.20 2.86 1.61
CA LEU B 209 -34.15 1.50 2.13
C LEU B 209 -32.75 1.15 2.64
N ALA B 210 -31.77 1.54 1.85
CA ALA B 210 -30.39 1.24 2.22
C ALA B 210 -30.06 1.85 3.54
N LEU B 211 -30.39 3.11 3.76
CA LEU B 211 -30.10 3.77 5.02
C LEU B 211 -30.91 3.19 6.14
N SER B 212 -32.23 2.95 5.93
CA SER B 212 -33.06 2.30 6.95
C SER B 212 -32.48 0.97 7.36
N LEU B 213 -32.08 0.20 6.39
CA LEU B 213 -31.52 -1.15 6.66
C LEU B 213 -30.17 -0.99 7.39
N ALA B 214 -29.33 -0.06 6.94
CA ALA B 214 -28.01 0.10 7.58
C ALA B 214 -28.16 0.42 9.03
N SER B 215 -28.99 1.40 9.36
CA SER B 215 -29.16 1.79 10.75
C SER B 215 -29.68 0.69 11.58
N GLN B 216 -30.72 -0.01 11.10
CA GLN B 216 -31.36 -1.01 11.85
C GLN B 216 -30.48 -2.28 11.98
N THR B 217 -29.66 -2.54 10.99
CA THR B 217 -28.71 -3.68 11.03
C THR B 217 -27.70 -3.43 12.10
N VAL B 218 -27.17 -2.19 12.18
CA VAL B 218 -26.24 -1.87 13.24
C VAL B 218 -26.89 -1.98 14.60
N LEU B 219 -28.09 -1.40 14.71
CA LEU B 219 -28.85 -1.47 15.97
C LEU B 219 -29.03 -2.91 16.39
N GLY B 220 -29.50 -3.74 15.48
CA GLY B 220 -29.77 -5.09 15.82
C GLY B 220 -28.58 -5.90 16.22
N ALA B 221 -27.50 -5.72 15.47
CA ALA B 221 -26.29 -6.40 15.84
C ALA B 221 -25.74 -5.99 17.18
N ALA B 222 -25.82 -4.71 17.47
CA ALA B 222 -25.33 -4.22 18.73
C ALA B 222 -26.21 -4.73 19.85
N SER B 223 -27.52 -4.82 19.58
CA SER B 223 -28.46 -5.39 20.55
C SER B 223 -28.19 -6.85 20.81
N MET B 224 -27.80 -7.58 19.80
CA MET B 224 -27.37 -8.99 19.96
C MET B 224 -26.15 -9.02 20.85
N ALA B 225 -25.18 -8.12 20.56
CA ALA B 225 -23.95 -8.11 21.34
C ALA B 225 -24.22 -7.72 22.78
N THR B 226 -25.16 -6.82 23.03
CA THR B 226 -25.39 -6.38 24.37
C THR B 226 -26.17 -7.46 25.11
N GLN B 227 -27.11 -8.16 24.48
CA GLN B 227 -28.01 -9.09 25.18
C GLN B 227 -27.68 -10.56 25.15
N SER B 228 -26.85 -11.01 24.23
CA SER B 228 -26.68 -12.47 23.99
C SER B 228 -25.80 -13.17 24.97
N GLY B 229 -24.96 -12.44 25.65
CA GLY B 229 -23.99 -13.03 26.49
C GLY B 229 -22.77 -13.66 25.71
N LYS B 230 -22.74 -13.50 24.40
CA LYS B 230 -21.78 -14.17 23.57
C LYS B 230 -20.64 -13.20 23.25
N HIS B 231 -19.51 -13.78 23.05
CA HIS B 231 -18.32 -13.03 22.58
C HIS B 231 -18.65 -12.63 21.14
N PRO B 232 -18.15 -11.48 20.71
CA PRO B 232 -18.43 -11.10 19.33
C PRO B 232 -17.95 -12.04 18.31
N GLY B 233 -16.87 -12.74 18.58
CA GLY B 233 -16.43 -13.79 17.68
C GLY B 233 -17.39 -14.96 17.52
N GLN B 234 -18.09 -15.30 18.60
CA GLN B 234 -19.10 -16.31 18.51
C GLN B 234 -20.31 -15.83 17.74
N LEU B 235 -20.67 -14.58 17.89
CA LEU B 235 -21.74 -14.01 17.15
C LEU B 235 -21.41 -13.99 15.67
N LYS B 236 -20.19 -13.63 15.34
CA LYS B 236 -19.75 -13.71 13.94
C LYS B 236 -19.82 -15.15 13.41
N ASP B 237 -19.36 -16.12 14.20
CA ASP B 237 -19.44 -17.51 13.80
C ASP B 237 -20.87 -17.92 13.55
N ASP B 238 -21.78 -17.42 14.37
CA ASP B 238 -23.17 -17.82 14.23
C ASP B 238 -23.76 -17.43 12.90
N VAL B 239 -23.32 -16.31 12.34
CA VAL B 239 -23.90 -15.84 11.14
C VAL B 239 -23.09 -16.08 9.88
N THR B 240 -21.92 -16.64 10.00
CA THR B 240 -21.10 -16.87 8.78
C THR B 240 -21.27 -18.32 8.29
N SER B 241 -22.33 -18.54 7.53
CA SER B 241 -22.59 -19.90 6.97
C SER B 241 -21.48 -20.26 5.99
N PRO B 242 -21.14 -21.52 5.89
CA PRO B 242 -20.03 -21.98 5.00
C PRO B 242 -20.22 -21.53 3.58
N GLY B 243 -19.23 -20.87 3.02
CA GLY B 243 -19.19 -20.36 1.69
C GLY B 243 -20.29 -19.36 1.34
N GLY B 244 -20.92 -18.79 2.36
CA GLY B 244 -22.08 -17.95 2.15
C GLY B 244 -21.80 -16.46 1.94
N THR B 245 -22.87 -15.68 1.88
CA THR B 245 -22.73 -14.26 1.61
C THR B 245 -21.98 -13.57 2.75
N THR B 246 -22.25 -13.95 3.98
CA THR B 246 -21.70 -13.23 5.12
C THR B 246 -20.22 -13.38 5.16
N ILE B 247 -19.74 -14.59 5.01
CA ILE B 247 -18.30 -14.79 5.11
C ILE B 247 -17.59 -14.18 3.93
N ALA B 248 -18.25 -14.10 2.78
CA ALA B 248 -17.67 -13.34 1.69
C ALA B 248 -17.45 -11.86 2.08
N GLY B 249 -18.45 -11.25 2.72
CA GLY B 249 -18.28 -9.86 3.16
C GLY B 249 -17.25 -9.72 4.24
N VAL B 250 -17.22 -10.64 5.20
CA VAL B 250 -16.23 -10.60 6.27
C VAL B 250 -14.83 -10.77 5.71
N HIS B 251 -14.68 -11.62 4.70
CA HIS B 251 -13.38 -11.81 4.10
C HIS B 251 -12.90 -10.50 3.53
N GLU B 252 -13.78 -9.75 2.90
CA GLU B 252 -13.35 -8.44 2.38
C GLU B 252 -12.90 -7.49 3.46
N LEU B 253 -13.62 -7.44 4.56
CA LEU B 253 -13.23 -6.67 5.72
C LEU B 253 -11.81 -7.06 6.20
N GLU B 254 -11.59 -8.36 6.31
CA GLU B 254 -10.32 -8.83 6.81
C GLU B 254 -9.19 -8.59 5.83
N LYS B 255 -9.45 -8.73 4.55
CA LYS B 255 -8.41 -8.41 3.57
C LYS B 255 -7.92 -6.98 3.77
N ALA B 256 -8.81 -6.08 4.12
CA ALA B 256 -8.51 -4.66 4.27
C ALA B 256 -8.00 -4.26 5.59
N GLY B 257 -7.96 -5.18 6.57
CA GLY B 257 -7.54 -4.80 7.90
C GLY B 257 -8.54 -3.87 8.64
N PHE B 258 -9.81 -4.12 8.42
CA PHE B 258 -10.94 -3.38 9.08
C PHE B 258 -10.79 -3.26 10.55
N ARG B 259 -10.50 -4.43 11.20
CA ARG B 259 -10.37 -4.38 12.65
C ARG B 259 -9.27 -3.44 13.09
N GLY B 260 -8.09 -3.50 12.45
CA GLY B 260 -7.03 -2.64 12.80
C GLY B 260 -7.29 -1.17 12.61
N ILE B 261 -8.09 -0.86 11.63
CA ILE B 261 -8.51 0.53 11.36
C ILE B 261 -9.33 1.09 12.48
N LEU B 262 -10.25 0.29 13.00
CA LEU B 262 -10.96 0.70 14.13
C LEU B 262 -10.14 0.83 15.42
N MET B 263 -9.20 -0.07 15.60
CA MET B 263 -8.27 0.06 16.71
C MET B 263 -7.45 1.35 16.59
N ASN B 264 -7.00 1.65 15.40
CA ASN B 264 -6.28 2.86 15.16
C ASN B 264 -7.07 4.08 15.55
N ALA B 265 -8.35 4.09 15.21
CA ALA B 265 -9.23 5.23 15.55
C ALA B 265 -9.35 5.43 17.06
N VAL B 266 -9.58 4.34 17.79
CA VAL B 266 -9.69 4.42 19.22
C VAL B 266 -8.39 4.92 19.84
N VAL B 267 -7.30 4.34 19.40
CA VAL B 267 -5.95 4.73 19.89
C VAL B 267 -5.64 6.19 19.61
N ALA B 268 -5.93 6.65 18.40
CA ALA B 268 -5.67 8.03 18.07
C ALA B 268 -6.52 8.99 18.85
N ALA B 269 -7.79 8.65 18.99
CA ALA B 269 -8.68 9.50 19.74
C ALA B 269 -8.25 9.59 21.21
N ALA B 270 -7.85 8.46 21.76
CA ALA B 270 -7.37 8.42 23.14
C ALA B 270 -6.09 9.21 23.35
N LYS B 271 -5.18 9.11 22.41
CA LYS B 271 -3.97 9.90 22.44
C LYS B 271 -4.29 11.39 22.35
N ARG B 272 -5.20 11.79 21.48
N ARG B 272 -5.20 11.79 21.48
CA ARG B 272 -5.63 13.18 21.40
CA ARG B 272 -5.63 13.19 21.40
C ARG B 272 -6.22 13.67 22.71
C ARG B 272 -6.22 13.67 22.71
N SER B 273 -7.01 12.82 23.34
CA SER B 273 -7.58 13.14 24.60
C SER B 273 -6.51 13.43 25.64
N GLN B 274 -5.50 12.60 25.65
CA GLN B 274 -4.37 12.87 26.57
C GLN B 274 -3.69 14.18 26.22
N GLU B 275 -3.46 14.45 24.95
CA GLU B 275 -2.76 15.65 24.52
C GLU B 275 -3.51 16.87 24.89
N LEU B 276 -4.82 16.80 24.90
CA LEU B 276 -5.67 17.97 25.18
C LEU B 276 -5.71 18.25 26.66
N SER B 277 -5.20 17.28 27.40
N SER B 277 -5.26 17.24 27.42
CA SER B 277 -4.54 17.42 28.71
CA SER B 277 -4.52 17.24 28.69
C SER B 277 -5.15 16.27 29.46
C SER B 277 -5.00 16.06 29.52
N ILE C 6 -20.97 -58.03 2.62
CA ILE C 6 -20.27 -57.14 3.59
C ILE C 6 -20.39 -57.74 5.02
N ILE C 7 -19.43 -58.60 5.36
CA ILE C 7 -19.29 -59.14 6.73
C ILE C 7 -18.60 -58.06 7.61
N PRO C 8 -19.00 -57.89 8.92
CA PRO C 8 -18.25 -56.92 9.78
C PRO C 8 -16.77 -57.27 9.91
N ILE C 9 -15.90 -56.27 9.95
CA ILE C 9 -14.44 -56.54 10.05
C ILE C 9 -14.23 -56.83 11.54
N PRO C 10 -13.54 -57.93 11.90
CA PRO C 10 -13.38 -58.19 13.34
C PRO C 10 -12.55 -57.11 14.04
N ALA C 11 -13.17 -56.39 14.93
CA ALA C 11 -12.61 -55.19 15.52
C ALA C 11 -11.30 -55.39 16.23
N ASP C 12 -11.09 -56.55 16.82
CA ASP C 12 -9.91 -56.79 17.67
C ASP C 12 -8.84 -57.62 17.00
N SER C 13 -9.13 -58.19 15.86
CA SER C 13 -8.20 -59.13 15.26
C SER C 13 -7.95 -58.87 13.77
N TYR C 14 -8.49 -57.78 13.22
CA TYR C 14 -8.40 -57.61 11.78
C TYR C 14 -6.95 -57.42 11.38
N THR C 15 -6.67 -57.73 10.14
CA THR C 15 -5.37 -57.52 9.58
C THR C 15 -5.46 -56.33 8.62
N LEU C 16 -4.36 -55.60 8.58
CA LEU C 16 -4.28 -54.36 7.87
C LEU C 16 -3.18 -54.50 6.81
N GLY C 17 -3.50 -54.10 5.58
CA GLY C 17 -2.52 -54.13 4.50
C GLY C 17 -2.32 -52.77 3.90
N PHE C 18 -1.08 -52.38 3.70
CA PHE C 18 -0.74 -51.13 3.09
C PHE C 18 -0.29 -51.38 1.68
N ILE C 19 -1.03 -50.83 0.75
CA ILE C 19 -0.62 -50.74 -0.63
C ILE C 19 -0.06 -49.36 -0.82
N GLY C 20 1.25 -49.29 -1.02
CA GLY C 20 1.98 -48.04 -0.94
C GLY C 20 2.64 -48.05 0.44
N ALA C 21 3.97 -47.91 0.45
CA ALA C 21 4.76 -48.03 1.67
C ALA C 21 5.48 -46.72 1.98
N GLY C 22 4.84 -45.60 1.64
CA GLY C 22 5.41 -44.30 1.86
C GLY C 22 5.36 -43.89 3.30
N LYS C 23 5.58 -42.62 3.49
CA LYS C 23 5.70 -42.08 4.83
C LYS C 23 4.42 -42.19 5.56
N MET C 24 3.32 -41.93 4.87
CA MET C 24 2.07 -41.91 5.56
C MET C 24 1.74 -43.31 6.05
N ALA C 25 1.93 -44.28 5.18
CA ALA C 25 1.71 -45.67 5.60
C ALA C 25 2.55 -46.05 6.82
N GLU C 26 3.83 -45.66 6.80
CA GLU C 26 4.69 -45.88 7.94
C GLU C 26 4.17 -45.18 9.20
N SER C 27 3.70 -43.94 9.05
CA SER C 27 3.18 -43.22 10.24
C SER C 27 1.98 -43.95 10.82
N ILE C 28 1.11 -44.43 9.92
CA ILE C 28 -0.10 -45.08 10.38
C ILE C 28 0.27 -46.38 11.08
N ALA C 29 1.17 -47.13 10.46
CA ALA C 29 1.59 -48.40 11.01
C ALA C 29 2.22 -48.16 12.39
N LYS C 30 3.14 -47.22 12.47
CA LYS C 30 3.81 -46.93 13.74
C LYS C 30 2.81 -46.49 14.82
N GLY C 31 1.90 -45.58 14.42
CA GLY C 31 0.91 -45.13 15.36
C GLY C 31 0.03 -46.22 15.87
N ALA C 32 -0.38 -47.09 14.98
CA ALA C 32 -1.33 -48.11 15.36
C ALA C 32 -0.66 -49.11 16.27
N VAL C 33 0.59 -49.41 15.97
CA VAL C 33 1.37 -50.32 16.82
C VAL C 33 1.59 -49.68 18.19
N ARG C 34 2.12 -48.47 18.18
CA ARG C 34 2.44 -47.77 19.43
C ARG C 34 1.22 -47.66 20.34
N SER C 35 0.06 -47.45 19.77
CA SER C 35 -1.16 -47.25 20.56
C SER C 35 -1.85 -48.55 20.91
N GLY C 36 -1.30 -49.65 20.45
CA GLY C 36 -1.93 -50.93 20.72
C GLY C 36 -3.16 -51.26 19.88
N VAL C 37 -3.51 -50.43 18.91
CA VAL C 37 -4.64 -50.74 18.04
C VAL C 37 -4.36 -51.99 17.22
N LEU C 38 -3.11 -52.09 16.75
CA LEU C 38 -2.59 -53.22 15.98
C LEU C 38 -1.26 -53.71 16.50
N SER C 39 -0.96 -54.97 16.36
CA SER C 39 0.40 -55.45 16.55
C SER C 39 1.08 -55.51 15.18
N PRO C 40 2.42 -55.50 15.14
CA PRO C 40 3.10 -55.62 13.83
C PRO C 40 2.80 -56.87 13.05
N SER C 41 2.50 -57.96 13.73
CA SER C 41 2.16 -59.19 13.02
C SER C 41 0.86 -59.09 12.20
N ARG C 42 -0.01 -58.14 12.55
CA ARG C 42 -1.28 -58.02 11.87
C ARG C 42 -1.22 -57.02 10.72
N ILE C 43 -0.03 -56.52 10.40
CA ILE C 43 0.15 -55.53 9.38
C ILE C 43 1.08 -56.13 8.30
N LYS C 44 0.72 -55.87 7.05
CA LYS C 44 1.59 -56.25 5.90
C LYS C 44 1.67 -55.12 4.95
N THR C 45 2.78 -55.03 4.24
CA THR C 45 2.93 -54.09 3.14
C THR C 45 3.75 -54.75 2.05
N ALA C 46 3.91 -54.07 0.93
CA ALA C 46 4.72 -54.59 -0.15
C ALA C 46 5.43 -53.41 -0.77
N ILE C 47 6.54 -53.61 -1.47
CA ILE C 47 7.23 -52.47 -2.08
C ILE C 47 6.76 -52.17 -3.51
N HIS C 48 5.82 -51.23 -3.64
CA HIS C 48 5.27 -50.84 -4.93
C HIS C 48 6.18 -50.05 -5.90
N SER C 49 6.84 -49.01 -5.42
CA SER C 49 7.68 -48.19 -6.29
C SER C 49 9.06 -47.82 -5.73
N ASN C 50 9.29 -48.15 -4.48
CA ASN C 50 10.41 -47.61 -3.72
C ASN C 50 11.07 -48.52 -2.70
N PRO C 51 11.93 -49.46 -3.11
CA PRO C 51 12.46 -50.41 -2.10
C PRO C 51 13.25 -49.74 -0.93
N ALA C 52 13.63 -48.48 -1.09
CA ALA C 52 14.26 -47.69 0.04
C ALA C 52 13.40 -47.60 1.35
N ARG C 53 12.13 -47.96 1.15
CA ARG C 53 11.07 -47.95 2.19
C ARG C 53 11.01 -49.19 3.06
N ARG C 54 11.76 -50.20 2.67
CA ARG C 54 11.71 -51.44 3.43
C ARG C 54 12.05 -51.28 4.93
N THR C 55 13.11 -50.53 5.21
CA THR C 55 13.62 -50.45 6.59
C THR C 55 12.54 -49.82 7.49
N ALA C 56 11.88 -48.81 6.94
CA ALA C 56 10.87 -48.14 7.72
C ALA C 56 9.91 -49.18 8.32
N PHE C 57 9.66 -50.29 7.58
CA PHE C 57 8.65 -51.35 7.98
C PHE C 57 9.22 -52.51 8.74
N GLU C 58 10.29 -53.04 8.18
CA GLU C 58 10.96 -54.15 8.82
C GLU C 58 11.55 -53.76 10.19
N SER C 59 12.01 -52.51 10.33
CA SER C 59 12.52 -52.03 11.60
C SER C 59 11.47 -51.93 12.71
N ILE C 60 10.19 -51.97 12.36
CA ILE C 60 9.15 -51.97 13.40
C ILE C 60 8.40 -53.29 13.48
N GLY C 61 8.98 -54.31 12.83
CA GLY C 61 8.50 -55.69 13.02
C GLY C 61 7.51 -56.14 11.96
N ILE C 62 7.32 -55.31 10.93
CA ILE C 62 6.26 -55.60 9.94
C ILE C 62 6.84 -56.37 8.79
N THR C 63 6.10 -57.37 8.38
CA THR C 63 6.43 -58.18 7.20
C THR C 63 6.16 -57.45 5.89
N VAL C 64 7.21 -57.39 5.06
CA VAL C 64 7.13 -56.84 3.73
C VAL C 64 6.94 -58.02 2.77
N LEU C 65 5.82 -58.08 2.08
CA LEU C 65 5.55 -59.11 1.08
C LEU C 65 5.99 -58.63 -0.30
N SER C 66 6.05 -59.57 -1.24
CA SER C 66 6.67 -59.26 -2.56
C SER C 66 5.64 -58.75 -3.54
N SER C 67 4.35 -58.89 -3.24
CA SER C 67 3.33 -58.34 -4.14
C SER C 67 2.14 -57.67 -3.43
N ASN C 68 1.54 -56.72 -4.10
CA ASN C 68 0.32 -56.10 -3.62
C ASN C 68 -0.75 -57.16 -3.52
N ASP C 69 -0.78 -58.09 -4.47
CA ASP C 69 -1.80 -59.14 -4.46
C ASP C 69 -1.84 -59.86 -3.12
N ASP C 70 -0.66 -60.24 -2.64
CA ASP C 70 -0.58 -60.98 -1.39
C ASP C 70 -0.97 -60.13 -0.18
N VAL C 71 -0.62 -58.85 -0.22
CA VAL C 71 -0.99 -57.95 0.84
C VAL C 71 -2.55 -57.95 0.89
N VAL C 72 -3.19 -57.82 -0.25
CA VAL C 72 -4.66 -57.76 -0.27
C VAL C 72 -5.26 -59.05 0.23
N ARG C 73 -4.79 -60.17 -0.32
CA ARG C 73 -5.35 -61.45 0.12
C ARG C 73 -5.30 -61.65 1.62
N ASP C 74 -4.20 -61.25 2.23
CA ASP C 74 -3.97 -61.45 3.67
C ASP C 74 -4.62 -60.39 4.56
N SER C 75 -5.28 -59.39 3.96
CA SER C 75 -5.76 -58.22 4.73
C SER C 75 -7.26 -58.10 4.73
N ASN C 76 -7.83 -57.80 5.90
CA ASN C 76 -9.25 -57.44 6.02
C ASN C 76 -9.49 -55.97 5.65
N VAL C 77 -8.50 -55.16 5.93
CA VAL C 77 -8.61 -53.71 5.70
C VAL C 77 -7.41 -53.42 4.84
N VAL C 78 -7.66 -52.71 3.76
CA VAL C 78 -6.58 -52.34 2.86
C VAL C 78 -6.48 -50.83 2.73
N VAL C 79 -5.29 -50.27 2.99
CA VAL C 79 -5.07 -48.86 2.91
C VAL C 79 -4.23 -48.59 1.69
N PHE C 80 -4.80 -47.81 0.80
CA PHE C 80 -4.06 -47.32 -0.39
C PHE C 80 -3.43 -46.00 -0.13
N SER C 81 -2.09 -45.94 -0.27
CA SER C 81 -1.41 -44.65 -0.08
C SER C 81 -0.39 -44.39 -1.19
N VAL C 82 -0.61 -45.01 -2.33
CA VAL C 82 0.28 -44.73 -3.47
C VAL C 82 -0.01 -43.33 -3.97
N LYS C 83 0.92 -42.83 -4.76
CA LYS C 83 0.79 -41.50 -5.27
C LYS C 83 -0.54 -41.42 -6.02
N PRO C 84 -1.28 -40.32 -5.85
CA PRO C 84 -2.63 -40.26 -6.39
C PRO C 84 -2.75 -40.63 -7.88
N GLN C 85 -1.75 -40.19 -8.65
CA GLN C 85 -1.68 -40.43 -10.11
C GLN C 85 -1.55 -41.92 -10.45
N LEU C 86 -1.10 -42.73 -9.51
CA LEU C 86 -0.89 -44.17 -9.73
C LEU C 86 -2.04 -45.01 -9.19
N LEU C 87 -2.94 -44.38 -8.43
CA LEU C 87 -3.91 -45.16 -7.68
C LEU C 87 -4.90 -45.93 -8.57
N LYS C 88 -5.38 -45.28 -9.61
CA LYS C 88 -6.39 -45.91 -10.45
C LYS C 88 -5.91 -47.24 -11.01
N ASP C 89 -4.71 -47.23 -11.57
CA ASP C 89 -4.16 -48.46 -12.18
C ASP C 89 -3.86 -49.53 -11.14
N VAL C 90 -3.40 -49.11 -9.98
CA VAL C 90 -3.16 -50.05 -8.89
C VAL C 90 -4.46 -50.73 -8.44
N VAL C 91 -5.53 -49.93 -8.26
CA VAL C 91 -6.83 -50.52 -7.88
C VAL C 91 -7.36 -51.46 -8.99
N LEU C 92 -7.29 -51.00 -10.24
CA LEU C 92 -7.79 -51.81 -11.37
C LEU C 92 -7.08 -53.16 -11.43
N LYS C 93 -5.76 -53.15 -11.26
CA LYS C 93 -4.98 -54.42 -11.25
C LYS C 93 -5.39 -55.32 -10.10
N LEU C 94 -5.76 -54.75 -8.94
CA LEU C 94 -6.10 -55.55 -7.77
C LEU C 94 -7.55 -55.96 -7.75
N LYS C 95 -8.33 -55.48 -8.68
CA LYS C 95 -9.75 -55.53 -8.55
C LYS C 95 -10.35 -56.87 -8.21
N PRO C 96 -9.92 -57.96 -8.91
CA PRO C 96 -10.50 -59.27 -8.65
C PRO C 96 -10.35 -59.70 -7.18
N LEU C 97 -9.33 -59.18 -6.51
CA LEU C 97 -9.06 -59.50 -5.12
C LEU C 97 -9.81 -58.59 -4.13
N LEU C 98 -10.42 -57.53 -4.64
CA LEU C 98 -11.08 -56.51 -3.77
C LEU C 98 -12.53 -56.90 -3.50
N THR C 99 -12.69 -58.00 -2.79
CA THR C 99 -13.98 -58.53 -2.50
C THR C 99 -14.65 -57.70 -1.42
N LYS C 100 -15.97 -57.74 -1.38
CA LYS C 100 -16.78 -56.86 -0.54
C LYS C 100 -16.65 -57.11 0.94
N ASP C 101 -16.00 -58.20 1.30
CA ASP C 101 -15.68 -58.47 2.68
C ASP C 101 -14.43 -57.69 3.18
N LYS C 102 -13.72 -57.02 2.29
CA LYS C 102 -12.53 -56.27 2.66
C LYS C 102 -12.90 -54.75 2.62
N LEU C 103 -12.62 -54.06 3.72
CA LEU C 103 -12.79 -52.60 3.78
C LEU C 103 -11.61 -51.94 3.11
N LEU C 104 -11.90 -51.09 2.13
CA LEU C 104 -10.88 -50.35 1.47
C LEU C 104 -10.82 -48.90 2.00
N VAL C 105 -9.61 -48.40 2.07
CA VAL C 105 -9.35 -47.06 2.55
C VAL C 105 -8.38 -46.37 1.62
N SER C 106 -8.65 -45.13 1.28
CA SER C 106 -7.70 -44.38 0.51
C SER C 106 -7.26 -43.15 1.30
N VAL C 107 -5.99 -42.93 1.34
CA VAL C 107 -5.42 -41.68 1.86
C VAL C 107 -4.85 -40.83 0.75
N ALA C 108 -5.12 -41.20 -0.49
CA ALA C 108 -4.63 -40.40 -1.65
C ALA C 108 -5.23 -39.02 -1.70
N ALA C 109 -4.36 -38.00 -1.77
CA ALA C 109 -4.83 -36.63 -1.86
C ALA C 109 -5.59 -36.45 -3.19
N GLY C 110 -6.70 -35.77 -3.08
CA GLY C 110 -7.46 -35.32 -4.22
C GLY C 110 -8.29 -36.39 -4.95
N ILE C 111 -8.28 -37.64 -4.52
CA ILE C 111 -9.09 -38.68 -5.23
C ILE C 111 -10.45 -38.86 -4.56
N LYS C 112 -11.51 -38.57 -5.29
CA LYS C 112 -12.85 -38.51 -4.75
C LYS C 112 -13.43 -39.86 -4.54
N MET C 113 -14.38 -39.91 -3.64
CA MET C 113 -15.04 -41.19 -3.31
C MET C 113 -15.73 -41.79 -4.51
N LYS C 114 -16.37 -40.95 -5.31
CA LYS C 114 -17.08 -41.49 -6.50
C LYS C 114 -16.15 -42.30 -7.39
N ASP C 115 -14.93 -41.80 -7.56
CA ASP C 115 -13.88 -42.52 -8.35
C ASP C 115 -13.35 -43.76 -7.68
N LEU C 116 -13.06 -43.66 -6.39
CA LEU C 116 -12.60 -44.83 -5.65
C LEU C 116 -13.58 -46.03 -5.83
N GLN C 117 -14.86 -45.74 -5.63
CA GLN C 117 -15.89 -46.76 -5.71
C GLN C 117 -16.04 -47.36 -7.11
N GLU C 118 -15.94 -46.51 -8.13
CA GLU C 118 -15.97 -46.99 -9.53
C GLU C 118 -14.79 -47.88 -9.82
N TRP C 119 -13.59 -47.49 -9.39
CA TRP C 119 -12.41 -48.31 -9.68
C TRP C 119 -12.45 -49.66 -8.97
N ALA C 120 -12.87 -49.65 -7.72
CA ALA C 120 -12.91 -50.89 -6.95
C ALA C 120 -14.09 -51.78 -7.32
N GLY C 121 -15.14 -51.18 -7.86
CA GLY C 121 -16.34 -51.91 -8.22
C GLY C 121 -17.27 -52.15 -7.07
N HIS C 122 -17.02 -51.51 -5.93
CA HIS C 122 -17.98 -51.61 -4.82
C HIS C 122 -17.80 -50.35 -3.96
N GLU C 123 -18.66 -50.19 -2.97
CA GLU C 123 -18.76 -48.97 -2.22
C GLU C 123 -18.32 -49.10 -0.76
N ARG C 124 -17.65 -50.18 -0.44
CA ARG C 124 -17.16 -50.42 0.89
C ARG C 124 -15.76 -49.81 1.01
N PHE C 125 -15.82 -48.47 1.04
CA PHE C 125 -14.62 -47.68 0.85
C PHE C 125 -14.74 -46.48 1.79
N ILE C 126 -13.63 -46.13 2.42
CA ILE C 126 -13.50 -44.92 3.21
C ILE C 126 -12.35 -44.11 2.71
N ARG C 127 -12.53 -42.82 2.59
CA ARG C 127 -11.47 -41.91 2.18
C ARG C 127 -11.04 -41.16 3.42
N VAL C 128 -9.75 -41.01 3.57
CA VAL C 128 -9.22 -40.22 4.66
C VAL C 128 -8.19 -39.27 4.10
N MET C 129 -8.21 -38.06 4.62
N MET C 129 -8.21 -38.07 4.63
CA MET C 129 -7.21 -37.07 4.28
CA MET C 129 -7.23 -37.12 4.30
C MET C 129 -6.50 -36.68 5.58
C MET C 129 -6.50 -36.70 5.59
N PRO C 130 -5.34 -37.27 5.81
CA PRO C 130 -4.51 -36.97 6.98
C PRO C 130 -3.65 -35.78 6.60
N ASN C 131 -2.80 -35.33 7.51
CA ASN C 131 -1.83 -34.30 7.14
C ASN C 131 -0.51 -34.71 7.63
N THR C 132 0.45 -33.83 7.42
CA THR C 132 1.84 -34.18 7.61
C THR C 132 2.25 -34.49 9.08
N ALA C 133 1.49 -34.01 10.04
CA ALA C 133 1.77 -34.16 11.44
C ALA C 133 1.47 -35.57 11.93
N ALA C 134 0.94 -36.43 11.06
CA ALA C 134 0.89 -37.84 11.32
C ALA C 134 2.25 -38.40 11.79
N THR C 135 3.34 -37.87 11.31
CA THR C 135 4.71 -38.31 11.73
C THR C 135 4.92 -38.19 13.25
N VAL C 136 4.26 -37.20 13.90
CA VAL C 136 4.40 -37.01 15.36
C VAL C 136 3.09 -37.31 16.11
N GLY C 137 2.18 -38.01 15.45
CA GLY C 137 0.92 -38.37 16.09
C GLY C 137 -0.01 -37.28 16.36
N GLU C 138 0.12 -36.18 15.59
CA GLU C 138 -0.75 -35.05 15.72
C GLU C 138 -1.41 -34.62 14.40
N ALA C 139 -1.71 -35.63 13.58
CA ALA C 139 -2.43 -35.33 12.35
C ALA C 139 -3.78 -34.72 12.64
N ALA C 140 -4.21 -33.88 11.72
CA ALA C 140 -5.62 -33.45 11.63
C ALA C 140 -6.13 -34.24 10.40
N SER C 141 -7.01 -35.21 10.62
CA SER C 141 -7.51 -36.04 9.55
C SER C 141 -8.99 -35.91 9.41
N VAL C 142 -9.49 -36.10 8.21
CA VAL C 142 -10.93 -36.16 8.01
C VAL C 142 -11.27 -37.39 7.17
N MET C 143 -12.41 -38.02 7.49
CA MET C 143 -12.81 -39.19 6.76
C MET C 143 -14.19 -38.97 6.11
N SER C 144 -14.36 -39.59 4.93
CA SER C 144 -15.65 -39.61 4.25
C SER C 144 -15.96 -41.04 3.89
N LEU C 145 -17.25 -41.34 3.92
CA LEU C 145 -17.65 -42.75 3.81
C LEU C 145 -18.23 -43.05 2.48
N GLY C 146 -17.86 -44.17 1.93
CA GLY C 146 -18.51 -44.67 0.71
C GLY C 146 -19.89 -45.17 1.01
N GLY C 147 -20.65 -45.47 -0.03
CA GLY C 147 -22.05 -45.86 0.13
C GLY C 147 -22.29 -47.14 0.89
N ALA C 148 -21.30 -48.04 0.98
CA ALA C 148 -21.49 -49.30 1.72
C ALA C 148 -20.65 -49.43 2.97
N ALA C 149 -19.93 -48.35 3.32
CA ALA C 149 -19.12 -48.40 4.52
C ALA C 149 -20.03 -48.28 5.71
N THR C 150 -19.88 -49.21 6.63
CA THR C 150 -20.83 -49.28 7.75
C THR C 150 -20.37 -48.41 8.87
N GLU C 151 -21.25 -48.19 9.84
CA GLU C 151 -20.86 -47.40 11.01
C GLU C 151 -19.66 -48.10 11.74
N GLU C 152 -19.64 -49.43 11.73
CA GLU C 152 -18.60 -50.20 12.37
C GLU C 152 -17.25 -50.04 11.58
N ASP C 153 -17.34 -50.00 10.25
CA ASP C 153 -16.16 -49.67 9.42
C ASP C 153 -15.61 -48.28 9.83
N ALA C 154 -16.52 -47.30 9.92
CA ALA C 154 -16.14 -45.91 10.27
C ALA C 154 -15.45 -45.89 11.63
N ASN C 155 -15.98 -46.67 12.58
CA ASN C 155 -15.38 -46.70 13.91
C ASN C 155 -14.03 -47.32 13.89
N LEU C 156 -13.87 -48.36 13.06
CA LEU C 156 -12.58 -49.02 12.94
C LEU C 156 -11.51 -48.01 12.41
N ILE C 157 -11.91 -47.28 11.39
CA ILE C 157 -11.00 -46.27 10.78
C ILE C 157 -10.78 -45.08 11.71
N SER C 158 -11.81 -44.65 12.46
CA SER C 158 -11.61 -43.62 13.50
C SER C 158 -10.60 -44.03 14.52
N GLN C 159 -10.67 -45.29 14.93
CA GLN C 159 -9.68 -45.76 15.90
C GLN C 159 -8.28 -45.82 15.30
N LEU C 160 -8.20 -46.26 14.07
CA LEU C 160 -6.93 -46.35 13.39
C LEU C 160 -6.29 -45.00 13.21
N PHE C 161 -7.02 -44.04 12.66
CA PHE C 161 -6.45 -42.74 12.46
C PHE C 161 -6.40 -41.88 13.72
N GLY C 162 -7.18 -42.24 14.75
CA GLY C 162 -7.00 -41.69 16.08
C GLY C 162 -5.62 -42.00 16.69
N SER C 163 -4.96 -43.01 16.17
N SER C 163 -4.96 -43.01 16.17
CA SER C 163 -3.62 -43.36 16.61
CA SER C 163 -3.62 -43.39 16.57
C SER C 163 -2.55 -42.45 16.07
C SER C 163 -2.56 -42.45 16.07
N ILE C 164 -2.87 -41.62 15.07
CA ILE C 164 -1.88 -40.71 14.50
C ILE C 164 -2.27 -39.22 14.68
N GLY C 165 -3.37 -38.98 15.40
CA GLY C 165 -3.86 -37.68 15.60
C GLY C 165 -5.30 -37.66 15.88
N LYS C 166 -5.96 -36.63 15.39
CA LYS C 166 -7.41 -36.45 15.58
C LYS C 166 -8.06 -36.74 14.24
N ILE C 167 -9.28 -37.20 14.28
CA ILE C 167 -10.00 -37.53 13.05
C ILE C 167 -11.46 -37.15 13.17
N TRP C 168 -11.96 -36.45 12.15
CA TRP C 168 -13.31 -35.97 12.08
C TRP C 168 -13.95 -36.53 10.82
N LYS C 169 -15.29 -36.55 10.79
CA LYS C 169 -16.02 -37.01 9.64
C LYS C 169 -16.46 -35.81 8.86
N ALA C 170 -16.40 -35.91 7.56
CA ALA C 170 -16.94 -34.87 6.71
C ALA C 170 -17.33 -35.42 5.37
N ASP C 171 -18.29 -34.72 4.76
N ASP C 171 -18.28 -34.73 4.75
CA ASP C 171 -18.77 -35.07 3.45
CA ASP C 171 -18.73 -35.10 3.44
C ASP C 171 -17.62 -34.91 2.46
C ASP C 171 -17.59 -34.93 2.47
N ASP C 172 -17.58 -35.79 1.48
CA ASP C 172 -16.51 -35.79 0.47
C ASP C 172 -16.45 -34.45 -0.23
N LYS C 173 -17.54 -33.73 -0.33
CA LYS C 173 -17.51 -32.46 -1.06
C LYS C 173 -16.62 -31.39 -0.40
N TYR C 174 -16.31 -31.59 0.88
CA TYR C 174 -15.52 -30.60 1.64
C TYR C 174 -14.04 -30.82 1.46
N PHE C 175 -13.63 -31.87 0.79
CA PHE C 175 -12.23 -32.30 0.87
C PHE C 175 -11.28 -31.32 0.16
N ASP C 176 -11.70 -30.60 -0.87
CA ASP C 176 -10.82 -29.42 -1.34
C ASP C 176 -10.52 -28.33 -0.37
N ALA C 177 -11.51 -27.87 0.31
CA ALA C 177 -11.30 -26.91 1.33
C ALA C 177 -10.44 -27.47 2.49
N ILE C 178 -10.71 -28.71 2.86
CA ILE C 178 -10.00 -29.26 3.95
C ILE C 178 -8.53 -29.27 3.55
N THR C 179 -8.27 -29.60 2.30
CA THR C 179 -6.90 -29.67 1.81
C THR C 179 -6.18 -28.33 2.01
N GLY C 180 -6.91 -27.23 1.76
CA GLY C 180 -6.35 -25.95 1.93
C GLY C 180 -6.07 -25.51 3.35
N LEU C 181 -6.79 -26.10 4.29
CA LEU C 181 -6.72 -25.77 5.68
C LEU C 181 -5.78 -26.77 6.41
N SER C 182 -6.21 -28.01 6.58
CA SER C 182 -5.35 -28.97 7.32
C SER C 182 -4.28 -29.59 6.52
N GLY C 183 -4.47 -29.74 5.23
CA GLY C 183 -3.43 -30.29 4.42
C GLY C 183 -2.30 -29.34 4.21
N SER C 184 -2.61 -28.08 3.85
CA SER C 184 -1.63 -27.08 3.57
C SER C 184 -1.22 -26.25 4.70
N GLY C 185 -2.14 -26.09 5.68
CA GLY C 185 -1.90 -25.28 6.81
C GLY C 185 -0.58 -25.43 7.54
N PRO C 186 -0.04 -26.66 7.63
CA PRO C 186 1.20 -26.75 8.37
C PRO C 186 2.26 -25.88 7.81
N ALA C 187 2.32 -25.71 6.48
CA ALA C 187 3.30 -24.84 5.94
C ALA C 187 3.13 -23.38 6.36
N TYR C 188 1.90 -22.94 6.52
CA TYR C 188 1.66 -21.60 6.97
C TYR C 188 2.26 -21.40 8.36
N ILE C 189 2.12 -22.42 9.18
CA ILE C 189 2.64 -22.37 10.55
C ILE C 189 4.16 -22.53 10.59
N TYR C 190 4.77 -23.25 9.66
CA TYR C 190 6.20 -23.26 9.56
C TYR C 190 6.76 -21.92 9.23
N LEU C 191 6.12 -21.20 8.30
CA LEU C 191 6.47 -19.79 8.08
C LEU C 191 6.33 -18.97 9.30
N ALA C 192 5.20 -19.13 10.00
CA ALA C 192 4.93 -18.33 11.20
C ALA C 192 5.99 -18.55 12.25
N ILE C 193 6.36 -19.83 12.47
CA ILE C 193 7.42 -20.18 13.44
C ILE C 193 8.72 -19.52 13.08
N GLU C 194 9.11 -19.56 11.81
CA GLU C 194 10.33 -18.98 11.46
C GLU C 194 10.28 -17.48 11.65
N ALA C 195 9.16 -16.89 11.26
CA ALA C 195 9.01 -15.48 11.40
C ALA C 195 9.01 -15.02 12.82
N LEU C 196 8.39 -15.74 13.70
CA LEU C 196 8.43 -15.40 15.10
C LEU C 196 9.84 -15.48 15.64
N ALA C 197 10.55 -16.53 15.21
CA ALA C 197 11.96 -16.63 15.62
C ALA C 197 12.79 -15.45 15.09
N ASP C 198 12.65 -15.14 13.83
CA ASP C 198 13.28 -13.96 13.27
C ASP C 198 12.93 -12.67 13.98
N GLY C 199 11.65 -12.58 14.45
CA GLY C 199 11.21 -11.43 15.17
C GLY C 199 11.92 -11.37 16.55
N GLY C 200 12.05 -12.52 17.18
CA GLY C 200 12.76 -12.58 18.42
C GLY C 200 14.20 -12.11 18.27
N VAL C 201 14.88 -12.60 17.25
CA VAL C 201 16.26 -12.17 16.95
C VAL C 201 16.31 -10.70 16.69
N ALA C 202 15.31 -10.20 15.95
CA ALA C 202 15.24 -8.77 15.68
C ALA C 202 15.14 -7.96 16.96
N ALA C 203 14.43 -8.51 17.94
CA ALA C 203 14.27 -7.88 19.26
C ALA C 203 15.43 -8.13 20.16
N GLY C 204 16.43 -8.83 19.72
CA GLY C 204 17.66 -9.05 20.52
C GLY C 204 17.93 -10.40 21.09
N LEU C 205 17.08 -11.38 20.79
CA LEU C 205 17.26 -12.72 21.29
C LEU C 205 18.25 -13.57 20.53
N PRO C 206 18.95 -14.45 21.24
CA PRO C 206 19.81 -15.45 20.57
C PRO C 206 18.87 -16.30 19.68
N ARG C 207 19.41 -16.71 18.55
CA ARG C 207 18.65 -17.53 17.58
C ARG C 207 18.14 -18.84 18.09
N ASP C 208 18.97 -19.61 18.80
N ASP C 208 18.97 -19.59 18.82
CA ASP C 208 18.48 -20.91 19.23
CA ASP C 208 18.49 -20.86 19.31
C ASP C 208 17.31 -20.76 20.23
C ASP C 208 17.31 -20.74 20.24
N LEU C 209 17.42 -19.79 21.17
CA LEU C 209 16.36 -19.53 22.08
C LEU C 209 15.11 -19.04 21.32
N ALA C 210 15.33 -18.14 20.38
CA ALA C 210 14.18 -17.56 19.65
C ALA C 210 13.42 -18.67 18.97
N LEU C 211 14.11 -19.60 18.31
CA LEU C 211 13.44 -20.66 17.58
C LEU C 211 12.77 -21.64 18.53
N SER C 212 13.46 -22.04 19.64
CA SER C 212 12.86 -22.83 20.65
C SER C 212 11.59 -22.26 21.19
N LEU C 213 11.66 -20.98 21.55
CA LEU C 213 10.52 -20.27 22.10
C LEU C 213 9.39 -20.18 21.09
N ALA C 214 9.74 -19.87 19.86
CA ALA C 214 8.72 -19.72 18.82
C ALA C 214 7.92 -21.01 18.66
N SER C 215 8.64 -22.14 18.52
CA SER C 215 7.95 -23.41 18.31
C SER C 215 7.09 -23.81 19.48
N GLN C 216 7.63 -23.64 20.67
CA GLN C 216 6.87 -24.01 21.85
C GLN C 216 5.72 -23.09 22.12
N THR C 217 5.88 -21.82 21.81
CA THR C 217 4.79 -20.83 21.99
C THR C 217 3.65 -21.25 21.13
N VAL C 218 3.94 -21.56 19.85
CA VAL C 218 2.87 -21.96 18.94
C VAL C 218 2.19 -23.25 19.44
N LEU C 219 3.02 -24.21 19.84
CA LEU C 219 2.49 -25.50 20.37
C LEU C 219 1.55 -25.23 21.55
N GLY C 220 2.02 -24.41 22.48
CA GLY C 220 1.22 -24.13 23.67
C GLY C 220 -0.04 -23.45 23.41
N ALA C 221 0.01 -22.47 22.52
CA ALA C 221 -1.24 -21.77 22.15
C ALA C 221 -2.22 -22.71 21.49
N ALA C 222 -1.74 -23.55 20.57
CA ALA C 222 -2.60 -24.49 19.89
C ALA C 222 -3.20 -25.48 20.87
N SER C 223 -2.38 -25.87 21.81
CA SER C 223 -2.87 -26.76 22.88
C SER C 223 -3.90 -26.14 23.77
N MET C 224 -3.74 -24.85 24.07
CA MET C 224 -4.80 -24.12 24.78
C MET C 224 -6.08 -24.11 23.99
N ALA C 225 -5.97 -23.87 22.69
CA ALA C 225 -7.11 -23.83 21.84
C ALA C 225 -7.76 -25.19 21.77
N THR C 226 -6.99 -26.22 21.66
CA THR C 226 -7.61 -27.55 21.46
C THR C 226 -8.26 -28.03 22.75
N GLN C 227 -7.71 -27.67 23.88
CA GLN C 227 -8.19 -28.21 25.17
C GLN C 227 -9.11 -27.35 25.93
N SER C 228 -9.14 -26.06 25.68
CA SER C 228 -9.85 -25.12 26.58
C SER C 228 -11.35 -25.05 26.41
N GLY C 229 -11.84 -25.49 25.28
N GLY C 229 -11.84 -25.47 25.26
CA GLY C 229 -13.24 -25.30 24.98
CA GLY C 229 -13.22 -25.25 24.83
C GLY C 229 -13.60 -23.84 24.68
C GLY C 229 -13.35 -24.00 23.93
N LYS C 230 -12.59 -22.99 24.36
CA LYS C 230 -12.96 -21.56 24.28
C LYS C 230 -12.84 -21.12 22.86
N HIS C 231 -13.65 -20.13 22.49
CA HIS C 231 -13.49 -19.50 21.20
C HIS C 231 -12.11 -18.77 21.17
N PRO C 232 -11.41 -18.85 20.01
CA PRO C 232 -10.10 -18.18 19.97
C PRO C 232 -10.16 -16.72 20.32
N GLY C 233 -11.24 -16.01 20.06
CA GLY C 233 -11.36 -14.64 20.48
C GLY C 233 -11.36 -14.47 21.97
N GLN C 234 -11.95 -15.43 22.68
N GLN C 234 -11.96 -15.43 22.67
CA GLN C 234 -11.92 -15.46 24.14
CA GLN C 234 -11.91 -15.42 24.13
C GLN C 234 -10.52 -15.71 24.64
C GLN C 234 -10.52 -15.70 24.63
N LEU C 235 -9.80 -16.63 23.99
CA LEU C 235 -8.42 -16.88 24.37
C LEU C 235 -7.57 -15.63 24.18
N LYS C 236 -7.74 -14.97 23.02
CA LYS C 236 -7.08 -13.69 22.81
C LYS C 236 -7.41 -12.65 23.89
N ASP C 237 -8.68 -12.58 24.29
CA ASP C 237 -9.08 -11.66 25.37
C ASP C 237 -8.39 -12.00 26.69
N ASP C 238 -8.23 -13.29 26.94
CA ASP C 238 -7.61 -13.73 28.16
C ASP C 238 -6.22 -13.26 28.30
N VAL C 239 -5.49 -13.08 27.19
CA VAL C 239 -4.05 -12.75 27.29
C VAL C 239 -3.72 -11.31 26.94
N THR C 240 -4.70 -10.51 26.54
CA THR C 240 -4.42 -9.15 26.17
C THR C 240 -4.68 -8.19 27.34
N SER C 241 -3.73 -8.03 28.23
CA SER C 241 -3.92 -7.17 29.38
C SER C 241 -3.94 -5.69 28.89
N PRO C 242 -4.60 -4.80 29.59
CA PRO C 242 -4.81 -3.39 29.17
C PRO C 242 -3.50 -2.69 28.96
N GLY C 243 -3.35 -2.14 27.79
CA GLY C 243 -2.22 -1.40 27.38
C GLY C 243 -0.89 -2.19 27.46
N GLY C 244 -0.95 -3.50 27.46
CA GLY C 244 0.19 -4.32 27.66
C GLY C 244 0.96 -4.68 26.40
N THR C 245 1.90 -5.60 26.59
CA THR C 245 2.75 -6.00 25.48
C THR C 245 1.98 -6.78 24.44
N THR C 246 1.11 -7.65 24.90
CA THR C 246 0.35 -8.53 23.95
C THR C 246 -0.53 -7.75 23.04
N ILE C 247 -1.33 -6.82 23.62
CA ILE C 247 -2.18 -6.05 22.75
C ILE C 247 -1.42 -5.15 21.81
N ALA C 248 -0.22 -4.70 22.23
CA ALA C 248 0.63 -3.96 21.29
C ALA C 248 0.99 -4.85 20.09
N GLY C 249 1.35 -6.08 20.33
CA GLY C 249 1.66 -6.99 19.25
C GLY C 249 0.48 -7.33 18.38
N VAL C 250 -0.67 -7.56 19.04
CA VAL C 250 -1.89 -7.84 18.30
C VAL C 250 -2.27 -6.66 17.45
N HIS C 251 -2.12 -5.45 17.95
CA HIS C 251 -2.46 -4.26 17.20
C HIS C 251 -1.64 -4.24 15.91
N GLU C 252 -0.37 -4.61 16.01
CA GLU C 252 0.45 -4.66 14.81
C GLU C 252 -0.05 -5.66 13.78
N LEU C 253 -0.48 -6.82 14.24
CA LEU C 253 -1.06 -7.81 13.38
C LEU C 253 -2.34 -7.26 12.67
N GLU C 254 -3.19 -6.62 13.47
CA GLU C 254 -4.44 -6.11 12.93
C GLU C 254 -4.19 -4.93 11.98
N LYS C 255 -3.19 -4.09 12.27
CA LYS C 255 -2.88 -3.06 11.31
C LYS C 255 -2.57 -3.63 9.91
N ALA C 256 -1.90 -4.77 9.89
CA ALA C 256 -1.42 -5.39 8.69
C ALA C 256 -2.39 -6.28 8.02
N GLY C 257 -3.57 -6.49 8.65
CA GLY C 257 -4.50 -7.41 8.06
C GLY C 257 -4.12 -8.92 8.09
N PHE C 258 -3.44 -9.28 9.17
CA PHE C 258 -2.88 -10.64 9.43
C PHE C 258 -3.95 -11.71 9.23
N ARG C 259 -5.15 -11.45 9.81
CA ARG C 259 -6.18 -12.47 9.66
C ARG C 259 -6.57 -12.69 8.26
N GLY C 260 -6.74 -11.62 7.49
CA GLY C 260 -7.11 -11.70 6.11
C GLY C 260 -6.08 -12.41 5.27
N ILE C 261 -4.84 -12.26 5.61
CA ILE C 261 -3.73 -12.92 4.88
C ILE C 261 -3.81 -14.41 5.03
N LEU C 262 -4.11 -14.90 6.26
CA LEU C 262 -4.32 -16.30 6.45
C LEU C 262 -5.58 -16.82 5.78
N MET C 263 -6.65 -16.03 5.79
CA MET C 263 -7.82 -16.42 5.03
C MET C 263 -7.48 -16.60 3.57
N ASN C 264 -6.77 -15.62 3.03
CA ASN C 264 -6.35 -15.65 1.64
C ASN C 264 -5.58 -16.92 1.34
N ALA C 265 -4.68 -17.31 2.23
CA ALA C 265 -3.92 -18.54 1.98
C ALA C 265 -4.77 -19.80 1.91
N VAL C 266 -5.70 -19.94 2.87
CA VAL C 266 -6.61 -21.07 2.88
C VAL C 266 -7.43 -21.07 1.62
N VAL C 267 -8.06 -19.94 1.27
CA VAL C 267 -8.85 -19.85 0.08
C VAL C 267 -8.05 -20.22 -1.20
N ALA C 268 -6.85 -19.69 -1.34
CA ALA C 268 -6.03 -19.98 -2.49
C ALA C 268 -5.64 -21.41 -2.58
N ALA C 269 -5.26 -22.00 -1.46
CA ALA C 269 -4.95 -23.39 -1.44
C ALA C 269 -6.15 -24.29 -1.82
N ALA C 270 -7.28 -23.97 -1.25
CA ALA C 270 -8.53 -24.68 -1.63
C ALA C 270 -8.93 -24.57 -3.07
N LYS C 271 -8.76 -23.41 -3.64
CA LYS C 271 -9.01 -23.23 -5.01
C LYS C 271 -8.05 -24.04 -5.88
N ARG C 272 -6.77 -24.05 -5.51
N ARG C 272 -6.77 -24.05 -5.51
CA ARG C 272 -5.80 -24.86 -6.22
CA ARG C 272 -5.79 -24.87 -6.23
C ARG C 272 -6.16 -26.34 -6.16
C ARG C 272 -6.16 -26.34 -6.16
N SER C 273 -6.62 -26.76 -5.00
CA SER C 273 -7.02 -28.16 -4.82
C SER C 273 -8.10 -28.50 -5.81
N GLN C 274 -9.07 -27.62 -5.92
CA GLN C 274 -10.20 -27.84 -6.85
C GLN C 274 -9.70 -27.88 -8.27
N GLU C 275 -8.73 -27.06 -8.59
CA GLU C 275 -8.20 -27.00 -9.94
C GLU C 275 -7.43 -28.22 -10.28
N LEU C 276 -6.82 -28.84 -9.31
CA LEU C 276 -5.97 -30.01 -9.53
C LEU C 276 -6.84 -31.26 -9.63
N SER C 277 -8.11 -31.06 -9.31
CA SER C 277 -9.30 -31.82 -9.70
C SER C 277 -10.00 -32.12 -8.39
N PRO D 8 22.85 -26.16 49.99
CA PRO D 8 22.05 -26.71 48.90
C PRO D 8 20.60 -27.02 49.31
N ILE D 9 19.64 -26.82 48.41
CA ILE D 9 18.25 -27.18 48.71
C ILE D 9 18.17 -28.71 48.56
N PRO D 10 17.63 -29.44 49.56
CA PRO D 10 17.56 -30.90 49.37
C PRO D 10 16.67 -31.30 48.17
N ALA D 11 17.31 -31.85 47.13
CA ALA D 11 16.66 -32.09 45.84
C ALA D 11 15.41 -32.95 45.91
N ASP D 12 15.37 -33.92 46.82
CA ASP D 12 14.28 -34.90 46.86
C ASP D 12 13.26 -34.63 47.94
N SER D 13 13.54 -33.70 48.83
CA SER D 13 12.67 -33.50 49.97
C SER D 13 12.33 -32.04 50.24
N TYR D 14 12.73 -31.13 49.36
CA TYR D 14 12.49 -29.73 49.66
C TYR D 14 11.02 -29.43 49.72
N THR D 15 10.69 -28.41 50.49
CA THR D 15 9.33 -27.91 50.56
C THR D 15 9.22 -26.62 49.76
N LEU D 16 8.05 -26.44 49.15
CA LEU D 16 7.80 -25.37 48.23
C LEU D 16 6.66 -24.53 48.77
N GLY D 17 6.85 -23.21 48.74
CA GLY D 17 5.83 -22.29 49.21
C GLY D 17 5.46 -21.31 48.13
N PHE D 18 4.17 -21.11 47.96
CA PHE D 18 3.67 -20.14 47.02
C PHE D 18 3.16 -18.93 47.73
N ILE D 19 3.76 -17.80 47.40
CA ILE D 19 3.26 -16.52 47.83
C ILE D 19 2.57 -15.95 46.61
N GLY D 20 1.25 -15.87 46.71
CA GLY D 20 0.40 -15.61 45.57
C GLY D 20 -0.19 -16.95 45.18
N ALA D 21 -1.51 -17.02 45.16
CA ALA D 21 -2.21 -18.28 44.95
C ALA D 21 -3.04 -18.22 43.66
N GLY D 22 -2.54 -17.50 42.66
CA GLY D 22 -3.26 -17.31 41.42
C GLY D 22 -3.15 -18.52 40.52
N LYS D 23 -3.50 -18.29 39.26
CA LYS D 23 -3.58 -19.37 38.31
C LYS D 23 -2.22 -19.97 38.02
N MET D 24 -1.20 -19.12 37.94
CA MET D 24 0.13 -19.63 37.59
C MET D 24 0.63 -20.51 38.74
N ALA D 25 0.42 -20.04 39.98
CA ALA D 25 0.82 -20.87 41.13
C ALA D 25 0.10 -22.22 41.15
N GLU D 26 -1.18 -22.18 40.87
CA GLU D 26 -1.98 -23.39 40.80
C GLU D 26 -1.45 -24.31 39.68
N SER D 27 -1.16 -23.75 38.53
CA SER D 27 -0.61 -24.59 37.40
C SER D 27 0.66 -25.26 37.83
N ILE D 28 1.53 -24.53 38.52
CA ILE D 28 2.84 -25.06 38.88
C ILE D 28 2.65 -26.16 39.90
N ALA D 29 1.85 -25.86 40.91
CA ALA D 29 1.55 -26.85 41.95
C ALA D 29 0.95 -28.13 41.35
N LYS D 30 -0.05 -27.97 40.50
CA LYS D 30 -0.70 -29.11 39.86
C LYS D 30 0.28 -29.90 39.01
N GLY D 31 1.05 -29.18 38.20
CA GLY D 31 2.02 -29.81 37.35
C GLY D 31 3.04 -30.60 38.15
N ALA D 32 3.55 -29.99 39.22
CA ALA D 32 4.61 -30.63 39.99
C ALA D 32 4.08 -31.87 40.71
N VAL D 33 2.86 -31.79 41.21
CA VAL D 33 2.22 -32.96 41.85
C VAL D 33 1.93 -34.05 40.82
N ARG D 34 1.24 -33.67 39.74
CA ARG D 34 0.92 -34.62 38.67
C ARG D 34 2.17 -35.34 38.14
N SER D 35 3.28 -34.61 38.00
CA SER D 35 4.51 -35.20 37.43
C SER D 35 5.35 -35.94 38.47
N GLY D 36 4.90 -35.93 39.71
CA GLY D 36 5.67 -36.57 40.78
C GLY D 36 6.89 -35.80 41.26
N VAL D 37 7.10 -34.59 40.78
CA VAL D 37 8.23 -33.79 41.29
C VAL D 37 8.06 -33.53 42.80
N LEU D 38 6.85 -33.19 43.18
CA LEU D 38 6.49 -32.86 44.56
C LEU D 38 5.26 -33.64 44.96
N SER D 39 5.11 -33.98 46.22
CA SER D 39 3.83 -34.42 46.74
C SER D 39 3.10 -33.20 47.32
N PRO D 40 1.76 -33.24 47.37
CA PRO D 40 1.03 -32.07 47.94
C PRO D 40 1.41 -31.70 49.38
N SER D 41 1.84 -32.68 50.16
CA SER D 41 2.25 -32.40 51.55
C SER D 41 3.50 -31.52 51.64
N ARG D 42 4.28 -31.45 50.56
CA ARG D 42 5.49 -30.62 50.53
C ARG D 42 5.24 -29.20 50.01
N ILE D 43 4.00 -28.86 49.74
CA ILE D 43 3.66 -27.56 49.18
C ILE D 43 2.75 -26.84 50.18
N LYS D 44 3.01 -25.54 50.32
CA LYS D 44 2.13 -24.66 51.08
C LYS D 44 1.82 -23.41 50.30
N THR D 45 0.66 -22.82 50.56
CA THR D 45 0.38 -21.48 50.07
C THR D 45 -0.40 -20.73 51.14
N ALA D 46 -0.56 -19.44 50.95
CA ALA D 46 -1.35 -18.64 51.87
C ALA D 46 -2.35 -17.87 51.05
N ILE D 47 -3.57 -17.76 51.57
CA ILE D 47 -4.66 -17.04 50.94
C ILE D 47 -5.35 -16.26 52.02
N HIS D 48 -6.04 -15.19 51.65
CA HIS D 48 -6.70 -14.36 52.66
C HIS D 48 -8.22 -14.30 52.52
N SER D 49 -8.71 -13.83 51.39
CA SER D 49 -10.14 -13.67 51.23
C SER D 49 -10.75 -14.62 50.22
N ASN D 50 -9.93 -15.17 49.34
CA ASN D 50 -10.47 -15.93 48.24
C ASN D 50 -10.67 -17.36 48.65
N PRO D 51 -11.97 -17.68 49.06
CA PRO D 51 -12.14 -19.10 49.39
C PRO D 51 -11.94 -19.87 48.11
N ALA D 52 -12.53 -19.34 47.06
CA ALA D 52 -12.43 -19.97 45.73
C ALA D 52 -11.00 -20.44 45.42
N ARG D 53 -10.02 -19.58 45.70
CA ARG D 53 -8.61 -19.97 45.55
C ARG D 53 -8.23 -20.96 46.62
N ARG D 54 -8.74 -20.80 47.83
CA ARG D 54 -8.46 -21.78 48.87
C ARG D 54 -8.88 -23.18 48.41
N THR D 55 -10.05 -23.26 47.80
CA THR D 55 -10.61 -24.53 47.35
C THR D 55 -9.76 -25.16 46.29
N ALA D 56 -9.30 -24.32 45.36
CA ALA D 56 -8.40 -24.78 44.28
C ALA D 56 -7.18 -25.54 44.84
N PHE D 57 -6.54 -25.00 45.88
CA PHE D 57 -5.33 -25.62 46.45
C PHE D 57 -5.66 -26.79 47.34
N GLU D 58 -6.66 -26.59 48.20
CA GLU D 58 -7.12 -27.68 49.07
C GLU D 58 -7.61 -28.88 48.27
N SER D 59 -8.25 -28.66 47.13
CA SER D 59 -8.75 -29.78 46.31
C SER D 59 -7.66 -30.61 45.65
N ILE D 60 -6.42 -30.13 45.63
CA ILE D 60 -5.31 -30.99 45.17
C ILE D 60 -4.42 -31.44 46.31
N GLY D 61 -4.88 -31.25 47.53
CA GLY D 61 -4.23 -31.82 48.71
C GLY D 61 -3.25 -30.89 49.39
N ILE D 62 -3.27 -29.63 48.99
CA ILE D 62 -2.28 -28.68 49.49
C ILE D 62 -2.82 -27.89 50.66
N THR D 63 -2.00 -27.77 51.70
CA THR D 63 -2.33 -26.96 52.87
C THR D 63 -2.22 -25.47 52.63
N VAL D 64 -3.30 -24.77 52.96
CA VAL D 64 -3.38 -23.34 52.85
C VAL D 64 -3.18 -22.75 54.23
N LEU D 65 -2.13 -21.98 54.40
CA LEU D 65 -1.85 -21.35 55.67
C LEU D 65 -2.42 -19.95 55.70
N SER D 66 -2.46 -19.37 56.88
CA SER D 66 -3.16 -18.12 57.07
C SER D 66 -2.27 -16.93 56.79
N SER D 67 -0.95 -17.11 56.76
CA SER D 67 -0.04 -15.99 56.50
C SER D 67 1.13 -16.33 55.56
N ASN D 68 1.54 -15.31 54.83
CA ASN D 68 2.74 -15.41 53.97
C ASN D 68 3.95 -15.75 54.83
N ASP D 69 4.00 -15.19 56.03
CA ASP D 69 5.12 -15.44 56.95
C ASP D 69 5.31 -16.94 57.20
N ASP D 70 4.22 -17.63 57.46
CA ASP D 70 4.31 -19.04 57.79
C ASP D 70 4.67 -19.87 56.56
N VAL D 71 4.16 -19.47 55.41
CA VAL D 71 4.52 -20.17 54.16
C VAL D 71 6.04 -20.07 53.99
N VAL D 72 6.60 -18.87 54.16
CA VAL D 72 8.05 -18.70 54.01
C VAL D 72 8.83 -19.51 55.04
N ARG D 73 8.46 -19.39 56.32
CA ARG D 73 9.14 -20.16 57.34
C ARG D 73 9.22 -21.64 56.99
N ASP D 74 8.12 -22.19 56.53
CA ASP D 74 8.03 -23.64 56.28
C ASP D 74 8.59 -24.10 54.92
N SER D 75 9.10 -23.17 54.13
CA SER D 75 9.49 -23.50 52.78
C SER D 75 10.99 -23.32 52.53
N ASN D 76 11.58 -24.27 51.83
CA ASN D 76 12.96 -24.17 51.31
C ASN D 76 13.02 -23.33 50.05
N VAL D 77 11.95 -23.42 49.25
CA VAL D 77 11.87 -22.72 47.97
C VAL D 77 10.59 -21.92 48.04
N VAL D 78 10.68 -20.65 47.73
CA VAL D 78 9.54 -19.77 47.74
C VAL D 78 9.30 -19.21 46.35
N VAL D 79 8.08 -19.40 45.83
CA VAL D 79 7.71 -18.87 44.54
C VAL D 79 6.75 -17.71 44.72
N PHE D 80 7.17 -16.56 44.24
CA PHE D 80 6.34 -15.36 44.25
C PHE D 80 5.57 -15.20 42.96
N SER D 81 4.23 -15.20 43.04
CA SER D 81 3.43 -15.02 41.86
C SER D 81 2.34 -13.98 42.08
N VAL D 82 2.58 -13.05 42.97
CA VAL D 82 1.63 -11.97 43.14
C VAL D 82 1.74 -11.04 41.96
N LYS D 83 0.73 -10.21 41.83
CA LYS D 83 0.71 -9.26 40.73
C LYS D 83 2.00 -8.45 40.81
N PRO D 84 2.62 -8.17 39.66
CA PRO D 84 3.93 -7.49 39.71
C PRO D 84 3.96 -6.20 40.54
N GLN D 85 2.88 -5.42 40.46
CA GLN D 85 2.74 -4.12 41.15
C GLN D 85 2.70 -4.28 42.66
N LEU D 86 2.40 -5.48 43.12
CA LEU D 86 2.33 -5.78 44.55
C LEU D 86 3.59 -6.46 45.10
N LEU D 87 4.47 -6.90 44.22
CA LEU D 87 5.57 -7.77 44.64
C LEU D 87 6.58 -7.06 45.57
N LYS D 88 6.97 -5.84 45.22
CA LYS D 88 7.97 -5.16 46.02
C LYS D 88 7.56 -5.11 47.52
N ASP D 89 6.33 -4.70 47.78
CA ASP D 89 5.88 -4.55 49.18
C ASP D 89 5.75 -5.89 49.88
N VAL D 90 5.32 -6.89 49.14
CA VAL D 90 5.25 -8.25 49.68
C VAL D 90 6.65 -8.75 50.08
N VAL D 91 7.65 -8.52 49.22
CA VAL D 91 9.02 -8.98 49.52
C VAL D 91 9.61 -8.18 50.69
N LEU D 92 9.42 -6.88 50.68
CA LEU D 92 9.89 -6.02 51.78
C LEU D 92 9.28 -6.44 53.14
N LYS D 93 7.98 -6.72 53.18
CA LYS D 93 7.35 -7.23 54.42
C LYS D 93 7.91 -8.57 54.88
N LEU D 94 8.25 -9.45 53.94
CA LEU D 94 8.77 -10.79 54.28
C LEU D 94 10.29 -10.82 54.51
N LYS D 95 10.94 -9.72 54.25
CA LYS D 95 12.40 -9.70 54.17
C LYS D 95 13.16 -10.37 55.34
N PRO D 96 12.81 -10.06 56.60
CA PRO D 96 13.48 -10.73 57.72
C PRO D 96 13.48 -12.26 57.64
N LEU D 97 12.45 -12.82 57.03
CA LEU D 97 12.30 -14.28 56.91
C LEU D 97 13.00 -14.85 55.68
N LEU D 98 13.44 -13.98 54.79
CA LEU D 98 14.05 -14.44 53.51
C LEU D 98 15.53 -14.67 53.71
N THR D 99 15.83 -15.67 54.53
CA THR D 99 17.19 -16.03 54.81
C THR D 99 17.83 -16.72 53.59
N LYS D 100 19.15 -16.64 53.51
CA LYS D 100 19.91 -17.11 52.37
C LYS D 100 19.88 -18.60 52.10
N ASP D 101 19.38 -19.35 53.04
CA ASP D 101 19.19 -20.78 52.87
C ASP D 101 17.93 -21.10 52.06
N LYS D 102 17.11 -20.09 51.73
CA LYS D 102 15.88 -20.32 51.00
C LYS D 102 16.05 -19.77 49.61
N LEU D 103 15.78 -20.61 48.63
CA LEU D 103 15.82 -20.22 47.23
C LEU D 103 14.53 -19.48 46.89
N LEU D 104 14.69 -18.28 46.35
CA LEU D 104 13.54 -17.46 45.99
C LEU D 104 13.37 -17.51 44.46
N VAL D 105 12.11 -17.51 44.05
CA VAL D 105 11.73 -17.56 42.66
C VAL D 105 10.65 -16.55 42.39
N SER D 106 10.79 -15.75 41.35
CA SER D 106 9.74 -14.84 40.96
C SER D 106 9.25 -15.22 39.55
N VAL D 107 7.93 -15.28 39.40
CA VAL D 107 7.32 -15.43 38.08
C VAL D 107 6.64 -14.15 37.66
N ALA D 108 6.89 -13.06 38.38
CA ALA D 108 6.27 -11.79 38.07
C ALA D 108 6.73 -11.20 36.77
N ALA D 109 5.78 -10.84 35.91
CA ALA D 109 6.11 -10.30 34.60
C ALA D 109 6.76 -8.93 34.80
N GLY D 110 7.86 -8.74 34.09
CA GLY D 110 8.47 -7.41 34.00
C GLY D 110 9.28 -6.97 35.22
N ILE D 111 9.42 -7.80 36.25
CA ILE D 111 10.28 -7.44 37.39
C ILE D 111 11.70 -8.03 37.22
N LYS D 112 12.69 -7.15 37.07
CA LYS D 112 14.06 -7.54 36.80
C LYS D 112 14.77 -8.13 37.98
N MET D 113 15.76 -8.95 37.70
CA MET D 113 16.56 -9.63 38.73
C MET D 113 17.26 -8.61 39.66
N LYS D 114 17.77 -7.54 39.08
CA LYS D 114 18.43 -6.50 39.90
C LYS D 114 17.51 -6.00 41.03
N ASP D 115 16.26 -5.79 40.70
CA ASP D 115 15.27 -5.37 41.69
C ASP D 115 14.89 -6.45 42.66
N LEU D 116 14.65 -7.65 42.16
CA LEU D 116 14.32 -8.77 43.08
C LEU D 116 15.36 -8.91 44.17
N GLN D 117 16.62 -8.89 43.76
CA GLN D 117 17.74 -9.04 44.69
C GLN D 117 17.85 -7.89 45.70
N GLU D 118 17.62 -6.66 45.25
CA GLU D 118 17.64 -5.51 46.14
C GLU D 118 16.54 -5.61 47.15
N TRP D 119 15.34 -6.01 46.72
CA TRP D 119 14.22 -6.11 47.65
C TRP D 119 14.42 -7.22 48.68
N ALA D 120 14.93 -8.37 48.24
CA ALA D 120 15.14 -9.48 49.15
C ALA D 120 16.34 -9.30 50.05
N GLY D 121 17.30 -8.50 49.61
CA GLY D 121 18.56 -8.31 50.31
C GLY D 121 19.59 -9.40 50.07
N HIS D 122 19.37 -10.29 49.12
CA HIS D 122 20.39 -11.27 48.77
C HIS D 122 20.14 -11.70 47.33
N GLU D 123 21.03 -12.53 46.80
CA GLU D 123 21.05 -12.85 45.39
C GLU D 123 20.71 -14.30 45.07
N ARG D 124 20.15 -15.02 46.04
CA ARG D 124 19.75 -16.38 45.82
C ARG D 124 18.32 -16.38 45.32
N PHE D 125 18.22 -15.99 44.04
CA PHE D 125 16.96 -15.66 43.46
C PHE D 125 17.02 -16.16 42.02
N ILE D 126 15.93 -16.74 41.57
CA ILE D 126 15.74 -17.11 40.16
C ILE D 126 14.47 -16.45 39.67
N ARG D 127 14.53 -15.92 38.46
CA ARG D 127 13.39 -15.33 37.82
C ARG D 127 12.97 -16.31 36.72
N VAL D 128 11.67 -16.56 36.67
CA VAL D 128 11.12 -17.33 35.57
C VAL D 128 10.03 -16.52 34.92
N MET D 129 9.98 -16.59 33.58
N MET D 129 9.97 -16.67 33.62
CA MET D 129 8.88 -16.01 32.82
CA MET D 129 8.94 -16.09 32.88
C MET D 129 8.21 -17.17 32.10
C MET D 129 8.22 -17.18 32.10
N PRO D 130 7.11 -17.67 32.65
CA PRO D 130 6.31 -18.72 31.99
C PRO D 130 5.34 -18.00 31.00
N ASN D 131 4.50 -18.77 30.32
CA ASN D 131 3.46 -18.13 29.49
C ASN D 131 2.17 -18.84 29.77
N THR D 132 1.14 -18.36 29.09
CA THR D 132 -0.21 -18.77 29.40
C THR D 132 -0.49 -20.28 29.25
N ALA D 133 0.34 -20.96 28.48
CA ALA D 133 0.09 -22.36 28.18
C ALA D 133 0.55 -23.29 29.28
N ALA D 134 1.02 -22.70 30.36
CA ALA D 134 1.22 -23.45 31.60
C ALA D 134 -0.04 -24.23 32.02
N THR D 135 -1.19 -23.61 31.74
CA THR D 135 -2.48 -24.26 32.09
C THR D 135 -2.67 -25.62 31.49
N VAL D 136 -2.06 -25.87 30.33
CA VAL D 136 -2.16 -27.19 29.67
C VAL D 136 -0.84 -27.92 29.62
N GLY D 137 0.11 -27.47 30.42
CA GLY D 137 1.40 -28.15 30.52
C GLY D 137 2.28 -27.96 29.34
N GLU D 138 2.04 -26.87 28.57
CA GLU D 138 2.85 -26.53 27.42
C GLU D 138 3.42 -25.11 27.43
N ALA D 139 3.72 -24.64 28.63
CA ALA D 139 4.39 -23.32 28.71
C ALA D 139 5.71 -23.31 27.98
N ALA D 140 6.04 -22.15 27.50
CA ALA D 140 7.39 -21.79 26.98
C ALA D 140 7.92 -20.86 28.08
N SER D 141 8.83 -21.38 28.89
CA SER D 141 9.29 -20.62 30.07
C SER D 141 10.79 -20.32 29.92
N VAL D 142 11.24 -19.20 30.46
CA VAL D 142 12.66 -18.89 30.48
CA VAL D 142 12.68 -18.88 30.45
C VAL D 142 13.08 -18.50 31.88
N MET D 143 14.27 -18.92 32.27
CA MET D 143 14.72 -18.62 33.62
C MET D 143 16.05 -17.87 33.59
N SER D 144 16.19 -16.94 34.56
CA SER D 144 17.44 -16.22 34.69
C SER D 144 17.85 -16.39 36.17
N LEU D 145 19.16 -16.42 36.33
CA LEU D 145 19.72 -16.68 37.68
C LEU D 145 20.26 -15.44 38.35
N GLY D 146 19.92 -15.29 39.60
CA GLY D 146 20.53 -14.26 40.41
C GLY D 146 21.97 -14.60 40.70
N GLY D 147 22.70 -13.63 41.25
CA GLY D 147 24.14 -13.78 41.46
C GLY D 147 24.57 -14.91 42.41
N ALA D 148 23.69 -15.35 43.28
CA ALA D 148 24.01 -16.46 44.23
C ALA D 148 23.24 -17.74 43.98
N ALA D 149 22.45 -17.76 42.92
CA ALA D 149 21.72 -18.97 42.57
C ALA D 149 22.73 -19.98 41.99
N THR D 150 22.70 -21.19 42.50
CA THR D 150 23.66 -22.20 42.11
C THR D 150 23.16 -22.99 40.93
N GLU D 151 24.04 -23.79 40.34
CA GLU D 151 23.64 -24.68 39.27
C GLU D 151 22.60 -25.69 39.78
N GLU D 152 22.72 -26.10 41.02
CA GLU D 152 21.75 -27.04 41.60
C GLU D 152 20.39 -26.36 41.82
N ASP D 153 20.40 -25.08 42.21
CA ASP D 153 19.16 -24.30 42.34
C ASP D 153 18.47 -24.26 40.95
N ALA D 154 19.25 -24.00 39.92
CA ALA D 154 18.75 -23.91 38.54
C ALA D 154 18.16 -25.25 38.11
N ASN D 155 18.81 -26.35 38.46
CA ASN D 155 18.28 -27.66 38.09
C ASN D 155 16.98 -27.98 38.81
N LEU D 156 16.89 -27.54 40.04
CA LEU D 156 15.67 -27.72 40.82
C LEU D 156 14.50 -26.99 40.10
N ILE D 157 14.77 -25.75 39.70
CA ILE D 157 13.74 -24.93 39.05
C ILE D 157 13.45 -25.42 37.63
N SER D 158 14.44 -25.90 36.91
CA SER D 158 14.19 -26.57 35.65
C SER D 158 13.25 -27.72 35.78
N GLN D 159 13.47 -28.54 36.78
CA GLN D 159 12.63 -29.69 36.97
C GLN D 159 11.21 -29.25 37.33
N LEU D 160 11.11 -28.23 38.17
CA LEU D 160 9.81 -27.74 38.59
C LEU D 160 9.01 -27.14 37.40
N PHE D 161 9.63 -26.26 36.64
CA PHE D 161 8.94 -25.68 35.52
C PHE D 161 8.86 -26.59 34.31
N GLY D 162 9.70 -27.63 34.25
CA GLY D 162 9.55 -28.69 33.25
C GLY D 162 8.22 -29.44 33.45
N SER D 163 7.63 -29.35 34.61
CA SER D 163 6.34 -29.97 34.85
C SER D 163 5.15 -29.25 34.17
N ILE D 164 5.33 -28.01 33.73
CA ILE D 164 4.25 -27.18 33.14
C ILE D 164 4.58 -26.81 31.68
N GLY D 165 5.66 -27.37 31.11
CA GLY D 165 6.07 -27.08 29.80
C GLY D 165 7.54 -27.29 29.61
N LYS D 166 8.11 -26.45 28.82
CA LYS D 166 9.53 -26.47 28.51
C LYS D 166 10.15 -25.23 29.13
N ILE D 167 11.41 -25.34 29.52
CA ILE D 167 12.09 -24.23 30.16
C ILE D 167 13.51 -24.10 29.62
N TRP D 168 13.88 -22.88 29.33
CA TRP D 168 15.16 -22.52 28.78
C TRP D 168 15.76 -21.43 29.66
N LYS D 169 17.10 -21.33 29.59
CA LYS D 169 17.82 -20.37 30.41
C LYS D 169 18.15 -19.23 29.52
N ALA D 170 18.07 -18.03 30.09
CA ALA D 170 18.51 -16.88 29.38
C ALA D 170 18.87 -15.76 30.33
N ASP D 171 19.78 -14.92 29.86
N ASP D 171 19.78 -14.92 29.86
CA ASP D 171 20.19 -13.74 30.60
CA ASP D 171 20.17 -13.77 30.63
C ASP D 171 18.98 -12.84 30.85
C ASP D 171 18.97 -12.85 30.86
N ASP D 172 18.95 -12.24 32.01
CA ASP D 172 17.87 -11.37 32.37
C ASP D 172 17.67 -10.24 31.35
N LYS D 173 18.71 -9.81 30.70
CA LYS D 173 18.59 -8.69 29.79
C LYS D 173 17.69 -9.01 28.55
N TYR D 174 17.50 -10.28 28.30
CA TYR D 174 16.62 -10.73 27.16
C TYR D 174 15.14 -10.74 27.51
N PHE D 175 14.77 -10.51 28.76
CA PHE D 175 13.39 -10.79 29.17
C PHE D 175 12.33 -9.90 28.56
N ASP D 176 12.64 -8.66 28.23
CA ASP D 176 11.70 -7.88 27.30
C ASP D 176 11.38 -8.45 25.97
N ALA D 177 12.39 -8.83 25.26
CA ALA D 177 12.20 -9.50 24.00
C ALA D 177 11.46 -10.85 24.15
N ILE D 178 11.84 -11.59 25.20
CA ILE D 178 11.15 -12.86 25.41
C ILE D 178 9.68 -12.58 25.55
N THR D 179 9.38 -11.58 26.34
CA THR D 179 7.97 -11.24 26.66
C THR D 179 7.18 -11.01 25.36
N GLY D 180 7.84 -10.39 24.40
CA GLY D 180 7.19 -10.15 23.09
C GLY D 180 6.96 -11.38 22.24
N LEU D 181 7.76 -12.42 22.49
CA LEU D 181 7.69 -13.66 21.74
C LEU D 181 6.93 -14.72 22.44
N SER D 182 7.42 -15.22 23.58
CA SER D 182 6.67 -16.28 24.26
C SER D 182 5.57 -15.82 25.13
N GLY D 183 5.68 -14.61 25.67
CA GLY D 183 4.61 -14.10 26.51
C GLY D 183 3.43 -13.67 25.69
N SER D 184 3.67 -12.91 24.60
CA SER D 184 2.61 -12.35 23.77
C SER D 184 2.23 -13.20 22.63
N GLY D 185 3.15 -14.05 22.18
CA GLY D 185 2.95 -14.89 21.02
C GLY D 185 1.71 -15.71 21.00
N PRO D 186 1.23 -16.18 22.16
CA PRO D 186 -0.01 -16.99 22.05
C PRO D 186 -1.20 -16.23 21.48
N ALA D 187 -1.30 -14.93 21.71
CA ALA D 187 -2.35 -14.15 21.13
C ALA D 187 -2.25 -14.12 19.60
N TYR D 188 -1.01 -14.06 19.12
CA TYR D 188 -0.84 -14.04 17.69
C TYR D 188 -1.39 -15.34 17.04
N ILE D 189 -1.14 -16.46 17.73
CA ILE D 189 -1.60 -17.75 17.32
C ILE D 189 -3.09 -17.90 17.48
N TYR D 190 -3.68 -17.32 18.51
CA TYR D 190 -5.14 -17.34 18.62
C TYR D 190 -5.77 -16.62 17.47
N LEU D 191 -5.24 -15.45 17.11
CA LEU D 191 -5.66 -14.81 15.88
C LEU D 191 -5.50 -15.69 14.68
N ALA D 192 -4.32 -16.34 14.54
CA ALA D 192 -4.11 -17.21 13.45
C ALA D 192 -5.09 -18.37 13.32
N ILE D 193 -5.40 -18.96 14.46
CA ILE D 193 -6.38 -20.08 14.49
C ILE D 193 -7.75 -19.57 14.09
N GLU D 194 -8.18 -18.42 14.59
CA GLU D 194 -9.46 -17.88 14.17
C GLU D 194 -9.47 -17.61 12.69
N ALA D 195 -8.41 -17.02 12.23
CA ALA D 195 -8.36 -16.67 10.81
C ALA D 195 -8.34 -17.88 9.91
N LEU D 196 -7.62 -18.91 10.31
CA LEU D 196 -7.56 -20.14 9.54
C LEU D 196 -8.95 -20.76 9.49
N ALA D 197 -9.65 -20.71 10.62
CA ALA D 197 -11.01 -21.23 10.61
C ALA D 197 -11.94 -20.40 9.72
N ASP D 198 -11.85 -19.10 9.81
CA ASP D 198 -12.58 -18.24 8.96
C ASP D 198 -12.27 -18.48 7.49
N GLY D 199 -10.98 -18.77 7.18
CA GLY D 199 -10.60 -19.10 5.85
C GLY D 199 -11.25 -20.40 5.37
N GLY D 200 -11.30 -21.36 6.27
CA GLY D 200 -12.00 -22.64 5.98
C GLY D 200 -13.45 -22.46 5.68
N VAL D 201 -14.11 -21.66 6.49
CA VAL D 201 -15.48 -21.28 6.25
C VAL D 201 -15.67 -20.55 4.93
N ALA D 202 -14.76 -19.63 4.62
CA ALA D 202 -14.79 -18.89 3.39
C ALA D 202 -14.67 -19.82 2.24
N ALA D 203 -13.95 -20.94 2.40
CA ALA D 203 -13.79 -21.96 1.39
C ALA D 203 -14.88 -22.99 1.38
N GLY D 204 -15.87 -22.84 2.22
CA GLY D 204 -17.04 -23.72 2.22
C GLY D 204 -17.11 -24.76 3.32
N LEU D 205 -16.20 -24.77 4.26
CA LEU D 205 -16.26 -25.70 5.36
C LEU D 205 -17.23 -25.32 6.46
N PRO D 206 -17.86 -26.31 7.08
CA PRO D 206 -18.67 -26.03 8.29
C PRO D 206 -17.78 -25.41 9.36
N ARG D 207 -18.33 -24.56 10.14
CA ARG D 207 -17.54 -23.82 11.14
C ARG D 207 -16.93 -24.70 12.17
N ASP D 208 -17.69 -25.64 12.71
CA ASP D 208 -17.08 -26.44 13.77
C ASP D 208 -15.90 -27.25 13.28
N LEU D 209 -16.03 -27.84 12.10
CA LEU D 209 -14.93 -28.58 11.49
C LEU D 209 -13.73 -27.64 11.25
N ALA D 210 -14.05 -26.48 10.71
CA ALA D 210 -12.98 -25.52 10.38
C ALA D 210 -12.19 -25.17 11.59
N LEU D 211 -12.86 -24.82 12.67
CA LEU D 211 -12.14 -24.50 13.90
C LEU D 211 -11.38 -25.71 14.46
N SER D 212 -12.00 -26.91 14.50
CA SER D 212 -11.32 -28.07 14.91
C SER D 212 -10.06 -28.36 14.14
N LEU D 213 -10.19 -28.24 12.82
CA LEU D 213 -9.04 -28.44 11.96
C LEU D 213 -7.98 -27.42 12.17
N ALA D 214 -8.39 -26.18 12.28
CA ALA D 214 -7.42 -25.08 12.43
C ALA D 214 -6.58 -25.27 13.64
N SER D 215 -7.24 -25.53 14.80
CA SER D 215 -6.49 -25.72 16.02
C SER D 215 -5.55 -26.89 15.97
N GLN D 216 -6.02 -28.04 15.44
CA GLN D 216 -5.20 -29.21 15.41
C GLN D 216 -4.07 -29.14 14.36
N THR D 217 -4.34 -28.40 13.26
CA THR D 217 -3.30 -28.15 12.25
C THR D 217 -2.16 -27.33 12.82
N VAL D 218 -2.50 -26.30 13.58
CA VAL D 218 -1.47 -25.51 14.27
C VAL D 218 -0.69 -26.40 15.24
N LEU D 219 -1.43 -27.17 16.05
CA LEU D 219 -0.80 -28.02 17.05
C LEU D 219 0.18 -28.98 16.35
N GLY D 220 -0.30 -29.64 15.30
CA GLY D 220 0.52 -30.61 14.61
C GLY D 220 1.74 -30.03 14.01
N ALA D 221 1.61 -28.86 13.41
CA ALA D 221 2.77 -28.24 12.76
C ALA D 221 3.82 -27.84 13.80
N ALA D 222 3.34 -27.33 14.94
CA ALA D 222 4.25 -26.91 16.04
C ALA D 222 4.95 -28.13 16.59
N SER D 223 4.18 -29.20 16.65
CA SER D 223 4.78 -30.48 17.14
C SER D 223 5.81 -31.01 16.24
N MET D 224 5.60 -30.86 14.94
CA MET D 224 6.63 -31.21 13.99
C MET D 224 7.88 -30.35 14.19
N ALA D 225 7.67 -29.04 14.40
CA ALA D 225 8.75 -28.15 14.58
C ALA D 225 9.52 -28.48 15.84
N THR D 226 8.81 -28.86 16.85
CA THR D 226 9.48 -29.10 18.14
C THR D 226 10.22 -30.43 18.08
N GLN D 227 9.72 -31.41 17.36
CA GLN D 227 10.28 -32.79 17.43
C GLN D 227 11.14 -33.23 16.29
N SER D 228 11.04 -32.58 15.13
CA SER D 228 11.68 -33.09 13.95
C SER D 228 13.16 -32.90 13.90
N GLY D 229 13.67 -31.91 14.64
CA GLY D 229 15.01 -31.54 14.48
C GLY D 229 15.29 -30.79 13.18
N LYS D 230 14.24 -30.37 12.45
CA LYS D 230 14.47 -29.72 11.16
C LYS D 230 14.24 -28.21 11.31
N HIS D 231 14.91 -27.46 10.47
CA HIS D 231 14.64 -26.00 10.37
C HIS D 231 13.22 -25.85 9.83
N PRO D 232 12.51 -24.78 10.23
CA PRO D 232 11.21 -24.57 9.66
C PRO D 232 11.16 -24.47 8.18
N GLY D 233 12.22 -23.95 7.57
CA GLY D 233 12.30 -23.92 6.12
C GLY D 233 12.32 -25.27 5.48
N GLN D 234 12.98 -26.23 6.13
N GLN D 234 12.97 -26.21 6.13
CA GLN D 234 13.01 -27.58 5.64
CA GLN D 234 13.00 -27.55 5.63
C GLN D 234 11.65 -28.22 5.76
C GLN D 234 11.65 -28.21 5.76
N LEU D 235 10.97 -27.97 6.88
CA LEU D 235 9.63 -28.47 7.07
C LEU D 235 8.66 -27.93 6.05
N LYS D 236 8.80 -26.67 5.73
CA LYS D 236 7.99 -26.06 4.66
C LYS D 236 8.32 -26.72 3.33
N ASP D 237 9.61 -26.97 3.05
CA ASP D 237 9.98 -27.62 1.81
C ASP D 237 9.39 -29.04 1.70
N ASP D 238 9.33 -29.71 2.82
CA ASP D 238 8.79 -31.07 2.84
C ASP D 238 7.33 -31.14 2.42
N VAL D 239 6.59 -30.10 2.69
CA VAL D 239 5.15 -30.14 2.43
C VAL D 239 4.72 -29.40 1.16
N THR D 240 5.62 -28.65 0.50
CA THR D 240 5.24 -27.84 -0.64
C THR D 240 5.49 -28.61 -1.93
N SER D 241 4.56 -29.47 -2.29
N SER D 241 4.57 -29.51 -2.27
CA SER D 241 4.70 -30.23 -3.54
CA SER D 241 4.75 -30.31 -3.51
C SER D 241 4.68 -29.29 -4.72
C SER D 241 4.69 -29.33 -4.71
N PRO D 242 5.35 -29.66 -5.81
CA PRO D 242 5.43 -28.80 -6.98
C PRO D 242 4.09 -28.41 -7.52
N GLY D 243 3.91 -27.14 -7.70
CA GLY D 243 2.65 -26.56 -8.16
C GLY D 243 1.41 -26.99 -7.40
N GLY D 244 1.56 -27.36 -6.15
CA GLY D 244 0.47 -27.92 -5.38
C GLY D 244 -0.33 -26.88 -4.58
N THR D 245 -1.18 -27.43 -3.74
CA THR D 245 -2.08 -26.59 -2.96
C THR D 245 -1.29 -25.81 -1.93
N THR D 246 -0.28 -26.43 -1.38
CA THR D 246 0.44 -25.82 -0.24
C THR D 246 1.23 -24.66 -0.69
N ILE D 247 1.96 -24.81 -1.81
CA ILE D 247 2.71 -23.68 -2.25
C ILE D 247 1.86 -22.54 -2.73
N ALA D 248 0.67 -22.88 -3.25
CA ALA D 248 -0.27 -21.82 -3.60
C ALA D 248 -0.62 -20.98 -2.34
N GLY D 249 -0.90 -21.62 -1.28
CA GLY D 249 -1.16 -20.91 -0.01
C GLY D 249 0.03 -20.14 0.54
N VAL D 250 1.20 -20.78 0.47
CA VAL D 250 2.44 -20.10 0.94
C VAL D 250 2.70 -18.86 0.13
N HIS D 251 2.47 -18.95 -1.19
CA HIS D 251 2.71 -17.84 -2.04
C HIS D 251 1.82 -16.69 -1.68
N GLU D 252 0.58 -16.94 -1.28
CA GLU D 252 -0.26 -15.85 -0.82
C GLU D 252 0.31 -15.18 0.42
N LEU D 253 0.84 -15.97 1.34
CA LEU D 253 1.43 -15.43 2.55
C LEU D 253 2.61 -14.52 2.20
N GLU D 254 3.45 -15.02 1.32
CA GLU D 254 4.65 -14.28 0.92
C GLU D 254 4.32 -13.01 0.16
N LYS D 255 3.28 -13.03 -0.67
CA LYS D 255 2.92 -11.83 -1.35
C LYS D 255 2.55 -10.73 -0.37
N ALA D 256 1.90 -11.13 0.75
CA ALA D 256 1.42 -10.21 1.74
C ALA D 256 2.44 -9.83 2.79
N GLY D 257 3.64 -10.41 2.73
CA GLY D 257 4.63 -10.09 3.74
C GLY D 257 4.30 -10.65 5.11
N PHE D 258 3.67 -11.80 5.16
CA PHE D 258 3.28 -12.51 6.42
C PHE D 258 4.37 -12.57 7.44
N ARG D 259 5.54 -13.02 6.98
CA ARG D 259 6.65 -13.12 7.88
C ARG D 259 7.00 -11.82 8.53
N GLY D 260 7.11 -10.74 7.79
CA GLY D 260 7.41 -9.46 8.30
C GLY D 260 6.39 -8.94 9.30
N ILE D 261 5.14 -9.31 9.06
CA ILE D 261 4.09 -8.92 9.99
C ILE D 261 4.26 -9.52 11.32
N LEU D 262 4.60 -10.80 11.39
CA LEU D 262 4.87 -11.41 12.59
C LEU D 262 6.11 -10.89 13.30
N MET D 263 7.16 -10.55 12.52
CA MET D 263 8.29 -9.91 13.07
C MET D 263 7.96 -8.58 13.71
N ASN D 264 7.10 -7.82 13.03
CA ASN D 264 6.66 -6.52 13.51
C ASN D 264 5.95 -6.63 14.83
N ALA D 265 5.16 -7.68 14.95
CA ALA D 265 4.42 -7.90 16.19
C ALA D 265 5.34 -8.21 17.35
N VAL D 266 6.32 -9.10 17.15
CA VAL D 266 7.26 -9.40 18.20
C VAL D 266 8.05 -8.17 18.58
N VAL D 267 8.55 -7.44 17.56
CA VAL D 267 9.27 -6.20 17.85
C VAL D 267 8.47 -5.15 18.63
N ALA D 268 7.22 -4.94 18.25
CA ALA D 268 6.39 -4.02 18.92
C ALA D 268 6.06 -4.41 20.34
N ALA D 269 5.79 -5.70 20.52
CA ALA D 269 5.50 -6.19 21.85
C ALA D 269 6.74 -6.03 22.75
N ALA D 270 7.90 -6.35 22.19
CA ALA D 270 9.13 -6.21 22.95
C ALA D 270 9.44 -4.77 23.32
N LYS D 271 9.19 -3.86 22.41
CA LYS D 271 9.39 -2.45 22.68
C LYS D 271 8.41 -1.96 23.78
N ARG D 272 7.16 -2.41 23.68
N ARG D 272 7.16 -2.41 23.68
CA ARG D 272 6.20 -2.10 24.74
CA ARG D 272 6.19 -2.09 24.75
C ARG D 272 6.64 -2.62 26.10
C ARG D 272 6.64 -2.62 26.10
N SER D 273 7.16 -3.85 26.11
CA SER D 273 7.68 -4.42 27.34
C SER D 273 8.75 -3.52 27.96
N GLN D 274 9.68 -3.07 27.12
CA GLN D 274 10.74 -2.19 27.60
C GLN D 274 10.16 -0.88 28.12
N GLU D 275 9.16 -0.33 27.44
CA GLU D 275 8.57 0.90 27.86
C GLU D 275 7.88 0.75 29.20
N LEU D 276 7.37 -0.43 29.48
CA LEU D 276 6.55 -0.65 30.69
C LEU D 276 7.47 -0.92 31.86
N SER D 277 8.72 -1.11 31.53
CA SER D 277 9.88 -0.85 32.37
C SER D 277 10.87 -1.92 31.99
N ILE E 6 19.89 -47.00 -33.88
CA ILE E 6 20.60 -46.19 -32.83
C ILE E 6 21.85 -46.97 -32.33
N ILE E 7 22.95 -46.74 -33.03
CA ILE E 7 24.26 -47.27 -32.61
C ILE E 7 24.77 -46.36 -31.44
N PRO E 8 25.39 -46.92 -30.37
CA PRO E 8 26.05 -46.02 -29.38
C PRO E 8 27.05 -45.05 -30.00
N ILE E 9 27.13 -43.83 -29.45
CA ILE E 9 28.02 -42.83 -30.05
C ILE E 9 29.33 -43.23 -29.50
N PRO E 10 30.37 -43.39 -30.37
CA PRO E 10 31.67 -43.73 -29.74
C PRO E 10 32.21 -42.70 -28.78
N ALA E 11 32.27 -43.04 -27.52
CA ALA E 11 32.55 -42.11 -26.45
C ALA E 11 33.87 -41.37 -26.57
N ASP E 12 34.91 -42.02 -27.13
CA ASP E 12 36.26 -41.50 -27.06
C ASP E 12 36.65 -40.93 -28.44
N SER E 13 35.82 -41.12 -29.45
CA SER E 13 36.18 -40.67 -30.81
C SER E 13 35.11 -39.93 -31.59
N TYR E 14 33.98 -39.62 -30.95
CA TYR E 14 32.93 -39.05 -31.73
C TYR E 14 33.36 -37.70 -32.28
N THR E 15 32.72 -37.32 -33.39
CA THR E 15 32.84 -35.98 -33.89
C THR E 15 31.56 -35.15 -33.60
N LEU E 16 31.79 -33.87 -33.33
CA LEU E 16 30.81 -32.95 -32.80
C LEU E 16 30.60 -31.83 -33.80
N GLY E 17 29.36 -31.50 -34.10
CA GLY E 17 29.06 -30.41 -35.00
C GLY E 17 28.13 -29.39 -34.40
N PHE E 18 28.47 -28.13 -34.56
CA PHE E 18 27.64 -27.05 -34.09
C PHE E 18 26.90 -26.37 -35.26
N ILE E 19 25.58 -26.41 -35.20
CA ILE E 19 24.73 -25.69 -36.12
C ILE E 19 24.27 -24.49 -35.34
N GLY E 20 24.81 -23.34 -35.73
CA GLY E 20 24.67 -22.11 -34.94
C GLY E 20 26.00 -21.90 -34.25
N ALA E 21 26.61 -20.74 -34.49
CA ALA E 21 28.01 -20.50 -34.12
C ALA E 21 28.05 -19.29 -33.20
N GLY E 22 27.00 -19.13 -32.43
CA GLY E 22 26.93 -18.02 -31.52
C GLY E 22 27.74 -18.19 -30.27
N LYS E 23 27.42 -17.35 -29.28
CA LYS E 23 28.22 -17.32 -28.02
C LYS E 23 28.07 -18.59 -27.20
N MET E 24 26.87 -19.17 -27.16
CA MET E 24 26.69 -20.37 -26.42
C MET E 24 27.49 -21.52 -27.06
N ALA E 25 27.40 -21.63 -28.39
CA ALA E 25 28.20 -22.68 -29.06
C ALA E 25 29.70 -22.54 -28.80
N GLU E 26 30.14 -21.30 -28.88
CA GLU E 26 31.54 -20.97 -28.63
C GLU E 26 31.91 -21.35 -27.20
N SER E 27 31.06 -21.03 -26.23
CA SER E 27 31.34 -21.40 -24.86
C SER E 27 31.43 -22.93 -24.69
N ILE E 28 30.52 -23.65 -25.33
CA ILE E 28 30.52 -25.11 -25.21
C ILE E 28 31.83 -25.67 -25.85
N ALA E 29 32.09 -25.23 -27.06
CA ALA E 29 33.28 -25.71 -27.80
C ALA E 29 34.58 -25.42 -27.06
N LYS E 30 34.72 -24.18 -26.63
CA LYS E 30 35.91 -23.75 -25.87
C LYS E 30 36.09 -24.52 -24.64
N GLY E 31 35.02 -24.65 -23.91
CA GLY E 31 35.05 -25.39 -22.71
C GLY E 31 35.48 -26.82 -22.94
N ALA E 32 34.87 -27.47 -23.93
CA ALA E 32 35.10 -28.89 -24.15
C ALA E 32 36.58 -29.10 -24.56
N VAL E 33 37.08 -28.20 -25.37
CA VAL E 33 38.50 -28.30 -25.82
C VAL E 33 39.44 -28.03 -24.65
N ARG E 34 39.21 -26.90 -23.98
CA ARG E 34 39.99 -26.51 -22.78
C ARG E 34 40.03 -27.62 -21.73
N SER E 35 38.91 -28.27 -21.49
CA SER E 35 38.82 -29.30 -20.44
C SER E 35 39.32 -30.68 -20.93
N GLY E 36 39.75 -30.77 -22.18
CA GLY E 36 40.27 -32.02 -22.71
C GLY E 36 39.26 -33.07 -23.14
N VAL E 37 37.97 -32.70 -23.23
CA VAL E 37 36.97 -33.68 -23.65
C VAL E 37 37.24 -34.14 -25.07
N LEU E 38 37.61 -33.22 -25.94
CA LEU E 38 37.98 -33.60 -27.29
C LEU E 38 38.86 -32.58 -27.96
N SER E 39 39.58 -33.04 -28.96
CA SER E 39 40.48 -32.19 -29.73
C SER E 39 39.64 -31.32 -30.70
N PRO E 40 40.14 -30.10 -30.99
CA PRO E 40 39.42 -29.24 -31.93
C PRO E 40 39.20 -29.94 -33.25
N SER E 41 40.06 -30.90 -33.64
CA SER E 41 39.95 -31.57 -34.93
C SER E 41 38.68 -32.41 -35.06
N ARG E 42 38.09 -32.75 -33.91
CA ARG E 42 36.84 -33.50 -33.89
C ARG E 42 35.60 -32.61 -33.94
N ILE E 43 35.76 -31.29 -34.06
CA ILE E 43 34.64 -30.33 -33.96
C ILE E 43 34.56 -29.60 -35.25
N LYS E 44 33.33 -29.40 -35.76
CA LYS E 44 33.07 -28.60 -36.90
C LYS E 44 31.92 -27.65 -36.58
N THR E 45 31.94 -26.50 -37.23
CA THR E 45 30.80 -25.62 -37.22
C THR E 45 30.68 -25.00 -38.64
N ALA E 46 29.52 -24.42 -38.91
CA ALA E 46 29.30 -23.76 -40.19
C ALA E 46 28.89 -22.38 -39.91
N ILE E 47 29.52 -21.46 -40.60
CA ILE E 47 29.25 -20.06 -40.45
C ILE E 47 29.14 -19.55 -41.85
N HIS E 48 27.99 -18.99 -42.19
CA HIS E 48 27.86 -18.37 -43.49
C HIS E 48 28.03 -16.87 -43.34
N SER E 49 29.04 -16.33 -44.02
CA SER E 49 29.25 -14.88 -44.09
C SER E 49 29.39 -14.09 -42.78
N ASN E 50 30.12 -14.62 -41.82
CA ASN E 50 30.42 -13.85 -40.61
C ASN E 50 31.87 -13.96 -40.15
N PRO E 51 32.81 -13.30 -40.82
CA PRO E 51 34.21 -13.62 -40.54
C PRO E 51 34.55 -13.54 -39.05
N ALA E 52 33.88 -12.65 -38.34
CA ALA E 52 34.15 -12.50 -36.90
C ALA E 52 33.90 -13.80 -36.13
N ARG E 53 32.77 -14.46 -36.40
CA ARG E 53 32.44 -15.75 -35.76
C ARG E 53 33.37 -16.80 -36.32
N ARG E 54 33.66 -16.71 -37.61
CA ARG E 54 34.63 -17.63 -38.17
C ARG E 54 35.96 -17.59 -37.41
N THR E 55 36.42 -16.37 -37.10
CA THR E 55 37.70 -16.14 -36.43
C THR E 55 37.67 -16.76 -35.03
N ALA E 56 36.56 -16.56 -34.32
CA ALA E 56 36.33 -17.14 -32.98
C ALA E 56 36.57 -18.65 -32.95
N PHE E 57 36.03 -19.38 -33.93
CA PHE E 57 36.19 -20.85 -33.96
C PHE E 57 37.54 -21.29 -34.48
N GLU E 58 37.96 -20.68 -35.59
CA GLU E 58 39.26 -20.97 -36.12
C GLU E 58 40.35 -20.71 -35.11
N SER E 59 40.23 -19.67 -34.32
CA SER E 59 41.29 -19.34 -33.35
C SER E 59 41.43 -20.36 -32.23
N ILE E 60 40.46 -21.25 -32.07
CA ILE E 60 40.64 -22.33 -31.10
C ILE E 60 40.89 -23.65 -31.81
N GLY E 61 41.13 -23.60 -33.10
CA GLY E 61 41.54 -24.76 -33.87
C GLY E 61 40.45 -25.53 -34.54
N ILE E 62 39.24 -24.95 -34.54
CA ILE E 62 38.10 -25.64 -35.08
C ILE E 62 37.88 -25.28 -36.55
N THR E 63 37.61 -26.31 -37.33
CA THR E 63 37.28 -26.14 -38.76
C THR E 63 35.88 -25.63 -38.98
N VAL E 64 35.78 -24.55 -39.75
CA VAL E 64 34.53 -23.94 -40.12
C VAL E 64 34.21 -24.37 -41.54
N LEU E 65 33.11 -25.08 -41.71
CA LEU E 65 32.67 -25.50 -43.02
C LEU E 65 31.71 -24.51 -43.57
N SER E 66 31.43 -24.64 -44.85
CA SER E 66 30.61 -23.66 -45.52
C SER E 66 29.13 -23.95 -45.38
N SER E 67 28.77 -25.19 -45.02
CA SER E 67 27.35 -25.55 -44.96
C SER E 67 26.99 -26.38 -43.79
N ASN E 68 25.75 -26.17 -43.33
CA ASN E 68 25.18 -26.98 -42.27
C ASN E 68 25.17 -28.44 -42.66
N ASP E 69 24.90 -28.73 -43.96
CA ASP E 69 24.81 -30.11 -44.42
C ASP E 69 26.07 -30.84 -44.18
N ASP E 70 27.19 -30.20 -44.48
CA ASP E 70 28.48 -30.87 -44.30
C ASP E 70 28.82 -31.07 -42.84
N VAL E 71 28.47 -30.09 -42.02
CA VAL E 71 28.69 -30.23 -40.57
C VAL E 71 27.94 -31.45 -40.07
N VAL E 72 26.66 -31.56 -40.43
CA VAL E 72 25.88 -32.73 -40.01
C VAL E 72 26.47 -34.04 -40.54
N ARG E 73 26.76 -34.11 -41.83
CA ARG E 73 27.33 -35.34 -42.37
C ARG E 73 28.54 -35.81 -41.61
N ASP E 74 29.44 -34.89 -41.28
CA ASP E 74 30.70 -35.23 -40.65
C ASP E 74 30.62 -35.43 -39.14
N SER E 75 29.44 -35.27 -38.56
CA SER E 75 29.31 -35.26 -37.08
C SER E 75 28.46 -36.43 -36.59
N ASN E 76 28.92 -37.06 -35.53
CA ASN E 76 28.12 -38.03 -34.77
C ASN E 76 27.11 -37.34 -33.81
N VAL E 77 27.49 -36.18 -33.30
CA VAL E 77 26.69 -35.44 -32.37
C VAL E 77 26.55 -34.05 -32.89
N VAL E 78 25.33 -33.55 -32.92
CA VAL E 78 25.04 -32.28 -33.52
C VAL E 78 24.34 -31.39 -32.50
N VAL E 79 24.90 -30.20 -32.27
CA VAL E 79 24.34 -29.28 -31.33
C VAL E 79 23.76 -28.13 -32.07
N PHE E 80 22.47 -27.91 -31.86
CA PHE E 80 21.76 -26.81 -32.46
C PHE E 80 21.66 -25.64 -31.49
N SER E 81 22.18 -24.50 -31.87
CA SER E 81 22.10 -23.32 -31.02
C SER E 81 21.74 -22.11 -31.81
N VAL E 82 20.98 -22.31 -32.86
CA VAL E 82 20.42 -21.15 -33.57
C VAL E 82 19.32 -20.51 -32.74
N LYS E 83 18.96 -19.28 -33.09
CA LYS E 83 17.85 -18.63 -32.44
C LYS E 83 16.64 -19.53 -32.54
N PRO E 84 15.86 -19.58 -31.46
CA PRO E 84 14.77 -20.54 -31.43
C PRO E 84 13.83 -20.43 -32.61
N GLN E 85 13.56 -19.18 -33.00
CA GLN E 85 12.64 -18.88 -34.13
C GLN E 85 13.10 -19.43 -35.47
N LEU E 86 14.38 -19.71 -35.59
CA LEU E 86 14.99 -20.21 -36.79
C LEU E 86 15.22 -21.74 -36.77
N LEU E 87 15.02 -22.37 -35.62
CA LEU E 87 15.39 -23.78 -35.51
C LEU E 87 14.52 -24.71 -36.40
N LYS E 88 13.21 -24.49 -36.40
CA LYS E 88 12.34 -25.42 -37.11
C LYS E 88 12.76 -25.59 -38.57
N ASP E 89 12.98 -24.45 -39.20
CA ASP E 89 13.30 -24.50 -40.65
C ASP E 89 14.67 -25.06 -40.87
N VAL E 90 15.59 -24.79 -39.92
CA VAL E 90 16.95 -25.34 -40.05
C VAL E 90 16.86 -26.88 -40.00
N VAL E 91 16.06 -27.42 -39.06
CA VAL E 91 15.98 -28.87 -38.85
C VAL E 91 15.29 -29.49 -40.08
N LEU E 92 14.19 -28.88 -40.51
CA LEU E 92 13.45 -29.39 -41.70
C LEU E 92 14.36 -29.45 -42.90
N LYS E 93 15.20 -28.43 -43.08
CA LYS E 93 16.16 -28.46 -44.23
C LYS E 93 17.20 -29.55 -44.13
N LEU E 94 17.67 -29.78 -42.92
CA LEU E 94 18.66 -30.83 -42.68
C LEU E 94 18.11 -32.26 -42.51
N LYS E 95 16.79 -32.38 -42.46
CA LYS E 95 16.19 -33.62 -42.03
C LYS E 95 16.73 -34.91 -42.67
N PRO E 96 16.89 -34.91 -44.01
CA PRO E 96 17.40 -36.16 -44.64
C PRO E 96 18.72 -36.64 -44.09
N LEU E 97 19.52 -35.69 -43.57
CA LEU E 97 20.86 -36.00 -43.06
C LEU E 97 20.82 -36.37 -41.58
N LEU E 98 19.70 -36.17 -40.91
CA LEU E 98 19.58 -36.44 -39.45
C LEU E 98 19.21 -37.89 -39.21
N THR E 99 20.14 -38.79 -39.59
CA THR E 99 19.92 -40.19 -39.42
C THR E 99 20.00 -40.59 -37.96
N LYS E 100 19.34 -41.69 -37.61
CA LYS E 100 19.17 -42.12 -36.18
C LYS E 100 20.45 -42.48 -35.48
N ASP E 101 21.51 -42.61 -36.24
CA ASP E 101 22.82 -42.90 -35.66
C ASP E 101 23.48 -41.62 -35.12
N LYS E 102 22.87 -40.43 -35.36
CA LYS E 102 23.46 -39.19 -34.92
C LYS E 102 22.65 -38.67 -33.74
N LEU E 103 23.31 -38.32 -32.68
CA LEU E 103 22.66 -37.76 -31.49
C LEU E 103 22.47 -36.26 -31.72
N LEU E 104 21.26 -35.78 -31.55
CA LEU E 104 20.95 -34.37 -31.73
C LEU E 104 20.73 -33.71 -30.40
N VAL E 105 21.17 -32.49 -30.31
CA VAL E 105 21.11 -31.70 -29.02
C VAL E 105 20.59 -30.32 -29.38
N SER E 106 19.59 -29.84 -28.65
CA SER E 106 19.13 -28.48 -28.84
C SER E 106 19.36 -27.70 -27.57
N VAL E 107 19.93 -26.52 -27.70
CA VAL E 107 19.97 -25.60 -26.58
C VAL E 107 18.96 -24.52 -26.71
N ALA E 108 18.05 -24.61 -27.67
CA ALA E 108 17.12 -23.47 -27.98
C ALA E 108 16.14 -23.27 -26.88
N ALA E 109 16.03 -22.03 -26.38
CA ALA E 109 15.06 -21.73 -25.34
C ALA E 109 13.63 -21.93 -25.92
N GLY E 110 12.79 -22.57 -25.14
CA GLY E 110 11.35 -22.59 -25.37
C GLY E 110 10.91 -23.57 -26.45
N ILE E 111 11.79 -24.34 -27.03
CA ILE E 111 11.40 -25.38 -28.00
C ILE E 111 11.33 -26.77 -27.38
N LYS E 112 10.10 -27.30 -27.26
CA LYS E 112 9.83 -28.51 -26.54
C LYS E 112 10.30 -29.77 -27.28
N MET E 113 10.58 -30.82 -26.50
CA MET E 113 11.15 -32.08 -27.03
C MET E 113 10.19 -32.70 -28.06
N LYS E 114 8.89 -32.60 -27.80
CA LYS E 114 7.92 -33.14 -28.72
C LYS E 114 8.12 -32.55 -30.10
N ASP E 115 8.34 -31.24 -30.17
CA ASP E 115 8.55 -30.57 -31.44
C ASP E 115 9.87 -30.94 -32.05
N LEU E 116 10.93 -30.97 -31.23
CA LEU E 116 12.26 -31.34 -31.80
C LEU E 116 12.20 -32.68 -32.49
N GLN E 117 11.55 -33.62 -31.84
CA GLN E 117 11.47 -34.98 -32.34
C GLN E 117 10.62 -35.01 -33.63
N GLU E 118 9.57 -34.26 -33.67
CA GLU E 118 8.70 -34.21 -34.88
C GLU E 118 9.46 -33.63 -36.01
N TRP E 119 10.22 -32.58 -35.76
CA TRP E 119 10.97 -31.93 -36.84
C TRP E 119 12.07 -32.81 -37.37
N ALA E 120 12.77 -33.48 -36.49
CA ALA E 120 13.89 -34.31 -36.88
C ALA E 120 13.45 -35.67 -37.47
N GLY E 121 12.26 -36.11 -37.09
CA GLY E 121 11.72 -37.36 -37.52
C GLY E 121 12.25 -38.54 -36.74
N HIS E 122 12.91 -38.29 -35.61
CA HIS E 122 13.23 -39.40 -34.73
C HIS E 122 13.45 -38.83 -33.33
N GLU E 123 13.70 -39.72 -32.38
CA GLU E 123 13.67 -39.36 -30.98
C GLU E 123 15.01 -39.41 -30.29
N ARG E 124 16.07 -39.47 -31.05
CA ARG E 124 17.41 -39.52 -30.49
C ARG E 124 17.91 -38.07 -30.34
N PHE E 125 17.28 -37.40 -29.36
CA PHE E 125 17.39 -35.95 -29.24
C PHE E 125 17.49 -35.63 -27.74
N ILE E 126 18.35 -34.71 -27.40
CA ILE E 126 18.48 -34.21 -26.05
C ILE E 126 18.35 -32.72 -26.08
N ARG E 127 17.64 -32.20 -25.11
CA ARG E 127 17.43 -30.73 -25.01
C ARG E 127 18.17 -30.30 -23.81
N VAL E 128 18.96 -29.25 -23.96
CA VAL E 128 19.62 -28.64 -22.83
C VAL E 128 19.18 -27.19 -22.78
N MET E 129 18.92 -26.69 -21.59
N MET E 129 18.98 -26.72 -21.60
CA MET E 129 18.63 -25.27 -21.40
CA MET E 129 18.73 -25.34 -21.45
C MET E 129 19.68 -24.73 -20.47
C MET E 129 19.70 -24.76 -20.49
N PRO E 130 20.68 -24.04 -21.01
CA PRO E 130 21.74 -23.43 -20.23
C PRO E 130 21.24 -22.05 -19.82
N ASN E 131 22.07 -21.25 -19.20
CA ASN E 131 21.79 -19.85 -18.98
C ASN E 131 23.03 -19.05 -19.23
N THR E 132 22.86 -17.77 -18.99
CA THR E 132 23.89 -16.80 -19.50
C THR E 132 25.27 -17.00 -18.89
N ALA E 133 25.33 -17.69 -17.73
CA ALA E 133 26.56 -17.79 -17.02
C ALA E 133 27.50 -18.84 -17.61
N ALA E 134 27.04 -19.48 -18.69
CA ALA E 134 27.94 -20.32 -19.50
C ALA E 134 29.22 -19.60 -19.86
N THR E 135 29.14 -18.29 -20.04
CA THR E 135 30.29 -17.51 -20.43
C THR E 135 31.44 -17.54 -19.41
N VAL E 136 31.12 -17.76 -18.12
CA VAL E 136 32.07 -17.89 -17.09
C VAL E 136 32.15 -19.28 -16.48
N GLY E 137 31.56 -20.25 -17.14
CA GLY E 137 31.65 -21.56 -16.67
C GLY E 137 30.80 -21.90 -15.48
N GLU E 138 29.77 -21.08 -15.29
CA GLU E 138 28.86 -21.23 -14.13
C GLU E 138 27.45 -21.28 -14.56
N ALA E 139 27.16 -21.78 -15.75
CA ALA E 139 25.77 -22.03 -16.12
C ALA E 139 25.05 -22.92 -15.14
N ALA E 140 23.73 -22.63 -14.99
CA ALA E 140 22.79 -23.60 -14.44
C ALA E 140 22.05 -24.15 -15.65
N SER E 141 22.26 -25.44 -15.96
CA SER E 141 21.65 -26.05 -17.13
C SER E 141 20.77 -27.19 -16.71
N VAL E 142 19.79 -27.49 -17.53
CA VAL E 142 19.00 -28.66 -17.34
CA VAL E 142 18.97 -28.66 -17.34
C VAL E 142 18.86 -29.42 -18.65
N MET E 143 18.81 -30.73 -18.57
CA MET E 143 18.70 -31.54 -19.79
C MET E 143 17.49 -32.46 -19.72
N SER E 144 16.81 -32.59 -20.82
CA SER E 144 15.73 -33.54 -20.97
C SER E 144 16.06 -34.46 -22.15
N LEU E 145 15.56 -35.69 -22.03
CA LEU E 145 15.90 -36.70 -23.00
C LEU E 145 14.72 -37.01 -23.90
N GLY E 146 14.98 -37.13 -25.18
CA GLY E 146 14.01 -37.64 -26.11
C GLY E 146 13.83 -39.14 -25.94
N GLY E 147 12.83 -39.67 -26.62
CA GLY E 147 12.37 -41.03 -26.36
C GLY E 147 13.40 -42.09 -26.74
N ALA E 148 14.36 -41.75 -27.59
CA ALA E 148 15.39 -42.70 -27.99
C ALA E 148 16.76 -42.35 -27.52
N ALA E 149 16.90 -41.30 -26.76
CA ALA E 149 18.19 -40.93 -26.18
C ALA E 149 18.53 -41.89 -25.06
N THR E 150 19.75 -42.41 -25.08
CA THR E 150 20.10 -43.43 -24.15
C THR E 150 20.72 -42.81 -22.94
N GLU E 151 20.95 -43.61 -21.91
CA GLU E 151 21.70 -43.14 -20.77
C GLU E 151 23.16 -42.77 -21.18
N GLU E 152 23.71 -43.52 -22.11
CA GLU E 152 25.06 -43.21 -22.57
C GLU E 152 25.09 -41.90 -23.36
N ASP E 153 24.05 -41.64 -24.12
CA ASP E 153 23.94 -40.34 -24.83
C ASP E 153 23.92 -39.20 -23.80
N ALA E 154 23.11 -39.39 -22.76
CA ALA E 154 22.98 -38.40 -21.68
C ALA E 154 24.33 -38.18 -21.04
N ASN E 155 25.08 -39.24 -20.77
CA ASN E 155 26.39 -39.04 -20.16
C ASN E 155 27.37 -38.29 -21.04
N LEU E 156 27.29 -38.56 -22.34
CA LEU E 156 28.15 -37.93 -23.31
C LEU E 156 27.88 -36.45 -23.27
N ILE E 157 26.61 -36.12 -23.24
CA ILE E 157 26.18 -34.74 -23.20
C ILE E 157 26.55 -34.07 -21.87
N SER E 158 26.38 -34.77 -20.78
CA SER E 158 26.76 -34.22 -19.49
C SER E 158 28.24 -33.87 -19.53
N GLN E 159 29.07 -34.73 -20.11
CA GLN E 159 30.52 -34.55 -20.13
C GLN E 159 30.97 -33.48 -21.09
N LEU E 160 30.34 -33.48 -22.27
CA LEU E 160 30.70 -32.54 -23.26
C LEU E 160 30.48 -31.12 -22.78
N PHE E 161 29.40 -30.98 -22.07
CA PHE E 161 28.96 -29.71 -21.60
C PHE E 161 29.53 -29.31 -20.31
N GLY E 162 30.37 -30.14 -19.70
CA GLY E 162 30.62 -29.97 -18.29
C GLY E 162 31.29 -28.69 -18.02
N SER E 163 31.98 -28.16 -19.00
CA SER E 163 32.82 -26.97 -18.81
C SER E 163 32.03 -25.77 -18.69
N ILE E 164 30.74 -25.82 -19.02
CA ILE E 164 30.13 -24.53 -18.97
C ILE E 164 29.35 -24.32 -17.62
N GLY E 165 29.33 -25.23 -16.72
CA GLY E 165 28.58 -25.05 -15.44
C GLY E 165 28.11 -26.35 -14.91
N LYS E 166 26.95 -26.34 -14.24
CA LYS E 166 26.37 -27.48 -13.63
C LYS E 166 25.21 -27.89 -14.51
N ILE E 167 24.88 -29.18 -14.47
CA ILE E 167 23.79 -29.68 -15.26
C ILE E 167 22.98 -30.65 -14.46
N TRP E 168 21.67 -30.46 -14.50
CA TRP E 168 20.72 -31.30 -13.83
C TRP E 168 19.75 -31.87 -14.93
N LYS E 169 19.16 -33.04 -14.62
CA LYS E 169 18.24 -33.67 -15.51
C LYS E 169 16.84 -33.31 -15.06
N ALA E 170 15.96 -33.04 -15.97
CA ALA E 170 14.58 -32.77 -15.63
C ALA E 170 13.70 -33.07 -16.78
N ASP E 171 12.44 -33.41 -16.47
CA ASP E 171 11.49 -33.75 -17.45
C ASP E 171 11.26 -32.50 -18.26
N ASP E 172 11.02 -32.72 -19.52
CA ASP E 172 10.78 -31.61 -20.41
C ASP E 172 9.62 -30.71 -19.97
N LYS E 173 8.59 -31.27 -19.31
CA LYS E 173 7.48 -30.49 -18.92
C LYS E 173 7.82 -29.36 -17.91
N TYR E 174 8.97 -29.45 -17.30
CA TYR E 174 9.35 -28.39 -16.32
C TYR E 174 10.06 -27.20 -16.98
N PHE E 175 10.36 -27.28 -18.27
CA PHE E 175 11.29 -26.32 -18.84
C PHE E 175 10.77 -24.86 -18.88
N ASP E 176 9.46 -24.65 -19.04
CA ASP E 176 8.94 -23.24 -18.79
C ASP E 176 9.21 -22.66 -17.49
N ALA E 177 8.97 -23.41 -16.44
CA ALA E 177 9.33 -22.95 -15.07
C ALA E 177 10.80 -22.76 -14.93
N ILE E 178 11.57 -23.72 -15.47
CA ILE E 178 13.01 -23.60 -15.36
C ILE E 178 13.41 -22.29 -16.00
N THR E 179 12.82 -21.97 -17.15
CA THR E 179 13.18 -20.73 -17.86
C THR E 179 12.98 -19.50 -16.99
N GLY E 180 11.90 -19.53 -16.18
CA GLY E 180 11.62 -18.41 -15.30
C GLY E 180 12.53 -18.27 -14.08
N LEU E 181 13.22 -19.35 -13.77
CA LEU E 181 14.12 -19.42 -12.62
C LEU E 181 15.55 -19.33 -13.11
N SER E 182 16.10 -20.33 -13.75
CA SER E 182 17.53 -20.26 -14.13
C SER E 182 17.82 -19.50 -15.39
N GLY E 183 16.86 -19.44 -16.31
CA GLY E 183 17.05 -18.67 -17.52
C GLY E 183 16.93 -17.19 -17.30
N SER E 184 15.89 -16.76 -16.55
CA SER E 184 15.67 -15.39 -16.29
C SER E 184 16.28 -14.85 -15.04
N GLY E 185 16.48 -15.73 -14.05
CA GLY E 185 17.02 -15.32 -12.79
C GLY E 185 18.24 -14.47 -12.76
N PRO E 186 19.16 -14.68 -13.72
CA PRO E 186 20.34 -13.81 -13.65
C PRO E 186 19.98 -12.36 -13.68
N ALA E 187 18.95 -11.98 -14.40
CA ALA E 187 18.61 -10.54 -14.43
C ALA E 187 18.11 -10.03 -13.07
N TYR E 188 17.44 -10.91 -12.37
CA TYR E 188 16.95 -10.56 -11.06
C TYR E 188 18.13 -10.26 -10.13
N ILE E 189 19.19 -11.03 -10.34
CA ILE E 189 20.38 -10.85 -9.55
C ILE E 189 21.23 -9.67 -9.99
N TYR E 190 21.25 -9.36 -11.27
CA TYR E 190 21.82 -8.16 -11.69
C TYR E 190 21.15 -6.94 -11.14
N LEU E 191 19.83 -6.94 -11.08
CA LEU E 191 19.14 -5.87 -10.39
C LEU E 191 19.51 -5.81 -8.90
N ALA E 192 19.63 -6.96 -8.28
CA ALA E 192 19.98 -7.00 -6.89
C ALA E 192 21.35 -6.44 -6.61
N ILE E 193 22.29 -6.79 -7.47
CA ILE E 193 23.65 -6.31 -7.31
C ILE E 193 23.68 -4.80 -7.44
N GLU E 194 22.95 -4.26 -8.42
CA GLU E 194 22.96 -2.82 -8.56
C GLU E 194 22.31 -2.14 -7.40
N ALA E 195 21.22 -2.73 -6.94
CA ALA E 195 20.53 -2.18 -5.78
C ALA E 195 21.35 -2.21 -4.52
N LEU E 196 22.08 -3.28 -4.29
CA LEU E 196 22.91 -3.38 -3.15
C LEU E 196 24.02 -2.36 -3.19
N ALA E 197 24.59 -2.20 -4.38
CA ALA E 197 25.56 -1.13 -4.55
C ALA E 197 25.03 0.26 -4.32
N ASP E 198 23.84 0.56 -4.88
CA ASP E 198 23.17 1.80 -4.63
C ASP E 198 22.91 2.01 -3.13
N GLY E 199 22.51 0.92 -2.46
CA GLY E 199 22.32 0.97 -1.06
C GLY E 199 23.58 1.33 -0.28
N GLY E 200 24.68 0.70 -0.67
CA GLY E 200 25.95 1.05 -0.10
C GLY E 200 26.27 2.53 -0.23
N VAL E 201 26.11 3.05 -1.44
CA VAL E 201 26.35 4.45 -1.71
C VAL E 201 25.42 5.33 -0.88
N ALA E 202 24.18 4.89 -0.74
CA ALA E 202 23.22 5.62 0.08
C ALA E 202 23.66 5.67 1.51
N ALA E 203 24.33 4.60 1.97
CA ALA E 203 24.87 4.53 3.33
C ALA E 203 26.23 5.18 3.46
N GLY E 204 26.74 5.76 2.42
CA GLY E 204 27.98 6.56 2.45
C GLY E 204 29.19 5.94 1.85
N LEU E 205 29.07 4.80 1.20
CA LEU E 205 30.21 4.17 0.57
C LEU E 205 30.58 4.71 -0.78
N PRO E 206 31.90 4.74 -1.10
CA PRO E 206 32.29 5.01 -2.49
C PRO E 206 31.71 4.00 -3.46
N ARG E 207 31.38 4.47 -4.64
CA ARG E 207 30.71 3.66 -5.64
C ARG E 207 31.50 2.46 -6.06
N ASP E 208 32.80 2.63 -6.37
N ASP E 208 32.79 2.63 -6.35
CA ASP E 208 33.52 1.45 -6.85
CA ASP E 208 33.54 1.45 -6.82
C ASP E 208 33.56 0.35 -5.80
C ASP E 208 33.55 0.35 -5.79
N LEU E 209 33.81 0.74 -4.55
CA LEU E 209 33.85 -0.21 -3.45
C LEU E 209 32.49 -0.86 -3.31
N ALA E 210 31.42 -0.04 -3.36
CA ALA E 210 30.06 -0.58 -3.16
C ALA E 210 29.71 -1.62 -4.19
N LEU E 211 30.07 -1.37 -5.45
CA LEU E 211 29.79 -2.33 -6.51
C LEU E 211 30.67 -3.57 -6.39
N SER E 212 31.96 -3.38 -6.06
CA SER E 212 32.83 -4.51 -5.81
C SER E 212 32.32 -5.42 -4.73
N LEU E 213 31.94 -4.81 -3.62
CA LEU E 213 31.42 -5.50 -2.48
C LEU E 213 30.11 -6.18 -2.84
N ALA E 214 29.25 -5.47 -3.50
CA ALA E 214 27.95 -6.08 -3.85
C ALA E 214 28.09 -7.32 -4.63
N SER E 215 28.93 -7.29 -5.70
CA SER E 215 29.08 -8.50 -6.49
C SER E 215 29.70 -9.63 -5.77
N GLN E 216 30.75 -9.34 -5.00
CA GLN E 216 31.43 -10.40 -4.31
C GLN E 216 30.61 -10.97 -3.15
N THR E 217 29.81 -10.09 -2.56
CA THR E 217 28.87 -10.56 -1.48
C THR E 217 27.88 -11.53 -2.03
N VAL E 218 27.29 -11.21 -3.14
CA VAL E 218 26.37 -12.15 -3.81
C VAL E 218 27.05 -13.44 -4.20
N LEU E 219 28.21 -13.33 -4.81
CA LEU E 219 29.00 -14.53 -5.19
C LEU E 219 29.30 -15.40 -3.99
N GLY E 220 29.81 -14.79 -2.92
CA GLY E 220 30.12 -15.52 -1.75
C GLY E 220 28.96 -16.21 -1.09
N ALA E 221 27.87 -15.51 -1.00
CA ALA E 221 26.66 -16.11 -0.44
C ALA E 221 26.14 -17.31 -1.27
N ALA E 222 26.19 -17.16 -2.61
CA ALA E 222 25.75 -18.24 -3.44
C ALA E 222 26.64 -19.41 -3.33
N SER E 223 27.93 -19.11 -3.17
CA SER E 223 28.91 -20.16 -3.01
C SER E 223 28.77 -20.89 -1.70
N MET E 224 28.35 -20.19 -0.67
CA MET E 224 28.00 -20.81 0.60
C MET E 224 26.82 -21.74 0.35
N ALA E 225 25.81 -21.26 -0.39
CA ALA E 225 24.63 -22.03 -0.63
C ALA E 225 24.91 -23.25 -1.47
N THR E 226 25.80 -23.12 -2.43
CA THR E 226 26.05 -24.24 -3.33
C THR E 226 26.96 -25.29 -2.66
N GLN E 227 27.87 -24.87 -1.78
CA GLN E 227 28.82 -25.81 -1.16
C GLN E 227 28.49 -26.31 0.23
N SER E 228 27.69 -25.59 0.99
CA SER E 228 27.54 -25.85 2.42
C SER E 228 26.74 -27.05 2.77
N GLY E 229 25.92 -27.50 1.85
CA GLY E 229 24.94 -28.52 2.20
C GLY E 229 23.81 -28.00 3.13
N LYS E 230 23.66 -26.67 3.29
CA LYS E 230 22.68 -26.18 4.25
C LYS E 230 21.49 -25.57 3.55
N HIS E 231 20.33 -25.64 4.21
CA HIS E 231 19.15 -24.96 3.73
C HIS E 231 19.41 -23.47 3.83
N PRO E 232 18.88 -22.70 2.91
CA PRO E 232 19.10 -21.25 3.02
C PRO E 232 18.63 -20.61 4.28
N GLY E 233 17.56 -21.11 4.87
CA GLY E 233 17.14 -20.61 6.14
C GLY E 233 18.12 -20.83 7.26
N GLN E 234 18.85 -21.96 7.20
N GLN E 234 18.84 -21.95 7.20
CA GLN E 234 19.94 -22.23 8.13
CA GLN E 234 19.93 -22.17 8.14
C GLN E 234 21.10 -21.26 7.93
C GLN E 234 21.09 -21.24 7.93
N LEU E 235 21.46 -21.01 6.68
CA LEU E 235 22.48 -20.05 6.39
C LEU E 235 22.16 -18.64 6.88
N LYS E 236 20.88 -18.24 6.68
CA LYS E 236 20.41 -16.97 7.22
C LYS E 236 20.49 -16.94 8.75
N ASP E 237 20.11 -18.04 9.39
CA ASP E 237 20.19 -18.10 10.85
C ASP E 237 21.62 -17.98 11.32
N ASP E 238 22.54 -18.55 10.54
CA ASP E 238 23.93 -18.51 10.91
C ASP E 238 24.50 -17.10 10.96
N VAL E 239 24.01 -16.18 10.16
CA VAL E 239 24.55 -14.85 10.10
C VAL E 239 23.74 -13.77 10.78
N THR E 240 22.58 -14.10 11.36
CA THR E 240 21.77 -13.05 12.00
C THR E 240 22.02 -13.03 13.50
N SER E 241 23.06 -12.34 13.92
CA SER E 241 23.36 -12.21 15.34
C SER E 241 22.24 -11.46 16.04
N PRO E 242 22.02 -11.69 17.32
CA PRO E 242 20.90 -11.05 18.09
C PRO E 242 20.92 -9.58 18.09
N GLY E 243 19.82 -8.97 17.64
CA GLY E 243 19.68 -7.54 17.54
C GLY E 243 20.74 -6.83 16.68
N GLY E 244 21.36 -7.57 15.80
CA GLY E 244 22.51 -7.04 15.07
C GLY E 244 22.13 -6.41 13.77
N THR E 245 23.16 -6.07 13.04
CA THR E 245 23.01 -5.37 11.80
C THR E 245 22.27 -6.24 10.78
N THR E 246 22.59 -7.51 10.71
CA THR E 246 22.03 -8.34 9.65
C THR E 246 20.55 -8.54 9.80
N ILE E 247 20.09 -8.78 11.01
CA ILE E 247 18.66 -8.95 11.25
C ILE E 247 17.91 -7.68 11.05
N ALA E 248 18.54 -6.52 11.27
CA ALA E 248 17.93 -5.27 10.96
C ALA E 248 17.65 -5.19 9.44
N GLY E 249 18.67 -5.59 8.63
CA GLY E 249 18.48 -5.57 7.18
C GLY E 249 17.43 -6.57 6.77
N VAL E 250 17.48 -7.78 7.32
CA VAL E 250 16.56 -8.82 6.95
C VAL E 250 15.13 -8.40 7.30
N HIS E 251 14.97 -7.73 8.42
CA HIS E 251 13.64 -7.25 8.84
C HIS E 251 13.08 -6.27 7.81
N GLU E 252 13.89 -5.39 7.28
CA GLU E 252 13.44 -4.53 6.17
C GLU E 252 12.97 -5.28 4.99
N LEU E 253 13.69 -6.33 4.59
CA LEU E 253 13.29 -7.16 3.47
C LEU E 253 11.92 -7.79 3.75
N GLU E 254 11.78 -8.32 4.95
CA GLU E 254 10.51 -9.03 5.30
C GLU E 254 9.35 -8.04 5.39
N LYS E 255 9.59 -6.85 5.92
CA LYS E 255 8.55 -5.85 5.97
C LYS E 255 7.98 -5.61 4.59
N ALA E 256 8.86 -5.61 3.60
CA ALA E 256 8.50 -5.33 2.24
C ALA E 256 8.01 -6.49 1.45
N GLY E 257 8.01 -7.67 1.99
CA GLY E 257 7.64 -8.88 1.25
C GLY E 257 8.58 -9.28 0.11
N PHE E 258 9.83 -9.03 0.33
CA PHE E 258 10.94 -9.37 -0.59
C PHE E 258 10.83 -10.76 -1.16
N ARG E 259 10.60 -11.74 -0.29
CA ARG E 259 10.51 -13.09 -0.81
C ARG E 259 9.38 -13.26 -1.81
N GLY E 260 8.19 -12.73 -1.49
CA GLY E 260 7.08 -12.81 -2.35
C GLY E 260 7.30 -12.15 -3.71
N ILE E 261 8.07 -11.10 -3.70
CA ILE E 261 8.40 -10.39 -4.94
C ILE E 261 9.20 -11.24 -5.83
N LEU E 262 10.24 -11.89 -5.29
CA LEU E 262 10.99 -12.82 -6.08
C LEU E 262 10.22 -14.04 -6.57
N MET E 263 9.30 -14.53 -5.74
CA MET E 263 8.38 -15.59 -6.18
C MET E 263 7.56 -15.08 -7.36
N ASN E 264 7.01 -13.90 -7.22
CA ASN E 264 6.18 -13.30 -8.25
C ASN E 264 6.96 -13.23 -9.56
N ALA E 265 8.23 -12.83 -9.51
CA ALA E 265 9.04 -12.73 -10.71
C ALA E 265 9.22 -14.06 -11.39
N VAL E 266 9.58 -15.09 -10.65
CA VAL E 266 9.72 -16.39 -11.21
C VAL E 266 8.41 -16.84 -11.86
N VAL E 267 7.30 -16.69 -11.12
CA VAL E 267 6.00 -17.12 -11.66
C VAL E 267 5.62 -16.36 -12.90
N ALA E 268 5.87 -15.06 -12.94
CA ALA E 268 5.58 -14.29 -14.12
C ALA E 268 6.40 -14.66 -15.30
N ALA E 269 7.70 -14.87 -15.07
CA ALA E 269 8.58 -15.30 -16.15
C ALA E 269 8.17 -16.66 -16.70
N ALA E 270 7.84 -17.58 -15.81
CA ALA E 270 7.38 -18.91 -16.21
C ALA E 270 6.06 -18.86 -16.99
N LYS E 271 5.16 -18.02 -16.56
CA LYS E 271 3.89 -17.85 -17.27
C LYS E 271 4.18 -17.27 -18.68
N ARG E 272 5.06 -16.29 -18.77
N ARG E 272 5.06 -16.28 -18.77
CA ARG E 272 5.47 -15.76 -20.04
CA ARG E 272 5.47 -15.75 -20.06
C ARG E 272 6.06 -16.81 -20.94
C ARG E 272 6.06 -16.81 -20.95
N SER E 273 6.92 -17.65 -20.37
CA SER E 273 7.52 -18.69 -21.11
C SER E 273 6.42 -19.61 -21.73
N GLN E 274 5.44 -19.95 -20.95
CA GLN E 274 4.35 -20.79 -21.42
C GLN E 274 3.61 -20.08 -22.55
N GLU E 275 3.37 -18.79 -22.38
CA GLU E 275 2.63 -18.00 -23.37
C GLU E 275 3.36 -17.86 -24.66
N LEU E 276 4.67 -17.86 -24.62
CA LEU E 276 5.52 -17.76 -25.82
C LEU E 276 5.65 -19.10 -26.52
N SER E 277 5.15 -20.11 -25.84
N SER E 277 5.17 -20.10 -25.81
CA SER E 277 4.68 -21.41 -26.34
CA SER E 277 4.68 -21.41 -26.25
C SER E 277 5.41 -22.43 -25.53
C SER E 277 5.42 -22.45 -25.51
N ILE F 6 59.73 0.12 13.77
CA ILE F 6 58.91 -0.64 12.76
C ILE F 6 59.85 -1.26 11.69
N ILE F 7 60.31 -2.47 11.99
CA ILE F 7 61.09 -3.28 11.03
C ILE F 7 60.09 -3.91 10.02
N PRO F 8 60.45 -3.99 8.71
CA PRO F 8 59.52 -4.67 7.79
C PRO F 8 59.24 -6.10 8.24
N ILE F 9 58.01 -6.57 8.04
CA ILE F 9 57.73 -7.97 8.34
C ILE F 9 58.37 -8.80 7.20
N PRO F 10 59.11 -9.89 7.53
CA PRO F 10 59.68 -10.67 6.39
C PRO F 10 58.67 -11.38 5.53
N ALA F 11 58.56 -10.93 4.28
CA ALA F 11 57.41 -11.25 3.44
C ALA F 11 57.20 -12.73 3.22
N ASP F 12 58.30 -13.50 3.23
CA ASP F 12 58.22 -14.91 2.84
C ASP F 12 58.30 -15.85 4.00
N SER F 13 58.64 -15.34 5.16
CA SER F 13 58.92 -16.18 6.26
C SER F 13 58.24 -15.78 7.55
N TYR F 14 57.36 -14.79 7.49
CA TYR F 14 56.80 -14.30 8.75
C TYR F 14 55.98 -15.41 9.38
N THR F 15 55.86 -15.30 10.66
CA THR F 15 54.98 -16.13 11.40
C THR F 15 53.70 -15.38 11.82
N LEU F 16 52.58 -16.13 11.85
CA LEU F 16 51.26 -15.57 12.02
C LEU F 16 50.60 -16.18 13.26
N GLY F 17 50.06 -15.35 14.12
CA GLY F 17 49.49 -15.77 15.34
C GLY F 17 48.05 -15.34 15.43
N PHE F 18 47.18 -16.27 15.80
CA PHE F 18 45.79 -15.97 15.97
C PHE F 18 45.44 -15.90 17.44
N ILE F 19 44.98 -14.73 17.86
CA ILE F 19 44.42 -14.54 19.18
C ILE F 19 42.94 -14.57 18.98
N GLY F 20 42.33 -15.65 19.44
CA GLY F 20 40.96 -15.99 19.13
C GLY F 20 41.06 -17.09 18.12
N ALA F 21 40.42 -18.20 18.41
CA ALA F 21 40.53 -19.41 17.59
C ALA F 21 39.16 -19.83 17.05
N GLY F 22 38.33 -18.83 16.74
CA GLY F 22 37.03 -19.09 16.22
C GLY F 22 37.02 -19.43 14.74
N LYS F 23 35.84 -19.32 14.15
CA LYS F 23 35.63 -19.80 12.77
C LYS F 23 36.39 -18.94 11.80
N MET F 24 36.41 -17.63 12.04
CA MET F 24 37.12 -16.76 11.09
C MET F 24 38.62 -16.98 11.11
N ALA F 25 39.16 -17.14 12.31
CA ALA F 25 40.58 -17.53 12.41
C ALA F 25 40.86 -18.81 11.63
N GLU F 26 39.99 -19.78 11.83
CA GLU F 26 40.16 -21.08 11.18
C GLU F 26 40.10 -20.92 9.66
N SER F 27 39.10 -20.12 9.19
CA SER F 27 39.00 -19.89 7.75
C SER F 27 40.26 -19.26 7.19
N ILE F 28 40.79 -18.29 7.92
CA ILE F 28 42.01 -17.60 7.45
C ILE F 28 43.16 -18.59 7.40
N ALA F 29 43.34 -19.32 8.50
CA ALA F 29 44.45 -20.28 8.56
C ALA F 29 44.34 -21.33 7.49
N LYS F 30 43.12 -21.88 7.30
CA LYS F 30 42.90 -22.88 6.26
C LYS F 30 43.17 -22.34 4.88
N GLY F 31 42.64 -21.16 4.62
CA GLY F 31 42.91 -20.49 3.39
C GLY F 31 44.38 -20.27 3.10
N ALA F 32 45.09 -19.74 4.07
CA ALA F 32 46.47 -19.32 3.83
C ALA F 32 47.32 -20.58 3.59
N VAL F 33 46.97 -21.66 4.28
CA VAL F 33 47.70 -22.92 4.11
C VAL F 33 47.35 -23.54 2.77
N ARG F 34 46.07 -23.67 2.51
CA ARG F 34 45.59 -24.23 1.22
C ARG F 34 46.15 -23.45 0.02
N SER F 35 46.26 -22.14 0.10
CA SER F 35 46.80 -21.34 -1.02
C SER F 35 48.32 -21.30 -1.08
N GLY F 36 48.99 -21.88 -0.10
CA GLY F 36 50.45 -21.80 -0.04
C GLY F 36 51.03 -20.49 0.48
N VAL F 37 50.19 -19.55 0.92
CA VAL F 37 50.75 -18.30 1.45
C VAL F 37 51.61 -18.59 2.67
N LEU F 38 51.08 -19.48 3.50
CA LEU F 38 51.72 -19.86 4.74
C LEU F 38 51.76 -21.37 4.80
N SER F 39 52.79 -21.92 5.39
CA SER F 39 52.73 -23.30 5.81
C SER F 39 52.14 -23.34 7.23
N PRO F 40 51.55 -24.47 7.65
CA PRO F 40 51.08 -24.58 9.02
C PRO F 40 52.08 -24.36 10.12
N SER F 41 53.36 -24.67 9.85
CA SER F 41 54.41 -24.48 10.83
C SER F 41 54.70 -23.01 11.17
N ARG F 42 54.24 -22.12 10.30
CA ARG F 42 54.36 -20.71 10.53
C ARG F 42 53.16 -20.06 11.23
N ILE F 43 52.17 -20.87 11.65
CA ILE F 43 50.97 -20.34 12.26
C ILE F 43 50.87 -20.90 13.67
N LYS F 44 50.50 -20.03 14.58
CA LYS F 44 50.19 -20.43 15.95
C LYS F 44 48.85 -19.89 16.36
N THR F 45 48.18 -20.58 17.28
CA THR F 45 47.04 -20.01 17.97
C THR F 45 47.06 -20.46 19.44
N ALA F 46 46.22 -19.87 20.26
CA ALA F 46 46.12 -20.28 21.65
C ALA F 46 44.68 -20.52 21.93
N ILE F 47 44.46 -21.64 22.56
CA ILE F 47 43.16 -22.08 22.93
C ILE F 47 43.28 -22.59 24.34
N HIS F 48 42.30 -22.26 25.17
CA HIS F 48 42.40 -22.63 26.56
C HIS F 48 41.33 -23.63 26.99
N SER F 49 40.08 -23.32 26.76
CA SER F 49 39.01 -24.14 27.29
C SER F 49 38.41 -25.09 26.29
N ASN F 50 39.04 -25.24 25.14
CA ASN F 50 38.36 -25.88 24.03
C ASN F 50 39.10 -26.98 23.29
N PRO F 51 38.84 -28.28 23.74
CA PRO F 51 39.55 -29.32 22.98
C PRO F 51 39.10 -29.39 21.53
N ALA F 52 37.84 -29.09 21.29
CA ALA F 52 37.23 -29.12 19.94
C ALA F 52 37.93 -28.14 19.00
N ARG F 53 38.12 -26.91 19.47
CA ARG F 53 38.81 -25.89 18.66
C ARG F 53 40.26 -26.28 18.57
N ARG F 54 40.84 -26.81 19.63
CA ARG F 54 42.23 -27.26 19.57
C ARG F 54 42.41 -28.26 18.43
N THR F 55 41.47 -29.18 18.33
CA THR F 55 41.53 -30.20 17.28
C THR F 55 41.43 -29.61 15.90
N ALA F 56 40.51 -28.68 15.71
CA ALA F 56 40.35 -27.98 14.43
C ALA F 56 41.71 -27.50 13.93
N PHE F 57 42.48 -26.85 14.81
CA PHE F 57 43.76 -26.22 14.35
C PHE F 57 44.86 -27.25 14.20
N GLU F 58 44.96 -28.12 15.21
CA GLU F 58 45.94 -29.20 15.15
C GLU F 58 45.71 -30.05 13.92
N SER F 59 44.47 -30.24 13.51
CA SER F 59 44.19 -31.13 12.36
C SER F 59 44.61 -30.55 11.03
N ILE F 60 44.93 -29.25 11.00
CA ILE F 60 45.50 -28.72 9.79
C ILE F 60 46.98 -28.43 9.96
N GLY F 61 47.57 -28.95 11.03
CA GLY F 61 49.01 -28.94 11.22
C GLY F 61 49.52 -27.77 12.03
N ILE F 62 48.60 -27.03 12.66
CA ILE F 62 48.98 -25.81 13.38
C ILE F 62 49.17 -26.10 14.83
N THR F 63 50.26 -25.54 15.37
CA THR F 63 50.53 -25.64 16.81
C THR F 63 49.66 -24.72 17.64
N VAL F 64 49.04 -25.30 18.65
CA VAL F 64 48.17 -24.60 19.58
C VAL F 64 48.94 -24.44 20.85
N LEU F 65 49.15 -23.19 21.23
CA LEU F 65 49.92 -22.88 22.45
C LEU F 65 48.97 -22.65 23.58
N SER F 66 49.50 -22.60 24.78
CA SER F 66 48.64 -22.53 25.95
C SER F 66 48.26 -21.10 26.31
N SER F 67 48.98 -20.10 25.79
CA SER F 67 48.71 -18.73 26.17
C SER F 67 48.80 -17.77 24.98
N ASN F 68 47.97 -16.75 25.06
CA ASN F 68 48.00 -15.67 24.12
C ASN F 68 49.36 -15.01 24.11
N ASP F 69 49.95 -14.88 25.29
CA ASP F 69 51.28 -14.30 25.38
C ASP F 69 52.26 -14.98 24.46
N ASP F 70 52.30 -16.28 24.51
CA ASP F 70 53.31 -17.03 23.76
C ASP F 70 53.04 -16.95 22.25
N VAL F 71 51.76 -16.90 21.89
CA VAL F 71 51.42 -16.69 20.50
C VAL F 71 52.00 -15.37 20.04
N VAL F 72 51.79 -14.31 20.80
CA VAL F 72 52.32 -13.02 20.45
C VAL F 72 53.83 -13.05 20.36
N ARG F 73 54.49 -13.66 21.34
CA ARG F 73 55.94 -13.64 21.35
C ARG F 73 56.49 -14.28 20.10
N ASP F 74 55.86 -15.37 19.66
CA ASP F 74 56.35 -16.13 18.51
C ASP F 74 55.89 -15.65 17.16
N SER F 75 55.11 -14.57 17.13
CA SER F 75 54.50 -14.10 15.90
C SER F 75 54.97 -12.75 15.46
N ASN F 76 55.20 -12.64 14.16
CA ASN F 76 55.46 -11.34 13.53
C ASN F 76 54.14 -10.59 13.29
N VAL F 77 53.08 -11.35 12.98
CA VAL F 77 51.78 -10.77 12.60
C VAL F 77 50.79 -11.40 13.50
N VAL F 78 50.01 -10.58 14.19
CA VAL F 78 49.06 -11.07 15.18
C VAL F 78 47.67 -10.67 14.75
N VAL F 79 46.80 -11.68 14.57
CA VAL F 79 45.44 -11.46 14.16
C VAL F 79 44.51 -11.67 15.33
N PHE F 80 43.80 -10.61 15.71
CA PHE F 80 42.81 -10.66 16.81
C PHE F 80 41.46 -10.93 16.28
N SER F 81 40.87 -12.04 16.68
CA SER F 81 39.52 -12.39 16.20
C SER F 81 38.62 -12.81 17.39
N VAL F 82 38.92 -12.28 18.55
CA VAL F 82 38.05 -12.56 19.71
C VAL F 82 36.81 -11.74 19.54
N LYS F 83 35.80 -12.11 20.34
CA LYS F 83 34.55 -11.41 20.26
C LYS F 83 34.83 -9.95 20.54
N PRO F 84 34.14 -9.05 19.82
CA PRO F 84 34.48 -7.63 19.95
C PRO F 84 34.48 -7.08 21.36
N GLN F 85 33.51 -7.55 22.15
CA GLN F 85 33.31 -7.09 23.53
C GLN F 85 34.47 -7.48 24.42
N LEU F 86 35.24 -8.49 24.02
CA LEU F 86 36.41 -8.99 24.77
C LEU F 86 37.73 -8.42 24.33
N LEU F 87 37.75 -7.74 23.18
CA LEU F 87 39.02 -7.37 22.57
C LEU F 87 39.83 -6.39 23.37
N LYS F 88 39.17 -5.38 23.91
CA LYS F 88 39.91 -4.38 24.61
C LYS F 88 40.77 -4.97 25.74
N ASP F 89 40.14 -5.80 26.57
CA ASP F 89 40.86 -6.39 27.72
C ASP F 89 41.97 -7.34 27.28
N VAL F 90 41.71 -8.05 26.19
CA VAL F 90 42.72 -8.95 25.62
C VAL F 90 43.93 -8.14 25.16
N VAL F 91 43.69 -7.08 24.40
CA VAL F 91 44.81 -6.24 23.93
C VAL F 91 45.55 -5.60 25.13
N LEU F 92 44.80 -5.04 26.06
CA LEU F 92 45.42 -4.40 27.25
C LEU F 92 46.30 -5.39 27.97
N LYS F 93 45.84 -6.63 28.13
CA LYS F 93 46.69 -7.63 28.82
C LYS F 93 47.96 -7.86 28.08
N LEU F 94 47.87 -7.88 26.74
CA LEU F 94 49.01 -8.28 25.95
C LEU F 94 49.97 -7.15 25.72
N LYS F 95 49.53 -5.95 26.04
CA LYS F 95 50.18 -4.73 25.60
C LYS F 95 51.71 -4.68 25.71
N PRO F 96 52.30 -5.04 26.87
CA PRO F 96 53.76 -5.07 26.95
C PRO F 96 54.46 -5.87 25.87
N LEU F 97 53.79 -6.90 25.37
CA LEU F 97 54.36 -7.80 24.35
C LEU F 97 54.08 -7.29 22.89
N LEU F 98 53.22 -6.30 22.76
CA LEU F 98 52.83 -5.76 21.43
C LEU F 98 53.80 -4.71 20.96
N THR F 99 55.04 -5.18 20.75
CA THR F 99 56.11 -4.30 20.33
C THR F 99 55.95 -3.90 18.90
N LYS F 100 56.52 -2.78 18.54
CA LYS F 100 56.21 -2.12 17.25
C LYS F 100 56.73 -2.86 16.04
N ASP F 101 57.54 -3.87 16.28
CA ASP F 101 58.06 -4.71 15.25
C ASP F 101 57.01 -5.79 14.82
N LYS F 102 55.89 -5.86 15.53
CA LYS F 102 54.87 -6.83 15.20
C LYS F 102 53.71 -6.05 14.57
N LEU F 103 53.26 -6.54 13.42
CA LEU F 103 52.07 -6.00 12.82
C LEU F 103 50.78 -6.62 13.41
N LEU F 104 49.88 -5.76 13.86
CA LEU F 104 48.65 -6.18 14.54
C LEU F 104 47.49 -6.04 13.54
N VAL F 105 46.61 -7.03 13.59
CA VAL F 105 45.45 -7.06 12.68
C VAL F 105 44.23 -7.39 13.50
N SER F 106 43.18 -6.61 13.32
CA SER F 106 41.90 -6.94 13.98
C SER F 106 40.87 -7.28 12.93
N VAL F 107 40.17 -8.39 13.14
CA VAL F 107 38.96 -8.71 12.33
C VAL F 107 37.70 -8.53 13.18
N ALA F 108 37.82 -7.88 14.33
CA ALA F 108 36.64 -7.68 15.22
C ALA F 108 35.63 -6.72 14.64
N ALA F 109 34.37 -7.17 14.56
CA ALA F 109 33.35 -6.36 13.95
C ALA F 109 33.15 -5.14 14.83
N GLY F 110 33.05 -4.00 14.19
CA GLY F 110 32.62 -2.76 14.84
C GLY F 110 33.70 -2.05 15.67
N ILE F 111 34.91 -2.56 15.76
CA ILE F 111 35.95 -1.91 16.59
C ILE F 111 36.84 -1.02 15.74
N LYS F 112 36.77 0.30 15.99
CA LYS F 112 37.41 1.28 15.13
C LYS F 112 38.90 1.33 15.34
N MET F 113 39.58 1.77 14.31
CA MET F 113 41.03 1.85 14.28
C MET F 113 41.52 2.76 15.42
N LYS F 114 40.83 3.87 15.62
CA LYS F 114 41.23 4.80 16.71
C LYS F 114 41.35 4.06 18.06
N ASP F 115 40.37 3.20 18.36
CA ASP F 115 40.40 2.41 19.58
C ASP F 115 41.48 1.36 19.57
N LEU F 116 41.61 0.63 18.46
CA LEU F 116 42.64 -0.40 18.36
C LEU F 116 44.03 0.17 18.72
N GLN F 117 44.32 1.30 18.11
CA GLN F 117 45.62 1.96 18.28
C GLN F 117 45.82 2.43 19.74
N GLU F 118 44.77 2.97 20.34
CA GLU F 118 44.86 3.43 21.77
C GLU F 118 45.09 2.28 22.68
N TRP F 119 44.38 1.17 22.45
CA TRP F 119 44.58 -0.02 23.28
C TRP F 119 45.98 -0.62 23.15
N ALA F 120 46.48 -0.70 21.93
CA ALA F 120 47.77 -1.31 21.70
C ALA F 120 48.93 -0.39 22.09
N GLY F 121 48.68 0.90 22.06
CA GLY F 121 49.71 1.91 22.34
C GLY F 121 50.58 2.23 21.16
N HIS F 122 50.22 1.76 19.99
CA HIS F 122 50.98 2.14 18.80
C HIS F 122 50.01 1.99 17.61
N GLU F 123 50.46 2.45 16.46
CA GLU F 123 49.63 2.58 15.29
C GLU F 123 49.91 1.59 14.18
N ARG F 124 50.70 0.56 14.48
CA ARG F 124 51.06 -0.43 13.46
C ARG F 124 50.01 -1.52 13.51
N PHE F 125 48.84 -1.13 12.99
CA PHE F 125 47.62 -1.91 13.16
C PHE F 125 46.90 -1.84 11.83
N ILE F 126 46.33 -2.96 11.43
CA ILE F 126 45.42 -3.02 10.27
C ILE F 126 44.11 -3.64 10.72
N ARG F 127 42.99 -3.01 10.31
CA ARG F 127 41.67 -3.54 10.55
C ARG F 127 41.19 -4.21 9.28
N VAL F 128 40.59 -5.41 9.42
CA VAL F 128 39.96 -6.07 8.29
C VAL F 128 38.58 -6.46 8.70
N MET F 129 37.64 -6.27 7.80
N MET F 129 37.67 -6.27 7.79
CA MET F 129 36.26 -6.75 7.98
CA MET F 129 36.35 -6.78 7.96
C MET F 129 35.98 -7.75 6.87
C MET F 129 36.01 -7.75 6.86
N PRO F 130 36.11 -9.05 7.15
CA PRO F 130 35.77 -10.10 6.21
C PRO F 130 34.25 -10.34 6.30
N ASN F 131 33.74 -11.32 5.57
CA ASN F 131 32.40 -11.70 5.76
C ASN F 131 32.28 -13.19 5.83
N THR F 132 31.06 -13.69 5.93
CA THR F 132 30.83 -15.09 6.20
C THR F 132 31.33 -16.07 5.13
N ALA F 133 31.49 -15.60 3.92
CA ALA F 133 31.87 -16.47 2.83
C ALA F 133 33.36 -16.82 2.86
N ALA F 134 34.08 -16.29 3.85
CA ALA F 134 35.46 -16.74 4.12
C ALA F 134 35.51 -18.26 4.20
N THR F 135 34.43 -18.87 4.67
CA THR F 135 34.38 -20.31 4.80
C THR F 135 34.62 -21.06 3.48
N VAL F 136 34.23 -20.48 2.36
CA VAL F 136 34.32 -21.12 1.04
C VAL F 136 35.32 -20.35 0.18
N GLY F 137 36.12 -19.49 0.81
CA GLY F 137 37.13 -18.78 0.06
C GLY F 137 36.63 -17.70 -0.82
N GLU F 138 35.41 -17.21 -0.51
CA GLU F 138 34.79 -16.13 -1.29
C GLU F 138 34.39 -14.92 -0.45
N ALA F 139 35.08 -14.68 0.62
CA ALA F 139 34.85 -13.49 1.39
C ALA F 139 34.93 -12.24 0.57
N ALA F 140 34.12 -11.27 0.95
CA ALA F 140 34.34 -9.89 0.54
C ALA F 140 34.94 -9.20 1.76
N SER F 141 36.15 -8.75 1.71
CA SER F 141 36.79 -8.16 2.84
C SER F 141 37.23 -6.75 2.56
N VAL F 142 37.37 -5.92 3.60
CA VAL F 142 37.91 -4.59 3.42
CA VAL F 142 37.87 -4.58 3.43
C VAL F 142 38.88 -4.31 4.53
N MET F 143 39.93 -3.61 4.19
CA MET F 143 40.95 -3.31 5.18
C MET F 143 41.18 -1.81 5.33
N SER F 144 41.49 -1.38 6.54
CA SER F 144 41.87 0.01 6.84
C SER F 144 43.17 -0.02 7.63
N LEU F 145 43.97 1.00 7.42
CA LEU F 145 45.31 1.04 7.95
C LEU F 145 45.48 2.00 9.06
N GLY F 146 46.17 1.56 10.07
CA GLY F 146 46.54 2.40 11.17
C GLY F 146 47.62 3.34 10.73
N GLY F 147 47.89 4.32 11.58
CA GLY F 147 48.78 5.40 11.20
C GLY F 147 50.22 5.00 10.96
N ALA F 148 50.63 3.85 11.47
CA ALA F 148 52.01 3.35 11.21
C ALA F 148 52.11 2.10 10.37
N ALA F 149 50.96 1.61 9.90
CA ALA F 149 51.00 0.48 9.00
C ALA F 149 51.57 0.89 7.66
N THR F 150 52.53 0.12 7.18
CA THR F 150 53.24 0.50 5.95
C THR F 150 52.58 -0.08 4.76
N GLU F 151 52.99 0.36 3.60
CA GLU F 151 52.45 -0.20 2.37
C GLU F 151 52.80 -1.69 2.25
N GLU F 152 53.97 -2.05 2.72
CA GLU F 152 54.38 -3.44 2.73
C GLU F 152 53.52 -4.27 3.72
N ASP F 153 53.16 -3.67 4.83
CA ASP F 153 52.25 -4.33 5.82
C ASP F 153 50.88 -4.60 5.13
N ALA F 154 50.39 -3.59 4.43
CA ALA F 154 49.15 -3.70 3.71
C ALA F 154 49.22 -4.79 2.66
N ASN F 155 50.33 -4.87 1.93
CA ASN F 155 50.42 -5.91 0.93
C ASN F 155 50.46 -7.30 1.51
N LEU F 156 51.10 -7.43 2.67
CA LEU F 156 51.15 -8.70 3.37
C LEU F 156 49.71 -9.14 3.71
N ILE F 157 48.95 -8.18 4.20
CA ILE F 157 47.56 -8.49 4.63
C ILE F 157 46.68 -8.73 3.46
N SER F 158 46.87 -7.97 2.37
CA SER F 158 46.17 -8.25 1.13
C SER F 158 46.37 -9.68 0.68
N GLN F 159 47.64 -10.10 0.65
CA GLN F 159 47.92 -11.45 0.23
C GLN F 159 47.31 -12.51 1.14
N LEU F 160 47.37 -12.25 2.43
CA LEU F 160 46.77 -13.15 3.38
C LEU F 160 45.29 -13.28 3.20
N PHE F 161 44.60 -12.14 3.19
CA PHE F 161 43.11 -12.21 3.03
C PHE F 161 42.67 -12.50 1.65
N GLY F 162 43.58 -12.35 0.65
CA GLY F 162 43.31 -12.81 -0.67
C GLY F 162 43.16 -14.32 -0.71
N SER F 163 43.67 -15.01 0.29
CA SER F 163 43.48 -16.45 0.37
C SER F 163 42.08 -16.91 0.79
N ILE F 164 41.21 -16.01 1.25
CA ILE F 164 39.85 -16.36 1.69
C ILE F 164 38.77 -15.62 0.90
N GLY F 165 39.20 -14.93 -0.14
CA GLY F 165 38.29 -14.19 -0.98
C GLY F 165 38.98 -13.00 -1.58
N LYS F 166 38.25 -11.93 -1.74
CA LYS F 166 38.78 -10.69 -2.30
C LYS F 166 38.92 -9.71 -1.19
N ILE F 167 39.83 -8.77 -1.35
CA ILE F 167 40.07 -7.76 -0.31
C ILE F 167 40.36 -6.41 -0.92
N TRP F 168 39.64 -5.41 -0.44
CA TRP F 168 39.74 -4.04 -0.90
C TRP F 168 40.15 -3.16 0.29
N LYS F 169 40.68 -1.96 0.00
CA LYS F 169 41.08 -1.00 0.99
C LYS F 169 40.03 0.01 1.15
N ALA F 170 39.77 0.40 2.35
CA ALA F 170 38.82 1.55 2.57
C ALA F 170 39.11 2.25 3.89
N ASP F 171 38.75 3.53 3.95
CA ASP F 171 38.93 4.30 5.12
C ASP F 171 38.06 3.71 6.22
N ASP F 172 38.59 3.80 7.42
CA ASP F 172 37.93 3.25 8.57
C ASP F 172 36.52 3.84 8.74
N LYS F 173 36.30 5.07 8.31
CA LYS F 173 35.01 5.68 8.53
C LYS F 173 33.86 4.99 7.72
N TYR F 174 34.22 4.21 6.73
CA TYR F 174 33.22 3.48 5.93
C TYR F 174 32.77 2.15 6.54
N PHE F 175 33.39 1.72 7.60
CA PHE F 175 33.22 0.34 8.01
C PHE F 175 31.74 0.04 8.50
N ASP F 176 31.03 1.02 9.02
CA ASP F 176 29.49 0.78 9.18
C ASP F 176 28.67 0.47 8.03
N ALA F 177 28.83 1.25 7.02
CA ALA F 177 28.18 1.00 5.79
C ALA F 177 28.63 -0.34 5.19
N ILE F 178 29.95 -0.59 5.25
CA ILE F 178 30.42 -1.82 4.72
C ILE F 178 29.67 -2.95 5.41
N THR F 179 29.55 -2.84 6.71
CA THR F 179 28.90 -3.92 7.50
C THR F 179 27.54 -4.21 7.01
N GLY F 180 26.81 -3.15 6.66
CA GLY F 180 25.45 -3.32 6.13
C GLY F 180 25.33 -3.94 4.78
N LEU F 181 26.43 -3.85 4.01
CA LEU F 181 26.50 -4.38 2.67
C LEU F 181 27.16 -5.74 2.59
N SER F 182 28.48 -5.81 2.84
CA SER F 182 29.15 -7.08 2.71
C SER F 182 29.01 -7.94 3.92
N GLY F 183 28.88 -7.36 5.10
CA GLY F 183 28.71 -8.15 6.27
C GLY F 183 27.37 -8.80 6.41
N SER F 184 26.32 -7.99 6.19
CA SER F 184 24.94 -8.41 6.27
C SER F 184 24.35 -8.93 5.03
N GLY F 185 24.83 -8.51 3.85
CA GLY F 185 24.30 -8.88 2.58
C GLY F 185 24.13 -10.32 2.29
N PRO F 186 25.03 -11.21 2.83
CA PRO F 186 24.77 -12.61 2.54
C PRO F 186 23.43 -13.05 2.96
N ALA F 187 22.93 -12.58 4.09
CA ALA F 187 21.59 -12.99 4.53
C ALA F 187 20.51 -12.60 3.54
N TYR F 188 20.69 -11.45 2.96
CA TYR F 188 19.74 -10.94 1.92
C TYR F 188 19.66 -11.90 0.78
N ILE F 189 20.81 -12.45 0.41
CA ILE F 189 20.89 -13.40 -0.67
C ILE F 189 20.47 -14.78 -0.32
N TYR F 190 20.60 -15.18 0.93
CA TYR F 190 19.99 -16.40 1.39
C TYR F 190 18.49 -16.34 1.30
N LEU F 191 17.90 -15.24 1.73
CA LEU F 191 16.47 -15.05 1.48
C LEU F 191 16.16 -15.11 0.03
N ALA F 192 16.95 -14.46 -0.80
CA ALA F 192 16.69 -14.46 -2.23
C ALA F 192 16.71 -15.84 -2.81
N ILE F 193 17.67 -16.67 -2.42
CA ILE F 193 17.78 -18.02 -2.91
C ILE F 193 16.58 -18.83 -2.52
N GLU F 194 16.16 -18.72 -1.28
CA GLU F 194 15.00 -19.47 -0.82
C GLU F 194 13.78 -19.03 -1.60
N ALA F 195 13.62 -17.74 -1.73
CA ALA F 195 12.48 -17.23 -2.46
C ALA F 195 12.45 -17.61 -3.92
N LEU F 196 13.60 -17.66 -4.59
CA LEU F 196 13.65 -18.10 -5.94
C LEU F 196 13.26 -19.58 -6.06
N ALA F 197 13.75 -20.39 -5.11
CA ALA F 197 13.41 -21.78 -5.09
C ALA F 197 11.88 -21.94 -4.84
N ASP F 198 11.33 -21.19 -3.90
CA ASP F 198 9.90 -21.20 -3.64
C ASP F 198 9.12 -20.81 -4.86
N GLY F 199 9.65 -19.83 -5.58
CA GLY F 199 9.06 -19.41 -6.83
C GLY F 199 9.04 -20.52 -7.84
N GLY F 200 10.16 -21.20 -7.97
CA GLY F 200 10.24 -22.34 -8.89
C GLY F 200 9.20 -23.38 -8.55
N VAL F 201 9.11 -23.72 -7.28
CA VAL F 201 8.10 -24.70 -6.80
C VAL F 201 6.66 -24.21 -7.05
N ALA F 202 6.44 -22.90 -6.88
CA ALA F 202 5.14 -22.33 -7.15
C ALA F 202 4.82 -22.53 -8.63
N ALA F 203 5.85 -22.44 -9.48
CA ALA F 203 5.69 -22.63 -10.91
C ALA F 203 5.69 -24.04 -11.35
N GLY F 204 5.79 -24.97 -10.45
CA GLY F 204 5.68 -26.37 -10.77
C GLY F 204 6.93 -27.21 -10.74
N LEU F 205 8.04 -26.62 -10.36
CA LEU F 205 9.27 -27.38 -10.26
C LEU F 205 9.40 -28.23 -9.03
N PRO F 206 10.08 -29.39 -9.18
CA PRO F 206 10.48 -30.14 -7.98
C PRO F 206 11.40 -29.31 -7.08
N ARG F 207 11.26 -29.48 -5.78
CA ARG F 207 12.03 -28.68 -4.77
C ARG F 207 13.51 -28.80 -4.91
N ASP F 208 14.04 -30.01 -5.03
N ASP F 208 14.04 -30.02 -5.05
CA ASP F 208 15.47 -30.13 -5.06
CA ASP F 208 15.47 -30.17 -5.11
C ASP F 208 16.04 -29.42 -6.28
C ASP F 208 16.04 -29.42 -6.29
N LEU F 209 15.39 -29.59 -7.44
CA LEU F 209 15.82 -28.92 -8.66
C LEU F 209 15.70 -27.41 -8.53
N ALA F 210 14.61 -26.97 -7.92
CA ALA F 210 14.42 -25.55 -7.74
C ALA F 210 15.52 -24.93 -6.89
N LEU F 211 15.85 -25.54 -5.79
CA LEU F 211 16.87 -25.01 -4.93
C LEU F 211 18.21 -25.09 -5.64
N SER F 212 18.53 -26.22 -6.27
CA SER F 212 19.79 -26.35 -7.02
C SER F 212 19.96 -25.26 -8.07
N LEU F 213 18.86 -25.01 -8.79
CA LEU F 213 18.91 -24.00 -9.83
C LEU F 213 19.02 -22.62 -9.25
N ALA F 214 18.29 -22.37 -8.19
CA ALA F 214 18.31 -21.03 -7.54
C ALA F 214 19.71 -20.69 -7.12
N SER F 215 20.37 -21.57 -6.38
CA SER F 215 21.68 -21.27 -5.92
C SER F 215 22.66 -21.10 -7.04
N GLN F 216 22.63 -21.97 -8.00
CA GLN F 216 23.59 -21.87 -9.05
C GLN F 216 23.33 -20.68 -9.98
N THR F 217 22.06 -20.30 -10.13
CA THR F 217 21.71 -19.10 -10.90
C THR F 217 22.28 -17.88 -10.29
N VAL F 218 22.14 -17.78 -8.96
CA VAL F 218 22.72 -16.64 -8.23
C VAL F 218 24.26 -16.63 -8.36
N LEU F 219 24.86 -17.79 -8.18
CA LEU F 219 26.33 -17.90 -8.30
C LEU F 219 26.80 -17.49 -9.66
N GLY F 220 26.10 -17.98 -10.68
CA GLY F 220 26.53 -17.61 -12.06
C GLY F 220 26.37 -16.19 -12.41
N ALA F 221 25.26 -15.58 -11.99
CA ALA F 221 25.08 -14.19 -12.22
C ALA F 221 26.13 -13.33 -11.51
N ALA F 222 26.44 -13.72 -10.26
CA ALA F 222 27.43 -12.96 -9.51
C ALA F 222 28.76 -13.07 -10.16
N SER F 223 29.01 -14.24 -10.66
CA SER F 223 30.27 -14.50 -11.38
C SER F 223 30.37 -13.70 -12.65
N MET F 224 29.28 -13.57 -13.38
CA MET F 224 29.26 -12.71 -14.53
C MET F 224 29.54 -11.29 -14.12
N ALA F 225 28.92 -10.84 -13.01
CA ALA F 225 29.13 -9.47 -12.55
C ALA F 225 30.60 -9.28 -12.14
N THR F 226 31.18 -10.28 -11.53
CA THR F 226 32.54 -10.08 -11.00
C THR F 226 33.56 -10.11 -12.14
N GLN F 227 33.33 -10.94 -13.15
CA GLN F 227 34.32 -11.15 -14.24
C GLN F 227 34.12 -10.34 -15.47
N SER F 228 32.91 -9.89 -15.75
CA SER F 228 32.61 -9.34 -17.04
C SER F 228 33.18 -7.97 -17.31
N GLY F 229 33.50 -7.24 -16.28
CA GLY F 229 33.85 -5.84 -16.47
C GLY F 229 32.64 -4.94 -16.84
N LYS F 230 31.41 -5.44 -16.71
CA LYS F 230 30.26 -4.67 -17.15
C LYS F 230 29.51 -4.12 -15.99
N HIS F 231 28.83 -3.00 -16.18
CA HIS F 231 27.92 -2.48 -15.20
C HIS F 231 26.73 -3.46 -15.11
N PRO F 232 26.14 -3.58 -13.90
CA PRO F 232 24.99 -4.51 -13.78
C PRO F 232 23.82 -4.18 -14.63
N GLY F 233 23.59 -2.89 -14.94
CA GLY F 233 22.61 -2.53 -15.93
C GLY F 233 22.84 -3.05 -17.31
N GLN F 234 24.13 -3.14 -17.72
N GLN F 234 24.12 -3.13 -17.70
CA GLN F 234 24.48 -3.69 -19.01
CA GLN F 234 24.44 -3.69 -18.99
C GLN F 234 24.27 -5.17 -19.04
C GLN F 234 24.25 -5.17 -19.03
N LEU F 235 24.59 -5.84 -17.93
CA LEU F 235 24.30 -7.27 -17.82
C LEU F 235 22.83 -7.54 -17.92
N LYS F 236 22.01 -6.74 -17.20
CA LYS F 236 20.57 -6.87 -17.28
C LYS F 236 20.06 -6.63 -18.72
N ASP F 237 20.69 -5.69 -19.40
CA ASP F 237 20.31 -5.45 -20.84
C ASP F 237 20.67 -6.65 -21.68
N ASP F 238 21.80 -7.28 -21.37
CA ASP F 238 22.21 -8.43 -22.14
C ASP F 238 21.25 -9.60 -22.14
N VAL F 239 20.56 -9.79 -21.02
CA VAL F 239 19.68 -10.91 -20.88
C VAL F 239 18.22 -10.64 -21.05
N THR F 240 17.82 -9.37 -21.22
CA THR F 240 16.41 -9.03 -21.34
C THR F 240 15.98 -8.95 -22.80
N SER F 241 15.76 -10.10 -23.40
N SER F 241 15.79 -10.11 -23.42
CA SER F 241 15.27 -10.13 -24.80
CA SER F 241 15.34 -10.12 -24.82
C SER F 241 13.93 -9.46 -24.92
C SER F 241 13.95 -9.47 -24.93
N PRO F 242 13.65 -8.80 -26.04
CA PRO F 242 12.40 -8.11 -26.22
C PRO F 242 11.17 -8.93 -26.02
N GLY F 243 10.29 -8.46 -25.15
CA GLY F 243 9.04 -9.14 -24.79
C GLY F 243 9.18 -10.57 -24.26
N GLY F 244 10.38 -10.90 -23.81
CA GLY F 244 10.69 -12.24 -23.41
C GLY F 244 10.41 -12.51 -21.91
N THR F 245 10.79 -13.71 -21.51
CA THR F 245 10.52 -14.16 -20.17
C THR F 245 11.27 -13.30 -19.16
N THR F 246 12.49 -12.96 -19.47
CA THR F 246 13.32 -12.28 -18.47
C THR F 246 12.77 -10.89 -18.17
N ILE F 247 12.44 -10.13 -19.20
CA ILE F 247 11.90 -8.81 -18.96
C ILE F 247 10.55 -8.85 -18.27
N ALA F 248 9.77 -9.91 -18.52
CA ALA F 248 8.55 -10.08 -17.77
C ALA F 248 8.85 -10.20 -16.25
N GLY F 249 9.82 -11.03 -15.91
CA GLY F 249 10.21 -11.16 -14.52
C GLY F 249 10.75 -9.89 -13.92
N VAL F 250 11.59 -9.19 -14.67
CA VAL F 250 12.20 -7.93 -14.25
C VAL F 250 11.14 -6.86 -14.01
N HIS F 251 10.15 -6.86 -14.92
CA HIS F 251 9.10 -5.93 -14.75
C HIS F 251 8.36 -6.16 -13.42
N GLU F 252 8.14 -7.40 -13.04
CA GLU F 252 7.47 -7.65 -11.78
C GLU F 252 8.30 -7.12 -10.63
N LEU F 253 9.60 -7.32 -10.69
CA LEU F 253 10.47 -6.79 -9.68
C LEU F 253 10.33 -5.27 -9.55
N GLU F 254 10.33 -4.64 -10.69
CA GLU F 254 10.27 -3.17 -10.74
C GLU F 254 8.92 -2.67 -10.23
N LYS F 255 7.85 -3.35 -10.60
CA LYS F 255 6.55 -2.91 -10.11
C LYS F 255 6.53 -2.89 -8.60
N ALA F 256 7.27 -3.84 -8.00
CA ALA F 256 7.28 -3.99 -6.56
C ALA F 256 8.32 -3.15 -5.83
N GLY F 257 9.14 -2.42 -6.57
CA GLY F 257 10.17 -1.64 -5.92
C GLY F 257 11.30 -2.47 -5.33
N PHE F 258 11.60 -3.59 -5.94
CA PHE F 258 12.67 -4.57 -5.53
C PHE F 258 13.96 -3.82 -5.19
N ARG F 259 14.40 -2.98 -6.13
CA ARG F 259 15.70 -2.29 -5.88
C ARG F 259 15.66 -1.49 -4.64
N GLY F 260 14.59 -0.69 -4.40
CA GLY F 260 14.48 0.12 -3.23
C GLY F 260 14.45 -0.68 -1.95
N ILE F 261 13.91 -1.90 -2.01
CA ILE F 261 13.83 -2.76 -0.85
C ILE F 261 15.25 -3.21 -0.40
N LEU F 262 16.07 -3.55 -1.37
CA LEU F 262 17.40 -3.89 -1.06
C LEU F 262 18.20 -2.71 -0.58
N MET F 263 17.97 -1.53 -1.14
CA MET F 263 18.58 -0.32 -0.59
C MET F 263 18.19 -0.05 0.83
N ASN F 264 16.91 -0.22 1.09
CA ASN F 264 16.41 -0.05 2.47
C ASN F 264 17.18 -0.97 3.41
N ALA F 265 17.35 -2.22 3.04
CA ALA F 265 18.04 -3.15 3.89
C ALA F 265 19.47 -2.76 4.20
N VAL F 266 20.21 -2.38 3.16
CA VAL F 266 21.56 -1.94 3.39
C VAL F 266 21.57 -0.74 4.29
N VAL F 267 20.71 0.25 4.05
CA VAL F 267 20.69 1.46 4.85
C VAL F 267 20.34 1.16 6.29
N ALA F 268 19.36 0.27 6.49
CA ALA F 268 18.96 -0.05 7.83
C ALA F 268 20.05 -0.78 8.57
N ALA F 269 20.70 -1.71 7.88
CA ALA F 269 21.78 -2.44 8.49
C ALA F 269 22.94 -1.51 8.87
N ALA F 270 23.26 -0.61 7.94
CA ALA F 270 24.30 0.36 8.25
C ALA F 270 24.01 1.29 9.40
N LYS F 271 22.78 1.72 9.48
CA LYS F 271 22.33 2.52 10.58
C LYS F 271 22.43 1.76 11.93
N ARG F 272 22.05 0.49 11.92
N ARG F 272 22.05 0.49 11.92
CA ARG F 272 22.17 -0.33 13.09
CA ARG F 272 22.17 -0.35 13.10
C ARG F 272 23.63 -0.47 13.48
C ARG F 272 23.62 -0.48 13.48
N SER F 273 24.47 -0.65 12.48
CA SER F 273 25.90 -0.79 12.74
C SER F 273 26.42 0.44 13.45
N GLN F 274 25.98 1.59 13.01
CA GLN F 274 26.37 2.85 13.69
C GLN F 274 25.85 2.96 15.05
N GLU F 275 24.61 2.53 15.27
CA GLU F 275 24.03 2.55 16.59
C GLU F 275 24.71 1.62 17.55
N LEU F 276 25.29 0.51 17.06
CA LEU F 276 25.92 -0.48 17.90
C LEU F 276 27.36 -0.06 18.21
N SER F 277 27.78 1.00 17.56
CA SER F 277 28.80 1.98 17.90
C SER F 277 29.68 2.02 16.71
N PRO G 10 17.40 11.20 -56.98
CA PRO G 10 16.86 12.54 -57.18
C PRO G 10 16.93 13.30 -55.88
N ALA G 11 17.77 12.83 -54.97
CA ALA G 11 17.80 13.31 -53.61
C ALA G 11 18.17 14.79 -53.55
N ASP G 12 19.13 15.19 -54.38
CA ASP G 12 19.59 16.57 -54.40
C ASP G 12 18.58 17.60 -54.90
N SER G 13 17.82 17.23 -55.93
CA SER G 13 16.90 18.17 -56.55
C SER G 13 15.42 17.85 -56.39
N TYR G 14 15.11 16.84 -55.60
CA TYR G 14 13.75 16.33 -55.60
C TYR G 14 12.73 17.31 -55.06
N THR G 15 11.50 17.19 -55.55
CA THR G 15 10.41 18.00 -55.03
C THR G 15 9.59 17.22 -54.01
N LEU G 16 9.35 17.88 -52.89
CA LEU G 16 8.60 17.32 -51.81
C LEU G 16 7.20 17.94 -51.73
N GLY G 17 6.19 17.11 -51.55
CA GLY G 17 4.81 17.59 -51.43
C GLY G 17 4.22 17.13 -50.14
N PHE G 18 3.53 18.03 -49.49
CA PHE G 18 2.82 17.71 -48.24
C PHE G 18 1.35 17.66 -48.47
N ILE G 19 0.77 16.51 -48.22
CA ILE G 19 -0.65 16.37 -48.22
C ILE G 19 -1.03 16.37 -46.75
N GLY G 20 -1.69 17.45 -46.33
CA GLY G 20 -1.91 17.72 -44.93
C GLY G 20 -0.88 18.81 -44.61
N ALA G 21 -1.39 19.93 -44.12
CA ALA G 21 -0.55 21.11 -43.89
C ALA G 21 -0.54 21.45 -42.42
N GLY G 22 -0.62 20.42 -41.57
CA GLY G 22 -0.64 20.63 -40.14
C GLY G 22 0.74 20.93 -39.58
N LYS G 23 0.81 20.83 -38.27
CA LYS G 23 2.01 21.25 -37.55
C LYS G 23 3.18 20.37 -37.92
N MET G 24 2.94 19.07 -38.08
CA MET G 24 4.04 18.16 -38.39
C MET G 24 4.61 18.50 -39.78
N ALA G 25 3.73 18.76 -40.74
CA ALA G 25 4.22 19.07 -42.05
C ALA G 25 5.05 20.36 -41.99
N GLU G 26 4.54 21.30 -41.25
CA GLU G 26 5.24 22.61 -41.12
C GLU G 26 6.61 22.38 -40.49
N SER G 27 6.65 21.56 -39.45
CA SER G 27 7.94 21.28 -38.77
C SER G 27 8.94 20.65 -39.72
N ILE G 28 8.46 19.72 -40.52
CA ILE G 28 9.36 19.08 -41.47
C ILE G 28 9.86 20.08 -42.47
N ALA G 29 8.92 20.83 -43.04
CA ALA G 29 9.29 21.78 -44.04
C ALA G 29 10.32 22.78 -43.50
N LYS G 30 10.03 23.34 -42.34
CA LYS G 30 10.92 24.30 -41.71
C LYS G 30 12.29 23.70 -41.40
N GLY G 31 12.28 22.51 -40.84
CA GLY G 31 13.52 21.83 -40.57
C GLY G 31 14.35 21.60 -41.83
N ALA G 32 13.69 21.16 -42.89
CA ALA G 32 14.44 20.78 -44.09
C ALA G 32 15.02 22.03 -44.72
N VAL G 33 14.25 23.13 -44.68
CA VAL G 33 14.73 24.38 -45.28
C VAL G 33 15.89 24.90 -44.42
N ARG G 34 15.65 24.98 -43.11
CA ARG G 34 16.65 25.49 -42.19
C ARG G 34 17.96 24.72 -42.28
N SER G 35 17.87 23.40 -42.44
CA SER G 35 19.09 22.57 -42.53
C SER G 35 19.70 22.55 -43.93
N GLY G 36 19.07 23.21 -44.87
CA GLY G 36 19.59 23.14 -46.26
C GLY G 36 19.31 21.85 -47.01
N VAL G 37 18.51 20.95 -46.45
CA VAL G 37 18.16 19.71 -47.19
C VAL G 37 17.35 20.05 -48.44
N LEU G 38 16.40 20.98 -48.27
CA LEU G 38 15.50 21.45 -49.31
C LEU G 38 15.48 22.96 -49.34
N SER G 39 15.29 23.56 -50.50
CA SER G 39 14.93 24.95 -50.57
C SER G 39 13.41 25.06 -50.61
N PRO G 40 12.85 26.21 -50.19
CA PRO G 40 11.37 26.33 -50.22
C PRO G 40 10.75 26.15 -51.61
N SER G 41 11.48 26.48 -52.66
CA SER G 41 10.93 26.34 -54.02
C SER G 41 10.70 24.89 -54.40
N ARG G 42 11.37 23.97 -53.68
CA ARG G 42 11.21 22.54 -53.96
C ARG G 42 10.10 21.86 -53.12
N ILE G 43 9.35 22.66 -52.38
CA ILE G 43 8.30 22.12 -51.54
C ILE G 43 6.97 22.71 -51.99
N LYS G 44 5.94 21.84 -52.00
CA LYS G 44 4.56 22.28 -52.21
C LYS G 44 3.63 21.68 -51.16
N THR G 45 2.57 22.40 -50.86
CA THR G 45 1.49 21.84 -50.08
C THR G 45 0.15 22.32 -50.65
N ALA G 46 -0.94 21.73 -50.20
CA ALA G 46 -2.25 22.20 -50.57
C ALA G 46 -3.04 22.45 -49.29
N ILE G 47 -3.77 23.57 -49.29
CA ILE G 47 -4.63 23.96 -48.18
C ILE G 47 -5.96 24.45 -48.70
N HIS G 48 -7.04 24.14 -47.99
CA HIS G 48 -8.32 24.73 -48.32
C HIS G 48 -8.97 25.35 -47.09
N SER G 49 -9.27 26.64 -47.17
CA SER G 49 -10.14 27.30 -46.21
C SER G 49 -9.57 27.57 -44.82
N ASN G 50 -8.26 27.43 -44.65
CA ASN G 50 -7.63 27.82 -43.38
C ASN G 50 -6.63 28.91 -43.68
N PRO G 51 -6.78 30.08 -43.08
CA PRO G 51 -5.84 31.15 -43.44
C PRO G 51 -4.54 31.00 -42.68
N ALA G 52 -4.65 30.61 -41.43
CA ALA G 52 -3.49 30.54 -40.58
C ALA G 52 -2.49 29.58 -41.17
N ARG G 53 -2.99 28.47 -41.70
CA ARG G 53 -2.09 27.49 -42.24
C ARG G 53 -1.47 27.93 -43.56
N ARG G 54 -2.24 28.51 -44.47
CA ARG G 54 -1.63 29.04 -45.71
C ARG G 54 -0.49 30.00 -45.40
N THR G 55 -0.71 30.87 -44.42
CA THR G 55 0.28 31.87 -44.02
C THR G 55 1.54 31.23 -43.46
N ALA G 56 1.36 30.20 -42.63
CA ALA G 56 2.48 29.43 -42.09
C ALA G 56 3.45 28.95 -43.19
N PHE G 57 2.90 28.40 -44.28
CA PHE G 57 3.75 27.86 -45.39
C PHE G 57 4.28 28.96 -46.30
N GLU G 58 3.39 29.88 -46.65
CA GLU G 58 3.81 31.00 -47.47
C GLU G 58 4.92 31.79 -46.76
N SER G 59 4.84 31.93 -45.44
CA SER G 59 5.82 32.75 -44.72
C SER G 59 7.20 32.11 -44.67
N ILE G 60 7.32 30.84 -45.07
CA ILE G 60 8.66 30.24 -45.16
C ILE G 60 9.07 30.11 -46.62
N GLY G 61 8.27 30.67 -47.53
CA GLY G 61 8.65 30.71 -48.94
C GLY G 61 8.07 29.56 -49.75
N ILE G 62 7.14 28.82 -49.16
CA ILE G 62 6.57 27.64 -49.86
C ILE G 62 5.29 27.99 -50.58
N THR G 63 5.19 27.49 -51.80
CA THR G 63 3.95 27.59 -52.58
C THR G 63 2.85 26.67 -52.12
N VAL G 64 1.69 27.27 -51.87
CA VAL G 64 0.49 26.57 -51.49
C VAL G 64 -0.37 26.45 -52.75
N LEU G 65 -0.63 25.21 -53.17
CA LEU G 65 -1.50 24.94 -54.31
C LEU G 65 -2.92 24.71 -53.86
N SER G 66 -3.83 24.73 -54.81
CA SER G 66 -5.25 24.68 -54.48
C SER G 66 -5.76 23.24 -54.34
N SER G 67 -5.02 22.26 -54.83
CA SER G 67 -5.48 20.87 -54.72
C SER G 67 -4.38 19.88 -54.37
N ASN G 68 -4.79 18.83 -53.69
CA ASN G 68 -3.92 17.70 -53.39
C ASN G 68 -3.39 17.09 -54.69
N ASP G 69 -4.25 17.02 -55.71
CA ASP G 69 -3.89 16.43 -56.99
C ASP G 69 -2.66 17.11 -57.57
N ASP G 70 -2.67 18.44 -57.59
CA ASP G 70 -1.54 19.19 -58.13
C ASP G 70 -0.24 19.04 -57.26
N VAL G 71 -0.41 18.98 -55.96
CA VAL G 71 0.76 18.73 -55.07
C VAL G 71 1.38 17.38 -55.45
N VAL G 72 0.54 16.36 -55.61
CA VAL G 72 1.08 15.04 -55.99
C VAL G 72 1.75 15.08 -57.35
N ARG G 73 1.04 15.62 -58.35
CA ARG G 73 1.64 15.68 -59.66
C ARG G 73 3.02 16.27 -59.64
N ASP G 74 3.20 17.38 -58.89
CA ASP G 74 4.44 18.15 -58.92
C ASP G 74 5.51 17.64 -57.95
N SER G 75 5.23 16.56 -57.23
CA SER G 75 6.14 16.04 -56.25
C SER G 75 6.73 14.67 -56.56
N ASN G 76 8.04 14.53 -56.29
CA ASN G 76 8.73 13.23 -56.36
C ASN G 76 8.49 12.42 -55.07
N VAL G 77 8.39 13.15 -53.96
CA VAL G 77 8.20 12.55 -52.66
C VAL G 77 6.95 13.19 -52.12
N VAL G 78 6.06 12.36 -51.62
CA VAL G 78 4.79 12.87 -51.08
C VAL G 78 4.67 12.44 -49.65
N VAL G 79 4.49 13.41 -48.75
CA VAL G 79 4.33 13.13 -47.34
C VAL G 79 2.87 13.36 -46.96
N PHE G 80 2.22 12.30 -46.53
CA PHE G 80 0.89 12.38 -45.98
C PHE G 80 0.87 12.63 -44.49
N SER G 81 0.26 13.73 -44.07
CA SER G 81 0.18 14.01 -42.62
C SER G 81 -1.20 14.45 -42.19
N VAL G 82 -2.20 13.99 -42.93
CA VAL G 82 -3.56 14.22 -42.51
C VAL G 82 -3.89 13.36 -41.30
N LYS G 83 -4.98 13.71 -40.64
CA LYS G 83 -5.39 12.98 -39.48
C LYS G 83 -5.56 11.52 -39.88
N PRO G 84 -5.13 10.57 -39.02
CA PRO G 84 -5.13 9.16 -39.42
C PRO G 84 -6.46 8.66 -39.96
N GLN G 85 -7.54 9.13 -39.33
CA GLN G 85 -8.91 8.72 -39.67
C GLN G 85 -9.31 9.20 -41.08
N LEU G 86 -8.59 10.19 -41.59
CA LEU G 86 -8.90 10.73 -42.92
C LEU G 86 -8.00 10.18 -44.02
N LEU G 87 -6.95 9.48 -43.64
CA LEU G 87 -5.90 9.14 -44.59
C LEU G 87 -6.39 8.20 -45.70
N LYS G 88 -7.15 7.18 -45.30
CA LYS G 88 -7.55 6.17 -46.28
C LYS G 88 -8.27 6.81 -47.46
N ASP G 89 -9.23 7.65 -47.16
CA ASP G 89 -10.02 8.29 -48.22
C ASP G 89 -9.19 9.26 -49.05
N VAL G 90 -8.27 9.96 -48.39
CA VAL G 90 -7.36 10.85 -49.10
C VAL G 90 -6.46 10.08 -50.08
N VAL G 91 -5.90 8.94 -49.61
CA VAL G 91 -5.06 8.13 -50.50
C VAL G 91 -5.88 7.50 -51.65
N LEU G 92 -7.05 7.00 -51.26
CA LEU G 92 -8.05 6.51 -52.19
C LEU G 92 -8.21 7.48 -53.33
N LYS G 93 -8.66 8.67 -53.00
CA LYS G 93 -8.93 9.74 -54.00
C LYS G 93 -7.73 10.08 -54.88
N LEU G 94 -6.53 10.04 -54.32
CA LEU G 94 -5.30 10.40 -55.06
C LEU G 94 -4.72 9.24 -55.85
N LYS G 95 -5.26 8.04 -55.63
CA LYS G 95 -4.64 6.82 -56.13
C LYS G 95 -4.16 6.82 -57.60
N PRO G 96 -5.00 7.26 -58.54
CA PRO G 96 -4.53 7.31 -59.94
C PRO G 96 -3.22 8.09 -60.17
N LEU G 97 -2.98 9.08 -59.31
CA LEU G 97 -1.79 9.93 -59.41
C LEU G 97 -0.57 9.36 -58.65
N LEU G 98 -0.80 8.33 -57.85
CA LEU G 98 0.27 7.79 -57.00
C LEU G 98 1.07 6.75 -57.78
N THR G 99 1.74 7.21 -58.82
CA THR G 99 2.52 6.34 -59.68
C THR G 99 3.78 5.87 -58.95
N LYS G 100 4.30 4.72 -59.36
CA LYS G 100 5.41 4.04 -58.67
C LYS G 100 6.73 4.80 -58.69
N ASP G 101 6.82 5.83 -59.50
CA ASP G 101 8.00 6.66 -59.52
C ASP G 101 7.99 7.66 -58.37
N LYS G 102 6.91 7.72 -57.59
CA LYS G 102 6.84 8.72 -56.49
C LYS G 102 6.94 7.97 -55.20
N LEU G 103 7.85 8.45 -54.35
CA LEU G 103 8.04 7.82 -53.02
C LEU G 103 7.01 8.42 -52.07
N LEU G 104 6.21 7.53 -51.47
CA LEU G 104 5.15 7.94 -50.58
C LEU G 104 5.62 7.72 -49.13
N VAL G 105 5.24 8.68 -48.28
CA VAL G 105 5.64 8.65 -46.91
C VAL G 105 4.41 8.94 -46.09
N SER G 106 4.20 8.15 -45.06
CA SER G 106 3.12 8.49 -44.13
C SER G 106 3.70 8.80 -42.78
N VAL G 107 3.22 9.87 -42.16
CA VAL G 107 3.50 10.14 -40.76
C VAL G 107 2.30 9.95 -39.89
N ALA G 108 1.23 9.33 -40.44
CA ALA G 108 0.03 9.09 -39.65
C ALA G 108 0.19 8.08 -38.52
N ALA G 109 -0.23 8.47 -37.30
CA ALA G 109 -0.08 7.60 -36.15
C ALA G 109 -1.01 6.42 -36.32
N GLY G 110 -0.48 5.23 -36.03
CA GLY G 110 -1.29 4.04 -35.96
C GLY G 110 -1.73 3.44 -37.29
N ILE G 111 -1.29 3.97 -38.42
CA ILE G 111 -1.64 3.38 -39.71
C ILE G 111 -0.51 2.49 -40.23
N LYS G 112 -0.77 1.19 -40.31
CA LYS G 112 0.26 0.19 -40.64
C LYS G 112 0.66 0.25 -42.10
N MET G 113 1.87 -0.24 -42.36
CA MET G 113 2.42 -0.34 -43.71
C MET G 113 1.55 -1.21 -44.63
N LYS G 114 1.07 -2.34 -44.11
CA LYS G 114 0.20 -3.22 -44.94
C LYS G 114 -0.99 -2.44 -45.53
N ASP G 115 -1.61 -1.63 -44.70
CA ASP G 115 -2.72 -0.80 -45.15
C ASP G 115 -2.29 0.30 -46.11
N LEU G 116 -1.22 1.03 -45.78
CA LEU G 116 -0.72 2.11 -46.67
C LEU G 116 -0.52 1.57 -48.08
N GLN G 117 0.14 0.41 -48.17
CA GLN G 117 0.42 -0.20 -49.47
C GLN G 117 -0.84 -0.65 -50.22
N GLU G 118 -1.80 -1.21 -49.50
CA GLU G 118 -3.06 -1.64 -50.10
C GLU G 118 -3.84 -0.41 -50.60
N TRP G 119 -3.89 0.66 -49.81
CA TRP G 119 -4.60 1.87 -50.27
C TRP G 119 -3.94 2.52 -51.48
N ALA G 120 -2.61 2.60 -51.46
CA ALA G 120 -1.89 3.26 -52.59
C ALA G 120 -1.82 2.37 -53.83
N GLY G 121 -1.90 1.05 -53.63
CA GLY G 121 -1.79 0.10 -54.73
C GLY G 121 -0.37 -0.23 -55.10
N HIS G 122 0.59 0.21 -54.32
CA HIS G 122 1.97 -0.19 -54.58
C HIS G 122 2.72 -0.10 -53.26
N GLU G 123 3.98 -0.54 -53.26
CA GLU G 123 4.75 -0.76 -52.03
C GLU G 123 5.93 0.20 -51.86
N ARG G 124 5.96 1.28 -52.64
CA ARG G 124 7.01 2.29 -52.54
C ARG G 124 6.58 3.34 -51.55
N PHE G 125 6.63 2.92 -50.29
CA PHE G 125 6.01 3.63 -49.23
C PHE G 125 6.96 3.49 -48.05
N ILE G 126 7.13 4.57 -47.34
CA ILE G 126 7.84 4.56 -46.06
C ILE G 126 6.93 5.12 -45.01
N ARG G 127 6.94 4.46 -43.86
CA ARG G 127 6.15 4.96 -42.73
C ARG G 127 7.15 5.60 -41.77
N VAL G 128 6.88 6.79 -41.31
CA VAL G 128 7.72 7.37 -40.31
C VAL G 128 6.81 7.76 -39.20
N MET G 129 7.23 7.45 -38.00
CA MET G 129 6.55 7.96 -36.87
C MET G 129 7.48 8.89 -36.16
N PRO G 130 7.16 10.17 -36.23
CA PRO G 130 7.85 11.19 -35.46
C PRO G 130 7.16 11.34 -34.10
N ASN G 131 7.59 12.32 -33.34
CA ASN G 131 6.83 12.65 -32.13
C ASN G 131 6.73 14.13 -32.07
N THR G 132 6.16 14.57 -30.99
CA THR G 132 5.80 15.98 -30.86
C THR G 132 6.96 16.97 -30.93
N ALA G 133 8.17 16.51 -30.60
CA ALA G 133 9.30 17.38 -30.46
C ALA G 133 9.90 17.77 -31.83
N ALA G 134 9.30 17.27 -32.85
CA ALA G 134 9.61 17.79 -34.24
C ALA G 134 9.56 19.30 -34.26
N THR G 135 8.67 19.90 -33.48
CA THR G 135 8.49 21.36 -33.42
C THR G 135 9.76 22.10 -33.05
N VAL G 136 10.61 21.46 -32.24
CA VAL G 136 11.86 22.08 -31.82
C VAL G 136 13.11 21.37 -32.42
N GLY G 137 12.89 20.55 -33.38
CA GLY G 137 13.99 19.83 -34.06
C GLY G 137 14.58 18.72 -33.25
N GLU G 138 13.80 18.18 -32.31
CA GLU G 138 14.32 17.11 -31.42
C GLU G 138 13.38 15.91 -31.42
N ALA G 139 12.71 15.65 -32.54
CA ALA G 139 11.89 14.47 -32.68
C ALA G 139 12.71 13.18 -32.45
N ALA G 140 12.04 12.18 -31.87
CA ALA G 140 12.51 10.79 -31.87
C ALA G 140 11.61 10.14 -32.89
N SER G 141 12.19 9.82 -34.08
CA SER G 141 11.39 9.26 -35.13
C SER G 141 11.84 7.86 -35.47
N VAL G 142 10.94 7.03 -35.98
CA VAL G 142 11.28 5.72 -36.46
C VAL G 142 10.67 5.54 -37.84
N MET G 143 11.40 4.88 -38.71
CA MET G 143 10.89 4.63 -40.04
C MET G 143 10.83 3.12 -40.33
N SER G 144 9.80 2.70 -41.06
CA SER G 144 9.70 1.34 -41.57
C SER G 144 9.54 1.45 -43.08
N LEU G 145 10.09 0.47 -43.75
CA LEU G 145 10.08 0.48 -45.20
C LEU G 145 9.05 -0.45 -45.78
N GLY G 146 8.38 0.04 -46.80
CA GLY G 146 7.44 -0.80 -47.57
C GLY G 146 8.24 -1.75 -48.44
N GLY G 147 7.54 -2.71 -49.05
CA GLY G 147 8.21 -3.74 -49.80
C GLY G 147 9.00 -3.27 -51.01
N ALA G 148 8.68 -2.11 -51.58
CA ALA G 148 9.42 -1.57 -52.74
C ALA G 148 10.24 -0.32 -52.44
N ALA G 149 10.29 0.09 -51.19
CA ALA G 149 11.13 1.23 -50.81
C ALA G 149 12.60 0.80 -50.85
N THR G 150 13.42 1.58 -51.54
CA THR G 150 14.81 1.21 -51.74
C THR G 150 15.68 1.75 -50.62
N GLU G 151 16.92 1.28 -50.55
CA GLU G 151 17.86 1.81 -49.56
C GLU G 151 18.09 3.30 -49.79
N GLU G 152 18.07 3.72 -51.04
CA GLU G 152 18.23 5.14 -51.37
C GLU G 152 17.02 5.95 -50.91
N ASP G 153 15.82 5.36 -51.02
CA ASP G 153 14.57 6.00 -50.57
C ASP G 153 14.72 6.21 -49.03
N ALA G 154 15.19 5.17 -48.34
CA ALA G 154 15.38 5.22 -46.88
C ALA G 154 16.40 6.28 -46.50
N ASN G 155 17.48 6.38 -47.27
CA ASN G 155 18.46 7.46 -46.96
C ASN G 155 17.93 8.86 -47.16
N LEU G 156 17.11 9.02 -48.17
CA LEU G 156 16.47 10.31 -48.42
C LEU G 156 15.61 10.69 -47.24
N ILE G 157 14.85 9.70 -46.76
CA ILE G 157 13.93 9.98 -45.68
C ILE G 157 14.75 10.24 -44.40
N SER G 158 15.86 9.49 -44.23
CA SER G 158 16.69 9.68 -43.02
C SER G 158 17.27 11.06 -43.01
N GLN G 159 17.72 11.52 -44.17
CA GLN G 159 18.17 12.90 -44.27
C GLN G 159 17.04 13.94 -44.01
N LEU G 160 15.86 13.68 -44.55
CA LEU G 160 14.74 14.60 -44.35
C LEU G 160 14.33 14.66 -42.86
N PHE G 161 14.12 13.50 -42.26
CA PHE G 161 13.70 13.51 -40.85
C PHE G 161 14.81 13.80 -39.85
N GLY G 162 16.05 13.62 -40.27
CA GLY G 162 17.18 14.07 -39.53
C GLY G 162 17.19 15.59 -39.33
N SER G 163 16.48 16.33 -40.17
CA SER G 163 16.37 17.74 -39.98
C SER G 163 15.48 18.18 -38.85
N ILE G 164 14.63 17.27 -38.31
CA ILE G 164 13.66 17.61 -37.26
C ILE G 164 13.97 16.82 -35.98
N GLY G 165 15.07 16.09 -35.98
CA GLY G 165 15.43 15.29 -34.80
C GLY G 165 16.29 14.11 -35.21
N LYS G 166 16.13 13.00 -34.52
CA LYS G 166 16.84 11.81 -34.84
C LYS G 166 15.91 10.82 -35.43
N ILE G 167 16.45 9.89 -36.19
CA ILE G 167 15.61 8.89 -36.81
C ILE G 167 16.29 7.55 -36.85
N TRP G 168 15.54 6.52 -36.49
CA TRP G 168 15.98 5.16 -36.45
C TRP G 168 15.06 4.29 -37.29
N LYS G 169 15.54 3.10 -37.65
CA LYS G 169 14.79 2.19 -38.50
C LYS G 169 14.27 1.10 -37.65
N ALA G 170 13.05 0.68 -37.91
CA ALA G 170 12.50 -0.44 -37.22
C ALA G 170 11.41 -1.09 -38.01
N ASP G 171 11.24 -2.37 -37.76
N ASP G 171 11.25 -2.37 -37.75
CA ASP G 171 10.21 -3.16 -38.39
CA ASP G 171 10.21 -3.15 -38.38
C ASP G 171 8.85 -2.63 -38.00
C ASP G 171 8.85 -2.63 -37.99
N ASP G 172 7.92 -2.68 -38.93
CA ASP G 172 6.59 -2.14 -38.70
C ASP G 172 5.89 -2.79 -37.53
N LYS G 173 6.20 -4.04 -37.23
CA LYS G 173 5.58 -4.72 -36.12
C LYS G 173 5.89 -4.08 -34.73
N TYR G 174 6.94 -3.29 -34.65
CA TYR G 174 7.33 -2.62 -33.41
C TYR G 174 6.55 -1.29 -33.16
N PHE G 175 5.75 -0.86 -34.11
CA PHE G 175 5.25 0.55 -34.05
C PHE G 175 4.22 0.80 -32.96
N ASP G 176 3.42 -0.18 -32.54
CA ASP G 176 2.71 0.00 -31.23
C ASP G 176 3.48 0.28 -30.01
N ALA G 177 4.51 -0.50 -29.78
CA ALA G 177 5.37 -0.26 -28.66
C ALA G 177 6.04 1.05 -28.79
N ILE G 178 6.52 1.35 -30.01
CA ILE G 178 7.20 2.60 -30.20
C ILE G 178 6.29 3.72 -29.82
N THR G 179 5.04 3.59 -30.23
CA THR G 179 4.07 4.64 -29.94
C THR G 179 3.94 4.88 -28.43
N GLY G 180 3.98 3.82 -27.65
CA GLY G 180 3.92 3.91 -26.20
C GLY G 180 5.15 4.54 -25.54
N LEU G 181 6.26 4.52 -26.24
CA LEU G 181 7.53 5.06 -25.78
C LEU G 181 7.81 6.44 -26.36
N SER G 182 8.14 6.57 -27.66
CA SER G 182 8.50 7.86 -28.17
C SER G 182 7.31 8.72 -28.49
N GLY G 183 6.21 8.11 -28.83
CA GLY G 183 5.02 8.88 -29.15
C GLY G 183 4.39 9.46 -27.88
N SER G 184 4.20 8.61 -26.88
CA SER G 184 3.53 8.99 -25.67
C SER G 184 4.45 9.48 -24.59
N GLY G 185 5.69 9.07 -24.63
CA GLY G 185 6.67 9.47 -23.65
C GLY G 185 6.80 10.93 -23.37
N PRO G 186 6.63 11.81 -24.36
CA PRO G 186 6.78 13.22 -23.98
C PRO G 186 5.83 13.64 -22.85
N ALA G 187 4.61 13.09 -22.82
CA ALA G 187 3.68 13.46 -21.78
C ALA G 187 4.18 13.02 -20.39
N TYR G 188 4.85 11.89 -20.36
CA TYR G 188 5.39 11.41 -19.13
C TYR G 188 6.46 12.39 -18.59
N ILE G 189 7.21 12.93 -19.52
CA ILE G 189 8.23 13.92 -19.16
C ILE G 189 7.65 15.28 -18.82
N TYR G 190 6.54 15.67 -19.44
CA TYR G 190 5.91 16.84 -19.07
C TYR G 190 5.38 16.77 -17.62
N LEU G 191 4.81 15.64 -17.29
CA LEU G 191 4.42 15.43 -15.89
C LEU G 191 5.66 15.48 -15.00
N ALA G 192 6.75 14.85 -15.42
CA ALA G 192 7.98 14.84 -14.59
C ALA G 192 8.46 16.26 -14.36
N ILE G 193 8.50 17.06 -15.40
CA ILE G 193 8.98 18.42 -15.29
C ILE G 193 8.12 19.25 -14.32
N GLU G 194 6.79 19.10 -14.42
CA GLU G 194 5.94 19.81 -13.52
C GLU G 194 6.17 19.34 -12.11
N ALA G 195 6.30 18.03 -11.95
CA ALA G 195 6.51 17.46 -10.60
C ALA G 195 7.82 17.86 -9.99
N LEU G 196 8.85 17.93 -10.79
CA LEU G 196 10.13 18.42 -10.33
C LEU G 196 10.08 19.86 -9.91
N ALA G 197 9.38 20.69 -10.68
CA ALA G 197 9.19 22.07 -10.30
C ALA G 197 8.39 22.22 -8.99
N ASP G 198 7.32 21.44 -8.88
CA ASP G 198 6.54 21.41 -7.67
C ASP G 198 7.38 20.98 -6.48
N GLY G 199 8.28 20.01 -6.72
CA GLY G 199 9.19 19.56 -5.69
C GLY G 199 10.11 20.70 -5.26
N GLY G 200 10.66 21.39 -6.25
CA GLY G 200 11.50 22.55 -5.90
C GLY G 200 10.78 23.53 -5.00
N VAL G 201 9.54 23.87 -5.39
CA VAL G 201 8.72 24.80 -4.64
C VAL G 201 8.43 24.25 -3.27
N ALA G 202 8.20 22.95 -3.19
CA ALA G 202 7.95 22.34 -1.93
C ALA G 202 9.19 22.50 -1.03
N ALA G 203 10.38 22.47 -1.65
CA ALA G 203 11.63 22.63 -0.94
C ALA G 203 12.01 24.06 -0.74
N GLY G 204 11.21 24.99 -1.14
CA GLY G 204 11.40 26.39 -0.81
C GLY G 204 11.84 27.29 -1.95
N LEU G 205 11.91 26.74 -3.15
CA LEU G 205 12.30 27.53 -4.32
C LEU G 205 11.18 28.38 -4.85
N PRO G 206 11.50 29.58 -5.30
CA PRO G 206 10.53 30.29 -6.15
C PRO G 206 10.09 29.49 -7.40
N ARG G 207 8.85 29.66 -7.77
CA ARG G 207 8.24 28.88 -8.83
C ARG G 207 8.92 29.08 -10.16
N ASP G 208 9.21 30.34 -10.56
CA ASP G 208 9.85 30.49 -11.87
C ASP G 208 11.22 29.82 -11.99
N LEU G 209 12.01 29.99 -10.96
CA LEU G 209 13.31 29.32 -10.89
C LEU G 209 13.13 27.80 -10.89
N ALA G 210 12.20 27.33 -10.11
CA ALA G 210 11.99 25.90 -10.01
C ALA G 210 11.64 25.29 -11.38
N LEU G 211 10.73 25.90 -12.08
CA LEU G 211 10.37 25.42 -13.38
C LEU G 211 11.50 25.54 -14.36
N SER G 212 12.20 26.69 -14.38
CA SER G 212 13.38 26.81 -15.25
C SER G 212 14.37 25.73 -15.00
N LEU G 213 14.68 25.53 -13.73
CA LEU G 213 15.67 24.53 -13.35
C LEU G 213 15.18 23.13 -13.76
N ALA G 214 13.91 22.85 -13.51
CA ALA G 214 13.40 21.51 -13.83
C ALA G 214 13.55 21.22 -15.27
N SER G 215 13.08 22.12 -16.14
CA SER G 215 13.17 21.86 -17.55
C SER G 215 14.63 21.67 -18.04
N GLN G 216 15.53 22.55 -17.56
CA GLN G 216 16.89 22.53 -18.05
C GLN G 216 17.66 21.34 -17.47
N THR G 217 17.28 20.92 -16.29
CA THR G 217 17.87 19.72 -15.71
C THR G 217 17.51 18.51 -16.54
N VAL G 218 16.24 18.36 -16.90
CA VAL G 218 15.82 17.24 -17.77
C VAL G 218 16.56 17.31 -19.10
N LEU G 219 16.59 18.46 -19.70
CA LEU G 219 17.27 18.67 -21.00
C LEU G 219 18.76 18.25 -20.89
N GLY G 220 19.44 18.72 -19.83
CA GLY G 220 20.83 18.37 -19.66
C GLY G 220 21.12 16.93 -19.43
N ALA G 221 20.29 16.31 -18.60
CA ALA G 221 20.48 14.87 -18.38
C ALA G 221 20.23 14.05 -19.63
N ALA G 222 19.22 14.40 -20.39
CA ALA G 222 18.94 13.68 -21.60
C ALA G 222 20.03 13.88 -22.64
N SER G 223 20.57 15.07 -22.61
CA SER G 223 21.75 15.36 -23.48
C SER G 223 22.99 14.56 -23.13
N MET G 224 23.25 14.42 -21.85
CA MET G 224 24.27 13.53 -21.42
C MET G 224 24.01 12.13 -21.91
N ALA G 225 22.80 11.65 -21.76
CA ALA G 225 22.46 10.31 -22.18
C ALA G 225 22.61 10.13 -23.68
N THR G 226 22.23 11.12 -24.42
CA THR G 226 22.27 10.97 -25.88
C THR G 226 23.74 11.05 -26.36
N GLN G 227 24.56 11.85 -25.70
CA GLN G 227 25.94 12.08 -26.23
C GLN G 227 27.01 11.27 -25.62
N SER G 228 26.81 10.77 -24.41
CA SER G 228 27.93 10.25 -23.62
C SER G 228 28.40 8.91 -24.06
N GLY G 229 27.56 8.16 -24.73
CA GLY G 229 27.90 6.76 -25.03
C GLY G 229 27.79 5.86 -23.80
N LYS G 230 27.21 6.35 -22.70
CA LYS G 230 27.21 5.52 -21.45
C LYS G 230 25.83 4.95 -21.22
N HIS G 231 25.82 3.84 -20.52
CA HIS G 231 24.57 3.25 -20.06
C HIS G 231 24.00 4.20 -19.04
N PRO G 232 22.67 4.27 -18.97
CA PRO G 232 22.13 5.16 -17.93
C PRO G 232 22.49 4.85 -16.54
N GLY G 233 22.70 3.57 -16.22
CA GLY G 233 23.15 3.20 -14.92
C GLY G 233 24.54 3.73 -14.59
N GLN G 234 25.42 3.81 -15.60
N GLN G 234 25.41 3.80 -15.60
CA GLN G 234 26.72 4.43 -15.42
CA GLN G 234 26.70 4.42 -15.41
C GLN G 234 26.59 5.92 -15.18
C GLN G 234 26.58 5.92 -15.18
N LEU G 235 25.71 6.59 -15.90
CA LEU G 235 25.47 8.00 -15.73
C LEU G 235 24.94 8.28 -14.30
N LYS G 236 24.03 7.42 -13.84
CA LYS G 236 23.56 7.54 -12.45
C LYS G 236 24.69 7.36 -11.46
N ASP G 237 25.54 6.38 -11.74
CA ASP G 237 26.67 6.14 -10.85
C ASP G 237 27.57 7.38 -10.81
N ASP G 238 27.76 8.00 -11.95
CA ASP G 238 28.63 9.19 -12.06
C ASP G 238 28.20 10.36 -11.19
N VAL G 239 26.92 10.52 -10.94
CA VAL G 239 26.40 11.64 -10.17
C VAL G 239 25.98 11.29 -8.74
N THR G 240 26.06 10.04 -8.32
CA THR G 240 25.63 9.68 -6.98
C THR G 240 26.77 9.63 -6.00
N SER G 241 27.20 10.78 -5.54
CA SER G 241 28.35 10.82 -4.57
C SER G 241 27.96 10.12 -3.28
N PRO G 242 28.94 9.57 -2.59
CA PRO G 242 28.66 8.74 -1.41
C PRO G 242 27.91 9.51 -0.33
N GLY G 243 26.82 8.95 0.13
CA GLY G 243 25.94 9.56 1.09
C GLY G 243 25.43 10.97 0.79
N GLY G 244 25.46 11.33 -0.48
CA GLY G 244 25.16 12.68 -0.87
C GLY G 244 23.70 12.92 -1.17
N THR G 245 23.47 14.10 -1.68
CA THR G 245 22.09 14.53 -1.95
C THR G 245 21.46 13.68 -3.04
N THR G 246 22.21 13.39 -4.09
CA THR G 246 21.66 12.70 -5.21
C THR G 246 21.20 11.31 -4.87
N ILE G 247 22.02 10.53 -4.16
CA ILE G 247 21.59 9.23 -3.77
C ILE G 247 20.39 9.27 -2.83
N ALA G 248 20.27 10.28 -2.03
CA ALA G 248 19.12 10.44 -1.16
C ALA G 248 17.87 10.56 -2.02
N GLY G 249 17.95 11.36 -3.05
CA GLY G 249 16.78 11.50 -3.95
C GLY G 249 16.49 10.24 -4.70
N VAL G 250 17.53 9.59 -5.22
CA VAL G 250 17.35 8.31 -5.92
C VAL G 250 16.71 7.29 -5.04
N HIS G 251 17.15 7.22 -3.76
CA HIS G 251 16.63 6.27 -2.89
C HIS G 251 15.10 6.49 -2.80
N GLU G 252 14.63 7.73 -2.75
CA GLU G 252 13.20 7.97 -2.64
C GLU G 252 12.48 7.42 -3.84
N LEU G 253 13.09 7.59 -5.00
CA LEU G 253 12.54 7.07 -6.23
C LEU G 253 12.38 5.58 -6.16
N GLU G 254 13.47 4.92 -5.72
CA GLU G 254 13.46 3.44 -5.68
C GLU G 254 12.50 2.93 -4.63
N LYS G 255 12.40 3.58 -3.52
CA LYS G 255 11.40 3.18 -2.49
C LYS G 255 10.04 3.10 -3.09
N ALA G 256 9.77 4.04 -3.95
CA ALA G 256 8.43 4.15 -4.60
C ALA G 256 8.20 3.35 -5.80
N GLY G 257 9.23 2.66 -6.30
CA GLY G 257 9.09 1.88 -7.51
C GLY G 257 8.96 2.74 -8.78
N PHE G 258 9.60 3.85 -8.78
CA PHE G 258 9.63 4.80 -9.88
C PHE G 258 9.86 4.18 -11.21
N ARG G 259 10.89 3.31 -11.33
CA ARG G 259 11.17 2.70 -12.57
C ARG G 259 10.03 1.86 -13.05
N GLY G 260 9.43 1.07 -12.17
CA GLY G 260 8.32 0.24 -12.55
C GLY G 260 7.09 1.02 -13.02
N ILE G 261 6.91 2.19 -12.48
CA ILE G 261 5.78 3.07 -12.86
C ILE G 261 5.94 3.52 -14.25
N LEU G 262 7.14 3.95 -14.62
CA LEU G 262 7.42 4.28 -15.98
C LEU G 262 7.30 3.09 -16.95
N MET G 263 7.75 1.91 -16.55
CA MET G 263 7.58 0.68 -17.33
C MET G 263 6.08 0.51 -17.56
N ASN G 264 5.31 0.63 -16.49
CA ASN G 264 3.88 0.43 -16.58
C ASN G 264 3.23 1.39 -17.58
N ALA G 265 3.68 2.65 -17.61
CA ALA G 265 3.12 3.63 -18.52
C ALA G 265 3.41 3.25 -19.99
N VAL G 266 4.63 2.85 -20.28
CA VAL G 266 5.00 2.45 -21.63
C VAL G 266 4.17 1.25 -22.02
N VAL G 267 4.11 0.24 -21.15
CA VAL G 267 3.33 -0.98 -21.44
C VAL G 267 1.87 -0.69 -21.67
N ALA G 268 1.28 0.14 -20.85
CA ALA G 268 -0.15 0.50 -21.00
C ALA G 268 -0.45 1.27 -22.24
N ALA G 269 0.48 2.19 -22.56
CA ALA G 269 0.34 2.97 -23.80
C ALA G 269 0.47 2.07 -25.02
N ALA G 270 1.44 1.17 -25.00
CA ALA G 270 1.64 0.24 -26.08
C ALA G 270 0.44 -0.72 -26.26
N LYS G 271 -0.10 -1.17 -25.18
CA LYS G 271 -1.29 -1.98 -25.23
C LYS G 271 -2.48 -1.21 -25.78
N ARG G 272 -2.66 0.02 -25.38
N ARG G 272 -2.66 0.03 -25.38
CA ARG G 272 -3.71 0.85 -25.91
CA ARG G 272 -3.73 0.86 -25.92
C ARG G 272 -3.53 1.05 -27.42
C ARG G 272 -3.53 1.06 -27.42
N SER G 273 -2.29 1.27 -27.83
CA SER G 273 -1.98 1.42 -29.24
C SER G 273 -2.47 0.19 -30.03
N GLN G 274 -2.15 -0.98 -29.53
CA GLN G 274 -2.56 -2.23 -30.16
C GLN G 274 -4.09 -2.31 -30.18
N GLU G 275 -4.75 -1.93 -29.12
CA GLU G 275 -6.21 -2.01 -29.06
C GLU G 275 -6.85 -1.07 -30.04
N LEU G 276 -6.18 0.06 -30.32
CA LEU G 276 -6.76 1.10 -31.20
C LEU G 276 -6.52 0.72 -32.65
N SER G 277 -5.70 -0.31 -32.82
CA SER G 277 -5.68 -1.26 -33.91
C SER G 277 -4.21 -1.52 -34.14
N ILE H 6 37.42 47.85 -4.40
CA ILE H 6 36.74 47.04 -5.47
C ILE H 6 36.69 47.85 -6.79
N ILE H 7 37.74 47.67 -7.59
CA ILE H 7 37.79 48.24 -8.95
C ILE H 7 36.96 47.32 -9.86
N PRO H 8 36.20 47.87 -10.85
CA PRO H 8 35.51 46.95 -11.78
C PRO H 8 36.50 46.02 -12.47
N ILE H 9 36.11 44.78 -12.69
CA ILE H 9 36.95 43.84 -13.41
C ILE H 9 36.85 44.27 -14.88
N PRO H 10 37.99 44.46 -15.59
CA PRO H 10 37.85 44.92 -17.00
C PRO H 10 37.19 43.86 -17.88
N ALA H 11 35.98 44.15 -18.33
CA ALA H 11 35.12 43.17 -19.00
C ALA H 11 35.76 42.53 -20.22
N ASP H 12 36.59 43.28 -20.95
CA ASP H 12 37.08 42.80 -22.21
C ASP H 12 38.47 42.23 -22.10
N SER H 13 39.13 42.41 -20.97
CA SER H 13 40.54 42.01 -20.89
C SER H 13 40.91 41.31 -19.59
N TYR H 14 39.94 40.97 -18.78
CA TYR H 14 40.28 40.35 -17.55
C TYR H 14 40.99 39.01 -17.79
N THR H 15 41.80 38.64 -16.79
CA THR H 15 42.39 37.33 -16.78
C THR H 15 41.70 36.43 -15.73
N LEU H 16 41.60 35.15 -16.05
CA LEU H 16 40.85 34.15 -15.32
C LEU H 16 41.84 33.09 -14.84
N GLY H 17 41.73 32.75 -13.59
CA GLY H 17 42.53 31.71 -12.99
C GLY H 17 41.70 30.63 -12.38
N PHE H 18 42.05 29.38 -12.67
CA PHE H 18 41.38 28.24 -12.11
C PHE H 18 42.22 27.60 -11.04
N ILE H 19 41.68 27.57 -9.83
CA ILE H 19 42.26 26.84 -8.73
C ILE H 19 41.43 25.60 -8.63
N GLY H 20 42.05 24.48 -9.02
CA GLY H 20 41.34 23.22 -9.20
C GLY H 20 41.22 23.06 -10.69
N ALA H 21 41.74 21.96 -11.20
CA ALA H 21 41.88 21.76 -12.64
C ALA H 21 41.08 20.50 -13.04
N GLY H 22 39.98 20.26 -12.35
CA GLY H 22 39.16 19.12 -12.62
C GLY H 22 38.26 19.30 -13.83
N LYS H 23 37.24 18.41 -13.92
CA LYS H 23 36.40 18.33 -15.11
C LYS H 23 35.51 19.58 -15.26
N MET H 24 34.99 20.09 -14.14
CA MET H 24 34.16 21.30 -14.21
C MET H 24 35.02 22.47 -14.68
N ALA H 25 36.21 22.63 -14.11
CA ALA H 25 37.11 23.72 -14.59
C ALA H 25 37.37 23.63 -16.08
N GLU H 26 37.64 22.41 -16.50
CA GLU H 26 37.98 22.17 -17.90
C GLU H 26 36.80 22.49 -18.79
N SER H 27 35.60 22.09 -18.35
CA SER H 27 34.42 22.45 -19.09
C SER H 27 34.23 23.93 -19.20
N ILE H 28 34.46 24.66 -18.11
CA ILE H 28 34.29 26.11 -18.12
C ILE H 28 35.31 26.74 -19.07
N ALA H 29 36.58 26.38 -18.88
CA ALA H 29 37.62 26.91 -19.73
C ALA H 29 37.41 26.64 -21.22
N LYS H 30 37.12 25.38 -21.55
CA LYS H 30 36.80 24.98 -22.94
C LYS H 30 35.67 25.77 -23.49
N GLY H 31 34.61 25.83 -22.71
CA GLY H 31 33.45 26.52 -23.15
C GLY H 31 33.71 27.97 -23.39
N ALA H 32 34.44 28.60 -22.48
CA ALA H 32 34.67 30.02 -22.59
C ALA H 32 35.58 30.34 -23.80
N VAL H 33 36.59 29.50 -23.99
CA VAL H 33 37.44 29.69 -25.21
C VAL H 33 36.67 29.40 -26.51
N ARG H 34 36.01 28.27 -26.57
CA ARG H 34 35.20 27.87 -27.75
C ARG H 34 34.14 28.93 -28.10
N SER H 35 33.53 29.53 -27.10
CA SER H 35 32.46 30.53 -27.33
C SER H 35 33.01 31.94 -27.60
N GLY H 36 34.32 32.09 -27.54
CA GLY H 36 34.95 33.41 -27.69
C GLY H 36 34.85 34.36 -26.49
N VAL H 37 34.39 33.89 -25.33
CA VAL H 37 34.32 34.75 -24.14
C VAL H 37 35.65 35.27 -23.82
N LEU H 38 36.64 34.41 -23.87
CA LEU H 38 38.00 34.86 -23.77
C LEU H 38 38.93 33.91 -24.44
N SER H 39 40.11 34.38 -24.69
CA SER H 39 41.13 33.62 -25.38
C SER H 39 42.00 32.89 -24.41
N PRO H 40 42.58 31.76 -24.82
CA PRO H 40 43.32 30.92 -23.86
C PRO H 40 44.46 31.66 -23.18
N SER H 41 44.99 32.69 -23.83
CA SER H 41 46.11 33.44 -23.24
C SER H 41 45.73 34.20 -22.01
N ARG H 42 44.43 34.43 -21.82
CA ARG H 42 43.96 35.10 -20.61
C ARG H 42 43.65 34.15 -19.45
N ILE H 43 43.90 32.84 -19.61
CA ILE H 43 43.46 31.84 -18.64
C ILE H 43 44.69 31.16 -18.12
N LYS H 44 44.73 30.96 -16.83
CA LYS H 44 45.80 30.17 -16.15
C LYS H 44 45.17 29.15 -15.23
N THR H 45 45.84 28.03 -15.07
CA THR H 45 45.49 27.11 -14.00
C THR H 45 46.79 26.58 -13.40
N ALA H 46 46.66 25.96 -12.26
CA ALA H 46 47.81 25.34 -11.66
C ALA H 46 47.45 23.91 -11.44
N ILE H 47 48.43 23.06 -11.69
CA ILE H 47 48.26 21.66 -11.61
C ILE H 47 49.58 21.18 -11.00
N HIS H 48 49.50 20.37 -9.95
CA HIS H 48 50.69 19.84 -9.31
C HIS H 48 50.67 18.35 -9.60
N SER H 49 51.67 17.92 -10.36
CA SER H 49 51.96 16.53 -10.64
C SER H 49 50.73 15.73 -11.10
N ASN H 50 50.10 16.26 -12.13
CA ASN H 50 49.06 15.51 -12.83
C ASN H 50 49.22 15.76 -14.31
N PRO H 51 50.14 15.03 -14.96
CA PRO H 51 50.41 15.38 -16.36
C PRO H 51 49.21 15.16 -17.28
N ALA H 52 48.26 14.33 -16.86
CA ALA H 52 46.99 14.11 -17.59
C ALA H 52 46.10 15.37 -17.60
N ARG H 53 45.95 16.00 -16.43
CA ARG H 53 45.18 17.26 -16.32
C ARG H 53 45.98 18.36 -16.97
N ARG H 54 47.30 18.35 -16.82
CA ARG H 54 48.11 19.34 -17.51
C ARG H 54 47.88 19.33 -19.02
N THR H 55 47.81 18.12 -19.60
CA THR H 55 47.63 17.93 -21.06
C THR H 55 46.27 18.49 -21.47
N ALA H 56 45.23 18.21 -20.68
CA ALA H 56 43.88 18.71 -20.93
C ALA H 56 43.85 20.23 -21.11
N PHE H 57 44.52 20.98 -20.23
CA PHE H 57 44.55 22.45 -20.31
C PHE H 57 45.49 22.98 -21.38
N GLU H 58 46.68 22.43 -21.41
CA GLU H 58 47.60 22.81 -22.43
C GLU H 58 47.01 22.59 -23.83
N SER H 59 46.28 21.49 -24.02
CA SER H 59 45.80 21.13 -25.36
C SER H 59 44.73 22.10 -25.86
N ILE H 60 44.21 22.95 -24.98
N ILE H 60 44.21 22.94 -24.96
CA ILE H 60 43.32 24.01 -25.46
CA ILE H 60 43.29 23.98 -25.35
C ILE H 60 43.99 25.39 -25.39
C ILE H 60 43.98 25.38 -25.36
N GLY H 61 45.28 25.40 -25.18
CA GLY H 61 46.05 26.63 -25.32
C GLY H 61 46.25 27.41 -24.03
N ILE H 62 45.93 26.77 -22.92
CA ILE H 62 46.06 27.39 -21.65
C ILE H 62 47.39 27.08 -20.98
N THR H 63 47.99 28.12 -20.40
CA THR H 63 49.20 27.99 -19.55
C THR H 63 48.92 27.41 -18.17
N VAL H 64 49.63 26.35 -17.84
CA VAL H 64 49.57 25.70 -16.55
C VAL H 64 50.78 26.17 -15.73
N LEU H 65 50.51 26.83 -14.61
CA LEU H 65 51.56 27.32 -13.72
C LEU H 65 51.79 26.30 -12.65
N SER H 66 52.88 26.49 -11.93
CA SER H 66 53.28 25.49 -10.95
C SER H 66 52.62 25.72 -9.60
N SER H 67 52.08 26.91 -9.34
CA SER H 67 51.49 27.18 -8.03
C SER H 67 50.20 27.96 -8.10
N ASN H 68 49.37 27.68 -7.13
CA ASN H 68 48.12 28.38 -6.95
C ASN H 68 48.42 29.86 -6.79
N ASP H 69 49.48 30.16 -6.05
CA ASP H 69 49.81 31.54 -5.74
C ASP H 69 49.98 32.34 -6.98
N ASP H 70 50.73 31.78 -7.91
CA ASP H 70 51.00 32.50 -9.17
C ASP H 70 49.73 32.65 -10.01
N VAL H 71 48.90 31.63 -9.99
CA VAL H 71 47.60 31.74 -10.71
C VAL H 71 46.83 32.95 -10.14
N VAL H 72 46.71 33.01 -8.83
CA VAL H 72 45.94 34.09 -8.20
C VAL H 72 46.54 35.46 -8.51
N ARG H 73 47.86 35.58 -8.31
CA ARG H 73 48.51 36.85 -8.65
C ARG H 73 48.17 37.32 -10.03
N ASP H 74 48.25 36.43 -10.99
CA ASP H 74 48.08 36.82 -12.39
C ASP H 74 46.62 36.99 -12.84
N SER H 75 45.68 36.75 -11.92
CA SER H 75 44.26 36.69 -12.32
C SER H 75 43.42 37.76 -11.71
N ASN H 76 42.53 38.33 -12.50
CA ASN H 76 41.50 39.24 -12.01
C ASN H 76 40.33 38.49 -11.41
N VAL H 77 40.05 37.32 -12.00
CA VAL H 77 38.88 36.48 -11.59
C VAL H 77 39.45 35.11 -11.29
N VAL H 78 39.15 34.60 -10.14
CA VAL H 78 39.65 33.33 -9.69
C VAL H 78 38.45 32.41 -9.46
N VAL H 79 38.51 31.23 -10.11
CA VAL H 79 37.49 30.21 -9.96
C VAL H 79 38.01 29.07 -9.20
N PHE H 80 37.42 28.83 -8.05
CA PHE H 80 37.76 27.71 -7.18
C PHE H 80 36.85 26.49 -7.45
N SER H 81 37.46 25.39 -7.88
CA SER H 81 36.70 24.19 -8.16
C SER H 81 37.34 22.99 -7.56
N VAL H 82 38.02 23.21 -6.46
CA VAL H 82 38.53 22.06 -5.76
C VAL H 82 37.40 21.38 -5.03
N LYS H 83 37.66 20.13 -4.61
CA LYS H 83 36.67 19.43 -3.87
C LYS H 83 36.23 20.26 -2.68
N PRO H 84 34.93 20.22 -2.30
CA PRO H 84 34.44 21.13 -1.27
C PRO H 84 35.18 21.03 0.06
N GLN H 85 35.55 19.80 0.41
CA GLN H 85 36.25 19.50 1.66
C GLN H 85 37.64 20.14 1.70
N LEU H 86 38.20 20.49 0.56
CA LEU H 86 39.55 21.02 0.46
C LEU H 86 39.56 22.54 0.30
N LEU H 87 38.37 23.10 0.05
CA LEU H 87 38.31 24.49 -0.32
C LEU H 87 38.78 25.46 0.81
N LYS H 88 38.31 25.23 2.02
CA LYS H 88 38.67 26.14 3.11
C LYS H 88 40.19 26.34 3.20
N ASP H 89 40.92 25.26 3.23
CA ASP H 89 42.37 25.33 3.47
C ASP H 89 43.04 25.98 2.30
N VAL H 90 42.52 25.69 1.10
CA VAL H 90 43.06 26.30 -0.11
C VAL H 90 42.87 27.80 -0.08
N VAL H 91 41.68 28.24 0.31
CA VAL H 91 41.42 29.72 0.41
C VAL H 91 42.27 30.38 1.52
N LEU H 92 42.30 29.75 2.68
CA LEU H 92 43.14 30.26 3.81
C LEU H 92 44.60 30.40 3.41
N LYS H 93 45.16 29.41 2.74
CA LYS H 93 46.57 29.51 2.25
C LYS H 93 46.75 30.67 1.28
N LEU H 94 45.77 30.91 0.43
CA LEU H 94 45.90 31.96 -0.56
C LEU H 94 45.55 33.35 -0.05
N LYS H 95 45.01 33.41 1.14
CA LYS H 95 44.32 34.60 1.60
C LYS H 95 45.06 35.93 1.40
N PRO H 96 46.37 35.98 1.73
CA PRO H 96 47.10 37.26 1.55
C PRO H 96 47.03 37.79 0.12
N LEU H 97 46.89 36.88 -0.84
CA LEU H 97 46.85 37.24 -2.26
C LEU H 97 45.42 37.58 -2.76
N LEU H 98 44.43 37.31 -1.93
CA LEU H 98 43.02 37.50 -2.35
C LEU H 98 42.59 38.92 -2.04
N THR H 99 43.18 39.84 -2.75
CA THR H 99 42.88 41.25 -2.57
C THR H 99 41.54 41.59 -3.18
N LYS H 100 40.93 42.66 -2.67
CA LYS H 100 39.54 43.04 -3.02
C LYS H 100 39.32 43.45 -4.43
N ASP H 101 40.40 43.63 -5.15
CA ASP H 101 40.30 43.93 -6.57
C ASP H 101 40.09 42.67 -7.42
N LYS H 102 40.16 41.48 -6.81
CA LYS H 102 40.00 40.27 -7.54
C LYS H 102 38.61 39.70 -7.21
N LEU H 103 37.87 39.36 -8.25
CA LEU H 103 36.58 38.64 -8.06
C LEU H 103 36.81 37.17 -7.88
N LEU H 104 36.26 36.64 -6.80
CA LEU H 104 36.43 35.25 -6.48
C LEU H 104 35.08 34.50 -6.77
N VAL H 105 35.23 33.26 -7.22
CA VAL H 105 34.05 32.42 -7.62
C VAL H 105 34.29 31.09 -7.04
N SER H 106 33.27 30.54 -6.42
CA SER H 106 33.32 29.16 -6.00
C SER H 106 32.24 28.35 -6.70
N VAL H 107 32.67 27.17 -7.22
CA VAL H 107 31.66 26.20 -7.77
C VAL H 107 31.50 25.07 -6.83
N ALA H 108 32.07 25.16 -5.64
CA ALA H 108 31.99 24.05 -4.70
C ALA H 108 30.60 23.77 -4.21
N ALA H 109 30.16 22.51 -4.35
CA ALA H 109 28.84 22.14 -3.87
C ALA H 109 28.80 22.30 -2.33
N GLY H 110 27.68 22.90 -1.86
CA GLY H 110 27.38 22.90 -0.45
C GLY H 110 28.14 23.90 0.39
N ILE H 111 28.99 24.71 -0.20
CA ILE H 111 29.72 25.70 0.60
C ILE H 111 29.02 27.06 0.48
N LYS H 112 28.48 27.55 1.57
CA LYS H 112 27.68 28.77 1.58
C LYS H 112 28.51 30.03 1.48
N MET H 113 27.86 31.07 0.96
CA MET H 113 28.50 32.35 0.74
C MET H 113 29.06 32.93 2.04
N LYS H 114 28.31 32.78 3.14
CA LYS H 114 28.79 33.29 4.44
C LYS H 114 30.20 32.75 4.74
N ASP H 115 30.41 31.47 4.51
CA ASP H 115 31.70 30.86 4.72
C ASP H 115 32.75 31.28 3.74
N LEU H 116 32.40 31.31 2.45
CA LEU H 116 33.37 31.76 1.46
C LEU H 116 33.95 33.11 1.87
N GLN H 117 33.06 34.02 2.23
CA GLN H 117 33.46 35.39 2.56
C GLN H 117 34.32 35.47 3.83
N GLU H 118 33.98 34.65 4.82
CA GLU H 118 34.80 34.57 6.03
C GLU H 118 36.18 34.06 5.72
N TRP H 119 36.28 33.02 4.90
CA TRP H 119 37.59 32.45 4.58
C TRP H 119 38.46 33.41 3.78
N ALA H 120 37.87 34.08 2.81
CA ALA H 120 38.62 34.96 1.97
C ALA H 120 38.96 36.28 2.67
N GLY H 121 38.15 36.66 3.62
CA GLY H 121 38.28 37.94 4.32
C GLY H 121 37.64 39.09 3.63
N HIS H 122 36.86 38.83 2.57
CA HIS H 122 36.14 39.94 1.93
C HIS H 122 34.95 39.37 1.20
N GLU H 123 34.13 40.24 0.65
CA GLU H 123 32.79 39.86 0.18
C GLU H 123 32.63 39.95 -1.31
N ARG H 124 33.73 40.07 -1.99
CA ARG H 124 33.71 40.15 -3.46
C ARG H 124 33.85 38.73 -3.99
N PHE H 125 32.73 38.02 -3.88
CA PHE H 125 32.73 36.60 -4.06
C PHE H 125 31.36 36.23 -4.67
N ILE H 126 31.43 35.33 -5.64
CA ILE H 126 30.19 34.77 -6.28
C ILE H 126 30.27 33.28 -6.18
N ARG H 127 29.12 32.69 -5.87
CA ARG H 127 29.00 31.26 -5.74
C ARG H 127 28.17 30.81 -6.92
N VAL H 128 28.65 29.74 -7.55
CA VAL H 128 27.86 29.11 -8.64
C VAL H 128 27.69 27.66 -8.30
N MET H 129 26.47 27.15 -8.56
N MET H 129 26.48 27.16 -8.58
CA MET H 129 26.25 25.73 -8.48
CA MET H 129 26.25 25.76 -8.49
C MET H 129 25.85 25.25 -9.85
C MET H 129 25.84 25.26 -9.86
N PRO H 130 26.77 24.59 -10.55
CA PRO H 130 26.46 24.06 -11.87
C PRO H 130 25.95 22.62 -11.67
N ASN H 131 25.65 21.87 -12.69
CA ASN H 131 25.33 20.48 -12.56
C ASN H 131 26.12 19.68 -13.60
N THR H 132 25.85 18.40 -13.64
CA THR H 132 26.71 17.47 -14.38
C THR H 132 26.67 17.71 -15.89
N ALA H 133 25.63 18.36 -16.40
CA ALA H 133 25.45 18.51 -17.82
C ALA H 133 26.35 19.60 -18.42
N ALA H 134 27.12 20.26 -17.56
CA ALA H 134 28.16 21.15 -18.03
C ALA H 134 29.04 20.45 -19.07
N THR H 135 29.19 19.16 -18.94
CA THR H 135 30.04 18.37 -19.88
C THR H 135 29.56 18.42 -21.33
N VAL H 136 28.26 18.60 -21.55
CA VAL H 136 27.69 18.74 -22.85
C VAL H 136 27.12 20.16 -23.11
N GLY H 137 27.52 21.15 -22.28
CA GLY H 137 27.11 22.50 -22.43
C GLY H 137 25.65 22.77 -22.17
N GLU H 138 25.04 21.92 -21.32
CA GLU H 138 23.66 22.05 -20.94
C GLU H 138 23.49 22.04 -19.43
N ALA H 139 24.47 22.55 -18.73
CA ALA H 139 24.26 22.72 -17.27
C ALA H 139 23.04 23.59 -16.98
N ALA H 140 22.42 23.30 -15.83
CA ALA H 140 21.50 24.21 -15.16
C ALA H 140 22.31 24.73 -13.98
N SER H 141 22.68 26.00 -14.00
CA SER H 141 23.51 26.59 -12.96
C SER H 141 22.75 27.75 -12.26
N VAL H 142 23.12 28.00 -10.99
CA VAL H 142 22.56 29.14 -10.33
C VAL H 142 23.70 29.87 -9.64
N MET H 143 23.64 31.18 -9.60
CA MET H 143 24.70 31.97 -8.96
C MET H 143 24.09 32.82 -7.83
N SER H 144 24.87 32.97 -6.77
CA SER H 144 24.48 33.87 -5.64
C SER H 144 25.68 34.84 -5.45
N LEU H 145 25.33 36.06 -5.05
CA LEU H 145 26.32 37.14 -4.95
C LEU H 145 26.69 37.45 -3.51
N GLY H 146 27.99 37.57 -3.30
CA GLY H 146 28.49 38.00 -2.02
C GLY H 146 28.19 39.48 -1.84
N GLY H 147 28.38 39.96 -0.61
CA GLY H 147 27.94 41.32 -0.26
C GLY H 147 28.63 42.44 -1.00
N ALA H 148 29.80 42.18 -1.58
CA ALA H 148 30.49 43.22 -2.39
C ALA H 148 30.56 42.91 -3.87
N ALA H 149 29.92 41.82 -4.31
CA ALA H 149 29.93 41.50 -5.74
C ALA H 149 28.98 42.43 -6.42
N THR H 150 29.43 43.01 -7.48
CA THR H 150 28.65 44.04 -8.18
C THR H 150 27.79 43.45 -9.27
N GLU H 151 26.90 44.23 -9.81
CA GLU H 151 26.12 43.79 -10.95
C GLU H 151 27.03 43.43 -12.10
N GLU H 152 28.06 44.20 -12.28
CA GLU H 152 29.00 43.94 -13.39
C GLU H 152 29.82 42.66 -13.17
N ASP H 153 30.12 42.34 -11.89
CA ASP H 153 30.74 41.07 -11.54
C ASP H 153 29.79 39.95 -11.95
N ALA H 154 28.54 40.09 -11.59
CA ALA H 154 27.52 39.07 -11.86
C ALA H 154 27.41 38.87 -13.37
N ASN H 155 27.42 39.94 -14.12
CA ASN H 155 27.31 39.79 -15.58
C ASN H 155 28.50 39.09 -16.19
N LEU H 156 29.70 39.35 -15.63
CA LEU H 156 30.92 38.70 -16.10
C LEU H 156 30.82 37.20 -15.89
N ILE H 157 30.26 36.85 -14.76
CA ILE H 157 30.06 35.40 -14.40
C ILE H 157 28.93 34.75 -15.20
N SER H 158 27.85 35.48 -15.45
CA SER H 158 26.82 35.02 -16.35
C SER H 158 27.34 34.65 -17.66
N GLN H 159 28.23 35.49 -18.22
CA GLN H 159 28.71 35.26 -19.52
C GLN H 159 29.69 34.02 -19.50
N LEU H 160 30.45 33.92 -18.44
CA LEU H 160 31.35 32.78 -18.29
C LEU H 160 30.63 31.42 -18.12
N PHE H 161 29.68 31.34 -17.23
CA PHE H 161 28.94 30.08 -17.04
C PHE H 161 27.90 29.82 -18.09
N GLY H 162 27.46 30.89 -18.81
CA GLY H 162 26.67 30.69 -19.98
C GLY H 162 27.30 29.77 -21.02
N SER H 163 28.60 29.64 -20.98
CA SER H 163 29.28 28.79 -21.92
C SER H 163 29.11 27.30 -21.70
N ILE H 164 28.65 26.92 -20.51
CA ILE H 164 28.48 25.52 -20.14
C ILE H 164 27.00 25.20 -19.95
N GLY H 165 26.12 26.12 -20.15
CA GLY H 165 24.70 25.89 -19.96
C GLY H 165 23.98 27.15 -19.64
N LYS H 166 22.87 27.04 -18.95
CA LYS H 166 22.06 28.21 -18.65
C LYS H 166 22.41 28.55 -17.20
N ILE H 167 22.26 29.81 -16.87
CA ILE H 167 22.61 30.25 -15.53
C ILE H 167 21.57 31.26 -15.08
N TRP H 168 21.13 31.11 -13.84
CA TRP H 168 20.14 31.97 -13.23
C TRP H 168 20.73 32.52 -11.94
N LYS H 169 20.10 33.51 -11.37
CA LYS H 169 20.51 34.09 -10.09
C LYS H 169 19.56 33.71 -9.02
N ALA H 170 20.10 33.47 -7.83
CA ALA H 170 19.25 33.24 -6.72
C ALA H 170 19.97 33.55 -5.44
N ASP H 171 19.17 33.84 -4.42
N ASP H 171 19.18 33.86 -4.42
CA ASP H 171 19.68 34.05 -3.12
CA ASP H 171 19.73 34.07 -3.11
C ASP H 171 20.34 32.76 -2.61
C ASP H 171 20.36 32.78 -2.61
N ASP H 172 21.42 32.96 -1.86
CA ASP H 172 22.16 31.81 -1.35
C ASP H 172 21.28 30.88 -0.49
N LYS H 173 20.22 31.40 0.15
CA LYS H 173 19.43 30.57 0.98
C LYS H 173 18.67 29.47 0.23
N TYR H 174 18.51 29.62 -1.07
CA TYR H 174 17.83 28.62 -1.92
C TYR H 174 18.74 27.49 -2.34
N PHE H 175 20.01 27.53 -2.02
CA PHE H 175 20.92 26.61 -2.67
C PHE H 175 20.76 25.15 -2.24
N ASP H 176 20.25 24.90 -1.04
CA ASP H 176 19.90 23.49 -0.72
C ASP H 176 18.84 22.89 -1.57
N ALA H 177 17.78 23.61 -1.80
CA ALA H 177 16.71 23.16 -2.67
C ALA H 177 17.16 23.07 -4.11
N ILE H 178 18.02 24.01 -4.53
CA ILE H 178 18.51 23.97 -5.88
C ILE H 178 19.33 22.65 -6.04
N THR H 179 20.08 22.33 -5.00
CA THR H 179 20.97 21.16 -5.06
C THR H 179 20.08 19.94 -5.28
N GLY H 180 18.91 19.90 -4.61
CA GLY H 180 18.00 18.77 -4.73
C GLY H 180 17.30 18.63 -6.04
N LEU H 181 17.18 19.74 -6.76
CA LEU H 181 16.50 19.82 -8.03
C LEU H 181 17.48 19.75 -9.18
N SER H 182 18.31 20.79 -9.39
CA SER H 182 19.19 20.77 -10.57
C SER H 182 20.49 20.03 -10.34
N GLY H 183 20.98 19.99 -9.10
CA GLY H 183 22.19 19.27 -8.83
C GLY H 183 21.99 17.78 -8.92
N SER H 184 20.95 17.28 -8.22
CA SER H 184 20.61 15.91 -8.14
C SER H 184 19.70 15.39 -9.15
N GLY H 185 18.85 16.25 -9.74
CA GLY H 185 17.88 15.83 -10.70
C GLY H 185 18.33 15.01 -11.88
N PRO H 186 19.59 15.24 -12.38
CA PRO H 186 20.00 14.41 -13.50
C PRO H 186 19.89 12.91 -13.22
N ALA H 187 20.17 12.50 -11.99
CA ALA H 187 20.11 11.08 -11.66
C ALA H 187 18.69 10.58 -11.77
N TYR H 188 17.74 11.42 -11.43
CA TYR H 188 16.32 11.02 -11.53
C TYR H 188 15.92 10.78 -12.94
N ILE H 189 16.48 11.59 -13.83
CA ILE H 189 16.27 11.42 -15.23
C ILE H 189 17.03 10.23 -15.84
N TYR H 190 18.22 9.94 -15.38
CA TYR H 190 18.84 8.75 -15.79
C TYR H 190 18.10 7.51 -15.40
N LEU H 191 17.51 7.47 -14.22
CA LEU H 191 16.62 6.42 -13.91
C LEU H 191 15.43 6.36 -14.84
N ALA H 192 14.83 7.51 -15.10
CA ALA H 192 13.67 7.53 -15.97
C ALA H 192 13.97 7.05 -17.35
N ILE H 193 15.13 7.38 -17.87
CA ILE H 193 15.50 6.91 -19.17
C ILE H 193 15.70 5.40 -19.22
N GLU H 194 16.40 4.87 -18.24
CA GLU H 194 16.54 3.43 -18.16
C GLU H 194 15.16 2.75 -18.06
N ALA H 195 14.32 3.28 -17.21
CA ALA H 195 13.01 2.69 -17.04
C ALA H 195 12.16 2.75 -18.27
N LEU H 196 12.25 3.86 -18.99
CA LEU H 196 11.51 3.95 -20.26
C LEU H 196 12.03 2.93 -21.25
N ALA H 197 13.34 2.79 -21.33
CA ALA H 197 13.90 1.74 -22.16
C ALA H 197 13.50 0.34 -21.78
N ASP H 198 13.52 0.06 -20.50
CA ASP H 198 13.05 -1.22 -19.99
C ASP H 198 11.62 -1.47 -20.36
N GLY H 199 10.81 -0.41 -20.25
CA GLY H 199 9.43 -0.48 -20.61
C GLY H 199 9.23 -0.82 -22.08
N GLY H 200 10.05 -0.19 -22.92
CA GLY H 200 10.04 -0.48 -24.36
C GLY H 200 10.34 -1.92 -24.64
N VAL H 201 11.40 -2.39 -23.99
CA VAL H 201 11.73 -3.81 -24.10
C VAL H 201 10.64 -4.71 -23.60
N ALA H 202 10.00 -4.33 -22.50
CA ALA H 202 8.88 -5.10 -21.96
C ALA H 202 7.74 -5.20 -22.95
N ALA H 203 7.57 -4.16 -23.70
CA ALA H 203 6.54 -4.07 -24.76
C ALA H 203 6.98 -4.67 -26.05
N GLY H 204 8.19 -5.23 -26.11
CA GLY H 204 8.65 -5.94 -27.28
C GLY H 204 9.71 -5.29 -28.15
N LEU H 205 10.17 -4.10 -27.80
CA LEU H 205 11.17 -3.42 -28.56
C LEU H 205 12.56 -3.94 -28.35
N PRO H 206 13.37 -3.91 -29.43
CA PRO H 206 14.79 -4.19 -29.25
C PRO H 206 15.40 -3.17 -28.30
N ARG H 207 16.37 -3.63 -27.55
CA ARG H 207 17.02 -2.81 -26.50
C ARG H 207 17.68 -1.59 -27.05
N ASP H 208 18.48 -1.72 -28.13
N ASP H 208 18.46 -1.74 -28.14
CA ASP H 208 19.17 -0.54 -28.59
CA ASP H 208 19.15 -0.58 -28.64
C ASP H 208 18.22 0.54 -29.03
C ASP H 208 18.22 0.53 -29.04
N LEU H 209 17.18 0.16 -29.74
CA LEU H 209 16.18 1.09 -30.17
C LEU H 209 15.43 1.71 -28.94
N ALA H 210 15.08 0.85 -28.00
CA ALA H 210 14.37 1.35 -26.82
C ALA H 210 15.19 2.39 -26.11
N LEU H 211 16.47 2.14 -25.89
CA LEU H 211 17.31 3.14 -25.22
C LEU H 211 17.49 4.38 -26.04
N SER H 212 17.75 4.26 -27.38
CA SER H 212 17.83 5.40 -28.23
C SER H 212 16.60 6.25 -28.20
N LEU H 213 15.45 5.58 -28.27
CA LEU H 213 14.18 6.32 -28.25
C LEU H 213 13.92 6.98 -26.89
N ALA H 214 14.23 6.25 -25.83
CA ALA H 214 14.03 6.83 -24.51
C ALA H 214 14.80 8.11 -24.31
N SER H 215 16.12 8.09 -24.61
CA SER H 215 16.91 9.28 -24.39
C SER H 215 16.43 10.44 -25.20
N GLN H 216 16.15 10.18 -26.48
CA GLN H 216 15.77 11.25 -27.36
C GLN H 216 14.36 11.79 -27.08
N THR H 217 13.48 10.90 -26.61
CA THR H 217 12.13 11.33 -26.16
C THR H 217 12.19 12.29 -25.00
N VAL H 218 13.03 11.95 -24.02
CA VAL H 218 13.23 12.85 -22.90
C VAL H 218 13.87 14.19 -23.36
N LEU H 219 14.88 14.11 -24.22
CA LEU H 219 15.54 15.32 -24.74
C LEU H 219 14.54 16.22 -25.46
N GLY H 220 13.75 15.58 -26.31
CA GLY H 220 12.76 16.36 -27.03
C GLY H 220 11.72 17.01 -26.20
N ALA H 221 11.20 16.26 -25.23
CA ALA H 221 10.20 16.85 -24.41
C ALA H 221 10.73 18.00 -23.59
N ALA H 222 11.94 17.83 -23.06
CA ALA H 222 12.54 18.92 -22.32
C ALA H 222 12.79 20.11 -23.21
N SER H 223 13.19 19.84 -24.44
CA SER H 223 13.35 20.96 -25.40
C SER H 223 12.09 21.68 -25.70
N MET H 224 11.00 20.96 -25.74
CA MET H 224 9.65 21.58 -25.89
C MET H 224 9.35 22.45 -24.70
N ALA H 225 9.61 21.92 -23.51
CA ALA H 225 9.35 22.67 -22.32
C ALA H 225 10.19 23.93 -22.26
N THR H 226 11.45 23.82 -22.66
CA THR H 226 12.34 24.99 -22.51
C THR H 226 11.99 26.05 -23.56
N GLN H 227 11.58 25.64 -24.75
CA GLN H 227 11.34 26.60 -25.88
C GLN H 227 9.95 27.05 -26.11
N SER H 228 8.94 26.27 -25.66
CA SER H 228 7.59 26.54 -26.11
C SER H 228 6.90 27.72 -25.45
N GLY H 229 7.41 28.15 -24.32
N GLY H 229 7.41 28.14 -24.31
CA GLY H 229 6.69 29.16 -23.54
CA GLY H 229 6.72 29.10 -23.43
C GLY H 229 5.42 28.62 -22.87
C GLY H 229 5.91 28.36 -22.36
N LYS H 230 5.26 27.29 -22.82
CA LYS H 230 4.01 26.77 -22.30
C LYS H 230 4.22 26.16 -20.94
N HIS H 231 3.17 26.15 -20.17
CA HIS H 231 3.19 25.40 -18.91
C HIS H 231 3.26 23.92 -19.23
N PRO H 232 3.96 23.12 -18.43
CA PRO H 232 3.97 21.69 -18.70
C PRO H 232 2.62 21.02 -18.72
N GLY H 233 1.66 21.50 -17.95
CA GLY H 233 0.29 20.98 -18.08
C GLY H 233 -0.37 21.22 -19.43
N GLN H 234 -0.04 22.37 -20.06
N GLN H 234 -0.04 22.37 -20.05
CA GLN H 234 -0.54 22.65 -21.41
CA GLN H 234 -0.55 22.62 -21.39
C GLN H 234 0.13 21.73 -22.39
C GLN H 234 0.12 21.72 -22.39
N LEU H 235 1.43 21.50 -22.25
CA LEU H 235 2.13 20.58 -23.10
C LEU H 235 1.50 19.19 -23.00
N LYS H 236 1.24 18.77 -21.80
CA LYS H 236 0.60 17.46 -21.60
C LYS H 236 -0.76 17.45 -22.29
N ASP H 237 -1.51 18.52 -22.14
CA ASP H 237 -2.83 18.56 -22.78
C ASP H 237 -2.68 18.47 -24.29
N ASP H 238 -1.64 19.12 -24.80
CA ASP H 238 -1.41 19.08 -26.26
C ASP H 238 -1.22 17.68 -26.80
N VAL H 239 -0.65 16.76 -26.03
CA VAL H 239 -0.34 15.44 -26.56
C VAL H 239 -1.28 14.34 -26.11
N THR H 240 -2.24 14.65 -25.24
CA THR H 240 -3.11 13.62 -24.74
C THR H 240 -4.46 13.59 -25.54
N SER H 241 -4.42 12.91 -26.67
N SER H 241 -4.43 12.93 -26.69
CA SER H 241 -5.66 12.80 -27.48
CA SER H 241 -5.67 12.86 -27.49
C SER H 241 -6.71 12.00 -26.74
C SER H 241 -6.71 12.01 -26.76
N PRO H 242 -7.99 12.29 -26.98
CA PRO H 242 -9.06 11.58 -26.28
C PRO H 242 -9.01 10.09 -26.44
N GLY H 243 -9.06 9.41 -25.32
CA GLY H 243 -8.96 7.94 -25.24
C GLY H 243 -7.79 7.30 -25.93
N GLY H 244 -6.76 8.07 -26.14
CA GLY H 244 -5.62 7.63 -26.91
C GLY H 244 -4.50 6.96 -26.08
N THR H 245 -3.43 6.65 -26.79
CA THR H 245 -2.34 5.95 -26.14
C THR H 245 -1.69 6.79 -25.04
N THR H 246 -1.51 8.05 -25.28
CA THR H 246 -0.77 8.91 -24.34
C THR H 246 -1.53 9.05 -23.06
N ILE H 247 -2.81 9.33 -23.12
CA ILE H 247 -3.59 9.42 -21.88
C ILE H 247 -3.69 8.12 -21.13
N ALA H 248 -3.66 7.00 -21.84
CA ALA H 248 -3.57 5.73 -21.17
C ALA H 248 -2.27 5.66 -20.33
N GLY H 249 -1.17 6.00 -20.93
CA GLY H 249 0.13 5.99 -20.19
C GLY H 249 0.13 6.97 -19.00
N VAL H 250 -0.36 8.18 -19.25
CA VAL H 250 -0.45 9.22 -18.24
C VAL H 250 -1.33 8.75 -17.08
N HIS H 251 -2.43 8.07 -17.40
CA HIS H 251 -3.29 7.60 -16.35
C HIS H 251 -2.55 6.63 -15.48
N GLU H 252 -1.71 5.79 -16.06
CA GLU H 252 -0.96 4.86 -15.23
C GLU H 252 -0.05 5.62 -14.30
N LEU H 253 0.59 6.66 -14.81
CA LEU H 253 1.47 7.49 -13.99
C LEU H 253 0.68 8.05 -12.77
N GLU H 254 -0.51 8.58 -13.08
CA GLU H 254 -1.29 9.19 -12.04
C GLU H 254 -1.80 8.22 -11.04
N LYS H 255 -2.18 7.04 -11.51
CA LYS H 255 -2.67 6.04 -10.57
CA LYS H 255 -2.68 6.04 -10.57
C LYS H 255 -1.61 5.75 -9.52
N ALA H 256 -0.38 5.80 -9.96
CA ALA H 256 0.75 5.47 -9.13
C ALA H 256 1.35 6.61 -8.34
N GLY H 257 0.83 7.81 -8.50
CA GLY H 257 1.39 8.96 -7.80
C GLY H 257 2.77 9.36 -8.26
N PHE H 258 3.00 9.20 -9.52
CA PHE H 258 4.32 9.56 -10.19
C PHE H 258 4.78 10.93 -9.83
N ARG H 259 3.88 11.91 -9.91
CA ARG H 259 4.31 13.26 -9.56
C ARG H 259 4.80 13.41 -8.16
N GLY H 260 4.07 12.87 -7.18
CA GLY H 260 4.45 12.95 -5.82
C GLY H 260 5.73 12.25 -5.49
N ILE H 261 6.04 11.26 -6.29
CA ILE H 261 7.37 10.49 -6.15
C ILE H 261 8.52 11.43 -6.49
N LEU H 262 8.39 12.13 -7.57
CA LEU H 262 9.42 13.08 -7.93
C LEU H 262 9.51 14.24 -6.98
N MET H 263 8.39 14.75 -6.46
CA MET H 263 8.43 15.73 -5.43
C MET H 263 9.20 15.24 -4.22
N ASN H 264 8.90 14.01 -3.85
CA ASN H 264 9.55 13.39 -2.67
C ASN H 264 11.03 13.33 -2.90
N ALA H 265 11.45 13.03 -4.10
CA ALA H 265 12.94 12.95 -4.39
C ALA H 265 13.62 14.29 -4.24
N VAL H 266 13.01 15.33 -4.78
CA VAL H 266 13.54 16.68 -4.62
C VAL H 266 13.60 17.07 -3.18
N VAL H 267 12.50 16.91 -2.46
CA VAL H 267 12.46 17.26 -1.06
C VAL H 267 13.48 16.53 -0.20
N ALA H 268 13.67 15.27 -0.51
CA ALA H 268 14.64 14.49 0.21
C ALA H 268 16.04 14.89 -0.06
N ALA H 269 16.29 15.15 -1.31
CA ALA H 269 17.66 15.58 -1.67
C ALA H 269 17.97 16.92 -1.09
N ALA H 270 17.02 17.80 -1.11
CA ALA H 270 17.16 19.13 -0.47
C ALA H 270 17.39 19.09 1.02
N LYS H 271 16.66 18.21 1.68
N LYS H 271 16.66 18.22 1.68
CA LYS H 271 16.83 18.00 3.09
CA LYS H 271 16.84 18.02 3.08
C LYS H 271 18.23 17.44 3.39
C LYS H 271 18.23 17.43 3.39
N ARG H 272 18.67 16.49 2.59
N ARG H 272 18.67 16.48 2.59
CA ARG H 272 20.01 15.96 2.72
CA ARG H 272 20.04 15.95 2.70
C ARG H 272 21.05 17.06 2.55
C ARG H 272 21.06 17.06 2.54
N SER H 273 20.82 17.94 1.56
CA SER H 273 21.71 19.03 1.38
C SER H 273 21.85 19.92 2.62
N GLN H 274 20.74 20.20 3.24
CA GLN H 274 20.74 20.96 4.47
C GLN H 274 21.48 20.22 5.56
N GLU H 275 21.27 18.93 5.66
CA GLU H 275 21.91 18.14 6.68
C GLU H 275 23.41 18.15 6.54
N LEU H 276 23.87 18.15 5.30
CA LEU H 276 25.32 18.02 4.99
C LEU H 276 25.99 19.35 5.23
N SER H 277 25.15 20.35 5.44
N SER H 277 25.14 20.35 5.37
CA SER H 277 25.38 21.62 6.11
CA SER H 277 25.32 21.68 5.96
C SER H 277 24.95 22.67 5.14
C SER H 277 24.94 22.72 4.98
N ILE I 6 -41.17 19.52 -40.96
CA ILE I 6 -40.39 20.25 -39.90
C ILE I 6 -40.47 21.77 -40.15
N ILE I 7 -41.50 22.40 -39.58
CA ILE I 7 -41.65 23.86 -39.57
C ILE I 7 -40.72 24.43 -38.46
N PRO I 8 -40.03 25.57 -38.69
CA PRO I 8 -39.21 26.14 -37.58
C PRO I 8 -40.08 26.42 -36.35
N ILE I 9 -39.51 26.23 -35.16
CA ILE I 9 -40.24 26.53 -33.93
C ILE I 9 -40.18 28.06 -33.76
N PRO I 10 -41.33 28.75 -33.52
CA PRO I 10 -41.23 30.22 -33.40
C PRO I 10 -40.40 30.65 -32.19
N ALA I 11 -39.25 31.24 -32.45
CA ALA I 11 -38.23 31.47 -31.42
C ALA I 11 -38.73 32.30 -30.24
N ASP I 12 -39.62 33.23 -30.49
CA ASP I 12 -40.05 34.18 -29.45
C ASP I 12 -41.39 33.86 -28.83
N SER I 13 -42.11 32.91 -29.39
CA SER I 13 -43.45 32.66 -28.94
C SER I 13 -43.75 31.18 -28.70
N TYR I 14 -42.75 30.30 -28.79
CA TYR I 14 -43.06 28.87 -28.71
C TYR I 14 -43.60 28.54 -27.36
N THR I 15 -44.39 27.48 -27.32
CA THR I 15 -44.88 26.93 -26.06
C THR I 15 -44.07 25.65 -25.72
N LEU I 16 -43.84 25.47 -24.43
CA LEU I 16 -42.98 24.43 -23.91
C LEU I 16 -43.82 23.53 -23.00
N GLY I 17 -43.72 22.23 -23.20
CA GLY I 17 -44.45 21.26 -22.42
C GLY I 17 -43.50 20.30 -21.75
N PHE I 18 -43.71 20.07 -20.48
CA PHE I 18 -42.94 19.10 -19.69
C PHE I 18 -43.75 17.85 -19.46
N ILE I 19 -43.22 16.74 -19.96
CA ILE I 19 -43.75 15.43 -19.65
C ILE I 19 -42.82 14.85 -18.60
N GLY I 20 -43.32 14.75 -17.39
CA GLY I 20 -42.48 14.54 -16.24
C GLY I 20 -42.39 15.90 -15.56
N ALA I 21 -42.79 15.94 -14.30
CA ALA I 21 -42.86 17.22 -13.54
C ALA I 21 -41.95 17.16 -12.34
N GLY I 22 -40.82 16.48 -12.50
CA GLY I 22 -39.86 16.37 -11.42
C GLY I 22 -38.97 17.59 -11.27
N LYS I 23 -37.87 17.41 -10.56
CA LYS I 23 -37.06 18.53 -10.15
C LYS I 23 -36.43 19.19 -11.32
N MET I 24 -35.96 18.38 -12.28
CA MET I 24 -35.25 18.95 -13.41
C MET I 24 -36.24 19.80 -14.18
N ALA I 25 -37.42 19.26 -14.43
CA ALA I 25 -38.41 20.05 -15.16
C ALA I 25 -38.67 21.40 -14.45
N GLU I 26 -38.80 21.33 -13.15
CA GLU I 26 -39.06 22.52 -12.35
C GLU I 26 -37.90 23.49 -12.52
N SER I 27 -36.67 22.99 -12.46
CA SER I 27 -35.51 23.87 -12.57
C SER I 27 -35.45 24.53 -13.92
N ILE I 28 -35.80 23.80 -14.98
CA ILE I 28 -35.80 24.36 -16.32
C ILE I 28 -36.90 25.43 -16.42
N ALA I 29 -38.06 25.08 -15.95
CA ALA I 29 -39.18 26.01 -16.00
C ALA I 29 -38.88 27.30 -15.24
N LYS I 30 -38.43 27.16 -14.01
CA LYS I 30 -38.06 28.32 -13.18
C LYS I 30 -36.96 29.13 -13.84
N GLY I 31 -35.93 28.46 -14.32
CA GLY I 31 -34.83 29.16 -14.99
C GLY I 31 -35.27 29.93 -16.20
N ALA I 32 -36.13 29.32 -17.01
CA ALA I 32 -36.54 29.93 -18.23
C ALA I 32 -37.43 31.14 -17.93
N VAL I 33 -38.27 31.02 -16.90
CA VAL I 33 -39.15 32.12 -16.53
C VAL I 33 -38.30 33.23 -15.93
N ARG I 34 -37.47 32.88 -14.95
CA ARG I 34 -36.61 33.86 -14.28
C ARG I 34 -35.74 34.64 -15.27
N SER I 35 -35.22 33.97 -16.29
CA SER I 35 -34.34 34.61 -17.27
C SER I 35 -35.11 35.30 -18.37
N GLY I 36 -36.42 35.21 -18.35
CA GLY I 36 -37.21 35.83 -19.41
C GLY I 36 -37.26 35.08 -20.74
N VAL I 37 -36.69 33.88 -20.81
CA VAL I 37 -36.74 33.09 -22.05
C VAL I 37 -38.17 32.69 -22.38
N LEU I 38 -38.91 32.31 -21.33
CA LEU I 38 -40.31 31.97 -21.41
C LEU I 38 -41.11 32.72 -20.35
N SER I 39 -42.36 33.01 -20.62
CA SER I 39 -43.30 33.40 -19.56
C SER I 39 -44.03 32.14 -19.07
N PRO I 40 -44.52 32.13 -17.81
CA PRO I 40 -45.26 30.95 -17.34
C PRO I 40 -46.49 30.55 -18.14
N SER I 41 -47.14 31.51 -18.78
CA SER I 41 -48.28 31.18 -19.62
C SER I 41 -47.92 30.31 -20.84
N ARG I 42 -46.66 30.31 -21.23
CA ARG I 42 -46.20 29.52 -22.39
C ARG I 42 -45.71 28.11 -22.01
N ILE I 43 -45.84 27.74 -20.74
CA ILE I 43 -45.37 26.45 -20.23
C ILE I 43 -46.56 25.65 -19.72
N LYS I 44 -46.58 24.37 -20.06
CA LYS I 44 -47.55 23.44 -19.51
C LYS I 44 -46.85 22.19 -19.01
N THR I 45 -47.45 21.56 -18.00
CA THR I 45 -47.02 20.26 -17.57
C THR I 45 -48.23 19.45 -17.18
N ALA I 46 -48.05 18.14 -17.05
CA ALA I 46 -49.14 17.28 -16.62
C ALA I 46 -48.66 16.50 -15.45
N ILE I 47 -49.53 16.35 -14.47
CA ILE I 47 -49.17 15.77 -13.20
C ILE I 47 -50.40 14.98 -12.89
N HIS I 48 -50.26 13.69 -12.59
CA HIS I 48 -51.44 12.82 -12.50
C HIS I 48 -52.00 12.71 -11.07
N SER I 49 -51.22 12.27 -10.10
CA SER I 49 -51.72 12.25 -8.71
C SER I 49 -50.65 12.74 -7.75
N ASN I 50 -50.23 13.99 -7.87
CA ASN I 50 -49.15 14.51 -7.02
C ASN I 50 -49.37 15.97 -6.65
N PRO I 51 -50.18 16.23 -5.61
CA PRO I 51 -50.53 17.64 -5.37
C PRO I 51 -49.33 18.49 -4.95
N ALA I 52 -48.27 17.85 -4.45
CA ALA I 52 -47.03 18.53 -4.13
C ALA I 52 -46.30 19.08 -5.37
N ARG I 53 -46.21 18.26 -6.41
CA ARG I 53 -45.59 18.70 -7.67
C ARG I 53 -46.54 19.68 -8.35
N ARG I 54 -47.84 19.45 -8.26
CA ARG I 54 -48.78 20.38 -8.83
C ARG I 54 -48.58 21.78 -8.26
N THR I 55 -48.37 21.84 -6.96
CA THR I 55 -48.16 23.12 -6.26
C THR I 55 -46.89 23.80 -6.69
N ALA I 56 -45.80 23.04 -6.82
CA ALA I 56 -44.53 23.56 -7.34
C ALA I 56 -44.71 24.32 -8.68
N PHE I 57 -45.43 23.74 -9.63
CA PHE I 57 -45.63 24.40 -10.95
C PHE I 57 -46.64 25.54 -10.91
N GLU I 58 -47.76 25.28 -10.27
CA GLU I 58 -48.78 26.31 -10.11
C GLU I 58 -48.20 27.53 -9.40
N SER I 59 -47.30 27.32 -8.44
CA SER I 59 -46.78 28.45 -7.66
C SER I 59 -45.86 29.32 -8.46
N ILE I 60 -45.45 28.87 -9.64
CA ILE I 60 -44.67 29.77 -10.50
C ILE I 60 -45.48 30.21 -11.70
N GLY I 61 -46.76 29.96 -11.67
CA GLY I 61 -47.68 30.52 -12.66
C GLY I 61 -47.97 29.60 -13.83
N ILE I 62 -47.53 28.34 -13.70
CA ILE I 62 -47.69 27.39 -14.82
C ILE I 62 -48.95 26.59 -14.68
N THR I 63 -49.65 26.44 -15.79
CA THR I 63 -50.81 25.56 -15.88
C THR I 63 -50.48 24.08 -15.93
N VAL I 64 -51.12 23.33 -15.03
CA VAL I 64 -50.94 21.89 -14.92
C VAL I 64 -52.16 21.25 -15.53
N LEU I 65 -51.93 20.49 -16.59
CA LEU I 65 -53.03 19.83 -17.30
C LEU I 65 -53.18 18.44 -16.76
N SER I 66 -54.27 17.80 -17.12
CA SER I 66 -54.59 16.51 -16.53
C SER I 66 -54.03 15.36 -17.34
N SER I 67 -53.62 15.60 -18.59
CA SER I 67 -53.01 14.52 -19.38
C SER I 67 -51.78 14.92 -20.17
N ASN I 68 -50.91 13.94 -20.35
CA ASN I 68 -49.75 14.11 -21.18
C ASN I 68 -50.17 14.52 -22.57
N ASP I 69 -51.27 13.92 -23.04
CA ASP I 69 -51.71 14.15 -24.39
C ASP I 69 -51.96 15.63 -24.64
N ASP I 70 -52.67 16.26 -23.69
CA ASP I 70 -52.99 17.69 -23.83
C ASP I 70 -51.73 18.58 -23.73
N VAL I 71 -50.77 18.17 -22.91
CA VAL I 71 -49.50 18.92 -22.85
C VAL I 71 -48.82 18.87 -24.22
N VAL I 72 -48.74 17.67 -24.82
CA VAL I 72 -48.13 17.55 -26.12
C VAL I 72 -48.90 18.36 -27.18
N ARG I 73 -50.22 18.18 -27.24
CA ARG I 73 -50.99 18.94 -28.24
C ARG I 73 -50.72 20.45 -28.15
N ASP I 74 -50.68 21.00 -26.95
CA ASP I 74 -50.52 22.43 -26.77
C ASP I 74 -49.09 22.96 -26.84
N SER I 75 -48.11 22.08 -27.07
CA SER I 75 -46.72 22.46 -27.03
C SER I 75 -46.00 22.32 -28.37
N ASN I 76 -45.14 23.29 -28.64
CA ASN I 76 -44.24 23.27 -29.79
C ASN I 76 -42.96 22.49 -29.45
N VAL I 77 -42.57 22.57 -28.19
CA VAL I 77 -41.34 21.91 -27.71
C VAL I 77 -41.75 21.09 -26.52
N VAL I 78 -41.37 19.82 -26.54
CA VAL I 78 -41.77 18.90 -25.48
C VAL I 78 -40.49 18.37 -24.82
N VAL I 79 -40.37 18.55 -23.51
CA VAL I 79 -39.26 18.07 -22.75
C VAL I 79 -39.71 16.87 -21.96
N PHE I 80 -39.04 15.75 -22.20
CA PHE I 80 -39.27 14.52 -21.45
C PHE I 80 -38.30 14.41 -20.32
N SER I 81 -38.81 14.36 -19.11
CA SER I 81 -37.93 14.22 -17.97
C SER I 81 -38.46 13.22 -16.97
N VAL I 82 -39.15 12.24 -17.48
CA VAL I 82 -39.52 11.13 -16.65
C VAL I 82 -38.28 10.29 -16.36
N LYS I 83 -38.40 9.42 -15.38
CA LYS I 83 -37.33 8.52 -15.09
C LYS I 83 -36.98 7.70 -16.34
N PRO I 84 -35.67 7.41 -16.56
CA PRO I 84 -35.26 6.85 -17.82
C PRO I 84 -35.97 5.51 -18.14
N GLN I 85 -36.19 4.72 -17.09
CA GLN I 85 -36.86 3.38 -17.20
C GLN I 85 -38.31 3.50 -17.66
N LEU I 86 -38.91 4.67 -17.49
CA LEU I 86 -40.31 4.89 -17.88
C LEU I 86 -40.45 5.54 -19.24
N LEU I 87 -39.35 6.03 -19.79
CA LEU I 87 -39.45 6.93 -20.94
C LEU I 87 -39.99 6.25 -22.20
N LYS I 88 -39.53 5.05 -22.46
CA LYS I 88 -39.94 4.35 -23.71
C LYS I 88 -41.45 4.25 -23.79
N ASP I 89 -42.05 3.79 -22.71
CA ASP I 89 -43.52 3.56 -22.72
C ASP I 89 -44.28 4.87 -22.81
N VAL I 90 -43.72 5.92 -22.16
CA VAL I 90 -44.36 7.21 -22.22
C VAL I 90 -44.34 7.74 -23.67
N VAL I 91 -43.18 7.59 -24.34
CA VAL I 91 -43.07 8.08 -25.71
C VAL I 91 -43.99 7.26 -26.65
N LEU I 92 -43.94 5.95 -26.48
CA LEU I 92 -44.80 5.06 -27.31
C LEU I 92 -46.27 5.45 -27.17
N LYS I 93 -46.71 5.68 -25.93
CA LYS I 93 -48.16 6.06 -25.73
C LYS I 93 -48.46 7.37 -26.42
N LEU I 94 -47.51 8.31 -26.44
CA LEU I 94 -47.77 9.64 -27.02
C LEU I 94 -47.60 9.69 -28.52
N LYS I 95 -47.07 8.62 -29.08
CA LYS I 95 -46.49 8.68 -30.42
C LYS I 95 -47.39 9.34 -31.49
N PRO I 96 -48.70 9.00 -31.53
CA PRO I 96 -49.59 9.61 -32.55
C PRO I 96 -49.63 11.14 -32.50
N LEU I 97 -49.32 11.71 -31.33
CA LEU I 97 -49.28 13.17 -31.16
C LEU I 97 -47.91 13.80 -31.42
N LEU I 98 -46.87 12.97 -31.57
CA LEU I 98 -45.48 13.48 -31.71
C LEU I 98 -45.23 13.74 -33.16
N THR I 99 -45.98 14.70 -33.71
CA THR I 99 -45.80 15.09 -35.08
C THR I 99 -44.52 15.87 -35.28
N LYS I 100 -44.02 15.85 -36.51
CA LYS I 100 -42.66 16.38 -36.82
C LYS I 100 -42.51 17.87 -36.65
N ASP I 101 -43.63 18.56 -36.46
CA ASP I 101 -43.60 19.99 -36.22
C ASP I 101 -43.31 20.32 -34.75
N LYS I 102 -43.17 19.30 -33.89
CA LYS I 102 -42.87 19.53 -32.49
C LYS I 102 -41.46 19.03 -32.20
N LEU I 103 -40.66 19.91 -31.62
CA LEU I 103 -39.29 19.54 -31.25
C LEU I 103 -39.38 18.75 -29.95
N LEU I 104 -38.76 17.56 -29.94
CA LEU I 104 -38.71 16.73 -28.73
C LEU I 104 -37.34 16.82 -28.11
N VAL I 105 -37.35 16.83 -26.78
CA VAL I 105 -36.13 16.95 -26.02
C VAL I 105 -36.19 15.90 -24.93
N SER I 106 -35.09 15.18 -24.73
CA SER I 106 -34.97 14.26 -23.62
C SER I 106 -33.88 14.70 -22.73
N VAL I 107 -34.18 14.75 -21.42
CA VAL I 107 -33.11 14.92 -20.42
C VAL I 107 -32.84 13.65 -19.69
N ALA I 108 -33.40 12.54 -20.15
CA ALA I 108 -33.24 11.25 -19.45
C ALA I 108 -31.79 10.77 -19.51
N ALA I 109 -31.24 10.43 -18.33
CA ALA I 109 -29.87 9.94 -18.26
C ALA I 109 -29.80 8.59 -18.93
N GLY I 110 -28.80 8.45 -19.79
CA GLY I 110 -28.45 7.13 -20.33
C GLY I 110 -29.31 6.67 -21.52
N ILE I 111 -30.25 7.47 -21.97
CA ILE I 111 -31.04 7.05 -23.13
C ILE I 111 -30.47 7.68 -24.39
N LYS I 112 -30.02 6.85 -25.29
CA LYS I 112 -29.32 7.33 -26.47
C LYS I 112 -30.27 7.86 -27.51
N MET I 113 -29.71 8.71 -28.36
CA MET I 113 -30.47 9.34 -29.45
C MET I 113 -31.06 8.31 -30.38
N LYS I 114 -30.29 7.25 -30.69
CA LYS I 114 -30.84 6.22 -31.60
C LYS I 114 -32.18 5.65 -31.10
N ASP I 115 -32.27 5.39 -29.80
CA ASP I 115 -33.49 4.93 -29.19
C ASP I 115 -34.62 5.95 -29.11
N LEU I 116 -34.27 7.18 -28.72
CA LEU I 116 -35.28 8.23 -28.69
C LEU I 116 -35.95 8.33 -30.03
N GLN I 117 -35.15 8.38 -31.08
CA GLN I 117 -35.71 8.55 -32.45
C GLN I 117 -36.59 7.37 -32.91
N GLU I 118 -36.17 6.15 -32.57
CA GLU I 118 -36.96 4.99 -32.87
C GLU I 118 -38.29 4.99 -32.16
N TRP I 119 -38.28 5.36 -30.89
CA TRP I 119 -39.54 5.41 -30.13
C TRP I 119 -40.47 6.44 -30.67
N ALA I 120 -39.94 7.61 -31.01
CA ALA I 120 -40.84 8.70 -31.41
C ALA I 120 -41.31 8.53 -32.86
N GLY I 121 -40.52 7.80 -33.65
CA GLY I 121 -40.76 7.63 -35.06
C GLY I 121 -40.25 8.76 -35.93
N HIS I 122 -39.49 9.69 -35.37
CA HIS I 122 -38.87 10.71 -36.20
C HIS I 122 -37.58 11.18 -35.51
N GLU I 123 -36.83 12.03 -36.20
CA GLU I 123 -35.47 12.43 -35.75
C GLU I 123 -35.35 13.87 -35.28
N ARG I 124 -36.49 14.53 -35.07
CA ARG I 124 -36.49 15.91 -34.61
C ARG I 124 -36.48 15.88 -33.07
N PHE I 125 -35.30 15.52 -32.58
CA PHE I 125 -35.12 15.17 -31.19
C PHE I 125 -33.77 15.73 -30.80
N ILE I 126 -33.71 16.29 -29.59
CA ILE I 126 -32.44 16.71 -28.97
C ILE I 126 -32.33 16.06 -27.63
N ARG I 127 -31.13 15.54 -27.35
CA ARG I 127 -30.86 14.93 -26.06
C ARG I 127 -30.00 15.89 -25.30
N VAL I 128 -30.35 16.06 -24.01
CA VAL I 128 -29.55 16.89 -23.13
C VAL I 128 -29.24 16.08 -21.95
N MET I 129 -27.98 16.19 -21.48
N MET I 129 -27.98 16.22 -21.50
CA MET I 129 -27.63 15.67 -20.20
CA MET I 129 -27.60 15.71 -20.23
C MET I 129 -27.25 16.86 -19.30
C MET I 129 -27.20 16.85 -19.28
N PRO I 130 -28.17 17.32 -18.45
CA PRO I 130 -27.90 18.38 -17.46
C PRO I 130 -27.36 17.68 -16.25
N ASN I 131 -27.08 18.45 -15.22
CA ASN I 131 -26.69 17.82 -13.97
C ASN I 131 -27.41 18.51 -12.86
N THR I 132 -27.15 18.06 -11.68
CA THR I 132 -27.93 18.40 -10.53
C THR I 132 -27.94 19.92 -10.19
N ALA I 133 -26.87 20.66 -10.60
CA ALA I 133 -26.76 22.05 -10.27
C ALA I 133 -27.70 22.96 -11.09
N ALA I 134 -28.51 22.36 -11.96
CA ALA I 134 -29.64 23.08 -12.55
C ALA I 134 -30.49 23.78 -11.51
N THR I 135 -30.59 23.20 -10.33
CA THR I 135 -31.42 23.75 -9.26
C THR I 135 -30.96 25.15 -8.80
N VAL I 136 -29.68 25.44 -8.95
CA VAL I 136 -29.14 26.77 -8.62
C VAL I 136 -28.62 27.55 -9.84
N GLY I 137 -28.98 27.09 -11.03
CA GLY I 137 -28.61 27.77 -12.25
C GLY I 137 -27.21 27.64 -12.66
N GLU I 138 -26.56 26.56 -12.17
CA GLU I 138 -25.14 26.30 -12.47
C GLU I 138 -24.94 24.89 -13.04
N ALA I 139 -25.94 24.36 -13.77
CA ALA I 139 -25.75 23.13 -14.49
C ALA I 139 -24.61 23.16 -15.47
N ALA I 140 -23.97 22.00 -15.61
CA ALA I 140 -23.08 21.70 -16.73
C ALA I 140 -23.93 20.79 -17.60
N SER I 141 -24.34 21.24 -18.77
CA SER I 141 -25.22 20.45 -19.63
C SER I 141 -24.59 20.24 -20.98
N VAL I 142 -24.90 19.10 -21.57
CA VAL I 142 -24.40 18.86 -22.95
C VAL I 142 -25.58 18.43 -23.76
N MET I 143 -25.65 18.91 -24.97
CA MET I 143 -26.69 18.49 -25.86
C MET I 143 -26.15 17.77 -27.11
N SER I 144 -26.97 16.86 -27.62
CA SER I 144 -26.66 16.12 -28.90
C SER I 144 -27.89 16.23 -29.75
N LEU I 145 -27.66 16.37 -31.02
CA LEU I 145 -28.77 16.56 -31.95
C LEU I 145 -29.18 15.30 -32.67
N GLY I 146 -30.48 15.08 -32.77
CA GLY I 146 -31.02 14.04 -33.61
C GLY I 146 -30.85 14.39 -35.09
N GLY I 147 -31.12 13.44 -35.96
CA GLY I 147 -30.86 13.62 -37.41
C GLY I 147 -31.67 14.71 -38.10
N ALA I 148 -32.81 15.10 -37.54
CA ALA I 148 -33.63 16.17 -38.14
C ALA I 148 -33.71 17.43 -37.29
N ALA I 149 -32.97 17.48 -36.18
CA ALA I 149 -32.97 18.67 -35.36
C ALA I 149 -32.17 19.73 -36.14
N THR I 150 -32.74 20.91 -36.27
CA THR I 150 -32.12 21.97 -37.07
C THR I 150 -31.19 22.81 -36.20
N GLU I 151 -30.38 23.64 -36.83
CA GLU I 151 -29.54 24.56 -36.09
C GLU I 151 -30.40 25.51 -35.23
N GLU I 152 -31.57 25.87 -35.74
CA GLU I 152 -32.48 26.77 -35.01
C GLU I 152 -33.06 26.03 -33.78
N ASP I 153 -33.33 24.73 -33.93
CA ASP I 153 -33.80 23.89 -32.80
C ASP I 153 -32.70 23.89 -31.72
N ALA I 154 -31.45 23.70 -32.16
CA ALA I 154 -30.34 23.65 -31.25
C ALA I 154 -30.22 24.98 -30.52
N ASN I 155 -30.37 26.08 -31.25
CA ASN I 155 -30.22 27.37 -30.59
C ASN I 155 -31.31 27.57 -29.55
N LEU I 156 -32.50 27.10 -29.85
CA LEU I 156 -33.63 27.23 -28.95
C LEU I 156 -33.31 26.48 -27.64
N ILE I 157 -32.79 25.27 -27.80
CA ILE I 157 -32.44 24.46 -26.64
C ILE I 157 -31.24 25.05 -25.90
N SER I 158 -30.25 25.59 -26.62
CA SER I 158 -29.16 26.24 -26.00
C SER I 158 -29.61 27.39 -25.12
N GLN I 159 -30.54 28.17 -25.64
CA GLN I 159 -31.03 29.28 -24.86
C GLN I 159 -31.78 28.77 -23.61
N LEU I 160 -32.56 27.73 -23.78
CA LEU I 160 -33.35 27.20 -22.71
C LEU I 160 -32.46 26.64 -21.60
N PHE I 161 -31.47 25.83 -21.96
CA PHE I 161 -30.60 25.29 -20.98
C PHE I 161 -29.51 26.24 -20.50
N GLY I 162 -29.26 27.32 -21.27
CA GLY I 162 -28.45 28.41 -20.80
C GLY I 162 -29.08 29.16 -19.63
N SER I 163 -30.36 29.00 -19.43
CA SER I 163 -31.04 29.60 -18.30
C SER I 163 -30.77 28.90 -16.99
N ILE I 164 -30.20 27.68 -17.05
CA ILE I 164 -29.98 26.88 -15.83
C ILE I 164 -28.50 26.51 -15.64
N GLY I 165 -27.60 27.14 -16.44
CA GLY I 165 -26.19 26.85 -16.35
C GLY I 165 -25.52 27.10 -17.67
N LYS I 166 -24.49 26.32 -17.93
CA LYS I 166 -23.78 26.35 -19.19
C LYS I 166 -24.15 25.14 -20.01
N ILE I 167 -24.09 25.27 -21.33
CA ILE I 167 -24.50 24.19 -22.23
C ILE I 167 -23.55 24.11 -23.40
N TRP I 168 -23.04 22.92 -23.62
CA TRP I 168 -22.11 22.66 -24.71
C TRP I 168 -22.76 21.57 -25.61
N LYS I 169 -22.21 21.41 -26.81
CA LYS I 169 -22.72 20.45 -27.80
C LYS I 169 -21.72 19.37 -27.91
N ALA I 170 -22.20 18.13 -28.03
CA ALA I 170 -21.31 17.02 -28.26
C ALA I 170 -22.02 15.88 -28.93
N ASP I 171 -21.25 15.08 -29.66
CA ASP I 171 -21.73 13.89 -30.31
C ASP I 171 -22.22 12.89 -29.26
N ASP I 172 -23.28 12.19 -29.63
N ASP I 172 -23.25 12.13 -29.62
CA ASP I 172 -23.96 11.30 -28.70
CA ASP I 172 -23.89 11.13 -28.68
C ASP I 172 -22.94 10.23 -28.21
C ASP I 172 -22.84 10.17 -28.13
N LYS I 173 -21.86 9.88 -28.97
CA LYS I 173 -20.89 8.90 -28.57
C LYS I 173 -20.05 9.30 -27.33
N TYR I 174 -20.08 10.54 -27.00
CA TYR I 174 -19.37 11.06 -25.81
C TYR I 174 -20.17 10.97 -24.55
N PHE I 175 -21.44 10.62 -24.66
CA PHE I 175 -22.31 10.81 -23.50
C PHE I 175 -22.05 9.89 -22.31
N ASP I 176 -21.52 8.69 -22.51
CA ASP I 176 -21.12 7.90 -21.35
C ASP I 176 -20.06 8.58 -20.55
N ALA I 177 -19.04 9.10 -21.19
CA ALA I 177 -17.98 9.82 -20.54
C ALA I 177 -18.48 11.13 -19.92
N ILE I 178 -19.35 11.85 -20.61
CA ILE I 178 -19.94 13.06 -20.05
C ILE I 178 -20.71 12.72 -18.76
N THR I 179 -21.42 11.62 -18.82
CA THR I 179 -22.20 11.14 -17.64
C THR I 179 -21.26 10.90 -16.45
N GLY I 180 -20.09 10.36 -16.73
CA GLY I 180 -19.13 10.05 -15.66
C GLY I 180 -18.45 11.29 -15.10
N LEU I 181 -18.38 12.35 -15.90
CA LEU I 181 -17.74 13.61 -15.52
C LEU I 181 -18.72 14.64 -14.98
N SER I 182 -19.55 15.21 -15.83
CA SER I 182 -20.50 16.25 -15.37
C SER I 182 -21.75 15.72 -14.74
N GLY I 183 -22.21 14.55 -15.14
CA GLY I 183 -23.40 13.98 -14.51
C GLY I 183 -23.16 13.49 -13.11
N SER I 184 -22.10 12.73 -12.96
CA SER I 184 -21.73 12.17 -11.67
C SER I 184 -20.80 12.99 -10.83
N GLY I 185 -19.98 13.84 -11.48
CA GLY I 185 -18.99 14.62 -10.81
C GLY I 185 -19.46 15.39 -9.61
N PRO I 186 -20.74 15.88 -9.60
CA PRO I 186 -21.07 16.66 -8.42
C PRO I 186 -20.94 15.87 -7.14
N ALA I 187 -21.22 14.59 -7.17
CA ALA I 187 -21.07 13.77 -5.96
C ALA I 187 -19.59 13.71 -5.47
N TYR I 188 -18.66 13.72 -6.44
CA TYR I 188 -17.22 13.71 -6.11
C TYR I 188 -16.87 14.99 -5.40
N ILE I 189 -17.50 16.09 -5.78
CA ILE I 189 -17.26 17.33 -5.15
C ILE I 189 -17.95 17.47 -3.81
N TYR I 190 -19.14 16.91 -3.68
CA TYR I 190 -19.76 16.85 -2.39
C TYR I 190 -18.91 16.08 -1.40
N LEU I 191 -18.33 14.96 -1.80
CA LEU I 191 -17.34 14.29 -0.95
C LEU I 191 -16.20 15.20 -0.62
N ALA I 192 -15.65 15.88 -1.65
CA ALA I 192 -14.54 16.79 -1.43
C ALA I 192 -14.85 17.89 -0.44
N ILE I 193 -16.03 18.47 -0.51
CA ILE I 193 -16.42 19.52 0.40
C ILE I 193 -16.56 19.01 1.83
N GLU I 194 -17.14 17.85 1.98
CA GLU I 194 -17.28 17.29 3.30
C GLU I 194 -15.91 17.00 3.85
N ALA I 195 -15.08 16.40 3.00
CA ALA I 195 -13.70 16.07 3.46
C ALA I 195 -12.87 17.28 3.81
N LEU I 196 -12.99 18.34 3.03
CA LEU I 196 -12.30 19.60 3.36
C LEU I 196 -12.77 20.16 4.68
N ALA I 197 -14.09 20.15 4.89
CA ALA I 197 -14.64 20.55 6.15
C ALA I 197 -14.14 19.70 7.31
N ASP I 198 -14.13 18.38 7.16
CA ASP I 198 -13.60 17.49 8.16
C ASP I 198 -12.14 17.78 8.44
N GLY I 199 -11.42 18.11 7.35
CA GLY I 199 -10.02 18.44 7.51
C GLY I 199 -9.85 19.74 8.31
N GLY I 200 -10.69 20.73 8.04
CA GLY I 200 -10.68 21.96 8.82
C GLY I 200 -10.92 21.71 10.28
N VAL I 201 -11.94 20.91 10.59
CA VAL I 201 -12.22 20.52 11.94
C VAL I 201 -11.03 19.73 12.58
N ALA I 202 -10.41 18.89 11.77
CA ALA I 202 -9.28 18.07 12.26
C ALA I 202 -8.16 19.06 12.61
N ALA I 203 -8.07 20.14 11.85
CA ALA I 203 -7.05 21.19 12.11
C ALA I 203 -7.46 22.17 13.17
N GLY I 204 -8.62 22.05 13.76
CA GLY I 204 -9.03 22.86 14.88
C GLY I 204 -10.10 23.88 14.66
N LEU I 205 -10.69 23.90 13.47
CA LEU I 205 -11.76 24.78 13.19
C LEU I 205 -13.10 24.36 13.69
N PRO I 206 -13.93 25.33 14.08
CA PRO I 206 -15.35 25.00 14.32
C PRO I 206 -15.99 24.44 13.03
N ARG I 207 -16.93 23.56 13.20
CA ARG I 207 -17.62 22.93 12.11
C ARG I 207 -18.36 23.83 11.19
N ASP I 208 -19.18 24.82 11.70
CA ASP I 208 -19.86 25.67 10.78
C ASP I 208 -19.00 26.51 9.91
N LEU I 209 -17.94 27.06 10.52
CA LEU I 209 -16.97 27.81 9.79
C LEU I 209 -16.23 26.89 8.77
N ALA I 210 -15.87 25.68 9.19
CA ALA I 210 -15.14 24.77 8.30
C ALA I 210 -15.95 24.42 7.07
N LEU I 211 -17.22 24.14 7.25
CA LEU I 211 -18.09 23.82 6.14
C LEU I 211 -18.34 25.00 5.28
N SER I 212 -18.57 26.17 5.89
CA SER I 212 -18.71 27.41 5.12
C SER I 212 -17.54 27.72 4.27
N LEU I 213 -16.35 27.57 4.88
CA LEU I 213 -15.11 27.85 4.18
C LEU I 213 -14.85 26.85 3.09
N ALA I 214 -15.14 25.59 3.38
CA ALA I 214 -14.94 24.55 2.36
C ALA I 214 -15.78 24.76 1.13
N SER I 215 -17.09 25.03 1.32
CA SER I 215 -17.93 25.27 0.14
C SER I 215 -17.49 26.47 -0.63
N GLN I 216 -17.15 27.55 0.06
CA GLN I 216 -16.83 28.75 -0.64
C GLN I 216 -15.46 28.71 -1.27
N THR I 217 -14.55 27.97 -0.67
CA THR I 217 -13.24 27.73 -1.28
C THR I 217 -13.38 27.02 -2.60
N VAL I 218 -14.15 25.94 -2.60
CA VAL I 218 -14.42 25.20 -3.82
C VAL I 218 -15.12 26.06 -4.91
N LEU I 219 -16.10 26.81 -4.50
CA LEU I 219 -16.84 27.76 -5.39
C LEU I 219 -15.88 28.75 -5.98
N GLY I 220 -15.04 29.32 -5.13
CA GLY I 220 -14.10 30.35 -5.59
C GLY I 220 -13.07 29.82 -6.53
N ALA I 221 -12.49 28.68 -6.18
CA ALA I 221 -11.54 28.10 -7.09
C ALA I 221 -12.12 27.75 -8.45
N ALA I 222 -13.35 27.17 -8.44
CA ALA I 222 -13.96 26.80 -9.68
C ALA I 222 -14.28 28.05 -10.50
N SER I 223 -14.62 29.10 -9.80
CA SER I 223 -14.88 30.43 -10.46
C SER I 223 -13.64 31.00 -11.09
N MET I 224 -12.51 30.82 -10.42
CA MET I 224 -11.23 31.23 -10.99
C MET I 224 -10.93 30.42 -12.21
N ALA I 225 -11.19 29.10 -12.13
CA ALA I 225 -10.94 28.21 -13.25
C ALA I 225 -11.83 28.59 -14.43
N THR I 226 -13.04 28.94 -14.14
CA THR I 226 -13.98 29.19 -15.24
C THR I 226 -13.67 30.54 -15.88
N GLN I 227 -13.26 31.50 -15.10
CA GLN I 227 -13.14 32.91 -15.59
C GLN I 227 -11.75 33.36 -15.93
N SER I 228 -10.72 32.71 -15.44
CA SER I 228 -9.38 33.22 -15.58
C SER I 228 -8.79 33.04 -16.97
N GLY I 229 -9.28 32.09 -17.74
CA GLY I 229 -8.62 31.71 -18.99
C GLY I 229 -7.30 30.97 -18.76
N LYS I 230 -7.00 30.54 -17.53
CA LYS I 230 -5.71 29.91 -17.30
C LYS I 230 -5.88 28.40 -17.25
N HIS I 231 -4.79 27.70 -17.54
CA HIS I 231 -4.74 26.27 -17.31
C HIS I 231 -4.77 26.05 -15.77
N PRO I 232 -5.39 24.95 -15.33
CA PRO I 232 -5.36 24.70 -13.86
C PRO I 232 -4.00 24.57 -13.25
N GLY I 233 -3.05 24.07 -14.00
CA GLY I 233 -1.66 24.05 -13.53
C GLY I 233 -1.08 25.44 -13.25
N GLN I 234 -1.44 26.40 -14.11
N GLN I 234 -1.43 26.39 -14.09
CA GLN I 234 -1.02 27.77 -13.94
CA GLN I 234 -0.99 27.74 -13.90
C GLN I 234 -1.68 28.37 -12.71
C GLN I 234 -1.68 28.37 -12.70
N LEU I 235 -2.95 28.06 -12.51
CA LEU I 235 -3.63 28.50 -11.31
C LEU I 235 -3.00 27.97 -10.04
N LYS I 236 -2.68 26.69 -10.06
CA LYS I 236 -1.99 26.05 -8.96
C LYS I 236 -0.64 26.72 -8.75
N ASP I 237 0.07 27.03 -9.84
CA ASP I 237 1.37 27.71 -9.66
C ASP I 237 1.22 29.10 -9.05
N ASP I 238 0.16 29.77 -9.41
CA ASP I 238 -0.15 31.11 -8.86
C ASP I 238 -0.28 31.14 -7.36
N VAL I 239 -0.77 30.07 -6.76
CA VAL I 239 -1.05 30.08 -5.35
C VAL I 239 -0.08 29.30 -4.52
N THR I 240 0.90 28.64 -5.12
CA THR I 240 1.84 27.86 -4.36
C THR I 240 3.14 28.63 -4.06
N SER I 241 3.12 29.41 -2.99
N SER I 241 3.12 29.45 -3.01
CA SER I 241 4.31 30.20 -2.59
CA SER I 241 4.32 30.25 -2.65
C SER I 241 5.42 29.28 -2.18
C SER I 241 5.44 29.29 -2.19
N PRO I 242 6.67 29.70 -2.35
CA PRO I 242 7.85 28.84 -2.04
C PRO I 242 7.86 28.36 -0.60
N GLY I 243 7.92 27.05 -0.45
CA GLY I 243 7.91 26.42 0.86
C GLY I 243 6.70 26.77 1.75
N GLY I 244 5.62 27.17 1.14
CA GLY I 244 4.48 27.67 1.90
C GLY I 244 3.43 26.62 2.22
N THR I 245 2.33 27.10 2.76
CA THR I 245 1.29 26.17 3.26
C THR I 245 0.67 25.48 2.11
N THR I 246 0.46 26.19 1.01
CA THR I 246 -0.28 25.56 -0.13
C THR I 246 0.49 24.41 -0.71
N ILE I 247 1.78 24.59 -0.99
CA ILE I 247 2.53 23.53 -1.55
C ILE I 247 2.66 22.37 -0.61
N ALA I 248 2.65 22.61 0.72
CA ALA I 248 2.63 21.50 1.66
C ALA I 248 1.38 20.67 1.46
N GLY I 249 0.27 21.32 1.38
CA GLY I 249 -1.00 20.59 1.11
C GLY I 249 -1.06 19.87 -0.20
N VAL I 250 -0.58 20.53 -1.25
CA VAL I 250 -0.49 19.94 -2.62
C VAL I 250 0.41 18.72 -2.59
N HIS I 251 1.52 18.81 -1.86
CA HIS I 251 2.41 17.67 -1.82
C HIS I 251 1.71 16.47 -1.22
N GLU I 252 0.90 16.67 -0.20
CA GLU I 252 0.17 15.55 0.36
C GLU I 252 -0.78 14.93 -0.63
N LEU I 253 -1.47 15.75 -1.40
CA LEU I 253 -2.31 15.28 -2.47
C LEU I 253 -1.55 14.42 -3.45
N GLU I 254 -0.37 14.91 -3.86
CA GLU I 254 0.42 14.16 -4.83
C GLU I 254 1.02 12.87 -4.31
N LYS I 255 1.42 12.86 -3.05
CA LYS I 255 1.91 11.63 -2.46
C LYS I 255 0.90 10.56 -2.56
N ALA I 256 -0.36 10.96 -2.38
CA ALA I 256 -1.49 10.02 -2.38
C ALA I 256 -2.09 9.71 -3.69
N GLY I 257 -1.58 10.29 -4.78
CA GLY I 257 -2.15 10.02 -6.09
C GLY I 257 -3.55 10.57 -6.25
N PHE I 258 -3.78 11.70 -5.65
CA PHE I 258 -5.14 12.41 -5.68
C PHE I 258 -5.66 12.53 -7.09
N ARG I 259 -4.80 12.99 -7.99
CA ARG I 259 -5.25 13.12 -9.34
C ARG I 259 -5.68 11.85 -9.98
N GLY I 260 -4.90 10.76 -9.84
CA GLY I 260 -5.31 9.50 -10.33
C GLY I 260 -6.60 8.95 -9.82
N ILE I 261 -6.87 9.24 -8.58
CA ILE I 261 -8.09 8.81 -7.95
C ILE I 261 -9.28 9.48 -8.58
N LEU I 262 -9.21 10.76 -8.84
CA LEU I 262 -10.28 11.43 -9.55
C LEU I 262 -10.45 10.91 -10.97
N MET I 263 -9.33 10.64 -11.66
CA MET I 263 -9.39 10.04 -12.98
C MET I 263 -10.09 8.69 -12.94
N ASN I 264 -9.75 7.89 -11.94
CA ASN I 264 -10.35 6.57 -11.74
C ASN I 264 -11.84 6.70 -11.58
N ALA I 265 -12.29 7.70 -10.82
CA ALA I 265 -13.74 7.87 -10.52
C ALA I 265 -14.52 8.20 -11.83
N VAL I 266 -13.97 9.13 -12.60
CA VAL I 266 -14.58 9.45 -13.88
C VAL I 266 -14.60 8.26 -14.80
N VAL I 267 -13.48 7.54 -14.97
CA VAL I 267 -13.45 6.34 -15.76
C VAL I 267 -14.41 5.26 -15.32
N ALA I 268 -14.51 5.03 -14.03
CA ALA I 268 -15.41 4.01 -13.52
C ALA I 268 -16.84 4.39 -13.78
N ALA I 269 -17.16 5.65 -13.54
CA ALA I 269 -18.51 6.11 -13.79
C ALA I 269 -18.88 6.00 -15.25
N ALA I 270 -17.95 6.37 -16.13
CA ALA I 270 -18.17 6.25 -17.55
C ALA I 270 -18.35 4.83 -17.98
N LYS I 271 -17.55 3.93 -17.46
N LYS I 271 -17.54 3.93 -17.46
CA LYS I 271 -17.68 2.51 -17.74
CA LYS I 271 -17.69 2.52 -17.74
C LYS I 271 -19.03 1.96 -17.26
C LYS I 271 -19.04 1.95 -17.24
N ARG I 272 -19.45 2.36 -16.08
N ARG I 272 -19.47 2.37 -16.07
CA ARG I 272 -20.77 1.98 -15.58
CA ARG I 272 -20.80 1.98 -15.57
C ARG I 272 -21.89 2.49 -16.52
C ARG I 272 -21.91 2.49 -16.54
N SER I 273 -21.76 3.71 -16.97
CA SER I 273 -22.72 4.27 -17.89
C SER I 273 -22.83 3.39 -19.14
N GLN I 274 -21.67 2.96 -19.64
CA GLN I 274 -21.70 2.09 -20.85
C GLN I 274 -22.33 0.76 -20.54
N GLU I 275 -22.01 0.21 -19.38
CA GLU I 275 -22.58 -1.05 -18.94
C GLU I 275 -24.08 -0.99 -18.83
N LEU I 276 -24.59 0.13 -18.37
CA LEU I 276 -26.02 0.28 -18.15
C LEU I 276 -26.73 0.57 -19.46
N SER I 277 -25.98 0.72 -20.54
CA SER I 277 -26.57 1.05 -21.83
C SER I 277 -27.39 -0.10 -22.39
N ILE J 6 -10.28 56.57 20.28
CA ILE J 6 -10.97 55.78 19.22
C ILE J 6 -12.35 56.42 18.87
N ILE J 7 -12.34 57.33 17.91
CA ILE J 7 -13.57 57.91 17.33
C ILE J 7 -14.16 56.89 16.32
N PRO J 8 -15.53 56.75 16.23
CA PRO J 8 -16.10 55.81 15.22
C PRO J 8 -15.71 56.23 13.79
N ILE J 9 -15.43 55.26 12.92
CA ILE J 9 -15.01 55.59 11.56
C ILE J 9 -16.31 55.96 10.86
N PRO J 10 -16.40 57.12 10.15
CA PRO J 10 -17.73 57.46 9.55
C PRO J 10 -18.10 56.48 8.45
N ALA J 11 -19.16 55.71 8.72
CA ALA J 11 -19.51 54.55 7.92
C ALA J 11 -19.73 54.89 6.45
N ASP J 12 -20.31 56.07 6.16
CA ASP J 12 -20.73 56.40 4.81
C ASP J 12 -19.70 57.30 4.09
N SER J 13 -18.65 57.74 4.76
CA SER J 13 -17.76 58.71 4.17
C SER J 13 -16.26 58.46 4.47
N TYR J 14 -15.96 57.33 5.11
CA TYR J 14 -14.58 57.08 5.46
C TYR J 14 -13.69 56.97 4.24
N THR J 15 -12.42 57.29 4.43
CA THR J 15 -11.42 57.12 3.38
C THR J 15 -10.60 55.86 3.71
N LEU J 16 -10.18 55.21 2.66
CA LEU J 16 -9.45 53.94 2.72
C LEU J 16 -8.10 54.08 2.03
N GLY J 17 -7.07 53.57 2.69
CA GLY J 17 -5.74 53.63 2.19
C GLY J 17 -5.10 52.27 2.11
N PHE J 18 -4.48 51.97 0.98
CA PHE J 18 -3.78 50.71 0.78
C PHE J 18 -2.31 50.90 0.82
N ILE J 19 -1.71 50.22 1.77
CA ILE J 19 -0.24 50.17 1.86
C ILE J 19 0.12 48.81 1.33
N GLY J 20 0.75 48.81 0.16
CA GLY J 20 0.89 47.60 -0.65
C GLY J 20 -0.19 47.71 -1.73
N ALA J 21 0.26 47.64 -2.98
CA ALA J 21 -0.61 47.88 -4.12
C ALA J 21 -0.68 46.64 -5.02
N GLY J 22 -0.57 45.47 -4.39
CA GLY J 22 -0.58 44.25 -5.12
C GLY J 22 -1.96 43.84 -5.56
N LYS J 23 -2.05 42.59 -5.95
CA LYS J 23 -3.29 42.06 -6.54
C LYS J 23 -4.43 42.06 -5.56
N MET J 24 -4.14 41.70 -4.31
CA MET J 24 -5.22 41.64 -3.33
C MET J 24 -5.76 43.07 -3.09
N ALA J 25 -4.86 44.03 -2.92
CA ALA J 25 -5.32 45.44 -2.75
C ALA J 25 -6.20 45.88 -3.94
N GLU J 26 -5.79 45.50 -5.12
CA GLU J 26 -6.54 45.85 -6.33
C GLU J 26 -7.91 45.20 -6.35
N SER J 27 -7.97 43.94 -5.96
CA SER J 27 -9.25 43.23 -5.90
C SER J 27 -10.18 43.86 -4.91
N ILE J 28 -9.64 44.28 -3.76
CA ILE J 28 -10.47 44.95 -2.73
C ILE J 28 -10.98 46.30 -3.23
N ALA J 29 -10.07 47.10 -3.75
CA ALA J 29 -10.44 48.39 -4.28
C ALA J 29 -11.51 48.27 -5.37
N LYS J 30 -11.29 47.39 -6.34
CA LYS J 30 -12.21 47.20 -7.45
C LYS J 30 -13.55 46.73 -6.94
N GLY J 31 -13.51 45.78 -6.02
CA GLY J 31 -14.73 45.27 -5.47
C GLY J 31 -15.51 46.34 -4.76
N ALA J 32 -14.81 47.12 -3.93
CA ALA J 32 -15.51 48.13 -3.10
C ALA J 32 -16.09 49.23 -3.97
N VAL J 33 -15.38 49.58 -5.03
CA VAL J 33 -15.90 50.56 -5.98
C VAL J 33 -17.08 49.98 -6.77
N ARG J 34 -16.88 48.78 -7.30
CA ARG J 34 -17.88 48.15 -8.16
C ARG J 34 -19.16 47.98 -7.38
N SER J 35 -19.06 47.64 -6.11
CA SER J 35 -20.25 47.39 -5.28
C SER J 35 -20.86 48.63 -4.68
N GLY J 36 -20.23 49.77 -4.92
CA GLY J 36 -20.73 51.02 -4.33
C GLY J 36 -20.41 51.22 -2.86
N VAL J 37 -19.61 50.35 -2.25
CA VAL J 37 -19.16 50.58 -0.85
C VAL J 37 -18.33 51.86 -0.71
N LEU J 38 -17.42 52.06 -1.65
CA LEU J 38 -16.55 53.21 -1.73
C LEU J 38 -16.62 53.81 -3.13
N SER J 39 -16.39 55.10 -3.26
CA SER J 39 -16.06 55.70 -4.54
C SER J 39 -14.53 55.75 -4.68
N PRO J 40 -14.01 55.74 -5.91
CA PRO J 40 -12.54 55.84 -6.05
C PRO J 40 -11.91 57.05 -5.38
N SER J 41 -12.65 58.17 -5.27
CA SER J 41 -12.08 59.40 -4.68
C SER J 41 -11.81 59.25 -3.19
N ARG J 42 -12.43 58.25 -2.57
CA ARG J 42 -12.18 57.96 -1.17
C ARG J 42 -11.04 56.95 -0.91
N ILE J 43 -10.37 56.48 -1.96
CA ILE J 43 -9.32 55.48 -1.84
C ILE J 43 -8.00 56.11 -2.27
N LYS J 44 -6.95 55.78 -1.54
CA LYS J 44 -5.59 56.12 -1.92
C LYS J 44 -4.70 54.92 -1.81
N THR J 45 -3.67 54.89 -2.62
CA THR J 45 -2.56 53.94 -2.44
C THR J 45 -1.24 54.62 -2.77
N ALA J 46 -0.15 53.99 -2.42
CA ALA J 46 1.14 54.54 -2.72
C ALA J 46 1.91 53.47 -3.44
N ILE J 47 2.44 53.81 -4.60
CA ILE J 47 3.27 52.88 -5.32
C ILE J 47 4.61 53.55 -5.49
N HIS J 48 5.67 52.91 -5.01
CA HIS J 48 6.99 53.47 -5.17
C HIS J 48 7.78 52.66 -6.19
N SER J 49 8.33 53.36 -7.18
CA SER J 49 9.20 52.73 -8.15
C SER J 49 8.50 51.63 -8.94
N ASN J 50 7.20 51.74 -9.19
CA ASN J 50 6.48 50.64 -9.90
C ASN J 50 5.30 51.01 -10.78
N PRO J 51 5.56 51.24 -12.14
CA PRO J 51 4.44 51.88 -12.85
C PRO J 51 3.26 51.01 -13.24
N ALA J 52 3.42 49.70 -13.33
CA ALA J 52 2.33 48.83 -13.79
C ALA J 52 1.23 48.81 -12.76
N ARG J 53 1.66 48.78 -11.52
CA ARG J 53 0.75 48.86 -10.41
C ARG J 53 0.08 50.22 -10.42
N ARG J 54 0.84 51.25 -10.77
CA ARG J 54 0.25 52.59 -10.81
C ARG J 54 -0.92 52.66 -11.79
N THR J 55 -0.73 52.07 -12.95
CA THR J 55 -1.76 52.08 -14.00
C THR J 55 -3.01 51.34 -13.56
N ALA J 56 -2.81 50.19 -12.93
CA ALA J 56 -3.94 49.41 -12.39
C ALA J 56 -4.86 50.25 -11.49
N PHE J 57 -4.29 51.03 -10.57
CA PHE J 57 -5.10 51.85 -9.64
C PHE J 57 -5.66 53.09 -10.29
N GLU J 58 -4.80 53.78 -11.03
CA GLU J 58 -5.24 54.96 -11.76
C GLU J 58 -6.37 54.63 -12.74
N SER J 59 -6.30 53.46 -13.39
CA SER J 59 -7.32 53.10 -14.38
C SER J 59 -8.69 52.82 -13.77
N ILE J 60 -8.78 52.70 -12.46
CA ILE J 60 -10.11 52.63 -11.83
C ILE J 60 -10.46 53.91 -11.04
N GLY J 61 -9.67 54.95 -11.23
CA GLY J 61 -10.01 56.27 -10.71
C GLY J 61 -9.39 56.59 -9.37
N ILE J 62 -8.45 55.77 -8.94
CA ILE J 62 -7.84 55.94 -7.63
C ILE J 62 -6.53 56.71 -7.72
N THR J 63 -6.39 57.66 -6.80
CA THR J 63 -5.16 58.45 -6.69
C THR J 63 -4.02 57.69 -6.04
N VAL J 64 -2.89 57.69 -6.74
CA VAL J 64 -1.68 57.05 -6.28
C VAL J 64 -0.79 58.14 -5.74
N LEU J 65 -0.49 58.07 -4.45
CA LEU J 65 0.39 59.03 -3.81
C LEU J 65 1.81 58.50 -3.82
N SER J 66 2.74 59.38 -3.52
CA SER J 66 4.15 59.05 -3.67
C SER J 66 4.72 58.40 -2.40
N SER J 67 4.03 58.54 -1.26
CA SER J 67 4.51 57.92 -0.03
C SER J 67 3.43 57.22 0.79
N ASN J 68 3.85 56.17 1.49
CA ASN J 68 3.03 55.48 2.45
C ASN J 68 2.57 56.43 3.50
N ASP J 69 3.45 57.35 3.91
CA ASP J 69 3.10 58.34 4.92
C ASP J 69 1.87 59.12 4.56
N ASP J 70 1.83 59.62 3.34
CA ASP J 70 0.68 60.43 2.92
C ASP J 70 -0.63 59.59 2.80
N VAL J 71 -0.48 58.36 2.37
CA VAL J 71 -1.64 57.45 2.31
C VAL J 71 -2.24 57.30 3.71
N VAL J 72 -1.38 57.04 4.69
CA VAL J 72 -1.83 56.91 6.07
C VAL J 72 -2.47 58.17 6.58
N ARG J 73 -1.79 59.31 6.41
CA ARG J 73 -2.37 60.55 6.87
C ARG J 73 -3.74 60.79 6.36
N ASP J 74 -3.95 60.50 5.08
CA ASP J 74 -5.24 60.83 4.41
C ASP J 74 -6.36 59.79 4.59
N SER J 75 -6.05 58.73 5.31
CA SER J 75 -6.97 57.59 5.41
C SER J 75 -7.49 57.37 6.82
N ASN J 76 -8.77 57.09 6.94
CA ASN J 76 -9.41 56.67 8.18
C ASN J 76 -9.16 55.18 8.42
N VAL J 77 -9.13 54.38 7.33
CA VAL J 77 -8.95 52.93 7.38
C VAL J 77 -7.69 52.67 6.53
N VAL J 78 -6.76 51.89 7.07
CA VAL J 78 -5.51 51.58 6.36
C VAL J 78 -5.33 50.07 6.22
N VAL J 79 -5.24 49.61 4.99
CA VAL J 79 -5.15 48.20 4.70
C VAL J 79 -3.72 47.90 4.29
N PHE J 80 -3.07 47.05 5.08
CA PHE J 80 -1.71 46.59 4.80
C PHE J 80 -1.72 45.28 4.03
N SER J 81 -1.16 45.31 2.82
CA SER J 81 -1.16 44.09 2.00
C SER J 81 0.18 43.90 1.35
N VAL J 82 1.18 44.37 2.03
CA VAL J 82 2.54 44.02 1.61
C VAL J 82 2.85 42.57 1.94
N LYS J 83 3.88 42.07 1.29
CA LYS J 83 4.33 40.75 1.56
C LYS J 83 4.55 40.58 3.07
N PRO J 84 4.16 39.42 3.63
CA PRO J 84 4.22 39.30 5.10
C PRO J 84 5.56 39.57 5.73
N GLN J 85 6.62 39.13 5.03
CA GLN J 85 8.00 39.30 5.47
C GLN J 85 8.39 40.78 5.56
N LEU J 86 7.67 41.66 4.87
CA LEU J 86 8.00 43.08 4.83
C LEU J 86 7.12 43.93 5.79
N LEU J 87 6.05 43.29 6.32
CA LEU J 87 5.03 44.05 7.02
C LEU J 87 5.58 44.71 8.30
N LYS J 88 6.33 43.93 9.08
CA LYS J 88 6.83 44.51 10.35
C LYS J 88 7.55 45.85 10.16
N ASP J 89 8.49 45.87 9.23
CA ASP J 89 9.29 47.11 9.02
C ASP J 89 8.46 48.23 8.46
N VAL J 90 7.50 47.88 7.59
CA VAL J 90 6.59 48.90 7.05
C VAL J 90 5.77 49.52 8.17
N VAL J 91 5.23 48.67 9.06
CA VAL J 91 4.39 49.21 10.18
C VAL J 91 5.26 50.06 11.15
N LEU J 92 6.43 49.52 11.47
CA LEU J 92 7.36 50.30 12.35
C LEU J 92 7.68 51.66 11.78
N LYS J 93 7.99 51.71 10.48
CA LYS J 93 8.31 53.02 9.86
C LYS J 93 7.11 53.98 9.93
N LEU J 94 5.90 53.45 9.82
CA LEU J 94 4.70 54.29 9.79
C LEU J 94 4.15 54.60 11.17
N LYS J 95 4.70 53.91 12.17
CA LYS J 95 4.10 53.94 13.50
C LYS J 95 3.65 55.31 14.05
N PRO J 96 4.51 56.35 13.94
CA PRO J 96 4.07 57.69 14.46
C PRO J 96 2.76 58.21 13.87
N LEU J 97 2.45 57.77 12.65
CA LEU J 97 1.25 58.20 11.94
C LEU J 97 0.01 57.31 12.21
N LEU J 98 0.23 56.21 12.89
CA LEU J 98 -0.84 55.25 13.15
C LEU J 98 -1.56 55.60 14.44
N THR J 99 -2.26 56.72 14.40
CA THR J 99 -3.01 57.21 15.54
C THR J 99 -4.29 56.41 15.74
N LYS J 100 -4.78 56.39 16.98
CA LYS J 100 -5.86 55.45 17.40
C LYS J 100 -7.20 55.75 16.80
N ASP J 101 -7.30 56.89 16.15
CA ASP J 101 -8.48 57.20 15.37
C ASP J 101 -8.52 56.48 14.00
N LYS J 102 -7.45 55.77 13.62
CA LYS J 102 -7.43 55.11 12.33
C LYS J 102 -7.55 53.62 12.59
N LEU J 103 -8.45 53.00 11.85
CA LEU J 103 -8.65 51.56 11.88
C LEU J 103 -7.61 50.92 10.96
N LEU J 104 -6.83 50.05 11.52
CA LEU J 104 -5.76 49.31 10.75
C LEU J 104 -6.22 47.89 10.43
N VAL J 105 -5.85 47.44 9.22
CA VAL J 105 -6.31 46.11 8.69
C VAL J 105 -5.15 45.48 8.04
N SER J 106 -4.92 44.24 8.38
CA SER J 106 -3.83 43.47 7.72
C SER J 106 -4.46 42.32 7.00
N VAL J 107 -3.99 42.10 5.75
CA VAL J 107 -4.36 40.90 4.99
C VAL J 107 -3.20 39.98 4.84
N ALA J 108 -2.13 40.29 5.56
CA ALA J 108 -0.91 39.47 5.42
C ALA J 108 -1.11 38.06 5.93
N ALA J 109 -0.73 37.06 5.10
CA ALA J 109 -0.87 35.71 5.52
C ALA J 109 0.11 35.46 6.67
N GLY J 110 -0.39 34.73 7.67
CA GLY J 110 0.47 34.20 8.71
C GLY J 110 0.91 35.19 9.78
N ILE J 111 0.53 36.46 9.69
CA ILE J 111 0.93 37.41 10.73
C ILE J 111 -0.23 37.54 11.77
N LYS J 112 0.07 37.15 13.02
CA LYS J 112 -0.92 37.12 14.09
C LYS J 112 -1.26 38.52 14.63
N MET J 113 -2.46 38.62 15.19
CA MET J 113 -2.96 39.84 15.78
C MET J 113 -2.04 40.38 16.88
N LYS J 114 -1.53 39.49 17.72
CA LYS J 114 -0.66 39.93 18.79
C LYS J 114 0.52 40.76 18.23
N ASP J 115 1.12 40.29 17.14
CA ASP J 115 2.19 40.96 16.49
C ASP J 115 1.80 42.25 15.81
N LEU J 116 0.68 42.23 15.07
CA LEU J 116 0.18 43.45 14.44
C LEU J 116 0.05 44.58 15.50
N GLN J 117 -0.64 44.26 16.60
CA GLN J 117 -0.88 45.23 17.67
C GLN J 117 0.42 45.74 18.34
N GLU J 118 1.38 44.85 18.54
CA GLU J 118 2.67 45.27 19.10
C GLU J 118 3.38 46.23 18.16
N TRP J 119 3.40 45.90 16.89
CA TRP J 119 4.11 46.75 15.92
C TRP J 119 3.48 48.10 15.79
N ALA J 120 2.15 48.13 15.75
CA ALA J 120 1.45 49.41 15.58
C ALA J 120 1.46 50.24 16.86
N GLY J 121 1.57 49.57 18.01
CA GLY J 121 1.46 50.22 19.30
C GLY J 121 0.03 50.46 19.77
N HIS J 122 -0.95 49.89 19.10
CA HIS J 122 -2.32 49.99 19.62
C HIS J 122 -3.13 48.82 19.07
N GLU J 123 -4.39 48.69 19.51
CA GLU J 123 -5.17 47.49 19.29
C GLU J 123 -6.38 47.70 18.42
N ARG J 124 -6.42 48.80 17.72
CA ARG J 124 -7.52 49.11 16.79
C ARG J 124 -7.16 48.57 15.43
N PHE J 125 -7.18 47.23 15.36
CA PHE J 125 -6.56 46.47 14.26
C PHE J 125 -7.49 45.31 13.97
N ILE J 126 -7.74 45.07 12.69
CA ILE J 126 -8.49 43.86 12.25
C ILE J 126 -7.56 43.09 11.30
N ARG J 127 -7.53 41.79 11.48
CA ARG J 127 -6.78 40.90 10.57
C ARG J 127 -7.79 40.21 9.69
N VAL J 128 -7.48 40.13 8.39
CA VAL J 128 -8.30 39.38 7.44
C VAL J 128 -7.40 38.40 6.71
N MET J 129 -7.95 37.23 6.49
CA MET J 129 -7.29 36.28 5.63
C MET J 129 -8.18 35.94 4.48
N PRO J 130 -7.97 36.63 3.34
CA PRO J 130 -8.82 36.40 2.15
C PRO J 130 -8.16 35.25 1.40
N ASN J 131 -8.67 34.87 0.27
CA ASN J 131 -8.01 33.87 -0.56
C ASN J 131 -7.99 34.35 -1.99
N THR J 132 -7.43 33.53 -2.84
CA THR J 132 -7.05 33.95 -4.18
C THR J 132 -8.31 34.32 -5.05
N ALA J 133 -9.44 33.80 -4.67
CA ALA J 133 -10.68 33.99 -5.45
C ALA J 133 -11.26 35.39 -5.28
N ALA J 134 -10.63 36.24 -4.47
CA ALA J 134 -10.93 37.69 -4.43
C ALA J 134 -10.93 38.29 -5.82
N THR J 135 -10.09 37.77 -6.70
CA THR J 135 -9.95 38.27 -8.08
C THR J 135 -11.27 38.21 -8.81
N VAL J 136 -12.10 37.25 -8.46
CA VAL J 136 -13.41 37.02 -9.15
C VAL J 136 -14.59 37.28 -8.22
N GLY J 137 -14.32 37.89 -7.10
CA GLY J 137 -15.39 38.25 -6.16
C GLY J 137 -15.94 37.10 -5.40
N GLU J 138 -15.15 36.01 -5.27
CA GLU J 138 -15.61 34.81 -4.61
C GLU J 138 -14.56 34.34 -3.57
N ALA J 139 -13.93 35.31 -2.95
CA ALA J 139 -13.07 34.99 -1.82
C ALA J 139 -13.87 34.31 -0.72
N ALA J 140 -13.16 33.46 0.00
CA ALA J 140 -13.56 33.00 1.31
C ALA J 140 -12.60 33.74 2.26
N SER J 141 -13.14 34.63 3.05
CA SER J 141 -12.31 35.43 3.95
C SER J 141 -12.74 35.29 5.39
N VAL J 142 -11.78 35.44 6.29
CA VAL J 142 -12.14 35.43 7.69
C VAL J 142 -11.46 36.61 8.37
N MET J 143 -12.14 37.23 9.29
CA MET J 143 -11.55 38.36 10.04
C MET J 143 -11.44 38.00 11.54
N SER J 144 -10.43 38.59 12.18
CA SER J 144 -10.24 38.53 13.64
C SER J 144 -9.99 39.98 14.13
N LEU J 145 -10.58 40.28 15.29
CA LEU J 145 -10.58 41.64 15.82
C LEU J 145 -9.53 41.82 16.87
N GLY J 146 -8.79 42.92 16.73
CA GLY J 146 -7.84 43.33 17.78
C GLY J 146 -8.63 43.82 18.99
N GLY J 147 -7.89 44.05 20.08
CA GLY J 147 -8.52 44.33 21.37
C GLY J 147 -9.28 45.63 21.46
N ALA J 148 -9.01 46.58 20.55
CA ALA J 148 -9.77 47.84 20.51
C ALA J 148 -10.64 48.03 19.25
N ALA J 149 -10.72 47.02 18.40
CA ALA J 149 -11.59 47.12 17.22
C ALA J 149 -13.05 47.02 17.73
N THR J 150 -13.87 47.94 17.31
CA THR J 150 -15.27 48.00 17.75
C THR J 150 -16.18 47.20 16.83
N GLU J 151 -17.42 46.99 17.25
CA GLU J 151 -18.34 46.22 16.45
C GLU J 151 -18.61 46.99 15.15
N GLU J 152 -18.58 48.31 15.23
CA GLU J 152 -18.79 49.11 14.06
C GLU J 152 -17.60 48.99 13.10
N ASP J 153 -16.39 48.91 13.65
CA ASP J 153 -15.15 48.64 12.85
C ASP J 153 -15.33 47.31 12.08
N ALA J 154 -15.76 46.28 12.81
CA ALA J 154 -15.98 44.97 12.22
C ALA J 154 -17.00 45.05 11.10
N ASN J 155 -18.09 45.78 11.32
CA ASN J 155 -19.12 45.84 10.31
C ASN J 155 -18.59 46.55 9.06
N LEU J 156 -17.76 47.52 9.26
CA LEU J 156 -17.16 48.24 8.16
C LEU J 156 -16.30 47.27 7.31
N ILE J 157 -15.54 46.45 7.99
CA ILE J 157 -14.66 45.50 7.31
C ILE J 157 -15.46 44.32 6.70
N SER J 158 -16.59 43.92 7.31
CA SER J 158 -17.48 43.00 6.70
C SER J 158 -18.02 43.49 5.41
N GLN J 159 -18.44 44.74 5.41
CA GLN J 159 -18.97 45.30 4.22
C GLN J 159 -17.87 45.42 3.13
N LEU J 160 -16.69 45.80 3.53
CA LEU J 160 -15.59 46.02 2.59
C LEU J 160 -15.13 44.67 1.94
N PHE J 161 -14.91 43.66 2.76
CA PHE J 161 -14.52 42.34 2.25
C PHE J 161 -15.65 41.51 1.72
N GLY J 162 -16.91 41.87 2.10
CA GLY J 162 -18.06 41.32 1.39
C GLY J 162 -18.08 41.65 -0.10
N SER J 163 -17.41 42.67 -0.50
CA SER J 163 -17.38 43.07 -1.88
C SER J 163 -16.48 42.22 -2.75
N ILE J 164 -15.65 41.33 -2.15
CA ILE J 164 -14.76 40.43 -2.87
C ILE J 164 -15.05 38.92 -2.61
N GLY J 165 -16.12 38.63 -1.92
CA GLY J 165 -16.49 37.34 -1.56
C GLY J 165 -17.33 37.30 -0.29
N LYS J 166 -17.23 36.20 0.43
CA LYS J 166 -17.93 35.97 1.68
C LYS J 166 -16.90 36.23 2.78
N ILE J 167 -17.40 36.74 3.89
CA ILE J 167 -16.50 37.00 5.05
C ILE J 167 -17.15 36.59 6.36
N TRP J 168 -16.38 35.90 7.17
CA TRP J 168 -16.81 35.34 8.43
C TRP J 168 -15.87 35.90 9.53
N LYS J 169 -16.25 35.71 10.78
CA LYS J 169 -15.43 36.14 11.92
C LYS J 169 -14.94 34.95 12.63
N ALA J 170 -13.71 35.03 13.09
CA ALA J 170 -13.19 33.98 13.86
C ALA J 170 -12.08 34.50 14.74
N ASP J 171 -11.86 33.76 15.82
N ASP J 171 -11.89 33.87 15.89
CA ASP J 171 -10.77 34.02 16.72
CA ASP J 171 -10.78 34.18 16.73
C ASP J 171 -9.44 33.84 15.99
C ASP J 171 -9.47 33.91 15.99
N ASP J 172 -8.48 34.68 16.34
CA ASP J 172 -7.19 34.62 15.70
C ASP J 172 -6.54 33.25 15.80
N LYS J 173 -6.86 32.47 16.83
CA LYS J 173 -6.21 31.22 17.03
C LYS J 173 -6.55 30.19 15.93
N TYR J 174 -7.59 30.44 15.21
CA TYR J 174 -8.03 29.54 14.13
C TYR J 174 -7.32 29.78 12.84
N PHE J 175 -6.52 30.83 12.77
CA PHE J 175 -6.06 31.25 11.46
C PHE J 175 -5.04 30.28 10.76
N ASP J 176 -4.29 29.53 11.51
CA ASP J 176 -3.46 28.50 10.84
C ASP J 176 -4.33 27.48 10.11
N ALA J 177 -5.36 27.02 10.74
CA ALA J 177 -6.30 26.10 10.12
C ALA J 177 -7.09 26.71 8.99
N ILE J 178 -7.46 28.01 9.11
CA ILE J 178 -8.13 28.66 8.05
C ILE J 178 -7.21 28.78 6.86
N THR J 179 -5.93 29.05 7.16
CA THR J 179 -4.92 29.14 6.08
C THR J 179 -4.81 27.82 5.31
N GLY J 180 -4.90 26.69 6.01
CA GLY J 180 -4.80 25.38 5.37
C GLY J 180 -6.00 24.95 4.60
N LEU J 181 -7.13 25.56 4.93
CA LEU J 181 -8.37 25.27 4.28
C LEU J 181 -8.76 26.26 3.21
N SER J 182 -9.17 27.50 3.59
CA SER J 182 -9.55 28.48 2.58
C SER J 182 -8.38 29.22 1.93
N GLY J 183 -7.26 29.35 2.60
CA GLY J 183 -6.08 29.94 1.92
C GLY J 183 -5.43 29.06 0.89
N SER J 184 -5.17 27.83 1.28
CA SER J 184 -4.50 26.88 0.45
C SER J 184 -5.43 26.05 -0.40
N GLY J 185 -6.67 25.82 0.10
CA GLY J 185 -7.59 24.99 -0.60
C GLY J 185 -7.80 25.19 -2.08
N PRO J 186 -7.76 26.45 -2.55
CA PRO J 186 -7.97 26.58 -4.00
C PRO J 186 -7.00 25.73 -4.82
N ALA J 187 -5.76 25.53 -4.38
CA ALA J 187 -4.84 24.69 -5.15
C ALA J 187 -5.32 23.25 -5.22
N TYR J 188 -5.94 22.79 -4.14
CA TYR J 188 -6.44 21.41 -4.12
C TYR J 188 -7.50 21.23 -5.17
N ILE J 189 -8.32 22.26 -5.31
CA ILE J 189 -9.37 22.22 -6.31
C ILE J 189 -8.85 22.40 -7.71
N TYR J 190 -7.83 23.21 -7.91
CA TYR J 190 -7.18 23.25 -9.21
C TYR J 190 -6.62 21.93 -9.66
N LEU J 191 -5.98 21.20 -8.75
CA LEU J 191 -5.65 19.83 -9.02
C LEU J 191 -6.85 18.98 -9.36
N ALA J 192 -7.90 19.11 -8.56
CA ALA J 192 -9.11 18.34 -8.83
C ALA J 192 -9.68 18.59 -10.18
N ILE J 193 -9.76 19.85 -10.58
CA ILE J 193 -10.27 20.19 -11.89
C ILE J 193 -9.43 19.60 -13.00
N GLU J 194 -8.11 19.68 -12.88
CA GLU J 194 -7.23 19.14 -13.90
C GLU J 194 -7.39 17.64 -13.97
N ALA J 195 -7.50 17.02 -12.82
CA ALA J 195 -7.68 15.57 -12.77
C ALA J 195 -9.00 15.10 -13.34
N LEU J 196 -10.06 15.83 -13.03
CA LEU J 196 -11.35 15.48 -13.58
C LEU J 196 -11.32 15.64 -15.13
N ALA J 197 -10.65 16.68 -15.59
CA ALA J 197 -10.50 16.84 -17.06
C ALA J 197 -9.72 15.69 -17.66
N ASP J 198 -8.60 15.36 -17.02
CA ASP J 198 -7.76 14.27 -17.47
C ASP J 198 -8.54 12.97 -17.51
N GLY J 199 -9.42 12.81 -16.51
CA GLY J 199 -10.28 11.63 -16.46
C GLY J 199 -11.28 11.59 -17.61
N GLY J 200 -11.85 12.73 -17.89
CA GLY J 200 -12.74 12.82 -19.03
C GLY J 200 -12.03 12.46 -20.35
N VAL J 201 -10.82 12.97 -20.52
CA VAL J 201 -10.00 12.60 -21.70
C VAL J 201 -9.63 11.14 -21.71
N ALA J 202 -9.34 10.59 -20.53
CA ALA J 202 -9.04 9.17 -20.43
C ALA J 202 -10.24 8.34 -20.89
N ALA J 203 -11.43 8.84 -20.60
CA ALA J 203 -12.68 8.21 -20.93
C ALA J 203 -13.14 8.56 -22.35
N GLY J 204 -12.34 9.30 -23.07
CA GLY J 204 -12.61 9.56 -24.50
C GLY J 204 -13.17 10.94 -24.84
N LEU J 205 -13.27 11.85 -23.89
CA LEU J 205 -13.73 13.21 -24.17
C LEU J 205 -12.68 14.09 -24.78
N PRO J 206 -13.09 15.00 -25.65
CA PRO J 206 -12.18 16.04 -26.08
C PRO J 206 -11.73 16.86 -24.92
N ARG J 207 -10.50 17.32 -24.97
CA ARG J 207 -9.87 18.08 -23.91
C ARG J 207 -10.61 19.34 -23.57
N ASP J 208 -10.99 20.15 -24.57
CA ASP J 208 -11.65 21.40 -24.19
C ASP J 208 -12.97 21.19 -23.50
N LEU J 209 -13.75 20.27 -23.98
CA LEU J 209 -15.02 19.94 -23.34
C LEU J 209 -14.77 19.39 -21.91
N ALA J 210 -13.79 18.54 -21.80
CA ALA J 210 -13.51 17.89 -20.50
C ALA J 210 -13.15 18.93 -19.49
N LEU J 211 -12.32 19.90 -19.85
CA LEU J 211 -11.97 20.95 -18.93
C LEU J 211 -13.14 21.82 -18.63
N SER J 212 -13.93 22.19 -19.66
CA SER J 212 -15.08 23.03 -19.43
C SER J 212 -16.07 22.38 -18.51
N LEU J 213 -16.32 21.12 -18.75
CA LEU J 213 -17.24 20.35 -17.91
C LEU J 213 -16.67 20.24 -16.50
N ALA J 214 -15.41 19.95 -16.40
CA ALA J 214 -14.83 19.81 -15.05
C ALA J 214 -15.03 21.04 -14.23
N SER J 215 -14.67 22.20 -14.79
CA SER J 215 -14.75 23.42 -14.02
C SER J 215 -16.17 23.72 -13.62
N GLN J 216 -17.10 23.55 -14.56
CA GLN J 216 -18.45 23.94 -14.29
C GLN J 216 -19.14 22.96 -13.36
N THR J 217 -18.74 21.69 -13.43
CA THR J 217 -19.22 20.71 -12.46
C THR J 217 -18.84 21.08 -11.08
N VAL J 218 -17.58 21.45 -10.88
CA VAL J 218 -17.15 21.81 -9.57
C VAL J 218 -17.90 23.07 -9.07
N LEU J 219 -18.01 24.06 -9.97
CA LEU J 219 -18.70 25.34 -9.64
C LEU J 219 -20.11 25.02 -9.22
N GLY J 220 -20.79 24.21 -10.02
CA GLY J 220 -22.17 23.89 -9.70
C GLY J 220 -22.39 23.16 -8.41
N ALA J 221 -21.55 22.15 -8.17
CA ALA J 221 -21.66 21.47 -6.96
C ALA J 221 -21.42 22.34 -5.75
N ALA J 222 -20.43 23.22 -5.81
CA ALA J 222 -20.16 24.08 -4.72
C ALA J 222 -21.30 25.07 -4.52
N SER J 223 -21.88 25.48 -5.64
CA SER J 223 -23.05 26.37 -5.57
C SER J 223 -24.22 25.69 -4.88
N MET J 224 -24.44 24.40 -5.18
CA MET J 224 -25.45 23.63 -4.52
C MET J 224 -25.18 23.57 -3.00
N ALA J 225 -23.93 23.34 -2.66
CA ALA J 225 -23.54 23.26 -1.28
C ALA J 225 -23.75 24.59 -0.58
N THR J 226 -23.44 25.66 -1.27
CA THR J 226 -23.52 26.99 -0.59
C THR J 226 -24.99 27.41 -0.45
N GLN J 227 -25.83 27.04 -1.39
CA GLN J 227 -27.23 27.54 -1.38
C GLN J 227 -28.25 26.66 -0.80
N SER J 228 -28.00 25.34 -0.81
CA SER J 228 -29.09 24.39 -0.61
C SER J 228 -29.52 24.29 0.82
N GLY J 229 -28.67 24.71 1.74
CA GLY J 229 -28.94 24.45 3.13
C GLY J 229 -28.80 22.95 3.51
N LYS J 230 -28.22 22.12 2.62
CA LYS J 230 -28.16 20.70 2.93
C LYS J 230 -26.73 20.32 3.34
N HIS J 231 -26.64 19.28 4.14
CA HIS J 231 -25.32 18.69 4.46
C HIS J 231 -24.80 18.10 3.13
N PRO J 232 -23.48 18.10 2.96
CA PRO J 232 -22.91 17.47 1.76
C PRO J 232 -23.24 16.03 1.60
N GLY J 233 -23.43 15.31 2.69
CA GLY J 233 -23.84 13.92 2.59
C GLY J 233 -25.20 13.75 2.01
N GLN J 234 -26.11 14.69 2.35
N GLN J 234 -26.08 14.69 2.35
CA GLN J 234 -27.47 14.69 1.79
CA GLN J 234 -27.41 14.68 1.78
C GLN J 234 -27.43 14.99 0.30
C GLN J 234 -27.41 14.96 0.30
N LEU J 235 -26.61 15.93 -0.10
CA LEU J 235 -26.42 16.24 -1.47
C LEU J 235 -25.90 15.05 -2.25
N LYS J 236 -24.91 14.35 -1.67
CA LYS J 236 -24.43 13.14 -2.29
C LYS J 236 -25.52 12.08 -2.44
N ASP J 237 -26.35 11.94 -1.38
CA ASP J 237 -27.41 10.98 -1.49
C ASP J 237 -28.39 11.34 -2.58
N ASP J 238 -28.63 12.63 -2.74
CA ASP J 238 -29.54 13.10 -3.76
C ASP J 238 -29.12 12.71 -5.18
N VAL J 239 -27.82 12.60 -5.43
CA VAL J 239 -27.38 12.27 -6.77
C VAL J 239 -26.89 10.85 -6.98
N THR J 240 -26.90 10.01 -5.97
CA THR J 240 -26.41 8.62 -6.13
C THR J 240 -27.57 7.65 -6.33
N SER J 241 -28.03 7.57 -7.57
N SER J 241 -28.09 7.61 -7.56
CA SER J 241 -29.07 6.62 -7.90
CA SER J 241 -29.13 6.65 -7.87
C SER J 241 -28.63 5.19 -7.69
C SER J 241 -28.65 5.22 -7.70
N PRO J 242 -29.57 4.30 -7.37
CA PRO J 242 -29.20 2.88 -7.10
C PRO J 242 -28.49 2.23 -8.20
N GLY J 243 -27.34 1.64 -7.90
CA GLY J 243 -26.50 0.96 -8.89
C GLY J 243 -26.11 1.78 -10.08
N GLY J 244 -26.15 3.09 -9.92
CA GLY J 244 -25.93 3.96 -11.08
C GLY J 244 -24.49 4.43 -11.25
N THR J 245 -24.32 5.31 -12.21
CA THR J 245 -22.97 5.72 -12.58
C THR J 245 -22.36 6.52 -11.43
N THR J 246 -23.15 7.33 -10.74
CA THR J 246 -22.57 8.22 -9.71
C THR J 246 -22.03 7.38 -8.57
N ILE J 247 -22.80 6.43 -8.05
CA ILE J 247 -22.33 5.63 -6.96
C ILE J 247 -21.16 4.76 -7.36
N ALA J 248 -21.04 4.42 -8.66
CA ALA J 248 -19.86 3.68 -9.08
C ALA J 248 -18.63 4.60 -8.94
N GLY J 249 -18.73 5.83 -9.37
CA GLY J 249 -17.60 6.78 -9.20
C GLY J 249 -17.30 7.06 -7.77
N VAL J 250 -18.33 7.26 -6.94
CA VAL J 250 -18.13 7.49 -5.53
C VAL J 250 -17.43 6.31 -4.89
N HIS J 251 -17.84 5.09 -5.22
CA HIS J 251 -17.24 3.93 -4.69
C HIS J 251 -15.76 3.88 -5.00
N GLU J 252 -15.36 4.28 -6.19
CA GLU J 252 -13.95 4.35 -6.48
C GLU J 252 -13.21 5.33 -5.59
N LEU J 253 -13.80 6.49 -5.35
CA LEU J 253 -13.21 7.49 -4.44
C LEU J 253 -13.04 6.93 -3.05
N GLU J 254 -14.07 6.24 -2.59
CA GLU J 254 -14.01 5.66 -1.24
C GLU J 254 -13.02 4.55 -1.14
N LYS J 255 -12.91 3.70 -2.17
CA LYS J 255 -11.89 2.65 -2.15
C LYS J 255 -10.53 3.26 -1.93
N ALA J 256 -10.30 4.40 -2.51
CA ALA J 256 -9.00 5.06 -2.48
C ALA J 256 -8.77 5.89 -1.32
N GLY J 257 -9.73 6.06 -0.43
CA GLY J 257 -9.59 6.94 0.70
C GLY J 257 -9.52 8.44 0.37
N PHE J 258 -10.21 8.85 -0.64
CA PHE J 258 -10.29 10.24 -1.17
C PHE J 258 -10.51 11.25 -0.11
N ARG J 259 -11.49 11.01 0.77
CA ARG J 259 -11.76 11.97 1.81
C ARG J 259 -10.62 12.16 2.74
N GLY J 260 -9.95 11.09 3.16
CA GLY J 260 -8.81 11.17 4.01
C GLY J 260 -7.67 11.93 3.40
N ILE J 261 -7.54 11.78 2.11
CA ILE J 261 -6.47 12.52 1.39
C ILE J 261 -6.66 14.01 1.46
N LEU J 262 -7.85 14.45 1.25
CA LEU J 262 -8.15 15.87 1.40
C LEU J 262 -7.96 16.34 2.84
N MET J 263 -8.39 15.53 3.81
CA MET J 263 -8.17 15.86 5.21
C MET J 263 -6.68 16.04 5.48
N ASN J 264 -5.89 15.09 4.97
CA ASN J 264 -4.45 15.18 5.11
C ASN J 264 -3.91 16.47 4.56
N ALA J 265 -4.38 16.90 3.42
CA ALA J 265 -3.87 18.16 2.81
C ALA J 265 -4.13 19.33 3.69
N VAL J 266 -5.35 19.45 4.19
CA VAL J 266 -5.68 20.56 5.06
C VAL J 266 -4.85 20.52 6.30
N VAL J 267 -4.73 19.36 6.95
CA VAL J 267 -3.94 19.21 8.15
C VAL J 267 -2.47 19.59 7.90
N ALA J 268 -1.93 19.16 6.78
CA ALA J 268 -0.50 19.42 6.46
C ALA J 268 -0.32 20.88 6.22
N ALA J 269 -1.25 21.48 5.51
CA ALA J 269 -1.15 22.92 5.21
C ALA J 269 -1.23 23.76 6.50
N ALA J 270 -2.13 23.36 7.37
CA ALA J 270 -2.27 24.00 8.66
C ALA J 270 -1.06 23.85 9.55
N LYS J 271 -0.50 22.70 9.59
CA LYS J 271 0.74 22.47 10.32
C LYS J 271 1.86 23.32 9.77
N ARG J 272 1.99 23.39 8.45
N ARG J 272 2.00 23.38 8.45
CA ARG J 272 2.98 24.26 7.83
CA ARG J 272 3.00 24.29 7.81
C ARG J 272 2.77 25.70 8.21
C ARG J 272 2.75 25.74 8.19
N SER J 273 1.51 26.14 8.24
CA SER J 273 1.22 27.48 8.64
C SER J 273 1.75 27.75 10.03
N GLN J 274 1.53 26.80 10.91
CA GLN J 274 1.99 27.01 12.31
C GLN J 274 3.47 27.03 12.34
N GLU J 275 4.10 26.20 11.53
CA GLU J 275 5.54 26.10 11.48
C GLU J 275 6.18 27.39 11.02
N LEU J 276 5.54 28.04 10.09
CA LEU J 276 6.05 29.27 9.48
C LEU J 276 5.83 30.46 10.39
N SER J 277 5.07 30.22 11.44
CA SER J 277 4.96 30.95 12.73
C SER J 277 3.52 31.27 12.86
#